data_7RU3
#
_entry.id   7RU3
#
_cell.length_a   1.00
_cell.length_b   1.00
_cell.length_c   1.00
_cell.angle_alpha   90.00
_cell.angle_beta   90.00
_cell.angle_gamma   90.00
#
_symmetry.space_group_name_H-M   'P 1'
#
loop_
_entity.id
_entity.type
_entity.pdbx_description
1 polymer 'CC6.33 IgG heavy chain Fv'
2 polymer 'CC6.33 IgG Kappa chain Fv'
3 polymer 'Spike glycoprotein'
4 branched 2-acetamido-2-deoxy-beta-D-glucopyranose-(1-4)-2-acetamido-2-deoxy-beta-D-glucopyranose
5 branched 2-acetamido-2-deoxy-beta-D-glucopyranose-(1-4)-[alpha-L-fucopyranose-(1-6)]2-acetamido-2-deoxy-beta-D-glucopyranose
6 non-polymer 2-acetamido-2-deoxy-beta-D-glucopyranose
#
loop_
_entity_poly.entity_id
_entity_poly.type
_entity_poly.pdbx_seq_one_letter_code
_entity_poly.pdbx_strand_id
1 'polypeptide(L)'
;QVQLVQSGAEVKKPGSSVKVSCKASGGTFSSSAISWVRQAPGQGLEWMGGIIPILDITNYAQKFQGRVTITADKSTSTAF
MELSSLRSEDTAVYYCALRNQWDLLVYWGQGTLVTVSS
;
H,E
2 'polypeptide(L)'
;EIVLTQSPGTLSLSPGERATLSCRASQSVSSSYLAWYQQKPGQAPRLLIYGASSRATGIPDRFSGSGSGTDFTLTISRLE
PEDFAVYYCQHYGSSLWTFGQGTKLEIK
;
L,F
3 'polypeptide(L)'
;MFVFLVLLPLVSSQCVNLTTRTQLPPAYTNSFTRGVYYPDKVFRSSVLHSTQDLFLPFFSNVTWFHAIHVSGTNGTKRFD
NPVLPFNDGVYFASTEKSNIIRGWIFGTTLDSKTQSLLIVNNATNVVIKVCEFQFCNDPFLGVYYHKNNKSWMESEFRVY
SSANNCTFEYVSQPFLMDLEGKQGNFKNLREFVFKNIDGYFKIYSKHTPINLVRDLPQGFSALEPLVDLPIGINITRFQT
LLALHRSYLTPGDSSSGWTAGAAAYYVGYLQPRTFLLKYNENGTITDAVDCALDPLSETKCTLKSFTVEKGIYQTSNFRV
QPTESIVRFPNITNLCPFGEVFNATRFASVYAWNRKRISNCVADYSVLYNSASFSTFKCYGVSPTKLNDLCFTNVYADSF
VIRGDEVRQIAPGQTGKIADYNYKLPDDFTGCVIAWNSNNLDSKVGGNYNYLYRLFRKSNLKPFERDISTEIYQAGSTPC
NGVEGFNCYFPLQSYGFQPTNGVGYQPYRVVVLSFELLHAPATVCGPKKSTNLVKNKCVNFNFNGLTGTGVLTESNKKFL
PFQQFGRDIADTTDAVRDPQTLEILDITPCSFGGVSVITPGTNTSNQVAVLYQDVNCTEVPVAIHADQLTPTWRVYSTGS
NVFQTRAGCLIGAEHVNNSYECDIPIGAGICASYQTQTNSPGSASSVASQSIIAYTMSLGAENSCAYSNNSIAIPTNFTI
SVTTEILPVSMTKTSVDCTMYICGDSTECSNLLLQYGSFCTQLNRALTGIAVEQDKNTQEVFAQVKQIYKTPPIKDFGGF
NFSQILPDPSKPSKRSPIEDLLFNKVTLADAGFIKQYGDCLGDIAARDLICAQKFNGLTVLPPLLTDEMIAQYTSALLAG
TICSGWTFGAGPALQIPFPMQMAYRFNGIGVTQNVLYENQKLIANQFNSAIGKIQDSLSSTPSALGKLQDVVNQNAQALN
TLVKQLSSNFGAISSVLNDILSRLDPPEAEVQIDRLITGRLQSLQTYVTQQLIRAAEIRASANLAATKMSECVLGQSKRV
DFCGKGYHLMSFPQSAPHGVVFLHVTYVPAQEKNFTTAPAICHDGKAHFPREGVFVSNGTHWFVTQRNFYEPQIITTDNT
FVSGNCDVVIGIVNNTVYDPLQPELDSFKEELDKYFKNHTSPDVDLGDISGINASVVNIQKEIDRLNEVAKNLNESLIDL
QELGKYEQGSGYIPEAPRDGQAYVRKDGEWVLLSTFLGRSLEVLFQGPGSAWSHPQFEKGGGSGGGGSGGSAWSHPQFEK
;
A,C,B
#
# COMPACT_ATOMS: atom_id res chain seq x y z
N GLN A 1 19.70 -23.98 46.57
CA GLN A 1 19.37 -24.70 45.34
C GLN A 1 20.46 -25.69 44.92
N VAL A 2 21.73 -25.22 44.91
CA VAL A 2 22.92 -25.96 44.47
C VAL A 2 23.48 -26.85 45.55
N GLN A 3 23.71 -28.09 45.16
CA GLN A 3 24.23 -29.12 46.01
C GLN A 3 25.35 -29.89 45.31
N LEU A 4 26.44 -30.11 46.01
CA LEU A 4 27.49 -30.87 45.38
C LEU A 4 27.55 -32.20 46.07
N VAL A 5 27.55 -33.28 45.28
CA VAL A 5 27.55 -34.60 45.88
C VAL A 5 28.80 -35.36 45.48
N GLN A 6 29.61 -35.72 46.46
CA GLN A 6 30.84 -36.44 46.15
C GLN A 6 30.80 -37.92 46.50
N SER A 7 31.68 -38.65 45.83
CA SER A 7 31.91 -40.07 46.07
C SER A 7 32.58 -40.30 47.41
N GLY A 8 32.63 -41.55 47.85
CA GLY A 8 33.19 -41.87 49.16
C GLY A 8 34.71 -41.93 49.22
N ALA A 9 35.22 -42.33 50.39
CA ALA A 9 36.65 -42.42 50.70
C ALA A 9 37.28 -43.64 50.06
N GLU A 10 38.58 -43.55 49.79
CA GLU A 10 39.34 -44.65 49.18
C GLU A 10 40.73 -44.84 49.77
N VAL A 11 41.24 -46.07 49.68
CA VAL A 11 42.59 -46.39 50.11
C VAL A 11 43.40 -46.92 48.94
N LYS A 12 44.49 -46.25 48.62
CA LYS A 12 45.33 -46.60 47.50
C LYS A 12 46.71 -47.14 47.83
N LYS A 13 47.30 -47.80 46.85
CA LYS A 13 48.66 -48.26 46.98
C LYS A 13 49.53 -47.32 46.16
N PRO A 14 50.80 -47.10 46.53
CA PRO A 14 51.68 -46.23 45.81
C PRO A 14 51.75 -46.57 44.34
N GLY A 15 51.71 -45.54 43.53
CA GLY A 15 51.77 -45.58 42.08
C GLY A 15 50.40 -45.58 41.40
N SER A 16 49.33 -45.86 42.14
CA SER A 16 47.98 -45.91 41.59
C SER A 16 47.34 -44.55 41.37
N SER A 17 46.16 -44.52 40.73
CA SER A 17 45.44 -43.26 40.57
C SER A 17 44.12 -43.27 41.32
N VAL A 18 43.65 -42.08 41.69
CA VAL A 18 42.33 -41.98 42.31
C VAL A 18 41.42 -41.06 41.52
N LYS A 19 40.23 -41.53 41.19
CA LYS A 19 39.29 -40.73 40.44
C LYS A 19 38.09 -40.32 41.28
N VAL A 20 38.03 -39.04 41.61
CA VAL A 20 37.00 -38.54 42.48
C VAL A 20 35.83 -37.98 41.66
N SER A 21 34.64 -38.46 41.96
CA SER A 21 33.41 -38.06 41.27
C SER A 21 32.59 -37.03 42.06
N CYS A 22 32.18 -35.91 41.40
CA CYS A 22 31.37 -34.83 41.96
C CYS A 22 30.14 -34.54 41.08
N LYS A 23 28.97 -34.86 41.61
CA LYS A 23 27.73 -34.69 40.87
C LYS A 23 27.15 -33.31 41.20
N ALA A 24 26.70 -32.58 40.18
CA ALA A 24 26.12 -31.26 40.38
C ALA A 24 24.60 -31.28 40.45
N SER A 25 24.10 -31.19 41.66
CA SER A 25 22.69 -31.22 41.97
C SER A 25 22.21 -29.78 41.96
N GLY A 26 20.97 -29.55 41.53
CA GLY A 26 20.44 -28.18 41.45
C GLY A 26 20.57 -27.63 40.03
N GLY A 27 21.28 -28.36 39.18
CA GLY A 27 21.49 -27.97 37.80
C GLY A 27 22.65 -27.00 37.63
N THR A 28 22.65 -26.32 36.49
CA THR A 28 23.71 -25.40 36.07
C THR A 28 25.11 -26.03 36.11
N PHE A 29 25.21 -27.22 35.54
CA PHE A 29 26.50 -27.88 35.40
C PHE A 29 27.26 -27.08 34.37
N SER A 30 26.57 -26.78 33.29
CA SER A 30 27.11 -25.96 32.24
C SER A 30 26.95 -24.52 32.73
N SER A 31 27.62 -23.58 32.09
CA SER A 31 27.53 -22.16 32.44
C SER A 31 27.90 -21.89 33.91
N SER A 32 28.90 -22.62 34.37
CA SER A 32 29.46 -22.57 35.70
C SER A 32 30.86 -23.15 35.62
N ALA A 33 31.64 -23.01 36.68
CA ALA A 33 32.98 -23.59 36.68
C ALA A 33 33.20 -24.42 37.93
N ILE A 34 33.94 -25.52 37.77
CA ILE A 34 34.20 -26.45 38.85
C ILE A 34 35.67 -26.59 39.17
N SER A 35 36.02 -26.47 40.43
CA SER A 35 37.40 -26.62 40.85
C SER A 35 37.58 -27.66 41.92
N TRP A 36 38.79 -28.17 41.99
CA TRP A 36 39.14 -29.13 42.99
C TRP A 36 40.21 -28.56 43.91
N VAL A 37 39.96 -28.77 45.20
CA VAL A 37 40.78 -28.30 46.30
C VAL A 37 41.20 -29.43 47.23
N ARG A 38 42.47 -29.49 47.58
CA ARG A 38 42.92 -30.55 48.46
C ARG A 38 43.28 -30.07 49.86
N GLN A 39 43.01 -30.91 50.86
CA GLN A 39 43.45 -30.60 52.22
C GLN A 39 44.19 -31.75 52.88
N ALA A 40 45.51 -31.70 52.89
CA ALA A 40 46.29 -32.77 53.51
C ALA A 40 46.04 -32.68 55.01
N PRO A 41 46.07 -33.76 55.79
CA PRO A 41 45.85 -33.70 57.21
C PRO A 41 46.81 -32.73 57.85
N GLY A 42 46.29 -31.88 58.71
CA GLY A 42 47.10 -30.90 59.43
C GLY A 42 47.39 -29.63 58.62
N GLN A 43 46.95 -29.60 57.38
CA GLN A 43 47.20 -28.49 56.49
C GLN A 43 45.96 -27.69 56.21
N GLY A 44 46.14 -26.60 55.48
CA GLY A 44 45.04 -25.77 55.03
C GLY A 44 44.66 -26.27 53.66
N LEU A 45 43.97 -25.45 52.92
CA LEU A 45 43.52 -25.87 51.61
C LEU A 45 44.50 -25.45 50.55
N GLU A 46 44.55 -26.20 49.45
CA GLU A 46 45.31 -25.81 48.27
C GLU A 46 44.56 -26.12 46.99
N TRP A 47 44.72 -25.29 45.99
CA TRP A 47 44.07 -25.52 44.70
C TRP A 47 44.78 -26.56 43.87
N MET A 48 44.06 -27.53 43.31
CA MET A 48 44.70 -28.48 42.42
C MET A 48 44.52 -28.12 40.96
N GLY A 49 43.34 -27.69 40.63
CA GLY A 49 42.99 -27.40 39.25
C GLY A 49 41.49 -27.35 39.10
N GLY A 50 41.01 -27.20 37.87
CA GLY A 50 39.59 -27.14 37.60
C GLY A 50 39.25 -27.20 36.11
N ILE A 51 37.95 -27.13 35.83
CA ILE A 51 37.39 -27.23 34.50
C ILE A 51 36.15 -26.39 34.30
N ILE A 52 35.95 -25.93 33.07
CA ILE A 52 34.71 -25.28 32.72
C ILE A 52 34.00 -26.25 31.76
N PRO A 53 33.01 -27.03 32.23
CA PRO A 53 32.32 -28.08 31.49
C PRO A 53 31.70 -27.63 30.19
N ILE A 54 31.27 -26.39 30.14
CA ILE A 54 30.64 -25.85 28.93
C ILE A 54 31.65 -25.45 27.87
N LEU A 55 32.79 -24.93 28.29
CA LEU A 55 33.75 -24.47 27.32
C LEU A 55 34.80 -25.53 27.01
N ASP A 56 34.75 -26.66 27.72
CA ASP A 56 35.68 -27.78 27.57
C ASP A 56 37.13 -27.35 27.83
N ILE A 57 37.30 -26.53 28.85
CA ILE A 57 38.61 -26.01 29.21
C ILE A 57 39.11 -26.42 30.57
N THR A 58 40.34 -26.94 30.61
CA THR A 58 40.94 -27.29 31.88
C THR A 58 42.03 -26.31 32.25
N ASN A 59 42.31 -26.25 33.54
CA ASN A 59 43.33 -25.38 34.10
C ASN A 59 43.92 -25.97 35.38
N TYR A 60 45.25 -26.00 35.49
CA TYR A 60 45.86 -26.64 36.65
C TYR A 60 46.78 -25.78 37.48
N ALA A 61 46.85 -26.10 38.76
CA ALA A 61 47.77 -25.49 39.69
C ALA A 61 49.17 -25.91 39.29
N GLN A 62 50.16 -25.03 39.43
CA GLN A 62 51.52 -25.46 39.05
C GLN A 62 52.01 -26.65 39.86
N LYS A 63 51.64 -26.68 41.13
CA LYS A 63 52.03 -27.77 42.02
C LYS A 63 51.55 -29.11 41.53
N PHE A 64 50.43 -29.09 40.82
CA PHE A 64 49.76 -30.25 40.30
C PHE A 64 49.75 -30.20 38.79
N GLN A 65 50.77 -29.61 38.20
CA GLN A 65 50.80 -29.60 36.76
C GLN A 65 51.37 -30.92 36.32
N GLY A 66 50.49 -31.73 35.75
CA GLY A 66 50.81 -33.11 35.39
C GLY A 66 50.25 -33.98 36.50
N ARG A 67 50.21 -35.30 36.29
CA ARG A 67 49.64 -36.29 37.23
C ARG A 67 48.10 -36.30 37.22
N VAL A 68 47.49 -35.13 37.34
CA VAL A 68 46.04 -35.05 37.43
C VAL A 68 45.35 -34.58 36.16
N THR A 69 44.29 -35.32 35.83
CA THR A 69 43.43 -35.00 34.70
C THR A 69 42.02 -34.70 35.18
N ILE A 70 41.49 -33.57 34.74
CA ILE A 70 40.14 -33.15 35.12
C ILE A 70 39.24 -33.18 33.91
N THR A 71 38.10 -33.85 34.05
CA THR A 71 37.13 -33.98 32.98
C THR A 71 35.72 -33.63 33.46
N ALA A 72 34.78 -33.51 32.51
CA ALA A 72 33.40 -33.25 32.90
C ALA A 72 32.43 -33.94 31.93
N ASP A 73 31.43 -34.57 32.52
CA ASP A 73 30.36 -35.27 31.83
C ASP A 73 29.07 -34.47 31.84
N LYS A 74 28.76 -33.86 30.70
CA LYS A 74 27.60 -32.97 30.62
C LYS A 74 26.30 -33.74 30.83
N SER A 75 26.25 -34.94 30.27
CA SER A 75 25.07 -35.77 30.27
C SER A 75 24.61 -36.18 31.66
N THR A 76 25.58 -36.41 32.54
CA THR A 76 25.27 -36.82 33.91
C THR A 76 25.53 -35.70 34.90
N SER A 77 25.83 -34.50 34.41
CA SER A 77 26.15 -33.35 35.25
C SER A 77 27.21 -33.72 36.29
N THR A 78 28.24 -34.45 35.88
CA THR A 78 29.26 -34.89 36.82
C THR A 78 30.69 -34.55 36.45
N ALA A 79 31.42 -33.97 37.40
CA ALA A 79 32.81 -33.62 37.21
C ALA A 79 33.71 -34.67 37.81
N PHE A 80 34.86 -34.90 37.17
CA PHE A 80 35.79 -35.88 37.70
C PHE A 80 37.21 -35.38 37.79
N MET A 81 37.91 -35.88 38.79
CA MET A 81 39.34 -35.62 38.90
C MET A 81 40.16 -36.85 39.16
N GLU A 82 41.06 -37.19 38.24
CA GLU A 82 41.88 -38.37 38.44
C GLU A 82 43.35 -38.06 38.64
N LEU A 83 43.84 -38.31 39.86
CA LEU A 83 45.24 -38.02 40.23
C LEU A 83 46.10 -39.26 40.24
N SER A 84 47.06 -39.35 39.30
CA SER A 84 47.94 -40.50 39.15
C SER A 84 49.23 -40.44 39.95
N SER A 85 49.92 -41.59 39.96
CA SER A 85 51.21 -41.77 40.62
C SER A 85 51.17 -41.38 42.08
N LEU A 86 50.17 -41.86 42.78
CA LEU A 86 49.96 -41.55 44.19
C LEU A 86 51.02 -42.02 45.14
N ARG A 87 51.28 -41.20 46.14
CA ARG A 87 52.21 -41.47 47.22
C ARG A 87 51.53 -41.19 48.56
N SER A 88 52.12 -41.62 49.68
CA SER A 88 51.52 -41.37 51.01
C SER A 88 51.39 -39.87 51.30
N GLU A 89 52.15 -39.08 50.57
CA GLU A 89 52.21 -37.62 50.62
C GLU A 89 50.88 -37.01 50.18
N ASP A 90 50.10 -37.79 49.44
CA ASP A 90 48.85 -37.36 48.88
C ASP A 90 47.68 -37.72 49.76
N THR A 91 47.94 -38.20 50.98
CA THR A 91 46.79 -38.45 51.82
C THR A 91 46.16 -37.09 52.04
N ALA A 92 44.89 -36.98 51.72
CA ALA A 92 44.20 -35.71 51.84
C ALA A 92 42.73 -35.83 51.65
N VAL A 93 42.02 -34.81 52.05
CA VAL A 93 40.62 -34.74 51.71
C VAL A 93 40.47 -33.94 50.43
N TYR A 94 39.83 -34.54 49.46
CA TYR A 94 39.65 -33.93 48.16
C TYR A 94 38.25 -33.35 48.01
N TYR A 95 38.19 -32.05 47.86
CA TYR A 95 36.95 -31.33 47.80
C TYR A 95 36.61 -30.84 46.39
N CYS A 96 35.31 -30.86 46.09
CA CYS A 96 34.72 -30.32 44.87
C CYS A 96 34.04 -28.99 45.23
N ALA A 97 34.25 -27.97 44.43
CA ALA A 97 33.58 -26.69 44.67
C ALA A 97 33.22 -26.02 43.36
N LEU A 98 32.12 -25.27 43.32
CA LEU A 98 31.77 -24.60 42.07
C LEU A 98 31.08 -23.27 42.20
N ARG A 99 31.11 -22.51 41.13
CA ARG A 99 30.40 -21.25 41.07
C ARG A 99 29.67 -21.09 39.75
N ASN A 100 28.44 -20.59 39.80
CA ASN A 100 27.67 -20.36 38.59
C ASN A 100 28.00 -19.01 38.03
N GLN A 101 27.87 -18.85 36.72
CA GLN A 101 28.07 -17.50 36.25
C GLN A 101 26.79 -16.85 36.74
N TRP A 102 26.81 -15.54 36.85
CA TRP A 102 25.71 -14.72 37.36
C TRP A 102 25.68 -14.70 38.88
N ASP A 103 26.44 -15.58 39.55
CA ASP A 103 26.42 -15.64 41.00
C ASP A 103 27.76 -15.20 41.62
N LEU A 104 27.80 -15.20 42.94
CA LEU A 104 28.97 -14.91 43.75
C LEU A 104 29.34 -16.04 44.71
N LEU A 105 28.38 -16.91 45.03
CA LEU A 105 28.61 -17.95 46.00
C LEU A 105 29.41 -19.10 45.46
N VAL A 106 30.23 -19.66 46.31
CA VAL A 106 30.96 -20.85 45.96
C VAL A 106 30.35 -21.99 46.73
N TYR A 107 29.89 -22.98 46.01
CA TYR A 107 29.21 -24.08 46.63
C TYR A 107 30.23 -25.18 46.81
N TRP A 108 30.14 -25.91 47.92
CA TRP A 108 31.08 -27.01 48.22
C TRP A 108 30.43 -28.35 48.41
N GLY A 109 31.21 -29.39 48.09
CA GLY A 109 30.85 -30.78 48.32
C GLY A 109 31.31 -31.15 49.72
N GLN A 110 31.37 -32.43 50.01
CA GLN A 110 31.69 -32.87 51.36
C GLN A 110 33.16 -33.05 51.66
N GLY A 111 33.95 -33.38 50.64
CA GLY A 111 35.34 -33.70 50.84
C GLY A 111 35.51 -35.20 51.00
N THR A 112 36.33 -35.81 50.18
CA THR A 112 36.55 -37.25 50.33
C THR A 112 37.98 -37.60 50.68
N LEU A 113 38.14 -38.38 51.73
CA LEU A 113 39.47 -38.76 52.13
C LEU A 113 40.04 -39.86 51.28
N VAL A 114 41.22 -39.61 50.77
CA VAL A 114 41.93 -40.60 50.02
C VAL A 114 43.23 -40.80 50.74
N THR A 115 43.53 -42.04 51.09
CA THR A 115 44.79 -42.35 51.75
C THR A 115 45.54 -43.16 50.70
N VAL A 116 46.87 -43.38 50.88
CA VAL A 116 47.66 -44.14 49.91
C VAL A 116 48.54 -45.13 50.69
N GLU B 1 51.81 -14.44 41.11
CA GLU B 1 50.47 -14.63 41.66
C GLU B 1 50.26 -13.60 42.78
N ILE B 2 49.06 -13.61 43.40
CA ILE B 2 48.70 -12.72 44.50
C ILE B 2 48.59 -13.55 45.74
N VAL B 3 49.39 -13.22 46.72
CA VAL B 3 49.41 -14.00 47.94
C VAL B 3 48.70 -13.28 49.06
N LEU B 4 47.85 -14.00 49.77
CA LEU B 4 47.15 -13.41 50.88
C LEU B 4 47.84 -13.82 52.16
N THR B 5 48.04 -12.86 53.05
CA THR B 5 48.62 -13.12 54.35
C THR B 5 47.70 -12.59 55.44
N GLN B 6 47.41 -13.44 56.39
CA GLN B 6 46.55 -13.06 57.48
C GLN B 6 47.32 -12.88 58.74
N SER B 7 46.72 -12.16 59.67
CA SER B 7 47.35 -11.89 60.93
C SER B 7 46.36 -11.62 62.06
N PRO B 8 46.67 -12.06 63.29
CA PRO B 8 47.80 -12.85 63.79
C PRO B 8 47.70 -14.31 63.41
N GLY B 9 48.83 -15.01 63.28
CA GLY B 9 48.79 -16.44 62.93
C GLY B 9 47.99 -17.29 63.92
N THR B 10 48.08 -16.94 65.21
CA THR B 10 47.34 -17.56 66.29
C THR B 10 46.93 -16.46 67.26
N LEU B 11 45.84 -16.66 67.97
CA LEU B 11 45.44 -15.70 68.99
C LEU B 11 44.53 -16.27 70.07
N SER B 12 44.74 -15.84 71.32
CA SER B 12 43.89 -16.26 72.42
C SER B 12 43.07 -15.12 72.97
N LEU B 13 41.77 -15.26 72.77
CA LEU B 13 40.78 -14.25 73.15
C LEU B 13 39.72 -14.83 74.07
N SER B 14 39.04 -13.99 74.82
CA SER B 14 37.96 -14.50 75.65
C SER B 14 36.59 -14.32 74.96
N PRO B 15 35.62 -15.19 75.21
CA PRO B 15 34.26 -15.01 74.79
C PRO B 15 33.78 -13.69 75.39
N GLY B 16 32.95 -12.98 74.64
CA GLY B 16 32.40 -11.70 75.04
C GLY B 16 33.20 -10.52 74.47
N GLU B 17 34.39 -10.80 73.95
CA GLU B 17 35.23 -9.76 73.40
C GLU B 17 35.06 -9.59 71.90
N ARG B 18 35.34 -8.39 71.40
CA ARG B 18 35.34 -8.12 69.97
C ARG B 18 36.62 -8.63 69.38
N ALA B 19 36.57 -9.15 68.15
CA ALA B 19 37.80 -9.62 67.55
C ALA B 19 37.89 -9.33 66.08
N THR B 20 39.10 -9.07 65.60
CA THR B 20 39.28 -8.88 64.18
C THR B 20 40.45 -9.67 63.64
N LEU B 21 40.31 -10.11 62.40
CA LEU B 21 41.35 -10.84 61.68
C LEU B 21 41.68 -10.11 60.40
N SER B 22 42.95 -9.81 60.17
CA SER B 22 43.27 -9.08 58.96
C SER B 22 43.65 -10.06 57.84
N CYS B 23 43.59 -9.57 56.57
CA CYS B 23 43.97 -10.24 55.34
C CYS B 23 44.57 -9.23 54.38
N ARG B 24 45.86 -9.36 54.14
CA ARG B 24 46.56 -8.47 53.26
C ARG B 24 46.96 -9.14 51.98
N ALA B 25 46.73 -8.48 50.88
CA ALA B 25 47.11 -9.04 49.60
C ALA B 25 48.44 -8.46 49.16
N SER B 26 49.28 -9.28 48.52
CA SER B 26 50.55 -8.78 47.98
C SER B 26 50.36 -7.86 46.78
N GLN B 27 49.19 -7.93 46.17
CA GLN B 27 48.81 -7.11 45.03
C GLN B 27 47.39 -6.69 45.31
N SER B 28 46.94 -5.58 44.76
CA SER B 28 45.56 -5.22 44.98
C SER B 28 44.64 -6.23 44.33
N VAL B 29 43.51 -6.49 44.97
CA VAL B 29 42.50 -7.37 44.43
C VAL B 29 41.16 -6.70 44.42
N SER B 30 40.27 -7.21 43.59
CA SER B 30 38.92 -6.71 43.60
C SER B 30 38.26 -7.20 44.87
N SER B 31 37.52 -6.30 45.52
CA SER B 31 36.84 -6.68 46.75
C SER B 31 35.75 -7.70 46.47
N SER B 32 35.21 -7.63 45.28
CA SER B 32 34.14 -8.48 44.80
C SER B 32 34.52 -9.95 44.70
N TYR B 33 35.80 -10.27 44.71
CA TYR B 33 36.21 -11.66 44.61
C TYR B 33 36.82 -12.21 45.91
N LEU B 34 36.76 -11.46 46.99
CA LEU B 34 37.35 -11.94 48.24
C LEU B 34 36.31 -12.60 49.15
N ALA B 35 36.70 -13.66 49.86
CA ALA B 35 35.77 -14.27 50.80
C ALA B 35 36.44 -14.79 52.06
N TRP B 36 35.67 -14.85 53.14
CA TRP B 36 36.12 -15.41 54.42
C TRP B 36 35.34 -16.63 54.78
N TYR B 37 36.07 -17.60 55.29
CA TYR B 37 35.57 -18.88 55.74
C TYR B 37 35.99 -19.26 57.15
N GLN B 38 35.12 -20.02 57.79
CA GLN B 38 35.34 -20.58 59.12
C GLN B 38 35.48 -22.09 59.05
N GLN B 39 36.44 -22.66 59.77
CA GLN B 39 36.59 -24.10 59.77
C GLN B 39 36.80 -24.68 61.16
N LYS B 40 36.14 -25.80 61.38
CA LYS B 40 36.30 -26.59 62.58
C LYS B 40 36.91 -27.88 62.09
N PRO B 41 37.74 -28.55 62.88
CA PRO B 41 38.36 -29.80 62.49
C PRO B 41 37.30 -30.80 62.08
N GLY B 42 37.56 -31.48 60.98
CA GLY B 42 36.65 -32.50 60.47
C GLY B 42 35.53 -31.94 59.60
N GLN B 43 35.43 -30.61 59.49
CA GLN B 43 34.36 -30.02 58.71
C GLN B 43 34.83 -29.38 57.41
N ALA B 44 33.94 -29.32 56.44
CA ALA B 44 34.23 -28.59 55.22
C ALA B 44 34.24 -27.12 55.60
N PRO B 45 35.00 -26.24 54.94
CA PRO B 45 35.01 -24.81 55.20
C PRO B 45 33.61 -24.21 55.04
N ARG B 46 33.25 -23.30 55.94
CA ARG B 46 31.96 -22.64 55.88
C ARG B 46 32.11 -21.20 55.43
N LEU B 47 31.32 -20.78 54.45
CA LEU B 47 31.39 -19.40 54.00
C LEU B 47 30.69 -18.44 54.94
N LEU B 48 31.35 -17.34 55.27
CA LEU B 48 30.77 -16.28 56.06
C LEU B 48 30.59 -14.99 55.27
N ILE B 49 31.66 -14.55 54.65
CA ILE B 49 31.67 -13.25 53.97
C ILE B 49 32.07 -13.40 52.52
N TYR B 50 31.36 -12.78 51.58
CA TYR B 50 31.82 -12.87 50.20
C TYR B 50 31.77 -11.51 49.51
N GLY B 51 32.67 -11.30 48.58
CA GLY B 51 32.69 -10.03 47.87
C GLY B 51 33.20 -8.97 48.84
N ALA B 52 33.98 -9.43 49.81
CA ALA B 52 34.55 -8.69 50.94
C ALA B 52 33.47 -8.06 51.83
N SER B 53 32.23 -8.53 51.70
CA SER B 53 31.10 -8.09 52.50
C SER B 53 30.03 -9.12 52.31
N SER B 54 28.78 -8.69 52.27
CA SER B 54 27.75 -9.64 51.87
C SER B 54 27.66 -10.85 52.78
N ARG B 55 27.02 -10.71 53.92
CA ARG B 55 27.01 -11.87 54.80
C ARG B 55 26.29 -13.04 54.13
N ALA B 56 26.85 -14.23 54.27
CA ALA B 56 26.35 -15.49 53.72
C ALA B 56 25.05 -15.94 54.34
N THR B 57 24.23 -16.61 53.55
CA THR B 57 22.97 -17.13 54.01
C THR B 57 23.19 -18.11 55.16
N GLY B 58 22.44 -17.93 56.24
CA GLY B 58 22.50 -18.81 57.40
C GLY B 58 23.56 -18.43 58.44
N ILE B 59 24.29 -17.36 58.17
CA ILE B 59 25.35 -16.86 59.03
C ILE B 59 24.76 -16.42 60.38
N PRO B 60 25.49 -16.53 61.51
CA PRO B 60 25.12 -16.04 62.84
C PRO B 60 24.88 -14.53 62.97
N ASP B 61 25.33 -13.75 61.98
CA ASP B 61 25.21 -12.28 61.93
C ASP B 61 26.06 -11.55 62.95
N ARG B 62 26.98 -12.28 63.58
CA ARG B 62 27.95 -11.70 64.49
C ARG B 62 29.18 -11.31 63.69
N PHE B 63 29.17 -11.73 62.43
CA PHE B 63 30.28 -11.55 61.54
C PHE B 63 29.98 -10.50 60.50
N SER B 64 30.94 -9.66 60.23
CA SER B 64 30.85 -8.64 59.21
C SER B 64 32.23 -8.31 58.72
N GLY B 65 32.35 -7.56 57.64
CA GLY B 65 33.69 -7.21 57.22
C GLY B 65 33.69 -6.22 56.08
N SER B 66 34.88 -5.76 55.75
CA SER B 66 35.07 -4.77 54.70
C SER B 66 36.51 -4.71 54.23
N GLY B 67 36.74 -3.99 53.14
CA GLY B 67 38.09 -3.75 52.67
C GLY B 67 38.16 -3.42 51.20
N SER B 68 39.36 -3.06 50.78
CA SER B 68 39.62 -2.70 49.39
C SER B 68 41.11 -2.80 49.10
N GLY B 69 41.48 -2.78 47.82
CA GLY B 69 42.90 -2.73 47.53
C GLY B 69 43.59 -3.97 48.06
N THR B 70 44.53 -3.73 48.95
CA THR B 70 45.32 -4.77 49.57
C THR B 70 44.95 -5.05 51.01
N ASP B 71 43.97 -4.36 51.56
CA ASP B 71 43.69 -4.54 52.98
C ASP B 71 42.24 -4.79 53.34
N PHE B 72 42.00 -6.00 53.88
CA PHE B 72 40.66 -6.45 54.23
C PHE B 72 40.60 -6.98 55.66
N THR B 73 39.44 -6.82 56.32
CA THR B 73 39.23 -7.34 57.67
C THR B 73 37.92 -8.07 57.93
N LEU B 74 38.01 -9.17 58.69
CA LEU B 74 36.84 -9.87 59.21
C LEU B 74 36.64 -9.51 60.67
N THR B 75 35.47 -9.02 60.99
CA THR B 75 35.14 -8.62 62.36
C THR B 75 34.08 -9.48 62.99
N ILE B 76 34.33 -9.89 64.22
CA ILE B 76 33.35 -10.62 64.99
C ILE B 76 32.95 -9.64 66.10
N SER B 77 31.69 -9.24 66.16
CA SER B 77 31.32 -8.19 67.10
C SER B 77 31.48 -8.57 68.57
N ARG B 78 31.21 -9.85 68.86
CA ARG B 78 31.35 -10.44 70.17
C ARG B 78 31.68 -11.89 69.94
N LEU B 79 32.70 -12.40 70.57
CA LEU B 79 32.96 -13.80 70.39
C LEU B 79 32.08 -14.66 71.26
N GLU B 80 31.56 -15.71 70.68
CA GLU B 80 30.84 -16.71 71.44
C GLU B 80 31.76 -17.92 71.41
N PRO B 81 31.70 -18.87 72.34
CA PRO B 81 32.56 -20.06 72.35
C PRO B 81 32.58 -20.80 71.01
N GLU B 82 31.47 -20.76 70.28
CA GLU B 82 31.33 -21.42 69.00
C GLU B 82 32.13 -20.75 67.88
N ASP B 83 32.60 -19.53 68.13
CA ASP B 83 33.34 -18.74 67.16
C ASP B 83 34.83 -18.95 67.27
N PHE B 84 35.27 -19.80 68.17
CA PHE B 84 36.69 -20.01 68.26
C PHE B 84 36.96 -21.10 67.24
N ALA B 85 37.67 -20.70 66.19
CA ALA B 85 37.84 -21.51 64.99
C ALA B 85 39.00 -21.10 64.14
N VAL B 86 39.31 -21.92 63.16
CA VAL B 86 40.30 -21.56 62.18
C VAL B 86 39.59 -20.69 61.15
N TYR B 87 40.18 -19.57 60.80
CA TYR B 87 39.56 -18.71 59.82
C TYR B 87 40.51 -18.36 58.73
N TYR B 88 40.04 -18.33 57.52
CA TYR B 88 40.92 -17.95 56.46
C TYR B 88 40.18 -17.10 55.44
N CYS B 89 40.93 -16.31 54.67
CA CYS B 89 40.46 -15.52 53.55
C CYS B 89 40.94 -16.24 52.30
N GLN B 90 40.16 -16.12 51.26
CA GLN B 90 40.56 -16.67 49.99
C GLN B 90 40.16 -15.75 48.88
N HIS B 91 40.93 -15.80 47.82
CA HIS B 91 40.60 -15.01 46.66
C HIS B 91 40.13 -15.92 45.57
N TYR B 92 38.93 -15.66 45.05
CA TYR B 92 38.38 -16.45 43.98
C TYR B 92 38.66 -15.70 42.70
N GLY B 93 39.83 -15.83 42.11
CA GLY B 93 40.12 -15.01 40.95
C GLY B 93 39.53 -15.60 39.69
N SER B 94 39.03 -16.82 39.83
CA SER B 94 38.38 -17.69 38.83
C SER B 94 39.35 -18.35 37.85
N SER B 95 40.59 -17.86 37.79
CA SER B 95 41.65 -18.41 36.95
C SER B 95 42.82 -18.69 37.86
N LEU B 96 42.67 -18.14 39.03
CA LEU B 96 43.64 -18.21 40.10
C LEU B 96 42.96 -18.15 41.44
N TRP B 97 43.27 -19.10 42.29
CA TRP B 97 42.75 -19.11 43.63
C TRP B 97 43.85 -18.95 44.62
N THR B 98 43.59 -18.18 45.65
CA THR B 98 44.59 -18.03 46.70
C THR B 98 44.05 -18.39 48.05
N PHE B 99 44.80 -19.24 48.73
CA PHE B 99 44.48 -19.74 50.05
C PHE B 99 45.73 -19.67 50.93
N GLY B 100 45.54 -19.66 52.25
CA GLY B 100 46.64 -19.78 53.21
C GLY B 100 46.47 -18.87 54.41
N GLN B 101 47.01 -19.32 55.57
CA GLN B 101 46.98 -18.63 56.88
C GLN B 101 45.62 -18.80 57.57
N GLY B 102 45.60 -19.53 58.69
CA GLY B 102 44.32 -19.80 59.37
C GLY B 102 44.01 -18.94 60.62
N THR B 103 44.86 -17.95 60.91
CA THR B 103 44.74 -17.09 62.12
C THR B 103 44.01 -17.78 63.27
N LYS B 104 44.58 -18.86 63.78
CA LYS B 104 43.77 -19.76 64.59
C LYS B 104 43.37 -19.14 65.90
N LEU B 105 42.06 -19.12 66.13
CA LEU B 105 41.49 -18.54 67.33
C LEU B 105 41.11 -19.59 68.38
N GLU B 106 41.65 -19.41 69.58
CA GLU B 106 41.41 -20.28 70.74
C GLU B 106 41.03 -19.44 71.96
N ILE B 107 40.37 -20.06 72.97
CA ILE B 107 40.00 -19.41 74.25
C ILE B 107 41.26 -19.40 75.14
N GLN C 14 -9.03 -62.92 31.57
CA GLN C 14 -9.51 -61.68 30.98
C GLN C 14 -8.93 -61.54 29.55
N CYS C 15 -7.74 -60.89 29.39
CA CYS C 15 -7.09 -60.68 28.10
C CYS C 15 -6.59 -62.01 27.53
N VAL C 16 -6.73 -62.16 26.23
CA VAL C 16 -6.26 -63.34 25.54
C VAL C 16 -5.37 -62.92 24.38
N ASN C 17 -4.17 -63.52 24.24
CA ASN C 17 -3.27 -63.27 23.11
C ASN C 17 -3.59 -64.31 22.03
N LEU C 18 -4.31 -63.91 20.94
CA LEU C 18 -4.82 -64.84 19.93
C LEU C 18 -3.71 -65.45 19.10
N THR C 19 -3.85 -66.73 18.85
CA THR C 19 -2.92 -67.48 18.06
C THR C 19 -3.66 -68.12 16.89
N THR C 20 -2.92 -68.96 16.14
CA THR C 20 -3.29 -69.67 14.89
C THR C 20 -3.24 -68.76 13.67
N ARG C 21 -2.90 -67.50 13.88
CA ARG C 21 -2.79 -66.54 12.80
C ARG C 21 -1.53 -66.79 11.98
N THR C 22 -1.73 -66.78 10.68
CA THR C 22 -0.72 -66.97 9.67
C THR C 22 0.00 -65.67 9.50
N GLN C 23 1.30 -65.72 9.34
CA GLN C 23 2.07 -64.52 9.18
C GLN C 23 2.31 -64.23 7.72
N LEU C 24 1.60 -63.23 7.23
CA LEU C 24 1.61 -62.84 5.83
C LEU C 24 1.99 -61.36 5.77
N PRO C 25 2.61 -60.87 4.70
CA PRO C 25 2.96 -59.48 4.50
C PRO C 25 1.71 -58.62 4.24
N PRO C 26 1.75 -57.31 4.52
CA PRO C 26 0.72 -56.33 4.26
C PRO C 26 0.60 -56.07 2.78
N ALA C 27 -0.56 -55.62 2.35
CA ALA C 27 -0.74 -55.26 0.96
C ALA C 27 -0.83 -53.75 0.86
N TYR C 28 -0.54 -53.20 -0.30
CA TYR C 28 -0.68 -51.76 -0.45
C TYR C 28 -1.54 -51.46 -1.65
N THR C 29 -2.33 -50.39 -1.56
CA THR C 29 -3.17 -49.97 -2.67
C THR C 29 -3.09 -48.47 -2.95
N ASN C 30 -3.81 -48.09 -3.99
CA ASN C 30 -3.94 -46.75 -4.53
C ASN C 30 -5.14 -46.00 -3.96
N SER C 31 -4.88 -44.85 -3.31
CA SER C 31 -5.93 -44.02 -2.69
C SER C 31 -6.82 -43.29 -3.69
N PHE C 32 -6.37 -43.23 -4.91
CA PHE C 32 -7.03 -42.53 -6.00
C PHE C 32 -7.42 -41.12 -5.62
N THR C 33 -8.71 -40.85 -5.64
CA THR C 33 -9.25 -39.55 -5.37
C THR C 33 -10.10 -39.43 -4.11
N ARG C 34 -9.96 -40.38 -3.20
CA ARG C 34 -10.69 -40.36 -1.94
C ARG C 34 -9.93 -39.57 -0.89
N GLY C 35 -10.59 -39.14 0.19
CA GLY C 35 -9.87 -38.45 1.26
C GLY C 35 -10.09 -36.94 1.32
N VAL C 36 -11.22 -36.52 0.78
CA VAL C 36 -11.71 -35.17 0.74
C VAL C 36 -12.94 -35.05 1.63
N TYR C 37 -13.08 -33.92 2.27
CA TYR C 37 -14.18 -33.66 3.16
C TYR C 37 -14.56 -32.22 3.12
N TYR C 38 -15.76 -31.94 3.59
CA TYR C 38 -16.22 -30.57 3.65
C TYR C 38 -15.45 -29.89 4.75
N PRO C 39 -14.63 -28.88 4.48
CA PRO C 39 -13.78 -28.22 5.44
C PRO C 39 -14.46 -27.16 6.29
N ASP C 40 -15.75 -26.94 6.09
CA ASP C 40 -16.42 -25.85 6.77
C ASP C 40 -17.90 -26.18 6.98
N LYS C 41 -18.64 -25.27 7.61
CA LYS C 41 -20.06 -25.43 7.92
C LYS C 41 -20.86 -24.33 7.24
N VAL C 42 -20.37 -23.97 6.08
CA VAL C 42 -20.88 -22.91 5.24
C VAL C 42 -21.36 -23.41 3.91
N PHE C 43 -22.54 -22.98 3.54
CA PHE C 43 -23.09 -23.36 2.27
C PHE C 43 -22.52 -22.51 1.17
N ARG C 44 -21.96 -23.15 0.18
CA ARG C 44 -21.43 -22.50 -0.99
C ARG C 44 -21.93 -23.29 -2.14
N SER C 45 -22.16 -22.68 -3.27
CA SER C 45 -22.60 -23.45 -4.44
C SER C 45 -22.15 -22.80 -5.72
N SER C 46 -22.01 -23.63 -6.74
CA SER C 46 -21.62 -23.23 -8.09
C SER C 46 -20.35 -22.39 -8.15
N VAL C 47 -19.39 -22.72 -7.31
CA VAL C 47 -18.10 -22.04 -7.25
C VAL C 47 -16.97 -22.99 -7.15
N LEU C 48 -15.77 -22.48 -7.43
CA LEU C 48 -14.61 -23.27 -7.12
C LEU C 48 -14.05 -22.62 -5.89
N HIS C 49 -13.41 -23.39 -5.04
CA HIS C 49 -12.86 -22.84 -3.84
C HIS C 49 -11.48 -23.35 -3.52
N SER C 50 -10.58 -22.45 -3.16
CA SER C 50 -9.23 -22.86 -2.80
C SER C 50 -9.09 -22.99 -1.31
N THR C 51 -8.68 -24.16 -0.85
CA THR C 51 -8.56 -24.41 0.58
C THR C 51 -7.30 -25.16 0.97
N GLN C 52 -6.86 -25.01 2.23
CA GLN C 52 -5.69 -25.75 2.72
C GLN C 52 -6.03 -26.47 4.00
N ASP C 53 -5.63 -27.73 4.06
CA ASP C 53 -5.90 -28.58 5.22
C ASP C 53 -5.08 -29.85 5.11
N LEU C 54 -5.21 -30.74 6.06
CA LEU C 54 -4.57 -32.03 5.94
C LEU C 54 -5.53 -32.95 5.23
N PHE C 55 -5.14 -33.40 4.07
CA PHE C 55 -5.98 -34.22 3.21
C PHE C 55 -5.25 -35.45 2.80
N LEU C 56 -5.96 -36.48 2.38
CA LEU C 56 -5.19 -37.60 1.89
C LEU C 56 -4.70 -37.13 0.53
N PRO C 57 -3.40 -37.19 0.19
CA PRO C 57 -2.89 -36.81 -1.11
C PRO C 57 -3.52 -37.72 -2.13
N PHE C 58 -3.73 -37.24 -3.33
CA PHE C 58 -4.29 -38.12 -4.33
C PHE C 58 -3.25 -39.09 -4.82
N PHE C 59 -3.75 -40.29 -5.11
CA PHE C 59 -2.99 -41.43 -5.59
C PHE C 59 -1.87 -41.86 -4.68
N SER C 60 -2.10 -41.74 -3.38
CA SER C 60 -1.15 -42.10 -2.35
C SER C 60 -1.14 -43.61 -2.06
N ASN C 61 -0.10 -44.06 -1.32
CA ASN C 61 0.13 -45.43 -0.85
C ASN C 61 -0.66 -45.69 0.46
N VAL C 62 -1.68 -46.56 0.38
CA VAL C 62 -2.61 -46.91 1.46
C VAL C 62 -2.35 -48.33 1.93
N THR C 63 -2.18 -48.52 3.22
CA THR C 63 -1.87 -49.86 3.68
C THR C 63 -3.14 -50.66 3.88
N TRP C 64 -3.16 -51.83 3.30
CA TRP C 64 -4.28 -52.74 3.33
C TRP C 64 -4.08 -53.89 4.32
N PHE C 65 -4.95 -53.91 5.32
CA PHE C 65 -5.00 -54.85 6.41
C PHE C 65 -6.19 -55.76 6.21
N HIS C 66 -6.15 -56.98 6.69
CA HIS C 66 -7.28 -57.84 6.39
C HIS C 66 -7.60 -58.94 7.42
N ALA C 67 -8.90 -59.17 7.61
CA ALA C 67 -9.37 -60.26 8.45
C ALA C 67 -9.98 -61.32 7.56
N ILE C 68 -9.39 -62.51 7.56
CA ILE C 68 -9.90 -63.59 6.74
C ILE C 68 -9.79 -64.97 7.40
N HIS C 69 -10.87 -65.75 7.42
CA HIS C 69 -10.78 -67.11 7.98
C HIS C 69 -10.11 -68.19 7.09
N VAL C 70 -10.07 -67.96 5.76
CA VAL C 70 -9.55 -68.82 4.70
C VAL C 70 -10.19 -70.22 4.81
N THR C 76 -4.63 -70.41 5.73
CA THR C 76 -3.77 -69.24 5.95
C THR C 76 -4.58 -68.07 6.58
N LYS C 77 -5.32 -68.35 7.67
CA LYS C 77 -6.17 -67.42 8.44
C LYS C 77 -5.39 -66.22 8.97
N ARG C 78 -5.94 -65.03 8.79
CA ARG C 78 -5.28 -63.81 9.22
C ARG C 78 -6.21 -62.83 9.91
N PHE C 79 -5.70 -62.14 10.91
CA PHE C 79 -6.52 -61.14 11.59
C PHE C 79 -5.66 -59.97 12.01
N ASP C 80 -5.66 -58.94 11.19
CA ASP C 80 -4.85 -57.78 11.45
C ASP C 80 -5.48 -56.75 12.35
N ASN C 81 -4.85 -56.50 13.48
CA ASN C 81 -5.27 -55.47 14.41
C ASN C 81 -4.06 -54.82 15.09
N PRO C 82 -3.03 -54.38 14.34
CA PRO C 82 -1.78 -53.79 14.79
C PRO C 82 -1.91 -52.39 15.28
N VAL C 83 -0.91 -51.95 16.01
CA VAL C 83 -0.85 -50.57 16.38
C VAL C 83 -0.12 -49.84 15.28
N LEU C 84 -0.73 -48.81 14.77
CA LEU C 84 -0.20 -48.03 13.70
C LEU C 84 0.07 -46.63 14.21
N PRO C 85 1.02 -45.87 13.68
CA PRO C 85 1.22 -44.48 13.99
C PRO C 85 -0.01 -43.71 13.60
N PHE C 86 -0.31 -42.64 14.33
CA PHE C 86 -1.43 -41.77 13.97
C PHE C 86 -0.92 -40.63 13.10
N ASN C 87 0.34 -40.28 13.33
CA ASN C 87 1.02 -39.19 12.66
C ASN C 87 0.25 -37.88 12.79
N ASP C 88 -0.08 -37.24 11.66
CA ASP C 88 -0.75 -35.95 11.69
C ASP C 88 -2.23 -36.06 11.44
N GLY C 89 -2.73 -37.26 11.38
CA GLY C 89 -4.12 -37.48 11.08
C GLY C 89 -4.22 -38.72 10.25
N VAL C 90 -5.35 -39.37 10.36
CA VAL C 90 -5.53 -40.62 9.70
C VAL C 90 -6.71 -40.75 8.80
N TYR C 91 -6.44 -41.28 7.63
CA TYR C 91 -7.51 -41.61 6.72
C TYR C 91 -7.83 -43.05 6.96
N PHE C 92 -9.05 -43.35 7.29
CA PHE C 92 -9.39 -44.73 7.56
C PHE C 92 -10.57 -45.12 6.74
N ALA C 93 -10.52 -46.28 6.15
CA ALA C 93 -11.69 -46.71 5.45
C ALA C 93 -11.85 -48.17 5.53
N SER C 94 -13.07 -48.62 5.51
CA SER C 94 -13.27 -50.04 5.54
C SER C 94 -14.45 -50.50 4.77
N THR C 95 -14.34 -51.74 4.36
CA THR C 95 -15.38 -52.40 3.62
C THR C 95 -15.75 -53.69 4.33
N GLU C 96 -17.04 -53.90 4.52
CA GLU C 96 -17.48 -55.11 5.20
C GLU C 96 -18.95 -55.46 5.00
N LYS C 97 -19.31 -56.66 5.46
CA LYS C 97 -20.71 -57.08 5.51
C LYS C 97 -21.22 -57.41 6.92
N SER C 98 -20.30 -57.87 7.78
CA SER C 98 -20.59 -58.45 9.09
C SER C 98 -20.48 -57.55 10.33
N ASN C 99 -20.26 -56.24 10.16
CA ASN C 99 -20.10 -55.37 11.32
C ASN C 99 -18.99 -55.86 12.25
N ILE C 100 -17.84 -56.14 11.66
CA ILE C 100 -16.68 -56.62 12.37
C ILE C 100 -15.85 -55.49 12.91
N ILE C 101 -15.70 -54.43 12.14
CA ILE C 101 -14.88 -53.36 12.67
C ILE C 101 -15.76 -52.50 13.56
N ARG C 102 -15.35 -52.41 14.82
CA ARG C 102 -16.14 -51.73 15.82
C ARG C 102 -15.59 -50.43 16.30
N GLY C 103 -14.29 -50.28 16.30
CA GLY C 103 -13.81 -49.05 16.91
C GLY C 103 -12.34 -48.89 16.92
N TRP C 104 -11.90 -47.87 17.63
CA TRP C 104 -10.51 -47.55 17.66
C TRP C 104 -10.00 -47.12 19.03
N ILE C 105 -8.73 -47.34 19.25
CA ILE C 105 -8.07 -46.81 20.43
C ILE C 105 -7.09 -45.77 20.01
N PHE C 106 -7.21 -44.58 20.52
CA PHE C 106 -6.25 -43.55 20.19
C PHE C 106 -5.47 -43.21 21.44
N GLY C 107 -4.15 -43.30 21.40
CA GLY C 107 -3.39 -43.05 22.63
C GLY C 107 -1.91 -43.03 22.36
N THR C 108 -1.12 -43.08 23.42
CA THR C 108 0.31 -43.03 23.30
C THR C 108 0.88 -44.31 23.83
N THR C 109 1.06 -44.39 25.14
CA THR C 109 1.62 -45.56 25.78
C THR C 109 0.64 -46.73 25.88
N LEU C 110 -0.66 -46.43 26.05
CA LEU C 110 -1.71 -47.43 26.16
C LEU C 110 -1.48 -48.45 27.30
N ASP C 111 -0.91 -47.98 28.42
CA ASP C 111 -0.58 -48.87 29.54
C ASP C 111 -0.95 -48.44 30.95
N SER C 112 -1.96 -47.59 31.12
CA SER C 112 -2.43 -47.01 32.39
C SER C 112 -1.66 -45.77 32.85
N LYS C 113 -0.55 -45.42 32.20
CA LYS C 113 0.22 -44.28 32.68
C LYS C 113 -0.31 -42.95 32.17
N THR C 114 -0.95 -42.94 31.01
CA THR C 114 -1.47 -41.71 30.44
C THR C 114 -2.86 -41.97 29.93
N GLN C 115 -3.60 -40.92 29.60
CA GLN C 115 -4.93 -41.13 29.09
C GLN C 115 -4.96 -41.46 27.62
N SER C 116 -5.98 -42.21 27.27
CA SER C 116 -6.26 -42.58 25.90
C SER C 116 -7.74 -42.52 25.66
N LEU C 117 -8.09 -42.39 24.40
CA LEU C 117 -9.44 -42.31 23.90
C LEU C 117 -9.94 -43.59 23.29
N LEU C 118 -10.95 -44.15 23.91
CA LEU C 118 -11.51 -45.39 23.44
C LEU C 118 -12.85 -45.16 22.80
N ILE C 119 -12.97 -45.41 21.50
CA ILE C 119 -14.25 -45.22 20.83
C ILE C 119 -14.76 -46.53 20.30
N VAL C 120 -15.77 -47.07 20.94
CA VAL C 120 -16.24 -48.39 20.53
C VAL C 120 -17.70 -48.56 20.27
N ASN C 121 -18.02 -49.12 19.12
CA ASN C 121 -19.40 -49.49 18.88
C ASN C 121 -19.50 -50.86 19.54
N ASN C 122 -20.19 -50.92 20.69
CA ASN C 122 -20.28 -52.07 21.60
C ASN C 122 -21.50 -52.97 21.29
N ALA C 123 -22.19 -52.73 20.12
CA ALA C 123 -23.36 -53.43 19.55
C ALA C 123 -24.61 -53.33 20.41
N THR C 124 -24.63 -52.33 21.25
CA THR C 124 -25.73 -51.96 22.07
C THR C 124 -25.71 -50.47 22.13
N ASN C 125 -24.55 -49.91 22.47
CA ASN C 125 -24.40 -48.48 22.54
C ASN C 125 -23.11 -48.10 21.84
N VAL C 126 -22.86 -46.82 21.74
CA VAL C 126 -21.57 -46.35 21.27
C VAL C 126 -20.96 -45.70 22.46
N VAL C 127 -19.82 -46.19 22.83
CA VAL C 127 -19.21 -45.75 24.05
C VAL C 127 -17.92 -45.03 23.82
N ILE C 128 -17.85 -43.80 24.30
CA ILE C 128 -16.64 -43.04 24.18
C ILE C 128 -16.12 -42.74 25.56
N LYS C 129 -14.90 -43.15 25.81
CA LYS C 129 -14.30 -42.87 27.10
C LYS C 129 -12.89 -42.34 26.99
N VAL C 130 -12.55 -41.44 27.86
CA VAL C 130 -11.17 -41.01 27.94
C VAL C 130 -10.71 -41.31 29.33
N CYS C 131 -9.74 -42.24 29.46
CA CYS C 131 -9.29 -42.74 30.76
C CYS C 131 -7.85 -43.20 30.70
N GLU C 132 -7.28 -43.36 31.88
CA GLU C 132 -5.98 -43.96 32.02
C GLU C 132 -6.17 -45.46 32.01
N PHE C 133 -6.43 -45.93 30.81
CA PHE C 133 -6.69 -47.29 30.47
C PHE C 133 -5.41 -48.05 30.34
N GLN C 134 -5.49 -49.30 30.70
CA GLN C 134 -4.43 -50.25 30.49
C GLN C 134 -4.97 -51.21 29.48
N PHE C 135 -4.35 -51.31 28.33
CA PHE C 135 -4.92 -52.14 27.29
C PHE C 135 -4.33 -53.55 27.21
N CYS C 136 -5.13 -54.49 26.63
CA CYS C 136 -4.73 -55.87 26.34
C CYS C 136 -3.71 -55.84 25.19
N ASN C 137 -2.88 -56.87 25.08
CA ASN C 137 -1.88 -56.91 24.00
C ASN C 137 -2.50 -57.34 22.67
N ASP C 138 -3.75 -57.71 22.73
CA ASP C 138 -4.52 -58.12 21.60
C ASP C 138 -5.99 -57.79 21.88
N PRO C 139 -6.39 -56.51 21.84
CA PRO C 139 -7.71 -56.04 22.11
C PRO C 139 -8.70 -56.62 21.11
N PHE C 140 -9.85 -57.06 21.56
CA PHE C 140 -10.89 -57.54 20.65
C PHE C 140 -12.25 -57.62 21.31
N LEU C 141 -13.25 -57.79 20.47
CA LEU C 141 -14.64 -58.02 20.81
C LEU C 141 -15.08 -59.34 20.19
N GLY C 142 -16.21 -59.91 20.58
CA GLY C 142 -16.65 -61.10 19.83
C GLY C 142 -18.11 -61.45 19.95
N VAL C 143 -18.54 -62.34 19.05
CA VAL C 143 -19.92 -62.79 18.91
C VAL C 143 -20.06 -64.31 18.90
N TYR C 144 -21.02 -64.80 19.64
CA TYR C 144 -21.34 -66.22 19.74
C TYR C 144 -22.61 -66.55 18.94
N TYR C 145 -22.64 -67.72 18.23
CA TYR C 145 -23.83 -68.21 17.51
C TYR C 145 -24.32 -69.48 18.20
N TRP C 152 -26.74 -65.04 16.67
CA TRP C 152 -25.54 -64.23 16.70
C TRP C 152 -25.76 -63.16 17.80
N MET C 153 -25.10 -63.37 18.95
CA MET C 153 -25.17 -62.60 20.19
C MET C 153 -23.82 -62.09 20.65
N GLU C 154 -23.78 -60.91 21.24
CA GLU C 154 -22.48 -60.46 21.74
C GLU C 154 -22.08 -61.38 22.85
N SER C 155 -20.80 -61.66 22.94
CA SER C 155 -20.31 -62.51 23.99
C SER C 155 -19.16 -61.82 24.69
N GLU C 156 -17.98 -61.98 24.15
CA GLU C 156 -16.80 -61.40 24.73
C GLU C 156 -16.60 -59.95 24.40
N PHE C 157 -16.00 -59.29 25.34
CA PHE C 157 -15.49 -57.96 25.22
C PHE C 157 -14.32 -57.89 26.11
N ARG C 158 -13.19 -57.51 25.58
CA ARG C 158 -12.04 -57.36 26.41
C ARG C 158 -11.51 -55.99 26.24
N VAL C 159 -10.66 -55.83 25.24
CA VAL C 159 -10.04 -54.59 24.85
C VAL C 159 -9.04 -54.07 25.87
N TYR C 160 -9.50 -53.79 27.07
CA TYR C 160 -8.67 -53.27 28.11
C TYR C 160 -8.83 -54.03 29.39
N SER C 161 -7.77 -54.01 30.20
CA SER C 161 -7.80 -54.65 31.49
C SER C 161 -8.29 -53.73 32.59
N SER C 162 -8.06 -52.43 32.42
CA SER C 162 -8.47 -51.46 33.43
C SER C 162 -8.75 -50.08 32.83
N ALA C 163 -9.45 -49.26 33.60
CA ALA C 163 -9.79 -47.88 33.27
C ALA C 163 -9.72 -47.10 34.55
N ASN C 164 -8.53 -46.81 35.02
CA ASN C 164 -8.38 -46.33 36.38
C ASN C 164 -8.83 -44.89 36.70
N ASN C 165 -8.68 -43.96 35.75
CA ASN C 165 -8.97 -42.53 35.93
C ASN C 165 -9.64 -41.96 34.67
N CYS C 166 -10.97 -41.72 34.73
CA CYS C 166 -11.79 -41.26 33.58
C CYS C 166 -12.18 -39.80 33.73
N THR C 167 -11.96 -39.04 32.65
CA THR C 167 -12.30 -37.62 32.64
C THR C 167 -13.38 -37.24 31.63
N PHE C 168 -13.64 -38.12 30.67
CA PHE C 168 -14.66 -37.84 29.68
C PHE C 168 -15.43 -39.09 29.39
N GLU C 169 -16.74 -38.95 29.30
CA GLU C 169 -17.54 -40.08 28.93
C GLU C 169 -18.81 -39.70 28.23
N TYR C 170 -19.11 -40.46 27.20
CA TYR C 170 -20.34 -40.34 26.46
C TYR C 170 -20.88 -41.68 26.03
N VAL C 171 -22.18 -41.89 26.20
CA VAL C 171 -22.76 -43.11 25.69
C VAL C 171 -23.98 -42.79 24.85
N SER C 172 -24.01 -43.30 23.64
CA SER C 172 -25.10 -43.05 22.72
C SER C 172 -26.34 -43.88 22.97
N GLN C 173 -27.39 -43.47 22.28
CA GLN C 173 -28.69 -44.11 22.25
C GLN C 173 -28.59 -45.59 21.89
N PRO C 174 -29.18 -46.50 22.70
CA PRO C 174 -29.22 -47.92 22.47
C PRO C 174 -29.80 -48.32 21.11
N PHE C 175 -29.22 -49.37 20.54
CA PHE C 175 -29.56 -49.94 19.24
C PHE C 175 -29.33 -51.43 19.17
N LEU C 176 -29.91 -52.07 18.15
CA LEU C 176 -29.79 -53.50 17.96
C LEU C 176 -28.47 -54.05 17.43
N MET C 177 -27.91 -53.44 16.38
CA MET C 177 -26.70 -53.97 15.74
C MET C 177 -26.86 -55.38 15.21
N ASP C 178 -27.35 -55.54 13.99
CA ASP C 178 -27.46 -56.91 13.51
C ASP C 178 -26.06 -57.56 13.45
N LEU C 179 -25.92 -58.74 14.03
CA LEU C 179 -24.64 -59.44 14.09
C LEU C 179 -24.48 -60.65 13.19
N GLU C 180 -25.40 -60.87 12.26
CA GLU C 180 -25.26 -62.08 11.47
C GLU C 180 -24.00 -62.06 10.64
N GLY C 181 -23.27 -63.17 10.64
CA GLY C 181 -22.08 -63.20 9.81
C GLY C 181 -22.52 -63.34 8.37
N LYS C 182 -21.85 -62.67 7.45
CA LYS C 182 -22.20 -62.73 6.04
C LYS C 182 -21.00 -62.97 5.14
N GLN C 183 -21.28 -63.55 3.98
CA GLN C 183 -20.28 -63.80 2.95
C GLN C 183 -20.70 -63.09 1.67
N GLY C 184 -19.73 -62.80 0.79
CA GLY C 184 -20.03 -62.17 -0.50
C GLY C 184 -19.33 -60.83 -0.64
N ASN C 185 -19.66 -60.09 -1.70
CA ASN C 185 -19.03 -58.80 -1.97
C ASN C 185 -19.32 -57.86 -0.85
N PHE C 186 -18.35 -57.05 -0.48
CA PHE C 186 -18.59 -56.14 0.61
C PHE C 186 -19.64 -55.17 0.15
N LYS C 187 -20.56 -54.85 1.07
CA LYS C 187 -21.67 -53.95 0.78
C LYS C 187 -21.60 -52.58 1.45
N ASN C 188 -20.85 -52.46 2.54
CA ASN C 188 -20.83 -51.20 3.26
C ASN C 188 -19.46 -50.56 3.35
N LEU C 189 -19.34 -49.37 2.76
CA LEU C 189 -18.10 -48.62 2.82
C LEU C 189 -18.21 -47.49 3.78
N ARG C 190 -17.29 -47.44 4.71
CA ARG C 190 -17.28 -46.35 5.65
C ARG C 190 -15.94 -45.70 5.59
N GLU C 191 -15.94 -44.38 5.47
CA GLU C 191 -14.72 -43.63 5.41
C GLU C 191 -14.71 -42.60 6.50
N PHE C 192 -13.57 -42.45 7.14
CA PHE C 192 -13.40 -41.49 8.19
C PHE C 192 -12.10 -40.76 8.10
N VAL C 193 -12.08 -39.54 8.56
CA VAL C 193 -10.80 -38.91 8.79
C VAL C 193 -10.76 -38.47 10.21
N PHE C 194 -9.62 -38.70 10.84
CA PHE C 194 -9.42 -38.34 12.22
C PHE C 194 -8.28 -37.38 12.38
N LYS C 195 -8.50 -36.26 13.03
CA LYS C 195 -7.37 -35.35 13.26
C LYS C 195 -7.44 -34.76 14.66
N ASN C 196 -6.28 -34.44 15.23
CA ASN C 196 -6.25 -33.92 16.60
C ASN C 196 -5.73 -32.48 16.70
N ILE C 197 -6.63 -31.52 16.82
CA ILE C 197 -6.23 -30.13 16.83
C ILE C 197 -6.66 -29.36 18.06
N ASP C 198 -5.69 -28.81 18.78
CA ASP C 198 -5.92 -28.03 20.00
C ASP C 198 -6.80 -28.75 20.98
N GLY C 199 -6.57 -30.04 21.12
CA GLY C 199 -7.31 -30.85 22.06
C GLY C 199 -8.58 -31.46 21.49
N TYR C 200 -8.97 -31.08 20.29
CA TYR C 200 -10.19 -31.62 19.74
C TYR C 200 -9.96 -32.75 18.79
N PHE C 201 -10.74 -33.78 18.95
CA PHE C 201 -10.62 -34.91 18.07
C PHE C 201 -11.75 -34.75 17.09
N LYS C 202 -11.38 -34.37 15.89
CA LYS C 202 -12.32 -34.02 14.86
C LYS C 202 -12.53 -35.18 13.95
N ILE C 203 -13.78 -35.57 13.78
CA ILE C 203 -14.06 -36.71 12.94
C ILE C 203 -15.03 -36.32 11.86
N TYR C 204 -14.69 -36.71 10.63
CA TYR C 204 -15.56 -36.51 9.48
C TYR C 204 -15.83 -37.87 8.94
N SER C 205 -16.99 -38.09 8.33
CA SER C 205 -17.26 -39.41 7.79
C SER C 205 -18.30 -39.48 6.69
N LYS C 206 -18.30 -40.63 6.02
CA LYS C 206 -19.30 -40.93 5.02
C LYS C 206 -19.58 -42.42 4.99
N HIS C 207 -20.84 -42.78 4.81
CA HIS C 207 -21.24 -44.17 4.66
C HIS C 207 -21.95 -44.32 3.33
N THR C 208 -21.36 -45.09 2.42
CA THR C 208 -21.90 -45.27 1.09
C THR C 208 -22.01 -46.76 0.80
N PRO C 209 -22.92 -47.20 -0.08
CA PRO C 209 -23.02 -48.55 -0.55
C PRO C 209 -21.92 -48.87 -1.53
N ILE C 210 -21.48 -50.11 -1.47
CA ILE C 210 -20.52 -50.72 -2.35
C ILE C 210 -20.96 -52.09 -2.82
N ASN C 211 -20.26 -52.63 -3.81
CA ASN C 211 -20.44 -53.98 -4.27
C ASN C 211 -19.09 -54.46 -4.75
N LEU C 212 -18.18 -54.73 -3.82
CA LEU C 212 -16.81 -54.97 -4.21
C LEU C 212 -16.03 -56.07 -3.53
N VAL C 213 -14.92 -56.41 -4.17
CA VAL C 213 -13.95 -57.30 -3.62
C VAL C 213 -12.60 -56.61 -3.70
N ARG C 214 -11.64 -57.11 -2.94
CA ARG C 214 -10.26 -56.63 -2.93
C ARG C 214 -10.07 -55.16 -2.49
N ASP C 215 -9.52 -54.31 -3.37
CA ASP C 215 -9.17 -52.93 -3.05
C ASP C 215 -10.32 -51.94 -2.96
N LEU C 216 -9.95 -50.70 -2.62
CA LEU C 216 -10.88 -49.61 -2.52
C LEU C 216 -11.44 -49.33 -3.89
N PRO C 217 -12.69 -48.90 -3.99
CA PRO C 217 -13.34 -48.52 -5.21
C PRO C 217 -12.79 -47.19 -5.65
N GLN C 218 -12.87 -46.90 -6.94
CA GLN C 218 -12.47 -45.58 -7.40
C GLN C 218 -13.66 -44.66 -7.34
N GLY C 219 -13.42 -43.38 -7.19
CA GLY C 219 -14.51 -42.41 -7.19
C GLY C 219 -14.23 -41.25 -6.27
N PHE C 220 -15.20 -40.37 -6.17
CA PHE C 220 -15.05 -39.19 -5.35
C PHE C 220 -16.26 -38.97 -4.48
N SER C 221 -16.02 -38.69 -3.21
CA SER C 221 -17.07 -38.38 -2.26
C SER C 221 -16.48 -37.57 -1.13
N ALA C 222 -17.13 -36.49 -0.73
CA ALA C 222 -16.60 -35.71 0.38
C ALA C 222 -17.24 -36.16 1.68
N LEU C 223 -16.43 -36.25 2.73
CA LEU C 223 -16.94 -36.67 4.04
C LEU C 223 -17.51 -35.48 4.80
N GLU C 224 -18.52 -35.70 5.61
CA GLU C 224 -19.14 -34.61 6.33
C GLU C 224 -18.74 -34.64 7.80
N PRO C 225 -18.66 -33.53 8.50
CA PRO C 225 -18.34 -33.50 9.90
C PRO C 225 -19.29 -34.39 10.65
N LEU C 226 -18.75 -35.16 11.56
CA LEU C 226 -19.54 -36.07 12.35
C LEU C 226 -19.63 -35.61 13.79
N VAL C 227 -18.47 -35.33 14.36
CA VAL C 227 -18.36 -34.96 15.76
C VAL C 227 -17.08 -34.19 16.00
N ASP C 228 -17.08 -33.35 17.03
CA ASP C 228 -15.87 -32.64 17.40
C ASP C 228 -15.71 -32.77 18.92
N LEU C 229 -14.84 -33.69 19.34
CA LEU C 229 -14.74 -34.03 20.75
C LEU C 229 -13.69 -33.28 21.56
N PRO C 230 -14.03 -32.69 22.71
CA PRO C 230 -13.17 -31.93 23.61
C PRO C 230 -12.36 -32.87 24.48
N ILE C 231 -11.34 -33.50 23.91
CA ILE C 231 -10.64 -34.55 24.64
C ILE C 231 -9.39 -34.10 25.42
N GLY C 232 -8.49 -33.34 24.80
CA GLY C 232 -7.28 -32.88 25.49
C GLY C 232 -6.10 -33.88 25.65
N ILE C 233 -5.93 -34.84 24.74
CA ILE C 233 -4.82 -35.82 24.87
C ILE C 233 -3.94 -35.80 23.60
N ASN C 234 -2.69 -36.36 23.69
CA ASN C 234 -1.64 -36.38 22.66
C ASN C 234 -1.98 -37.31 21.46
N ILE C 235 -2.35 -38.60 21.71
CA ILE C 235 -2.68 -39.67 20.72
C ILE C 235 -1.79 -40.05 19.53
N THR C 236 -0.49 -40.14 19.76
CA THR C 236 0.44 -40.45 18.69
C THR C 236 0.13 -41.71 17.88
N ARG C 237 -0.26 -42.80 18.55
CA ARG C 237 -0.58 -44.09 17.92
C ARG C 237 -2.03 -44.53 18.00
N PHE C 238 -2.43 -45.48 17.18
CA PHE C 238 -3.79 -45.97 17.34
C PHE C 238 -3.93 -47.42 16.95
N GLN C 239 -5.02 -48.02 17.37
CA GLN C 239 -5.27 -49.40 17.03
C GLN C 239 -6.70 -49.66 16.65
N THR C 240 -6.91 -50.52 15.66
CA THR C 240 -8.26 -50.84 15.20
C THR C 240 -8.79 -52.04 15.96
N LEU C 241 -10.01 -51.92 16.44
CA LEU C 241 -10.71 -52.95 17.18
C LEU C 241 -11.74 -53.69 16.35
N LEU C 242 -11.54 -54.99 16.25
CA LEU C 242 -12.38 -55.86 15.45
C LEU C 242 -13.02 -56.97 16.29
N ALA C 243 -14.22 -57.40 15.91
CA ALA C 243 -14.88 -58.51 16.55
C ALA C 243 -14.47 -59.87 15.99
N LEU C 244 -14.53 -60.92 16.80
CA LEU C 244 -14.27 -62.29 16.37
C LEU C 244 -15.54 -63.13 16.25
N HIS C 245 -15.60 -64.03 15.29
CA HIS C 245 -16.72 -64.97 15.25
C HIS C 245 -16.35 -66.19 16.08
N ARG C 246 -16.36 -66.02 17.38
CA ARG C 246 -15.98 -67.09 18.29
C ARG C 246 -17.12 -68.06 18.55
N SER C 247 -17.13 -69.22 17.83
CA SER C 247 -18.17 -70.28 17.80
C SER C 247 -19.52 -69.86 18.40
N SER C 254 -9.76 -69.22 25.30
CA SER C 254 -9.20 -70.00 24.22
C SER C 254 -8.59 -69.07 23.14
N SER C 255 -7.25 -69.05 23.04
CA SER C 255 -6.47 -68.26 22.10
C SER C 255 -6.57 -68.81 20.68
N SER C 256 -7.05 -70.04 20.55
CA SER C 256 -7.17 -70.67 19.25
C SER C 256 -8.59 -70.93 18.77
N GLY C 257 -9.57 -70.92 19.66
CA GLY C 257 -10.94 -71.26 19.29
C GLY C 257 -11.75 -70.12 18.65
N TRP C 258 -11.27 -69.58 17.54
CA TRP C 258 -11.96 -68.44 16.94
C TRP C 258 -11.83 -68.32 15.42
N THR C 259 -12.79 -67.62 14.84
CA THR C 259 -12.83 -67.35 13.40
C THR C 259 -12.72 -65.86 13.04
N ALA C 260 -11.81 -65.56 12.11
CA ALA C 260 -11.52 -64.21 11.60
C ALA C 260 -12.62 -63.61 10.70
N GLY C 261 -13.45 -64.45 10.12
CA GLY C 261 -14.52 -64.04 9.22
C GLY C 261 -13.98 -63.35 7.98
N ALA C 262 -14.56 -62.20 7.61
CA ALA C 262 -14.08 -61.49 6.45
C ALA C 262 -14.35 -59.99 6.55
N ALA C 263 -13.30 -59.20 6.51
CA ALA C 263 -13.40 -57.73 6.55
C ALA C 263 -12.13 -57.10 6.01
N ALA C 264 -12.20 -55.86 5.55
CA ALA C 264 -10.95 -55.23 5.14
C ALA C 264 -10.87 -53.79 5.53
N TYR C 265 -9.67 -53.33 5.82
CA TYR C 265 -9.53 -51.92 6.07
C TYR C 265 -8.26 -51.35 5.53
N TYR C 266 -8.34 -50.07 5.28
CA TYR C 266 -7.30 -49.32 4.68
C TYR C 266 -6.87 -48.13 5.50
N VAL C 267 -5.58 -47.94 5.63
CA VAL C 267 -5.09 -46.80 6.39
C VAL C 267 -4.11 -45.95 5.63
N GLY C 268 -4.40 -44.68 5.56
CA GLY C 268 -3.52 -43.74 4.90
C GLY C 268 -3.23 -42.62 5.86
N TYR C 269 -2.46 -41.66 5.44
CA TYR C 269 -2.17 -40.55 6.33
C TYR C 269 -2.44 -39.26 5.65
N LEU C 270 -2.86 -38.31 6.43
CA LEU C 270 -3.17 -37.01 5.89
C LEU C 270 -1.91 -36.17 5.88
N GLN C 271 -1.80 -35.31 4.89
CA GLN C 271 -0.68 -34.41 4.77
C GLN C 271 -1.18 -33.04 4.42
N PRO C 272 -0.50 -31.96 4.77
CA PRO C 272 -0.91 -30.66 4.37
C PRO C 272 -0.85 -30.53 2.88
N ARG C 273 -1.95 -30.09 2.31
CA ARG C 273 -2.12 -29.92 0.90
C ARG C 273 -3.04 -28.79 0.57
N THR C 274 -2.89 -28.30 -0.64
CA THR C 274 -3.78 -27.29 -1.12
C THR C 274 -4.62 -27.96 -2.17
N PHE C 275 -5.92 -27.77 -2.03
CA PHE C 275 -6.88 -28.29 -2.96
C PHE C 275 -7.79 -27.27 -3.56
N LEU C 276 -8.11 -27.50 -4.81
CA LEU C 276 -9.12 -26.69 -5.47
C LEU C 276 -10.38 -27.52 -5.48
N LEU C 277 -11.41 -27.06 -4.82
CA LEU C 277 -12.63 -27.84 -4.74
C LEU C 277 -13.66 -27.32 -5.69
N LYS C 278 -14.43 -28.22 -6.26
CA LYS C 278 -15.52 -27.82 -7.12
C LYS C 278 -16.87 -28.14 -6.54
N TYR C 279 -17.68 -27.09 -6.37
CA TYR C 279 -19.02 -27.22 -5.85
C TYR C 279 -20.05 -27.19 -6.96
N ASN C 280 -21.11 -27.94 -6.80
CA ASN C 280 -22.20 -27.92 -7.76
C ASN C 280 -23.27 -26.96 -7.33
N GLU C 281 -24.35 -26.88 -8.09
CA GLU C 281 -25.42 -25.94 -7.78
C GLU C 281 -26.20 -26.20 -6.48
N ASN C 282 -26.11 -27.41 -5.89
CA ASN C 282 -26.76 -27.79 -4.63
C ASN C 282 -25.78 -27.73 -3.44
N GLY C 283 -24.55 -27.21 -3.67
CA GLY C 283 -23.50 -27.01 -2.71
C GLY C 283 -22.72 -28.25 -2.32
N THR C 284 -22.79 -29.31 -3.09
CA THR C 284 -22.02 -30.44 -2.65
C THR C 284 -20.71 -30.38 -3.39
N ILE C 285 -19.73 -31.11 -2.92
CA ILE C 285 -18.46 -31.13 -3.60
C ILE C 285 -18.48 -32.27 -4.58
N THR C 286 -18.21 -31.98 -5.83
CA THR C 286 -18.24 -33.03 -6.84
C THR C 286 -16.87 -33.40 -7.33
N ASP C 287 -15.92 -32.49 -7.20
CA ASP C 287 -14.58 -32.81 -7.66
C ASP C 287 -13.51 -32.05 -6.88
N ALA C 288 -12.25 -32.31 -7.18
CA ALA C 288 -11.16 -31.61 -6.53
C ALA C 288 -9.82 -31.75 -7.27
N VAL C 289 -8.95 -30.75 -7.13
CA VAL C 289 -7.61 -30.86 -7.68
C VAL C 289 -6.56 -30.86 -6.61
N ASP C 290 -5.72 -31.89 -6.61
CA ASP C 290 -4.61 -31.96 -5.67
C ASP C 290 -3.50 -31.16 -6.29
N CYS C 291 -3.22 -29.96 -5.76
CA CYS C 291 -2.33 -28.96 -6.36
C CYS C 291 -0.88 -29.38 -6.28
N ALA C 292 -0.58 -30.47 -5.57
CA ALA C 292 0.79 -30.94 -5.48
C ALA C 292 1.01 -32.23 -6.25
N LEU C 293 0.01 -32.71 -6.95
CA LEU C 293 0.10 -34.01 -7.60
C LEU C 293 1.04 -34.10 -8.80
N ASP C 294 1.06 -33.07 -9.63
CA ASP C 294 1.86 -33.06 -10.86
C ASP C 294 1.76 -31.66 -11.52
N PRO C 295 2.60 -31.32 -12.51
CA PRO C 295 2.56 -30.08 -13.29
C PRO C 295 1.23 -29.73 -13.92
N LEU C 296 0.44 -30.72 -14.33
CA LEU C 296 -0.82 -30.32 -14.91
C LEU C 296 -1.73 -29.80 -13.83
N SER C 297 -1.72 -30.46 -12.68
CA SER C 297 -2.56 -30.04 -11.58
C SER C 297 -2.11 -28.69 -11.07
N GLU C 298 -0.80 -28.44 -11.07
CA GLU C 298 -0.33 -27.14 -10.61
C GLU C 298 -0.90 -26.05 -11.51
N THR C 299 -0.94 -26.32 -12.81
CA THR C 299 -1.50 -25.36 -13.74
C THR C 299 -2.99 -25.19 -13.48
N LYS C 300 -3.71 -26.28 -13.29
CA LYS C 300 -5.12 -26.14 -13.02
C LYS C 300 -5.42 -25.28 -11.78
N CYS C 301 -4.63 -25.43 -10.69
CA CYS C 301 -4.80 -24.67 -9.46
C CYS C 301 -4.46 -23.20 -9.67
N THR C 302 -3.40 -22.88 -10.40
CA THR C 302 -3.09 -21.46 -10.55
C THR C 302 -4.14 -20.75 -11.38
N LEU C 303 -4.74 -21.47 -12.32
CA LEU C 303 -5.74 -20.90 -13.19
C LEU C 303 -7.14 -21.02 -12.64
N LYS C 304 -7.30 -21.64 -11.48
CA LYS C 304 -8.61 -21.84 -10.91
C LYS C 304 -9.54 -22.49 -11.89
N SER C 305 -9.10 -23.56 -12.52
CA SER C 305 -9.91 -24.22 -13.50
C SER C 305 -9.68 -25.70 -13.58
N PHE C 306 -10.70 -26.43 -13.97
CA PHE C 306 -10.56 -27.86 -14.17
C PHE C 306 -10.31 -28.19 -15.63
N THR C 307 -10.24 -27.14 -16.46
CA THR C 307 -9.96 -27.20 -17.90
C THR C 307 -8.83 -26.23 -18.27
N VAL C 308 -7.86 -26.72 -19.04
CA VAL C 308 -6.74 -25.87 -19.42
C VAL C 308 -6.58 -25.74 -20.93
N GLU C 309 -6.50 -24.51 -21.38
CA GLU C 309 -6.33 -24.18 -22.78
C GLU C 309 -4.93 -24.41 -23.25
N LYS C 310 -4.76 -24.59 -24.54
CA LYS C 310 -3.44 -24.80 -25.08
C LYS C 310 -2.55 -23.58 -24.89
N GLY C 311 -1.31 -23.80 -24.46
CA GLY C 311 -0.36 -22.70 -24.28
C GLY C 311 0.63 -22.95 -23.16
N ILE C 312 1.33 -21.90 -22.75
CA ILE C 312 2.31 -22.04 -21.68
C ILE C 312 1.93 -21.27 -20.46
N TYR C 313 1.96 -21.96 -19.35
CA TYR C 313 1.60 -21.32 -18.11
C TYR C 313 2.79 -21.26 -17.18
N GLN C 314 2.89 -20.21 -16.40
CA GLN C 314 3.98 -20.05 -15.46
C GLN C 314 3.58 -20.47 -14.05
N THR C 315 4.26 -21.47 -13.51
CA THR C 315 3.90 -21.99 -12.20
C THR C 315 5.11 -22.25 -11.29
N SER C 316 4.84 -22.33 -9.98
CA SER C 316 5.82 -22.74 -8.98
C SER C 316 7.20 -22.08 -9.13
N ASN C 317 8.24 -22.80 -8.72
CA ASN C 317 9.61 -22.35 -8.83
C ASN C 317 10.53 -23.59 -8.75
N PHE C 318 11.83 -23.38 -8.66
CA PHE C 318 12.73 -24.54 -8.38
C PHE C 318 13.55 -24.27 -7.13
N ARG C 319 13.06 -24.70 -5.96
CA ARG C 319 13.67 -24.34 -4.65
C ARG C 319 14.33 -25.56 -4.01
N VAL C 320 15.60 -25.77 -4.36
CA VAL C 320 16.64 -26.62 -3.79
C VAL C 320 16.77 -26.32 -2.31
N GLN C 321 16.72 -27.37 -1.51
CA GLN C 321 16.72 -27.21 -0.08
C GLN C 321 18.07 -27.47 0.56
N PRO C 322 18.36 -26.88 1.72
CA PRO C 322 19.51 -27.15 2.51
C PRO C 322 19.36 -28.53 3.08
N THR C 323 20.47 -29.20 3.31
CA THR C 323 20.41 -30.56 3.85
C THR C 323 20.87 -30.68 5.29
N GLU C 324 21.63 -29.72 5.76
CA GLU C 324 22.18 -29.72 7.09
C GLU C 324 22.43 -28.31 7.50
N SER C 325 22.55 -28.06 8.80
CA SER C 325 22.88 -26.74 9.27
C SER C 325 24.34 -26.64 9.68
N ILE C 326 24.84 -25.42 9.69
CA ILE C 326 26.19 -25.09 10.12
C ILE C 326 26.19 -24.00 11.13
N VAL C 327 26.98 -24.16 12.18
CA VAL C 327 27.14 -23.11 13.17
C VAL C 327 28.61 -22.78 13.39
N ARG C 328 29.00 -21.53 13.28
CA ARG C 328 30.40 -21.18 13.53
C ARG C 328 30.56 -19.95 14.41
N PHE C 329 31.27 -20.13 15.51
CA PHE C 329 31.54 -19.05 16.43
C PHE C 329 33.01 -18.99 16.79
N PRO C 330 33.53 -17.84 17.20
CA PRO C 330 34.88 -17.71 17.70
C PRO C 330 34.93 -18.60 18.92
N ASN C 331 36.11 -19.18 19.24
CA ASN C 331 36.31 -19.99 20.44
C ASN C 331 36.72 -19.09 21.62
N ILE C 332 35.76 -18.82 22.52
CA ILE C 332 35.85 -17.94 23.67
C ILE C 332 36.02 -18.77 24.92
N THR C 333 37.07 -18.46 25.67
CA THR C 333 37.47 -19.25 26.82
C THR C 333 36.95 -18.82 28.17
N ASN C 334 36.27 -17.69 28.25
CA ASN C 334 35.81 -17.19 29.53
C ASN C 334 34.30 -17.28 29.70
N LEU C 335 33.87 -17.34 30.95
CA LEU C 335 32.44 -17.17 31.23
C LEU C 335 32.34 -15.73 31.69
N CYS C 336 31.23 -15.05 31.37
CA CYS C 336 31.00 -13.64 31.67
C CYS C 336 30.85 -13.36 33.17
N PRO C 337 31.54 -12.32 33.69
CA PRO C 337 31.58 -11.89 35.07
C PRO C 337 30.35 -11.13 35.47
N PHE C 338 29.22 -11.80 35.49
CA PHE C 338 27.99 -11.11 35.85
C PHE C 338 27.62 -11.17 37.31
N GLY C 339 28.36 -11.92 38.12
CA GLY C 339 28.00 -11.97 39.54
C GLY C 339 28.09 -10.58 40.12
N GLU C 340 29.05 -9.82 39.61
CA GLU C 340 29.32 -8.45 39.97
C GLU C 340 28.23 -7.48 39.60
N VAL C 341 27.39 -7.86 38.67
CA VAL C 341 26.36 -7.00 38.17
C VAL C 341 25.06 -7.25 38.86
N PHE C 342 24.65 -8.50 38.90
CA PHE C 342 23.37 -8.85 39.45
C PHE C 342 23.32 -9.11 40.95
N ASN C 343 24.37 -9.74 41.52
CA ASN C 343 24.44 -10.19 42.91
C ASN C 343 25.34 -9.30 43.81
N ALA C 344 25.65 -8.07 43.37
CA ALA C 344 26.49 -7.09 44.05
C ALA C 344 25.90 -6.65 45.37
N THR C 345 26.76 -6.34 46.32
CA THR C 345 26.31 -5.90 47.62
C THR C 345 25.93 -4.44 47.63
N ARG C 346 26.42 -3.70 46.67
CA ARG C 346 26.11 -2.29 46.57
C ARG C 346 25.81 -1.89 45.16
N PHE C 347 24.74 -1.16 45.05
CA PHE C 347 24.27 -0.53 43.84
C PHE C 347 24.38 0.95 44.03
N ALA C 348 24.55 1.65 42.94
CA ALA C 348 24.61 3.10 42.95
C ALA C 348 23.23 3.70 43.10
N SER C 349 23.18 4.94 43.54
CA SER C 349 21.93 5.64 43.51
C SER C 349 21.73 5.88 42.04
N VAL C 350 20.53 6.18 41.59
CA VAL C 350 20.38 6.30 40.14
C VAL C 350 21.19 7.47 39.69
N TYR C 351 21.14 8.50 40.49
CA TYR C 351 21.84 9.72 40.26
C TYR C 351 23.24 9.52 39.75
N ALA C 352 23.95 8.55 40.30
CA ALA C 352 25.30 8.30 39.93
C ALA C 352 25.42 6.84 39.58
N TRP C 353 24.55 6.40 38.69
CA TRP C 353 24.44 5.02 38.25
C TRP C 353 25.75 4.46 37.73
N ASN C 354 25.97 3.17 37.94
CA ASN C 354 27.20 2.51 37.51
C ASN C 354 27.09 1.97 36.11
N ARG C 355 28.23 1.84 35.42
CA ARG C 355 28.26 1.24 34.09
C ARG C 355 29.39 0.25 33.91
N LYS C 356 29.07 -1.03 33.75
CA LYS C 356 30.10 -2.05 33.60
C LYS C 356 30.16 -2.66 32.21
N ARG C 357 31.35 -2.71 31.64
CA ARG C 357 31.52 -3.31 30.32
C ARG C 357 31.76 -4.81 30.44
N ILE C 358 31.09 -5.58 29.59
CA ILE C 358 31.22 -7.03 29.51
C ILE C 358 31.86 -7.39 28.18
N SER C 359 32.90 -8.22 28.19
CA SER C 359 33.54 -8.60 26.94
C SER C 359 34.32 -9.91 27.04
N ASN C 360 34.65 -10.46 25.87
CA ASN C 360 35.46 -11.67 25.67
C ASN C 360 35.02 -12.85 26.50
N CYS C 361 33.71 -13.16 26.45
CA CYS C 361 33.10 -14.19 27.29
C CYS C 361 31.81 -14.80 26.75
N VAL C 362 31.46 -15.91 27.36
CA VAL C 362 30.22 -16.60 27.09
C VAL C 362 29.16 -16.33 28.13
N ALA C 363 27.97 -16.00 27.66
CA ALA C 363 26.88 -15.72 28.57
C ALA C 363 25.66 -16.52 28.24
N ASP C 364 25.22 -17.29 29.22
CA ASP C 364 24.02 -18.09 29.12
C ASP C 364 22.85 -17.34 29.71
N TYR C 365 21.94 -16.89 28.87
CA TYR C 365 20.88 -16.03 29.37
C TYR C 365 19.67 -16.80 29.81
N SER C 366 19.76 -18.12 29.70
CA SER C 366 18.69 -19.02 30.09
C SER C 366 18.47 -18.88 31.56
N VAL C 367 19.57 -18.75 32.28
CA VAL C 367 19.51 -18.69 33.71
C VAL C 367 18.80 -17.45 34.19
N LEU C 368 19.13 -16.28 33.66
CA LEU C 368 18.46 -15.10 34.16
C LEU C 368 17.01 -15.12 33.79
N TYR C 369 16.72 -15.61 32.59
CA TYR C 369 15.36 -15.60 32.16
C TYR C 369 14.48 -16.52 32.96
N ASN C 370 14.95 -17.74 33.20
CA ASN C 370 14.18 -18.71 33.93
C ASN C 370 14.07 -18.38 35.42
N SER C 371 15.05 -17.68 35.97
CA SER C 371 14.96 -17.35 37.37
C SER C 371 13.70 -16.58 37.73
N ALA C 372 13.09 -17.01 38.81
CA ALA C 372 11.86 -16.43 39.32
C ALA C 372 12.09 -15.27 40.28
N SER C 373 13.35 -14.93 40.53
CA SER C 373 13.65 -13.88 41.50
C SER C 373 13.37 -12.47 40.98
N PHE C 374 13.17 -12.33 39.68
CA PHE C 374 12.99 -11.00 39.12
C PHE C 374 11.55 -10.54 39.16
N SER C 375 11.35 -9.25 39.47
CA SER C 375 10.01 -8.70 39.47
C SER C 375 9.63 -8.30 38.06
N THR C 376 10.66 -7.98 37.28
CA THR C 376 10.48 -7.62 35.89
C THR C 376 11.66 -8.04 35.04
N PHE C 377 11.38 -8.36 33.79
CA PHE C 377 12.37 -8.77 32.81
C PHE C 377 11.87 -8.35 31.45
N LYS C 378 12.06 -7.08 31.11
CA LYS C 378 11.52 -6.56 29.86
C LYS C 378 12.59 -6.32 28.81
N CYS C 379 12.52 -7.00 27.65
CA CYS C 379 13.46 -6.85 26.56
C CYS C 379 12.84 -6.06 25.41
N TYR C 380 13.68 -5.24 24.82
CA TYR C 380 13.37 -4.40 23.70
C TYR C 380 14.28 -4.76 22.55
N GLY C 381 13.70 -5.04 21.40
CA GLY C 381 14.51 -5.35 20.23
C GLY C 381 14.96 -6.80 20.17
N VAL C 382 14.64 -7.57 21.18
CA VAL C 382 15.03 -8.96 21.22
C VAL C 382 14.13 -9.77 22.12
N SER C 383 13.84 -10.97 21.71
CA SER C 383 13.11 -11.91 22.55
C SER C 383 14.10 -12.56 23.50
N PRO C 384 13.84 -12.67 24.81
CA PRO C 384 14.71 -13.32 25.77
C PRO C 384 15.11 -14.73 25.33
N THR C 385 14.22 -15.40 24.61
CA THR C 385 14.45 -16.74 24.12
C THR C 385 15.52 -16.75 23.03
N LYS C 386 15.47 -15.74 22.17
CA LYS C 386 16.35 -15.64 21.02
C LYS C 386 17.67 -15.05 21.44
N LEU C 387 17.65 -14.25 22.50
CA LEU C 387 18.80 -13.56 23.03
C LEU C 387 19.92 -14.50 23.30
N ASN C 388 19.59 -15.68 23.77
CA ASN C 388 20.61 -16.63 24.12
C ASN C 388 21.48 -17.07 22.95
N ASP C 389 21.00 -16.99 21.72
CA ASP C 389 21.77 -17.44 20.56
C ASP C 389 22.39 -16.30 19.75
N LEU C 390 22.32 -15.07 20.25
CA LEU C 390 22.85 -13.94 19.51
C LEU C 390 24.25 -13.62 20.01
N CYS C 391 25.09 -12.96 19.18
CA CYS C 391 26.45 -12.55 19.56
C CYS C 391 26.60 -11.05 19.33
N PHE C 392 27.25 -10.44 20.30
CA PHE C 392 27.35 -9.02 20.50
C PHE C 392 28.70 -8.41 20.79
N THR C 393 28.72 -7.10 20.62
CA THR C 393 29.82 -6.30 21.08
C THR C 393 29.32 -5.20 21.97
N ASN C 394 30.26 -4.58 22.67
CA ASN C 394 29.97 -3.41 23.46
C ASN C 394 28.81 -3.61 24.39
N VAL C 395 28.79 -4.74 25.08
CA VAL C 395 27.70 -4.99 25.99
C VAL C 395 27.95 -4.32 27.30
N TYR C 396 26.97 -3.56 27.78
CA TYR C 396 27.11 -2.88 29.04
C TYR C 396 25.98 -3.14 29.99
N ALA C 397 26.32 -3.24 31.26
CA ALA C 397 25.32 -3.39 32.28
C ALA C 397 25.27 -2.17 33.18
N ASP C 398 24.20 -1.40 33.07
CA ASP C 398 24.07 -0.21 33.89
C ASP C 398 23.40 -0.64 35.17
N SER C 399 23.75 -0.06 36.31
CA SER C 399 23.01 -0.47 37.51
C SER C 399 22.81 0.61 38.56
N PHE C 400 21.68 0.47 39.24
CA PHE C 400 21.24 1.39 40.29
C PHE C 400 20.07 0.94 41.16
N VAL C 401 19.86 1.67 42.26
CA VAL C 401 18.68 1.49 43.11
C VAL C 401 17.62 2.56 42.94
N ILE C 402 16.39 2.12 42.76
CA ILE C 402 15.22 2.98 42.62
C ILE C 402 14.10 2.63 43.55
N ARG C 403 13.18 3.57 43.70
CA ARG C 403 11.97 3.31 44.44
C ARG C 403 11.04 2.48 43.54
N GLY C 404 10.19 1.66 44.11
CA GLY C 404 9.28 0.85 43.30
C GLY C 404 8.41 1.61 42.29
N ASP C 405 8.00 2.84 42.59
CA ASP C 405 7.16 3.58 41.65
C ASP C 405 7.92 4.15 40.48
N GLU C 406 9.24 4.01 40.51
CA GLU C 406 10.11 4.51 39.47
C GLU C 406 10.44 3.41 38.47
N VAL C 407 9.92 2.20 38.66
CA VAL C 407 10.24 1.11 37.76
C VAL C 407 9.78 1.45 36.35
N ARG C 408 8.63 2.09 36.25
CA ARG C 408 8.06 2.46 34.96
C ARG C 408 8.90 3.48 34.20
N GLN C 409 9.83 4.15 34.87
CA GLN C 409 10.61 5.16 34.19
C GLN C 409 11.83 4.58 33.52
N ILE C 410 12.18 3.33 33.81
CA ILE C 410 13.37 2.84 33.15
C ILE C 410 12.88 2.20 31.88
N ALA C 411 12.63 3.04 30.90
CA ALA C 411 12.03 2.61 29.66
C ALA C 411 12.30 3.64 28.55
N PRO C 412 12.36 3.20 27.29
CA PRO C 412 12.68 3.98 26.12
C PRO C 412 11.58 4.91 25.69
N GLY C 413 11.49 6.05 26.34
CA GLY C 413 10.45 7.01 26.01
C GLY C 413 9.57 7.42 27.18
N GLN C 414 9.87 6.93 28.37
CA GLN C 414 9.06 7.35 29.50
C GLN C 414 9.67 8.59 30.10
N THR C 415 8.87 9.36 30.82
CA THR C 415 9.31 10.60 31.47
C THR C 415 9.06 10.58 32.98
N GLY C 416 9.68 11.51 33.71
CA GLY C 416 9.54 11.56 35.16
C GLY C 416 10.85 12.00 35.82
N LYS C 417 10.93 12.02 37.14
CA LYS C 417 12.17 12.51 37.72
C LYS C 417 13.38 11.65 37.39
N ILE C 418 13.20 10.36 37.25
CA ILE C 418 14.34 9.54 36.92
C ILE C 418 14.59 9.62 35.45
N ALA C 419 13.54 9.40 34.68
CA ALA C 419 13.71 9.37 33.25
C ALA C 419 14.30 10.67 32.75
N ASP C 420 13.93 11.80 33.35
CA ASP C 420 14.44 13.05 32.91
C ASP C 420 15.67 13.55 33.65
N TYR C 421 15.83 13.27 34.97
CA TYR C 421 16.97 13.86 35.66
C TYR C 421 18.03 12.92 36.24
N ASN C 422 17.78 11.61 36.29
CA ASN C 422 18.77 10.73 36.91
C ASN C 422 19.32 9.69 35.96
N TYR C 423 18.48 9.18 35.07
CA TYR C 423 18.84 8.13 34.14
C TYR C 423 17.89 8.03 32.99
N LYS C 424 18.33 8.52 31.85
CA LYS C 424 17.52 8.53 30.66
C LYS C 424 17.86 7.33 29.79
N LEU C 425 16.85 6.54 29.44
CA LEU C 425 17.10 5.41 28.58
C LEU C 425 16.69 5.92 27.18
N PRO C 426 17.44 5.66 26.09
CA PRO C 426 17.17 6.13 24.74
C PRO C 426 15.86 5.63 24.22
N ASP C 427 15.23 6.40 23.34
CA ASP C 427 13.98 5.94 22.73
C ASP C 427 14.33 4.77 21.81
N ASP C 428 15.49 4.85 21.19
CA ASP C 428 16.01 3.80 20.34
C ASP C 428 16.90 2.90 21.20
N PHE C 429 16.35 1.81 21.70
CA PHE C 429 17.09 0.98 22.62
C PHE C 429 16.93 -0.51 22.37
N THR C 430 18.06 -1.20 22.37
CA THR C 430 18.07 -2.63 22.27
C THR C 430 18.70 -3.16 23.53
N GLY C 431 17.98 -4.02 24.19
CA GLY C 431 18.47 -4.55 25.44
C GLY C 431 17.36 -4.94 26.38
N CYS C 432 17.73 -5.26 27.64
CA CYS C 432 16.77 -5.76 28.64
C CYS C 432 16.88 -5.01 29.97
N VAL C 433 15.72 -4.69 30.53
CA VAL C 433 15.65 -4.06 31.83
C VAL C 433 15.17 -5.11 32.82
N ILE C 434 16.05 -5.45 33.75
CA ILE C 434 15.80 -6.49 34.70
C ILE C 434 15.84 -5.93 36.11
N ALA C 435 14.86 -6.24 36.92
CA ALA C 435 14.87 -5.67 38.25
C ALA C 435 14.18 -6.55 39.27
N TRP C 436 14.56 -6.36 40.53
CA TRP C 436 13.96 -7.09 41.62
C TRP C 436 13.90 -6.28 42.90
N ASN C 437 12.97 -6.65 43.79
CA ASN C 437 12.78 -6.00 45.07
C ASN C 437 13.94 -6.29 45.99
N SER C 438 14.49 -5.25 46.60
CA SER C 438 15.64 -5.37 47.48
C SER C 438 15.35 -4.86 48.87
N ASN C 439 14.09 -4.84 49.28
CA ASN C 439 13.73 -4.30 50.59
C ASN C 439 14.51 -4.97 51.72
N ASN C 440 14.78 -6.25 51.61
CA ASN C 440 15.49 -6.94 52.67
C ASN C 440 17.00 -6.70 52.66
N LEU C 441 17.50 -5.99 51.67
CA LEU C 441 18.92 -5.73 51.58
C LEU C 441 19.25 -4.26 51.82
N ASP C 442 18.45 -3.39 51.19
CA ASP C 442 18.68 -1.95 51.22
C ASP C 442 17.93 -1.17 52.30
N SER C 443 16.79 -1.66 52.80
CA SER C 443 16.05 -0.89 53.76
C SER C 443 16.63 -1.03 55.18
N LYS C 444 16.58 0.06 56.00
CA LYS C 444 17.07 0.11 57.39
C LYS C 444 15.97 0.59 58.33
N ASN C 450 19.87 7.17 52.63
CA ASN C 450 21.10 6.52 52.14
C ASN C 450 21.35 6.84 50.66
N TYR C 451 20.32 6.63 49.81
CA TYR C 451 20.34 6.86 48.36
C TYR C 451 19.72 8.21 48.05
N LEU C 452 20.35 8.95 47.15
CA LEU C 452 19.80 10.24 46.78
C LEU C 452 19.41 10.28 45.35
N TYR C 453 18.38 11.05 45.10
CA TYR C 453 17.83 11.21 43.77
C TYR C 453 17.75 12.68 43.41
N ARG C 454 17.97 12.97 42.13
CA ARG C 454 17.88 14.33 41.65
C ARG C 454 16.46 14.73 41.35
N LEU C 455 16.03 15.81 42.00
CA LEU C 455 14.69 16.32 41.81
C LEU C 455 14.71 17.65 41.08
N PHE C 456 15.75 18.44 41.35
CA PHE C 456 15.87 19.76 40.78
C PHE C 456 17.04 19.88 39.82
N ARG C 457 16.73 19.91 38.52
CA ARG C 457 17.74 19.96 37.48
C ARG C 457 17.32 21.01 36.46
N LYS C 458 18.30 21.72 35.91
CA LYS C 458 18.08 22.77 34.91
C LYS C 458 17.46 22.27 33.60
N SER C 459 17.85 21.08 33.18
CA SER C 459 17.37 20.52 31.93
C SER C 459 17.34 19.01 31.98
N ASN C 460 16.64 18.42 31.02
CA ASN C 460 16.54 16.98 30.96
C ASN C 460 17.83 16.37 30.44
N LEU C 461 18.09 15.14 30.86
CA LEU C 461 19.27 14.39 30.47
C LEU C 461 19.19 13.75 29.10
N LYS C 462 20.36 13.60 28.50
CA LYS C 462 20.50 12.88 27.25
C LYS C 462 20.54 11.41 27.61
N PRO C 463 20.18 10.50 26.72
CA PRO C 463 20.27 9.09 26.97
C PRO C 463 21.66 8.72 27.40
N PHE C 464 21.73 7.92 28.46
CA PHE C 464 22.95 7.44 29.08
C PHE C 464 23.88 8.52 29.61
N GLU C 465 23.35 9.70 29.88
CA GLU C 465 24.14 10.75 30.50
C GLU C 465 24.20 10.52 32.01
N ARG C 466 25.37 10.72 32.60
CA ARG C 466 25.50 10.62 34.05
C ARG C 466 26.09 11.92 34.58
N ASP C 467 25.21 12.82 34.97
CA ASP C 467 25.59 14.16 35.45
C ASP C 467 25.49 14.23 36.95
N ILE C 468 26.63 14.30 37.61
CA ILE C 468 26.62 14.25 39.05
C ILE C 468 27.09 15.50 39.77
N SER C 469 27.00 16.67 39.14
CA SER C 469 27.30 17.88 39.93
C SER C 469 26.20 18.08 40.96
N THR C 470 26.56 18.43 42.20
CA THR C 470 25.57 18.63 43.26
C THR C 470 25.44 20.09 43.74
N GLU C 471 25.92 21.02 42.93
CA GLU C 471 25.88 22.44 43.32
C GLU C 471 24.44 22.98 43.51
N ILE C 472 24.25 23.76 44.58
CA ILE C 472 22.99 24.43 44.96
C ILE C 472 22.74 25.59 44.03
N TYR C 473 21.54 25.73 43.46
CA TYR C 473 21.34 26.81 42.50
C TYR C 473 19.94 27.40 42.41
N GLN C 474 19.86 28.54 41.72
CA GLN C 474 18.62 29.29 41.51
C GLN C 474 17.54 28.56 40.77
N ALA C 475 16.35 28.58 41.37
CA ALA C 475 15.15 28.00 40.78
C ALA C 475 14.22 29.09 40.31
N GLY C 476 14.09 30.12 41.16
CA GLY C 476 13.19 31.23 40.94
C GLY C 476 13.91 32.53 40.67
N SER C 477 13.35 33.59 41.22
CA SER C 477 13.72 35.00 41.08
C SER C 477 14.98 35.49 41.76
N THR C 478 15.48 34.74 42.71
CA THR C 478 16.61 35.15 43.50
C THR C 478 17.94 34.90 42.78
N PRO C 479 18.78 35.93 42.57
CA PRO C 479 20.04 35.85 41.86
C PRO C 479 21.16 35.26 42.71
N CYS C 480 21.09 33.95 43.00
CA CYS C 480 22.05 33.26 43.86
C CYS C 480 22.32 31.83 43.42
N ASN C 481 23.39 31.33 44.00
CA ASN C 481 23.87 29.99 43.90
C ASN C 481 24.27 29.75 45.32
N GLY C 482 24.22 28.53 45.78
CA GLY C 482 24.48 28.37 47.18
C GLY C 482 23.29 29.07 47.83
N VAL C 483 23.49 29.65 49.01
CA VAL C 483 22.40 30.35 49.68
C VAL C 483 21.08 29.59 49.59
N GLU C 484 21.10 28.33 49.99
CA GLU C 484 19.90 27.55 49.90
C GLU C 484 18.82 28.18 50.77
N GLY C 485 17.62 28.29 50.22
CA GLY C 485 16.47 28.85 50.89
C GLY C 485 15.68 29.72 49.93
N PHE C 486 14.45 30.08 50.32
CA PHE C 486 13.59 30.89 49.44
C PHE C 486 13.54 30.22 48.07
N ASN C 487 14.15 30.84 47.05
CA ASN C 487 14.12 30.32 45.68
C ASN C 487 15.43 29.72 45.07
N CYS C 488 16.45 29.31 45.91
CA CYS C 488 17.70 28.58 45.52
C CYS C 488 17.66 27.24 46.27
N TYR C 489 17.91 26.13 45.57
CA TYR C 489 17.79 24.84 46.25
C TYR C 489 18.92 23.85 45.99
N PHE C 490 19.16 22.97 46.96
CA PHE C 490 20.05 21.87 46.73
C PHE C 490 19.34 20.91 45.80
N PRO C 491 19.97 20.44 44.71
CA PRO C 491 19.40 19.55 43.73
C PRO C 491 18.91 18.14 44.12
N LEU C 492 19.42 17.55 45.19
CA LEU C 492 18.99 16.19 45.51
C LEU C 492 18.31 16.02 46.83
N GLN C 493 17.50 14.99 46.88
CA GLN C 493 16.83 14.59 48.10
C GLN C 493 17.09 13.16 48.42
N SER C 494 17.37 12.87 49.68
CA SER C 494 17.52 11.49 50.01
C SER C 494 16.16 10.86 50.19
N TYR C 495 16.11 9.62 49.82
CA TYR C 495 14.95 8.80 50.01
C TYR C 495 15.37 7.56 50.71
N GLY C 496 15.50 7.66 52.02
CA GLY C 496 16.01 6.53 52.75
C GLY C 496 14.99 5.43 52.65
N PHE C 497 15.48 4.21 52.62
CA PHE C 497 14.62 3.10 52.53
C PHE C 497 14.48 2.48 53.89
N GLN C 498 13.25 2.19 54.27
CA GLN C 498 12.92 1.64 55.55
C GLN C 498 12.01 0.43 55.31
N PRO C 499 11.98 -0.58 56.19
CA PRO C 499 11.11 -1.74 56.15
C PRO C 499 9.64 -1.37 56.21
N THR C 500 9.37 -0.15 56.66
CA THR C 500 8.03 0.36 56.80
C THR C 500 7.54 1.10 55.57
N ASN C 501 8.38 1.24 54.56
CA ASN C 501 7.95 1.94 53.36
C ASN C 501 6.95 1.08 52.59
N GLY C 502 5.98 1.73 51.93
CA GLY C 502 5.03 0.96 51.13
C GLY C 502 5.77 0.50 49.90
N VAL C 503 5.16 -0.35 49.08
CA VAL C 503 5.92 -0.93 47.98
C VAL C 503 6.46 0.07 46.99
N GLY C 504 5.76 1.17 46.78
CA GLY C 504 6.21 2.17 45.83
C GLY C 504 7.49 2.86 46.29
N TYR C 505 7.78 2.72 47.58
CA TYR C 505 8.93 3.31 48.21
C TYR C 505 9.91 2.27 48.69
N GLN C 506 9.71 1.02 48.29
CA GLN C 506 10.68 0.01 48.65
C GLN C 506 11.73 0.14 47.59
N PRO C 507 12.98 -0.18 47.89
CA PRO C 507 14.04 -0.16 46.94
C PRO C 507 13.95 -1.34 46.02
N TYR C 508 14.39 -1.12 44.79
CA TYR C 508 14.60 -2.12 43.76
C TYR C 508 15.98 -2.00 43.16
N ARG C 509 16.56 -3.14 42.89
CA ARG C 509 17.85 -3.24 42.24
C ARG C 509 17.64 -3.48 40.77
N VAL C 510 18.15 -2.55 39.98
CA VAL C 510 17.94 -2.55 38.55
C VAL C 510 19.22 -2.69 37.78
N VAL C 511 19.19 -3.62 36.83
CA VAL C 511 20.28 -3.83 35.92
C VAL C 511 19.77 -3.67 34.49
N VAL C 512 20.41 -2.83 33.70
CA VAL C 512 19.99 -2.66 32.33
C VAL C 512 21.06 -3.16 31.40
N LEU C 513 20.72 -4.13 30.58
CA LEU C 513 21.70 -4.69 29.67
C LEU C 513 21.54 -4.11 28.28
N SER C 514 22.51 -3.31 27.89
CA SER C 514 22.55 -2.62 26.61
C SER C 514 23.44 -3.35 25.64
N PHE C 515 22.93 -3.63 24.44
CA PHE C 515 23.73 -4.43 23.50
C PHE C 515 23.95 -3.82 22.12
N GLU C 516 25.11 -4.08 21.50
CA GLU C 516 25.29 -3.76 20.09
C GLU C 516 25.25 -5.08 19.32
N LEU C 517 24.15 -5.30 18.61
CA LEU C 517 23.92 -6.57 17.94
C LEU C 517 24.51 -6.69 16.56
N LEU C 518 25.25 -7.80 16.32
CA LEU C 518 25.84 -8.08 15.02
C LEU C 518 26.75 -7.01 14.46
N HIS C 519 27.56 -6.45 15.33
CA HIS C 519 28.59 -5.54 14.92
C HIS C 519 29.48 -6.56 14.26
N ALA C 520 30.27 -6.24 13.25
CA ALA C 520 30.98 -7.35 12.62
C ALA C 520 31.69 -8.35 13.61
N PRO C 521 32.47 -7.92 14.63
CA PRO C 521 33.12 -8.75 15.61
C PRO C 521 32.12 -9.23 16.64
N ALA C 522 32.52 -10.18 17.47
CA ALA C 522 31.73 -10.45 18.65
C ALA C 522 32.71 -10.71 19.73
N THR C 523 32.36 -10.27 20.91
CA THR C 523 33.21 -10.45 22.05
C THR C 523 32.41 -11.15 23.14
N VAL C 524 31.12 -10.88 23.17
CA VAL C 524 30.20 -11.50 24.10
C VAL C 524 29.34 -12.37 23.19
N CYS C 525 29.26 -13.69 23.44
CA CYS C 525 28.58 -14.63 22.53
C CYS C 525 27.90 -15.71 23.37
N GLY C 526 26.77 -16.22 22.91
CA GLY C 526 26.03 -17.19 23.70
C GLY C 526 26.68 -18.58 23.71
N PRO C 527 26.13 -19.51 24.48
CA PRO C 527 26.59 -20.86 24.72
C PRO C 527 26.22 -21.80 23.60
N LYS C 528 26.73 -21.54 22.43
CA LYS C 528 26.37 -22.36 21.29
C LYS C 528 27.60 -22.99 20.70
N LYS C 529 27.53 -24.30 20.50
CA LYS C 529 28.65 -25.01 19.94
C LYS C 529 28.73 -24.86 18.46
N SER C 530 29.96 -24.85 17.97
CA SER C 530 30.21 -24.80 16.55
C SER C 530 30.15 -26.19 15.98
N THR C 531 29.97 -26.26 14.68
CA THR C 531 29.95 -27.47 13.90
C THR C 531 31.04 -27.37 12.88
N ASN C 532 31.21 -28.42 12.11
CA ASN C 532 32.17 -28.39 11.05
C ASN C 532 31.61 -27.51 9.96
N LEU C 533 32.50 -26.98 9.15
CA LEU C 533 32.11 -26.17 8.02
C LEU C 533 32.08 -27.03 6.77
N VAL C 534 30.92 -27.11 6.17
CA VAL C 534 30.70 -27.92 5.00
C VAL C 534 30.58 -27.04 3.79
N LYS C 535 31.39 -27.30 2.79
CA LYS C 535 31.43 -26.48 1.60
C LYS C 535 30.81 -27.17 0.40
N ASN C 536 30.37 -26.35 -0.55
CA ASN C 536 29.78 -26.71 -1.83
C ASN C 536 28.47 -27.48 -1.75
N LYS C 537 27.70 -27.24 -0.70
CA LYS C 537 26.39 -27.85 -0.52
C LYS C 537 25.47 -26.78 0.01
N CYS C 538 24.13 -26.91 -0.20
CA CYS C 538 23.17 -25.99 0.41
C CYS C 538 23.06 -26.28 1.88
N VAL C 539 23.31 -25.27 2.67
CA VAL C 539 23.26 -25.42 4.09
C VAL C 539 22.49 -24.30 4.72
N ASN C 540 22.09 -24.50 5.98
CA ASN C 540 21.81 -23.30 6.81
C ASN C 540 23.13 -22.73 7.33
N PHE C 541 23.13 -21.50 7.87
CA PHE C 541 24.41 -20.85 8.29
C PHE C 541 24.23 -20.14 9.64
N ASN C 542 25.32 -19.81 10.32
CA ASN C 542 25.22 -19.00 11.56
C ASN C 542 26.59 -18.40 11.90
N PHE C 543 27.09 -17.50 11.05
CA PHE C 543 28.43 -16.91 11.17
C PHE C 543 28.43 -15.77 12.13
N ASN C 544 28.87 -16.05 13.33
CA ASN C 544 28.92 -15.07 14.38
C ASN C 544 27.57 -14.39 14.58
N GLY C 545 26.48 -15.15 14.49
CA GLY C 545 25.13 -14.63 14.67
C GLY C 545 24.37 -14.34 13.37
N LEU C 546 25.04 -14.31 12.21
CA LEU C 546 24.32 -14.06 10.95
C LEU C 546 23.76 -15.34 10.38
N THR C 547 22.54 -15.28 9.89
CA THR C 547 21.91 -16.47 9.31
C THR C 547 21.47 -16.24 7.88
N GLY C 548 21.04 -17.32 7.24
CA GLY C 548 20.59 -17.33 5.86
C GLY C 548 20.80 -18.73 5.31
N THR C 549 20.42 -18.96 4.06
CA THR C 549 20.58 -20.28 3.44
C THR C 549 21.31 -20.12 2.13
N GLY C 550 22.24 -21.01 1.87
CA GLY C 550 22.94 -20.93 0.60
C GLY C 550 24.11 -21.88 0.50
N VAL C 551 24.79 -21.83 -0.62
CA VAL C 551 25.92 -22.67 -0.85
C VAL C 551 27.16 -21.89 -0.62
N LEU C 552 28.00 -22.37 0.26
CA LEU C 552 29.20 -21.65 0.58
C LEU C 552 30.41 -22.23 -0.11
N THR C 553 31.25 -21.35 -0.66
CA THR C 553 32.47 -21.77 -1.34
C THR C 553 33.66 -20.91 -0.95
N GLU C 554 34.86 -21.38 -1.27
CA GLU C 554 36.05 -20.57 -1.04
C GLU C 554 35.98 -19.32 -1.88
N SER C 555 36.43 -18.20 -1.32
CA SER C 555 36.37 -16.97 -2.05
C SER C 555 37.70 -16.28 -2.25
N ASN C 556 38.02 -16.01 -3.50
CA ASN C 556 39.28 -15.37 -3.84
C ASN C 556 39.17 -13.86 -3.76
N LYS C 557 38.86 -13.38 -2.58
CA LYS C 557 38.70 -11.97 -2.38
C LYS C 557 39.72 -11.38 -1.47
N LYS C 558 40.16 -10.21 -1.86
CA LYS C 558 41.17 -9.49 -1.13
C LYS C 558 40.60 -8.72 0.02
N PHE C 559 40.16 -9.42 1.04
CA PHE C 559 39.66 -8.69 2.19
C PHE C 559 40.83 -8.09 2.87
N LEU C 560 40.65 -6.88 3.34
CA LEU C 560 41.67 -6.20 4.08
C LEU C 560 41.69 -6.84 5.45
N PRO C 561 42.77 -6.76 6.23
CA PRO C 561 42.94 -7.36 7.54
C PRO C 561 41.86 -6.99 8.56
N PHE C 562 41.19 -5.88 8.36
CA PHE C 562 40.18 -5.45 9.28
C PHE C 562 38.78 -5.71 8.79
N GLN C 563 38.65 -6.31 7.62
CA GLN C 563 37.35 -6.60 7.06
C GLN C 563 36.95 -8.01 7.38
N GLN C 564 35.67 -8.24 7.61
CA GLN C 564 35.25 -9.60 7.85
C GLN C 564 33.89 -9.97 7.27
N PHE C 565 33.26 -9.04 6.57
CA PHE C 565 32.04 -9.36 5.83
C PHE C 565 32.12 -8.69 4.50
N GLY C 566 31.45 -9.21 3.51
CA GLY C 566 31.34 -8.51 2.24
C GLY C 566 29.87 -8.35 1.95
N ARG C 567 29.52 -7.34 1.15
CA ARG C 567 28.12 -7.07 0.81
C ARG C 567 27.81 -6.88 -0.66
N ASP C 568 26.57 -7.22 -1.00
CA ASP C 568 26.03 -7.08 -2.36
C ASP C 568 25.45 -5.68 -2.59
N ILE C 569 24.94 -5.42 -3.78
CA ILE C 569 24.39 -4.11 -4.13
C ILE C 569 23.07 -3.83 -3.40
N ALA C 570 22.44 -4.91 -2.99
CA ALA C 570 21.18 -4.93 -2.24
C ALA C 570 21.46 -4.84 -0.75
N ASP C 571 22.75 -4.76 -0.40
CA ASP C 571 23.29 -4.76 0.94
C ASP C 571 22.96 -6.02 1.71
N THR C 572 23.03 -7.15 1.03
CA THR C 572 22.82 -8.42 1.67
C THR C 572 24.18 -9.05 1.81
N THR C 573 24.32 -10.05 2.67
CA THR C 573 25.63 -10.64 2.84
C THR C 573 26.08 -11.33 1.57
N ASP C 574 27.27 -11.00 1.12
CA ASP C 574 27.88 -11.61 -0.03
C ASP C 574 28.89 -12.64 0.43
N ALA C 575 29.60 -12.28 1.49
CA ALA C 575 30.70 -13.10 1.97
C ALA C 575 30.95 -12.92 3.44
N VAL C 576 31.58 -13.91 4.03
CA VAL C 576 31.97 -13.83 5.43
C VAL C 576 33.41 -14.26 5.62
N ARG C 577 34.01 -13.82 6.71
CA ARG C 577 35.27 -14.36 7.13
C ARG C 577 34.95 -15.39 8.20
N ASP C 578 35.43 -16.61 8.06
CA ASP C 578 35.10 -17.59 9.08
C ASP C 578 35.68 -17.19 10.44
N PRO C 579 34.90 -17.28 11.54
CA PRO C 579 35.30 -17.00 12.91
C PRO C 579 36.47 -17.78 13.48
N GLN C 580 36.79 -18.98 12.99
CA GLN C 580 37.90 -19.69 13.61
C GLN C 580 39.12 -19.69 12.72
N THR C 581 38.91 -19.92 11.43
CA THR C 581 39.98 -19.90 10.46
C THR C 581 39.66 -18.68 9.69
N LEU C 582 40.57 -17.76 9.52
CA LEU C 582 40.13 -16.53 8.90
C LEU C 582 40.16 -16.53 7.38
N GLU C 583 39.39 -17.45 6.83
CA GLU C 583 39.22 -17.71 5.42
C GLU C 583 38.04 -16.94 4.89
N ILE C 584 38.13 -16.43 3.67
CA ILE C 584 36.99 -15.74 3.12
C ILE C 584 36.18 -16.71 2.32
N LEU C 585 34.90 -16.72 2.64
CA LEU C 585 33.92 -17.61 2.06
C LEU C 585 32.76 -16.85 1.42
N ASP C 586 32.37 -17.23 0.20
CA ASP C 586 31.23 -16.58 -0.46
C ASP C 586 29.97 -17.34 -0.22
N ILE C 587 28.85 -16.64 -0.12
CA ILE C 587 27.59 -17.33 0.03
C ILE C 587 26.68 -17.08 -1.16
N THR C 588 26.36 -18.13 -1.90
CA THR C 588 25.53 -17.99 -3.08
C THR C 588 24.22 -18.76 -2.93
N PRO C 589 23.04 -18.14 -3.10
CA PRO C 589 21.76 -18.82 -3.00
C PRO C 589 21.76 -20.02 -3.93
N CYS C 590 21.14 -21.13 -3.48
CA CYS C 590 21.11 -22.45 -4.12
C CYS C 590 20.62 -22.51 -5.59
N SER C 591 19.34 -22.26 -5.81
CA SER C 591 18.77 -22.31 -7.16
C SER C 591 17.40 -21.68 -7.22
N PHE C 592 17.10 -21.04 -8.33
CA PHE C 592 15.77 -20.46 -8.48
C PHE C 592 14.96 -21.14 -9.53
N GLY C 593 15.59 -21.67 -10.56
CA GLY C 593 14.79 -22.29 -11.58
C GLY C 593 13.82 -21.32 -12.23
N GLY C 594 12.55 -21.65 -12.06
CA GLY C 594 11.38 -20.95 -12.60
C GLY C 594 10.83 -21.94 -13.59
N VAL C 595 9.58 -22.32 -13.43
CA VAL C 595 9.06 -23.35 -14.29
C VAL C 595 7.81 -23.01 -15.04
N SER C 596 7.82 -23.30 -16.32
CA SER C 596 6.61 -23.10 -17.06
C SER C 596 6.18 -24.41 -17.65
N VAL C 597 4.89 -24.57 -17.85
CA VAL C 597 4.40 -25.83 -18.35
C VAL C 597 3.71 -25.63 -19.68
N ILE C 598 4.13 -26.46 -20.63
CA ILE C 598 3.65 -26.46 -21.98
C ILE C 598 2.53 -27.44 -22.08
N THR C 599 1.35 -26.94 -22.35
CA THR C 599 0.18 -27.77 -22.30
C THR C 599 -0.65 -27.80 -23.59
N PRO C 600 -0.88 -28.96 -24.21
CA PRO C 600 -1.80 -29.19 -25.31
C PRO C 600 -3.12 -28.95 -24.66
N GLY C 601 -4.15 -28.53 -25.35
CA GLY C 601 -5.36 -28.30 -24.58
C GLY C 601 -5.86 -29.62 -23.97
N THR C 602 -6.53 -29.52 -22.81
CA THR C 602 -7.04 -30.68 -22.07
C THR C 602 -8.23 -31.34 -22.72
N ASN C 603 -8.72 -30.75 -23.79
CA ASN C 603 -9.81 -31.35 -24.54
C ASN C 603 -9.23 -32.29 -25.59
N THR C 604 -7.90 -32.37 -25.63
CA THR C 604 -7.17 -33.23 -26.54
C THR C 604 -6.36 -34.25 -25.76
N SER C 605 -5.55 -33.78 -24.83
CA SER C 605 -4.66 -34.67 -24.09
C SER C 605 -4.22 -34.11 -22.76
N ASN C 606 -3.64 -34.99 -21.94
CA ASN C 606 -3.12 -34.61 -20.64
C ASN C 606 -1.61 -34.77 -20.51
N GLN C 607 -0.90 -34.77 -21.61
CA GLN C 607 0.54 -34.85 -21.53
C GLN C 607 1.04 -33.46 -21.45
N VAL C 608 2.06 -33.20 -20.67
CA VAL C 608 2.61 -31.87 -20.66
C VAL C 608 4.11 -31.93 -20.77
N ALA C 609 4.72 -30.84 -21.17
CA ALA C 609 6.17 -30.76 -21.18
C ALA C 609 6.55 -29.66 -20.22
N VAL C 610 7.66 -29.83 -19.54
CA VAL C 610 8.00 -28.82 -18.56
C VAL C 610 9.31 -28.14 -18.84
N LEU C 611 9.29 -26.82 -18.84
CA LEU C 611 10.48 -26.05 -19.07
C LEU C 611 11.04 -25.42 -17.81
N TYR C 612 12.29 -25.70 -17.55
CA TYR C 612 13.01 -25.12 -16.44
C TYR C 612 13.76 -23.97 -17.05
N GLN C 613 13.38 -22.75 -16.67
CA GLN C 613 13.84 -21.56 -17.38
C GLN C 613 15.30 -21.25 -17.40
N ASP C 614 16.02 -21.50 -16.35
CA ASP C 614 17.42 -21.10 -16.40
C ASP C 614 18.29 -22.12 -15.73
N VAL C 615 18.31 -23.29 -16.30
CA VAL C 615 19.06 -24.39 -15.74
C VAL C 615 19.87 -25.07 -16.82
N ASN C 616 20.88 -25.85 -16.40
CA ASN C 616 21.62 -26.76 -17.27
C ASN C 616 20.92 -28.11 -17.19
N CYS C 617 21.04 -28.96 -18.22
CA CYS C 617 20.41 -30.28 -18.26
C CYS C 617 21.29 -31.32 -17.56
N THR C 618 21.99 -30.82 -16.54
CA THR C 618 22.83 -31.56 -15.65
C THR C 618 22.18 -31.56 -14.27
N GLU C 619 21.13 -30.76 -14.12
CA GLU C 619 20.44 -30.59 -12.83
C GLU C 619 18.92 -30.50 -13.02
N VAL C 620 18.14 -30.89 -11.98
CA VAL C 620 16.68 -30.81 -11.92
C VAL C 620 16.28 -31.39 -10.55
N SER C 640 15.98 -39.28 -20.43
CA SER C 640 14.84 -39.51 -21.30
C SER C 640 14.11 -38.18 -21.59
N ASN C 641 14.00 -37.81 -22.91
CA ASN C 641 13.33 -36.61 -23.44
C ASN C 641 13.83 -35.30 -22.87
N VAL C 642 15.14 -35.14 -22.75
CA VAL C 642 15.63 -33.88 -22.23
C VAL C 642 16.36 -33.10 -23.29
N PHE C 643 15.85 -31.92 -23.58
CA PHE C 643 16.40 -31.07 -24.61
C PHE C 643 16.93 -29.75 -24.05
N GLN C 644 18.21 -29.49 -24.29
CA GLN C 644 18.79 -28.26 -23.78
C GLN C 644 18.63 -27.17 -24.78
N THR C 645 18.00 -26.09 -24.39
CA THR C 645 17.88 -24.97 -25.29
C THR C 645 18.28 -23.69 -24.62
N ARG C 646 18.32 -22.62 -25.39
CA ARG C 646 18.72 -21.33 -24.85
C ARG C 646 17.75 -20.84 -23.81
N ALA C 647 16.50 -21.24 -23.96
CA ALA C 647 15.43 -20.85 -23.08
C ALA C 647 15.33 -21.71 -21.82
N GLY C 648 16.23 -22.70 -21.63
CA GLY C 648 16.14 -23.56 -20.45
C GLY C 648 16.12 -25.03 -20.85
N CYS C 649 15.84 -25.93 -19.90
CA CYS C 649 15.76 -27.39 -20.17
C CYS C 649 14.33 -27.79 -20.31
N LEU C 650 14.05 -28.32 -21.47
CA LEU C 650 12.74 -28.75 -21.82
C LEU C 650 12.64 -30.23 -21.65
N ILE C 651 11.80 -30.64 -20.72
CA ILE C 651 11.71 -32.03 -20.42
C ILE C 651 10.35 -32.65 -20.73
N GLY C 652 10.40 -33.71 -21.51
CA GLY C 652 9.20 -34.45 -21.92
C GLY C 652 8.86 -34.24 -23.38
N ALA C 653 9.47 -33.26 -23.99
CA ALA C 653 9.26 -32.99 -25.40
C ALA C 653 10.24 -33.77 -26.25
N GLU C 654 9.82 -34.15 -27.44
CA GLU C 654 10.68 -34.85 -28.38
C GLU C 654 11.19 -33.91 -29.45
N HIS C 655 12.45 -33.58 -29.40
CA HIS C 655 12.98 -32.67 -30.41
C HIS C 655 13.16 -33.38 -31.73
N VAL C 656 12.80 -32.72 -32.83
CA VAL C 656 12.99 -33.33 -34.14
C VAL C 656 13.82 -32.48 -35.10
N ASN C 657 14.44 -33.15 -36.12
CA ASN C 657 15.22 -32.49 -37.19
C ASN C 657 14.27 -32.03 -38.30
N ASN C 658 13.42 -31.05 -37.97
CA ASN C 658 12.39 -30.52 -38.85
C ASN C 658 12.05 -29.11 -38.44
N SER C 659 11.15 -28.51 -39.17
CA SER C 659 10.67 -27.20 -38.82
C SER C 659 9.25 -27.09 -39.25
N TYR C 660 8.54 -26.23 -38.57
CA TYR C 660 7.13 -26.07 -38.88
C TYR C 660 6.67 -24.71 -38.48
N GLU C 661 5.42 -24.41 -38.73
CA GLU C 661 4.88 -23.17 -38.28
C GLU C 661 4.86 -23.23 -36.75
N CYS C 662 5.13 -22.10 -36.06
CA CYS C 662 5.11 -22.01 -34.61
C CYS C 662 3.69 -22.15 -34.07
N ASP C 663 3.56 -22.93 -33.01
CA ASP C 663 2.28 -23.14 -32.37
C ASP C 663 2.44 -22.63 -30.96
N ILE C 664 3.01 -23.43 -30.04
CA ILE C 664 3.21 -22.90 -28.72
C ILE C 664 4.63 -22.39 -28.65
N PRO C 665 4.87 -21.10 -28.51
CA PRO C 665 6.19 -20.56 -28.52
C PRO C 665 6.89 -20.93 -27.28
N ILE C 666 8.17 -21.21 -27.35
CA ILE C 666 8.96 -21.44 -26.16
C ILE C 666 9.94 -20.30 -25.96
N GLY C 667 10.65 -19.98 -27.02
CA GLY C 667 11.63 -18.91 -26.97
C GLY C 667 12.90 -19.27 -27.69
N ALA C 668 13.65 -18.25 -28.09
CA ALA C 668 14.92 -18.39 -28.75
C ALA C 668 14.87 -19.28 -29.97
N GLY C 669 13.84 -19.10 -30.78
CA GLY C 669 13.72 -19.85 -32.00
C GLY C 669 12.95 -21.17 -31.91
N ILE C 670 12.63 -21.60 -30.70
CA ILE C 670 11.96 -22.87 -30.50
C ILE C 670 10.49 -22.73 -30.11
N CYS C 671 9.64 -23.57 -30.72
CA CYS C 671 8.21 -23.72 -30.50
C CYS C 671 7.92 -25.19 -30.29
N ALA C 672 6.70 -25.48 -29.84
CA ALA C 672 6.30 -26.87 -29.68
C ALA C 672 4.85 -27.10 -30.03
N SER C 673 4.56 -28.35 -30.35
CA SER C 673 3.20 -28.73 -30.71
C SER C 673 2.91 -30.16 -30.38
N TYR C 674 1.64 -30.55 -30.40
CA TYR C 674 1.26 -31.92 -30.12
C TYR C 674 0.86 -32.63 -31.39
N GLN C 675 1.69 -33.56 -31.83
CA GLN C 675 1.49 -34.27 -33.11
C GLN C 675 1.90 -35.73 -33.01
N THR C 676 1.34 -36.60 -33.89
CA THR C 676 1.60 -38.05 -34.01
C THR C 676 3.11 -38.40 -33.87
N SER C 689 -0.30 -42.05 -32.07
CA SER C 689 0.85 -41.95 -31.18
C SER C 689 1.37 -40.49 -31.12
N GLN C 690 0.61 -39.61 -30.44
CA GLN C 690 0.89 -38.18 -30.29
C GLN C 690 1.71 -37.87 -29.06
N SER C 691 2.62 -36.94 -29.25
CA SER C 691 3.52 -36.47 -28.22
C SER C 691 3.83 -35.01 -28.43
N ILE C 692 4.42 -34.38 -27.43
CA ILE C 692 4.82 -33.01 -27.57
C ILE C 692 6.16 -33.00 -28.24
N ILE C 693 6.24 -32.24 -29.32
CA ILE C 693 7.40 -32.11 -30.16
C ILE C 693 8.02 -30.74 -30.14
N ALA C 694 9.32 -30.71 -29.99
CA ALA C 694 10.06 -29.45 -29.99
C ALA C 694 10.70 -29.25 -31.35
N TYR C 695 10.59 -28.05 -31.88
CA TYR C 695 11.17 -27.78 -33.18
C TYR C 695 11.55 -26.34 -33.40
N THR C 696 12.41 -26.11 -34.39
CA THR C 696 12.73 -24.75 -34.77
C THR C 696 11.62 -24.29 -35.67
N MET C 697 11.14 -23.08 -35.45
CA MET C 697 10.04 -22.65 -36.28
C MET C 697 10.53 -22.29 -37.65
N SER C 698 9.66 -22.48 -38.62
CA SER C 698 9.86 -22.05 -39.99
C SER C 698 9.56 -20.58 -40.06
N LEU C 699 10.33 -19.82 -40.82
CA LEU C 699 10.04 -18.39 -40.89
C LEU C 699 9.09 -18.03 -42.00
N GLY C 700 9.04 -18.87 -43.02
CA GLY C 700 8.23 -18.62 -44.18
C GLY C 700 8.56 -19.69 -45.21
N ALA C 701 7.80 -19.69 -46.29
CA ALA C 701 8.00 -20.64 -47.35
C ALA C 701 9.26 -20.33 -48.10
N GLU C 702 9.98 -21.34 -48.52
CA GLU C 702 11.09 -21.02 -49.36
C GLU C 702 10.55 -20.58 -50.69
N ASN C 703 11.12 -19.55 -51.27
CA ASN C 703 10.67 -19.10 -52.56
C ASN C 703 11.88 -18.58 -53.33
N SER C 704 11.64 -18.14 -54.55
CA SER C 704 12.72 -17.67 -55.38
C SER C 704 12.16 -16.82 -56.50
N CYS C 705 13.06 -16.12 -57.20
CA CYS C 705 12.80 -15.35 -58.40
C CYS C 705 14.08 -15.35 -59.20
N ALA C 706 13.99 -15.01 -60.46
CA ALA C 706 15.19 -14.95 -61.24
C ALA C 706 15.57 -13.55 -61.51
N TYR C 707 16.47 -12.98 -60.74
CA TYR C 707 16.78 -11.65 -61.15
C TYR C 707 17.48 -11.81 -62.45
N SER C 708 17.07 -11.07 -63.44
CA SER C 708 17.75 -11.16 -64.69
C SER C 708 17.52 -9.90 -65.48
N ASN C 709 18.60 -9.36 -66.07
CA ASN C 709 18.52 -8.18 -66.93
C ASN C 709 17.85 -8.60 -68.24
N ASN C 710 16.93 -7.77 -68.74
CA ASN C 710 16.11 -7.97 -69.94
C ASN C 710 15.05 -9.07 -69.80
N SER C 711 14.74 -9.50 -68.58
CA SER C 711 13.65 -10.48 -68.42
C SER C 711 12.58 -9.91 -67.52
N ILE C 712 11.35 -9.84 -68.02
CA ILE C 712 10.30 -9.28 -67.19
C ILE C 712 9.05 -10.12 -67.13
N ALA C 713 8.43 -10.21 -65.97
CA ALA C 713 7.17 -10.92 -65.88
C ALA C 713 6.02 -9.93 -65.96
N ILE C 714 4.99 -10.29 -66.71
CA ILE C 714 3.78 -9.48 -66.86
C ILE C 714 2.53 -10.32 -66.60
N PRO C 715 1.58 -9.91 -65.76
CA PRO C 715 0.37 -10.65 -65.48
C PRO C 715 -0.44 -10.82 -66.73
N THR C 716 -1.04 -11.98 -66.87
CA THR C 716 -1.94 -12.29 -67.99
C THR C 716 -3.42 -12.48 -67.56
N ASN C 717 -3.66 -12.69 -66.24
CA ASN C 717 -4.96 -12.90 -65.61
C ASN C 717 -4.90 -12.32 -64.21
N PHE C 718 -6.04 -12.28 -63.49
CA PHE C 718 -6.19 -11.76 -62.13
C PHE C 718 -7.25 -12.50 -61.36
N THR C 719 -7.14 -12.39 -60.06
CA THR C 719 -8.12 -12.93 -59.15
C THR C 719 -8.58 -11.88 -58.18
N ILE C 720 -9.88 -11.79 -58.01
CA ILE C 720 -10.46 -10.90 -57.06
C ILE C 720 -10.66 -11.62 -55.77
N SER C 721 -10.23 -11.03 -54.68
CA SER C 721 -10.40 -11.66 -53.39
C SER C 721 -10.90 -10.66 -52.40
N VAL C 722 -11.53 -11.14 -51.35
CA VAL C 722 -12.01 -10.24 -50.34
C VAL C 722 -11.49 -10.72 -48.99
N THR C 723 -10.90 -9.83 -48.22
CA THR C 723 -10.38 -10.24 -46.92
C THR C 723 -11.09 -9.57 -45.79
N THR C 724 -10.97 -10.13 -44.59
CA THR C 724 -11.65 -9.55 -43.44
C THR C 724 -10.72 -9.00 -42.39
N GLU C 725 -10.96 -7.77 -41.99
CA GLU C 725 -10.15 -7.10 -40.95
C GLU C 725 -11.01 -6.71 -39.76
N ILE C 726 -10.60 -7.11 -38.56
CA ILE C 726 -11.41 -6.88 -37.37
C ILE C 726 -10.78 -5.94 -36.35
N LEU C 727 -11.51 -4.91 -35.96
CA LEU C 727 -11.01 -3.98 -34.94
C LEU C 727 -12.05 -3.74 -33.85
N PRO C 728 -11.68 -3.68 -32.57
CA PRO C 728 -12.54 -3.27 -31.48
C PRO C 728 -12.72 -1.78 -31.56
N VAL C 729 -13.86 -1.30 -31.12
CA VAL C 729 -14.13 0.12 -31.06
C VAL C 729 -14.38 0.62 -29.65
N SER C 730 -15.08 -0.16 -28.85
CA SER C 730 -15.45 0.30 -27.53
C SER C 730 -15.43 -0.82 -26.52
N MET C 731 -15.44 -0.46 -25.26
CA MET C 731 -15.49 -1.45 -24.21
C MET C 731 -16.63 -1.12 -23.27
N THR C 732 -17.07 -2.10 -22.49
CA THR C 732 -18.15 -1.90 -21.58
C THR C 732 -17.90 -0.74 -20.65
N LYS C 733 -18.89 0.11 -20.53
CA LYS C 733 -18.80 1.26 -19.68
C LYS C 733 -19.27 0.86 -18.31
N THR C 734 -18.42 0.96 -17.32
CA THR C 734 -18.79 0.54 -15.99
C THR C 734 -18.62 1.67 -15.03
N SER C 735 -19.17 1.48 -13.86
CA SER C 735 -19.03 2.45 -12.81
C SER C 735 -19.00 1.79 -11.46
N VAL C 736 -18.12 2.28 -10.60
CA VAL C 736 -18.01 1.71 -9.29
C VAL C 736 -18.30 2.69 -8.22
N ASP C 737 -19.26 2.37 -7.37
CA ASP C 737 -19.53 3.29 -6.30
C ASP C 737 -18.50 2.99 -5.21
N CYS C 738 -17.63 3.99 -4.88
CA CYS C 738 -16.52 3.86 -3.94
C CYS C 738 -17.02 3.41 -2.57
N THR C 739 -18.02 4.10 -2.04
CA THR C 739 -18.53 3.76 -0.74
C THR C 739 -19.14 2.39 -0.72
N MET C 740 -19.95 2.02 -1.71
CA MET C 740 -20.53 0.69 -1.58
C MET C 740 -19.51 -0.41 -1.67
N TYR C 741 -18.46 -0.21 -2.45
CA TYR C 741 -17.43 -1.20 -2.54
C TYR C 741 -16.74 -1.37 -1.21
N ILE C 742 -16.37 -0.26 -0.58
CA ILE C 742 -15.57 -0.33 0.64
C ILE C 742 -16.38 -0.48 1.97
N CYS C 743 -17.39 0.38 2.17
CA CYS C 743 -18.18 0.57 3.39
C CYS C 743 -19.67 0.42 3.07
N GLY C 744 -20.04 -0.62 2.37
CA GLY C 744 -21.43 -0.71 2.03
C GLY C 744 -22.26 -0.75 3.29
N ASP C 745 -23.19 0.19 3.38
CA ASP C 745 -24.10 0.34 4.49
C ASP C 745 -23.47 0.34 5.88
N SER C 746 -22.33 0.99 6.03
CA SER C 746 -21.70 1.09 7.35
C SER C 746 -21.32 2.51 7.68
N THR C 747 -22.00 3.08 8.65
CA THR C 747 -21.81 4.46 9.04
C THR C 747 -20.44 4.69 9.59
N GLU C 748 -19.99 3.78 10.44
CA GLU C 748 -18.70 3.96 11.06
C GLU C 748 -17.56 3.92 10.04
N CYS C 749 -17.63 2.98 9.06
CA CYS C 749 -16.65 2.80 8.01
C CYS C 749 -16.67 4.07 7.13
N SER C 750 -17.86 4.55 6.81
CA SER C 750 -17.95 5.73 5.96
C SER C 750 -17.26 6.92 6.61
N ASN C 751 -17.46 7.10 7.91
CA ASN C 751 -16.86 8.22 8.57
C ASN C 751 -15.35 8.15 8.58
N LEU C 752 -14.80 6.93 8.55
CA LEU C 752 -13.38 6.78 8.45
C LEU C 752 -12.92 7.08 7.02
N LEU C 753 -13.76 6.81 6.01
CA LEU C 753 -13.35 7.13 4.64
C LEU C 753 -13.21 8.60 4.45
N LEU C 754 -13.96 9.39 5.18
CA LEU C 754 -13.92 10.82 5.05
C LEU C 754 -12.55 11.38 5.41
N GLN C 755 -11.73 10.61 6.09
CA GLN C 755 -10.45 11.11 6.52
C GLN C 755 -9.48 11.07 5.36
N TYR C 756 -9.89 10.47 4.25
CA TYR C 756 -9.07 10.31 3.08
C TYR C 756 -9.45 11.30 1.98
N GLY C 757 -10.27 12.28 2.33
CA GLY C 757 -10.56 13.35 1.40
C GLY C 757 -11.24 12.99 0.09
N SER C 758 -10.59 13.40 -0.99
CA SER C 758 -11.10 13.21 -2.35
C SER C 758 -10.81 11.90 -3.01
N PHE C 759 -10.17 10.95 -2.35
CA PHE C 759 -9.90 9.74 -3.11
C PHE C 759 -11.11 9.12 -3.81
N CYS C 760 -12.30 9.02 -3.17
CA CYS C 760 -13.50 8.46 -3.81
C CYS C 760 -13.95 9.30 -5.01
N THR C 761 -13.86 10.61 -4.88
CA THR C 761 -14.24 11.49 -5.96
C THR C 761 -13.35 11.28 -7.17
N GLN C 762 -12.06 11.15 -6.94
CA GLN C 762 -11.15 10.98 -8.05
C GLN C 762 -11.42 9.69 -8.79
N LEU C 763 -11.74 8.63 -8.04
CA LEU C 763 -12.02 7.36 -8.66
C LEU C 763 -13.28 7.47 -9.50
N ASN C 764 -14.27 8.20 -9.01
CA ASN C 764 -15.49 8.35 -9.77
C ASN C 764 -15.25 9.13 -11.04
N ARG C 765 -14.40 10.14 -10.98
CA ARG C 765 -14.15 10.92 -12.17
C ARG C 765 -13.43 10.12 -13.21
N ALA C 766 -12.47 9.30 -12.81
CA ALA C 766 -11.74 8.52 -13.77
C ALA C 766 -12.64 7.57 -14.52
N LEU C 767 -13.55 6.93 -13.81
CA LEU C 767 -14.41 5.98 -14.48
C LEU C 767 -15.43 6.68 -15.35
N THR C 768 -15.88 7.85 -14.94
CA THR C 768 -16.81 8.57 -15.76
C THR C 768 -16.11 8.96 -17.05
N GLY C 769 -14.88 9.44 -16.95
CA GLY C 769 -14.18 9.87 -18.14
C GLY C 769 -14.08 8.74 -19.14
N ILE C 770 -13.83 7.52 -18.66
CA ILE C 770 -13.78 6.42 -19.57
C ILE C 770 -15.13 6.19 -20.19
N ALA C 771 -16.18 6.19 -19.40
CA ALA C 771 -17.48 5.93 -19.96
C ALA C 771 -17.86 6.91 -21.07
N VAL C 772 -17.52 8.16 -20.89
CA VAL C 772 -17.86 9.14 -21.91
C VAL C 772 -17.10 8.86 -23.18
N GLU C 773 -15.82 8.57 -23.02
CA GLU C 773 -14.97 8.25 -24.13
C GLU C 773 -15.49 7.10 -24.94
N GLN C 774 -16.07 6.09 -24.31
CA GLN C 774 -16.52 4.95 -25.07
C GLN C 774 -17.64 5.31 -26.02
N ASP C 775 -18.51 6.25 -25.66
CA ASP C 775 -19.54 6.58 -26.63
C ASP C 775 -18.95 7.44 -27.70
N LYS C 776 -17.99 8.27 -27.34
CA LYS C 776 -17.35 9.10 -28.33
C LYS C 776 -16.68 8.24 -29.39
N ASN C 777 -16.02 7.16 -28.98
CA ASN C 777 -15.33 6.32 -29.92
C ASN C 777 -16.29 5.71 -30.91
N THR C 778 -17.45 5.30 -30.42
CA THR C 778 -18.40 4.69 -31.31
C THR C 778 -18.86 5.67 -32.35
N GLN C 779 -19.14 6.89 -31.93
CA GLN C 779 -19.61 7.86 -32.88
C GLN C 779 -18.55 8.19 -33.92
N GLU C 780 -17.29 8.26 -33.53
CA GLU C 780 -16.25 8.61 -34.49
C GLU C 780 -16.10 7.58 -35.58
N VAL C 781 -16.30 6.32 -35.23
CA VAL C 781 -16.17 5.28 -36.22
C VAL C 781 -17.39 5.17 -37.11
N PHE C 782 -18.59 5.19 -36.55
CA PHE C 782 -19.74 4.94 -37.40
C PHE C 782 -20.54 6.14 -37.89
N ALA C 783 -20.64 7.19 -37.12
CA ALA C 783 -21.47 8.30 -37.50
C ALA C 783 -20.69 9.30 -38.32
N GLN C 784 -20.22 8.86 -39.48
CA GLN C 784 -19.40 9.74 -40.30
C GLN C 784 -20.17 10.49 -41.36
N VAL C 785 -21.43 10.17 -41.50
CA VAL C 785 -22.25 10.83 -42.47
C VAL C 785 -23.45 11.32 -41.73
N LYS C 786 -24.10 12.34 -42.22
CA LYS C 786 -25.27 12.88 -41.54
C LYS C 786 -26.52 12.68 -42.35
N GLN C 787 -26.40 11.84 -43.35
CA GLN C 787 -27.47 11.51 -44.24
C GLN C 787 -27.67 10.02 -44.22
N ILE C 788 -28.90 9.62 -44.04
CA ILE C 788 -29.19 8.22 -43.99
C ILE C 788 -29.80 7.80 -45.29
N TYR C 789 -29.11 6.93 -46.00
CA TYR C 789 -29.54 6.50 -47.30
C TYR C 789 -30.19 5.15 -47.18
N LYS C 790 -31.19 4.92 -47.99
CA LYS C 790 -31.85 3.64 -48.00
C LYS C 790 -31.17 2.69 -48.93
N THR C 791 -31.23 1.42 -48.59
CA THR C 791 -30.75 0.39 -49.45
C THR C 791 -31.71 0.35 -50.63
N PRO C 792 -31.25 0.44 -51.88
CA PRO C 792 -32.10 0.38 -53.04
C PRO C 792 -32.84 -0.96 -53.09
N PRO C 793 -34.06 -0.98 -53.65
CA PRO C 793 -34.88 -2.15 -53.89
C PRO C 793 -34.53 -2.83 -55.20
N ILE C 794 -33.56 -2.28 -55.91
CA ILE C 794 -33.24 -2.76 -57.23
C ILE C 794 -32.15 -3.76 -57.14
N LYS C 795 -32.47 -5.00 -57.34
CA LYS C 795 -31.47 -6.02 -57.21
C LYS C 795 -30.86 -6.31 -58.56
N ASP C 796 -30.17 -5.31 -59.07
CA ASP C 796 -29.49 -5.35 -60.35
C ASP C 796 -28.29 -4.46 -60.34
N PHE C 797 -27.15 -5.05 -60.10
CA PHE C 797 -25.92 -4.34 -60.00
C PHE C 797 -24.98 -4.87 -61.04
N GLY C 798 -25.52 -5.31 -62.17
CA GLY C 798 -24.66 -5.76 -63.23
C GLY C 798 -24.03 -7.12 -62.99
N GLY C 799 -24.66 -7.95 -62.18
CA GLY C 799 -24.12 -9.26 -61.88
C GLY C 799 -23.55 -9.35 -60.49
N PHE C 800 -23.40 -8.21 -59.83
CA PHE C 800 -22.89 -8.22 -58.47
C PHE C 800 -24.07 -8.57 -57.55
N ASN C 801 -23.82 -9.37 -56.48
CA ASN C 801 -24.83 -9.86 -55.55
C ASN C 801 -25.06 -8.93 -54.33
N PHE C 802 -24.11 -8.87 -53.37
CA PHE C 802 -24.14 -8.09 -52.10
C PHE C 802 -25.21 -8.50 -51.08
N SER C 803 -25.90 -9.59 -51.27
CA SER C 803 -26.96 -9.91 -50.33
C SER C 803 -26.47 -10.28 -48.95
N GLN C 804 -25.24 -10.71 -48.80
CA GLN C 804 -24.76 -11.05 -47.48
C GLN C 804 -24.31 -9.84 -46.69
N ILE C 805 -24.10 -8.71 -47.35
CA ILE C 805 -23.63 -7.53 -46.65
C ILE C 805 -24.78 -6.57 -46.35
N LEU C 806 -25.78 -6.57 -47.23
CA LEU C 806 -26.94 -5.71 -47.08
C LEU C 806 -27.87 -6.30 -46.04
N PRO C 807 -28.66 -5.48 -45.34
CA PRO C 807 -29.56 -5.92 -44.32
C PRO C 807 -30.63 -6.79 -44.86
N ASP C 808 -30.99 -7.81 -44.10
CA ASP C 808 -32.06 -8.72 -44.43
C ASP C 808 -33.35 -8.24 -43.76
N PRO C 809 -34.35 -7.76 -44.49
CA PRO C 809 -35.56 -7.17 -43.95
C PRO C 809 -36.44 -8.17 -43.20
N SER C 810 -36.25 -9.48 -43.40
CA SER C 810 -37.12 -10.45 -42.72
C SER C 810 -36.57 -10.81 -41.35
N LYS C 811 -36.39 -9.79 -40.53
CA LYS C 811 -35.79 -9.90 -39.22
C LYS C 811 -36.37 -8.90 -38.21
N PRO C 812 -36.31 -9.20 -36.89
CA PRO C 812 -36.63 -8.29 -35.79
C PRO C 812 -35.60 -7.16 -35.67
N SER C 813 -34.43 -7.37 -36.24
CA SER C 813 -33.33 -6.44 -36.25
C SER C 813 -32.74 -6.57 -37.62
N LYS C 814 -32.67 -5.48 -38.34
CA LYS C 814 -32.27 -5.54 -39.74
C LYS C 814 -30.77 -5.63 -39.97
N ARG C 815 -30.24 -6.78 -39.63
CA ARG C 815 -28.85 -7.13 -39.79
C ARG C 815 -28.65 -7.86 -41.09
N SER C 816 -27.47 -7.74 -41.66
CA SER C 816 -27.13 -8.51 -42.83
C SER C 816 -26.88 -9.92 -42.33
N PRO C 817 -26.91 -10.95 -43.17
CA PRO C 817 -26.53 -12.30 -42.81
C PRO C 817 -25.17 -12.36 -42.13
N ILE C 818 -24.23 -11.56 -42.59
CA ILE C 818 -22.93 -11.57 -41.96
C ILE C 818 -23.00 -10.98 -40.58
N GLU C 819 -23.72 -9.89 -40.42
CA GLU C 819 -23.81 -9.30 -39.10
C GLU C 819 -24.44 -10.27 -38.13
N ASP C 820 -25.47 -11.03 -38.52
CA ASP C 820 -25.98 -11.98 -37.53
C ASP C 820 -24.94 -12.96 -37.13
N LEU C 821 -24.12 -13.40 -38.06
CA LEU C 821 -23.11 -14.34 -37.69
C LEU C 821 -22.12 -13.74 -36.69
N LEU C 822 -21.71 -12.50 -36.92
CA LEU C 822 -20.75 -11.87 -36.01
C LEU C 822 -21.33 -11.70 -34.62
N PHE C 823 -22.58 -11.32 -34.55
CA PHE C 823 -23.23 -11.12 -33.27
C PHE C 823 -23.48 -12.41 -32.55
N ASN C 824 -23.77 -13.47 -33.29
CA ASN C 824 -24.01 -14.74 -32.66
C ASN C 824 -22.73 -15.38 -32.14
N LYS C 825 -21.59 -15.09 -32.77
CA LYS C 825 -20.36 -15.72 -32.32
C LYS C 825 -19.64 -15.04 -31.16
N VAL C 826 -19.76 -13.73 -30.99
CA VAL C 826 -19.07 -13.13 -29.86
C VAL C 826 -19.89 -13.48 -28.62
N THR C 827 -19.23 -13.98 -27.57
CA THR C 827 -19.96 -14.38 -26.37
C THR C 827 -19.86 -13.29 -25.30
N LEU C 828 -21.03 -12.84 -24.79
CA LEU C 828 -21.16 -11.77 -23.79
C LEU C 828 -21.84 -12.34 -22.55
N ASP C 848 -25.93 -15.67 -10.35
CA ASP C 848 -25.54 -14.91 -11.53
C ASP C 848 -24.49 -13.87 -11.10
N LEU C 849 -23.34 -13.84 -11.82
CA LEU C 849 -22.22 -12.95 -11.59
C LEU C 849 -22.59 -11.48 -11.66
N ILE C 850 -23.52 -11.13 -12.54
CA ILE C 850 -23.84 -9.73 -12.63
C ILE C 850 -24.51 -9.25 -11.36
N CYS C 851 -25.26 -10.12 -10.68
CA CYS C 851 -25.93 -9.71 -9.47
C CYS C 851 -24.88 -9.58 -8.39
N ALA C 852 -23.95 -10.53 -8.35
CA ALA C 852 -22.93 -10.44 -7.33
C ALA C 852 -22.18 -9.13 -7.46
N GLN C 853 -21.95 -8.70 -8.69
CA GLN C 853 -21.27 -7.46 -8.90
C GLN C 853 -22.15 -6.26 -8.51
N LYS C 854 -23.44 -6.29 -8.88
CA LYS C 854 -24.36 -5.21 -8.57
C LYS C 854 -24.43 -4.94 -7.09
N PHE C 855 -24.42 -6.01 -6.34
CA PHE C 855 -24.58 -5.98 -4.92
C PHE C 855 -23.39 -5.36 -4.20
N ASN C 856 -22.27 -5.24 -4.87
CA ASN C 856 -21.07 -4.67 -4.30
C ASN C 856 -20.78 -3.30 -4.86
N GLY C 857 -21.77 -2.70 -5.51
CA GLY C 857 -21.58 -1.36 -6.03
C GLY C 857 -20.94 -1.33 -7.41
N LEU C 858 -20.88 -2.46 -8.10
CA LEU C 858 -20.28 -2.48 -9.41
C LEU C 858 -21.39 -2.51 -10.44
N THR C 859 -21.50 -1.49 -11.26
CA THR C 859 -22.58 -1.49 -12.23
C THR C 859 -22.10 -1.36 -13.65
N VAL C 860 -23.05 -1.48 -14.56
CA VAL C 860 -22.85 -1.39 -15.99
C VAL C 860 -23.77 -0.35 -16.58
N LEU C 861 -23.22 0.53 -17.37
CA LEU C 861 -24.02 1.57 -17.95
C LEU C 861 -24.37 1.18 -19.37
N PRO C 862 -25.54 1.54 -19.90
CA PRO C 862 -25.93 1.27 -21.26
C PRO C 862 -25.13 2.17 -22.17
N PRO C 863 -24.91 1.77 -23.44
CA PRO C 863 -24.29 2.52 -24.51
C PRO C 863 -25.27 3.56 -24.94
N LEU C 864 -24.80 4.66 -25.51
CA LEU C 864 -25.72 5.63 -26.04
C LEU C 864 -26.37 5.14 -27.31
N LEU C 865 -25.62 4.46 -28.16
CA LEU C 865 -26.19 3.97 -29.40
C LEU C 865 -26.45 2.48 -29.25
N THR C 866 -27.58 2.05 -29.74
CA THR C 866 -27.99 0.67 -29.66
C THR C 866 -27.50 -0.08 -30.87
N ASP C 867 -27.62 -1.41 -30.84
CA ASP C 867 -27.18 -2.20 -31.97
C ASP C 867 -27.96 -1.87 -33.22
N GLU C 868 -29.23 -1.55 -33.07
CA GLU C 868 -30.03 -1.24 -34.23
C GLU C 868 -29.57 0.05 -34.84
N MET C 869 -29.25 1.03 -34.01
CA MET C 869 -28.82 2.30 -34.52
C MET C 869 -27.51 2.16 -35.27
N ILE C 870 -26.63 1.31 -34.78
CA ILE C 870 -25.38 1.10 -35.46
C ILE C 870 -25.64 0.38 -36.76
N ALA C 871 -26.51 -0.62 -36.77
CA ALA C 871 -26.79 -1.30 -38.00
C ALA C 871 -27.34 -0.32 -39.02
N GLN C 872 -28.14 0.66 -38.59
CA GLN C 872 -28.63 1.62 -39.55
C GLN C 872 -27.52 2.46 -40.12
N TYR C 873 -26.54 2.85 -39.31
CA TYR C 873 -25.45 3.62 -39.88
C TYR C 873 -24.70 2.79 -40.89
N THR C 874 -24.49 1.52 -40.58
CA THR C 874 -23.76 0.67 -41.50
C THR C 874 -24.51 0.52 -42.80
N SER C 875 -25.82 0.33 -42.74
CA SER C 875 -26.58 0.17 -43.95
C SER C 875 -26.55 1.44 -44.75
N ALA C 876 -26.60 2.61 -44.10
CA ALA C 876 -26.56 3.85 -44.84
C ALA C 876 -25.25 3.99 -45.57
N LEU C 877 -24.15 3.57 -44.95
CA LEU C 877 -22.87 3.66 -45.62
C LEU C 877 -22.82 2.73 -46.81
N LEU C 878 -23.39 1.53 -46.69
CA LEU C 878 -23.36 0.63 -47.81
C LEU C 878 -24.22 1.14 -48.94
N ALA C 879 -25.39 1.71 -48.62
CA ALA C 879 -26.27 2.22 -49.63
C ALA C 879 -25.62 3.35 -50.37
N GLY C 880 -24.93 4.20 -49.63
CA GLY C 880 -24.26 5.33 -50.23
C GLY C 880 -23.17 4.86 -51.16
N THR C 881 -22.41 3.85 -50.74
CA THR C 881 -21.31 3.36 -51.55
C THR C 881 -21.80 2.73 -52.83
N ILE C 882 -22.80 1.89 -52.75
CA ILE C 882 -23.22 1.24 -53.96
C ILE C 882 -23.81 2.24 -54.92
N CYS C 883 -24.65 3.16 -54.45
CA CYS C 883 -25.22 4.12 -55.36
C CYS C 883 -24.28 5.19 -55.93
N SER C 884 -23.35 5.73 -55.11
CA SER C 884 -22.53 6.86 -55.56
C SER C 884 -21.00 6.78 -55.34
N GLY C 885 -20.49 5.64 -54.92
CA GLY C 885 -19.06 5.49 -54.73
C GLY C 885 -18.50 6.42 -53.70
N TRP C 886 -17.44 7.13 -54.04
CA TRP C 886 -16.82 8.01 -53.08
C TRP C 886 -17.37 9.42 -53.07
N THR C 887 -18.29 9.73 -53.98
CA THR C 887 -18.78 11.11 -54.06
C THR C 887 -19.67 11.35 -52.87
N PHE C 888 -20.05 10.24 -52.30
CA PHE C 888 -20.82 10.09 -51.13
C PHE C 888 -20.13 10.76 -49.97
N GLY C 889 -18.84 10.52 -49.84
CA GLY C 889 -18.13 11.09 -48.72
C GLY C 889 -17.71 12.52 -49.02
N ALA C 890 -17.35 12.78 -50.27
CA ALA C 890 -16.82 14.09 -50.65
C ALA C 890 -17.82 15.24 -50.53
N GLY C 891 -19.09 15.00 -50.82
CA GLY C 891 -20.07 16.06 -50.76
C GLY C 891 -21.46 15.53 -51.10
N PRO C 892 -22.09 15.97 -52.20
CA PRO C 892 -23.35 15.45 -52.64
C PRO C 892 -23.10 14.07 -53.20
N ALA C 893 -24.06 13.18 -53.07
CA ALA C 893 -23.92 11.86 -53.64
C ALA C 893 -24.37 11.88 -55.08
N LEU C 894 -23.47 11.48 -55.97
CA LEU C 894 -23.72 11.47 -57.39
C LEU C 894 -23.92 10.05 -57.91
N GLN C 895 -25.12 9.71 -58.33
CA GLN C 895 -25.40 8.35 -58.74
C GLN C 895 -24.60 7.92 -59.95
N ILE C 896 -24.17 6.67 -59.91
CA ILE C 896 -23.42 6.06 -61.00
C ILE C 896 -23.83 4.59 -61.19
N PRO C 897 -23.83 4.00 -62.40
CA PRO C 897 -24.09 2.59 -62.56
C PRO C 897 -23.03 1.88 -61.80
N PHE C 898 -23.37 0.79 -61.15
CA PHE C 898 -22.36 0.13 -60.38
C PHE C 898 -21.13 -0.25 -61.22
N PRO C 899 -21.24 -0.88 -62.39
CA PRO C 899 -20.11 -1.25 -63.20
C PRO C 899 -19.23 -0.08 -63.62
N MET C 900 -19.74 1.15 -63.61
CA MET C 900 -18.85 2.23 -64.01
C MET C 900 -18.09 2.61 -62.81
N GLN C 901 -18.68 2.42 -61.66
CA GLN C 901 -17.95 2.74 -60.47
C GLN C 901 -16.76 1.80 -60.45
N MET C 902 -16.99 0.54 -60.82
CA MET C 902 -15.90 -0.41 -60.84
C MET C 902 -14.87 -0.07 -61.88
N ALA C 903 -15.28 0.44 -63.03
CA ALA C 903 -14.32 0.79 -64.04
C ALA C 903 -13.37 1.83 -63.52
N TYR C 904 -13.88 2.74 -62.73
CA TYR C 904 -13.02 3.79 -62.22
C TYR C 904 -12.11 3.22 -61.19
N ARG C 905 -12.62 2.31 -60.38
CA ARG C 905 -11.79 1.71 -59.35
C ARG C 905 -10.64 0.90 -59.98
N PHE C 906 -10.88 0.26 -61.13
CA PHE C 906 -9.80 -0.45 -61.86
C PHE C 906 -8.80 0.52 -62.43
N ASN C 907 -9.29 1.61 -62.98
CA ASN C 907 -8.41 2.59 -63.57
C ASN C 907 -7.52 3.15 -62.48
N GLY C 908 -8.07 3.23 -61.28
CA GLY C 908 -7.41 3.74 -60.10
C GLY C 908 -6.24 2.88 -59.63
N ILE C 909 -6.11 1.65 -60.13
CA ILE C 909 -5.00 0.80 -59.73
C ILE C 909 -4.10 0.56 -60.92
N GLY C 910 -4.27 1.36 -61.97
CA GLY C 910 -3.42 1.23 -63.14
C GLY C 910 -3.89 0.27 -64.22
N VAL C 911 -5.15 -0.13 -64.20
CA VAL C 911 -5.62 -1.03 -65.22
C VAL C 911 -6.71 -0.38 -66.04
N THR C 912 -6.54 -0.38 -67.34
CA THR C 912 -7.52 0.27 -68.20
C THR C 912 -8.90 -0.25 -68.00
N GLN C 913 -9.88 0.62 -68.26
CA GLN C 913 -11.28 0.29 -68.07
C GLN C 913 -11.70 -0.85 -68.95
N ASN C 914 -10.96 -1.04 -70.02
CA ASN C 914 -11.26 -2.09 -70.95
C ASN C 914 -11.27 -3.44 -70.27
N VAL C 915 -10.41 -3.64 -69.26
CA VAL C 915 -10.35 -4.95 -68.65
C VAL C 915 -11.62 -5.28 -67.97
N LEU C 916 -12.22 -4.32 -67.29
CA LEU C 916 -13.47 -4.62 -66.64
C LEU C 916 -14.56 -4.93 -67.61
N TYR C 917 -14.71 -4.12 -68.63
CA TYR C 917 -15.88 -4.32 -69.46
C TYR C 917 -15.81 -5.58 -70.27
N GLU C 918 -14.62 -6.02 -70.61
CA GLU C 918 -14.49 -7.21 -71.40
C GLU C 918 -14.57 -8.47 -70.55
N ASN C 919 -14.58 -8.30 -69.23
CA ASN C 919 -14.59 -9.41 -68.32
C ASN C 919 -15.64 -9.21 -67.27
N GLN C 920 -16.74 -8.56 -67.60
CA GLN C 920 -17.69 -8.26 -66.56
C GLN C 920 -18.26 -9.49 -65.89
N LYS C 921 -18.47 -10.56 -66.62
CA LYS C 921 -19.08 -11.71 -65.97
C LYS C 921 -18.09 -12.40 -65.08
N LEU C 922 -16.84 -12.44 -65.47
CA LEU C 922 -15.85 -13.10 -64.65
C LEU C 922 -15.68 -12.36 -63.36
N ILE C 923 -15.61 -11.06 -63.44
CA ILE C 923 -15.40 -10.25 -62.29
C ILE C 923 -16.55 -10.35 -61.33
N ALA C 924 -17.76 -10.28 -61.84
CA ALA C 924 -18.88 -10.41 -60.95
C ALA C 924 -18.87 -11.78 -60.31
N ASN C 925 -18.50 -12.82 -61.05
CA ASN C 925 -18.52 -14.14 -60.46
C ASN C 925 -17.45 -14.32 -59.40
N GLN C 926 -16.27 -13.78 -59.61
CA GLN C 926 -15.26 -13.97 -58.60
C GLN C 926 -15.64 -13.23 -57.34
N PHE C 927 -16.23 -12.06 -57.52
CA PHE C 927 -16.64 -11.24 -56.41
C PHE C 927 -17.68 -11.94 -55.57
N ASN C 928 -18.69 -12.48 -56.24
CA ASN C 928 -19.77 -13.10 -55.53
C ASN C 928 -19.30 -14.35 -54.78
N SER C 929 -18.37 -15.09 -55.37
CA SER C 929 -17.88 -16.27 -54.69
C SER C 929 -17.08 -15.88 -53.46
N ALA C 930 -16.29 -14.81 -53.55
CA ALA C 930 -15.50 -14.40 -52.41
C ALA C 930 -16.38 -14.02 -51.23
N ILE C 931 -17.49 -13.35 -51.49
CA ILE C 931 -18.30 -12.94 -50.37
C ILE C 931 -18.90 -14.17 -49.70
N GLY C 932 -19.37 -15.12 -50.50
CA GLY C 932 -19.94 -16.30 -49.88
C GLY C 932 -18.92 -17.03 -49.02
N LYS C 933 -17.69 -17.12 -49.49
CA LYS C 933 -16.67 -17.79 -48.73
C LYS C 933 -16.39 -17.12 -47.40
N ILE C 934 -16.45 -15.79 -47.34
CA ILE C 934 -16.18 -15.13 -46.08
C ILE C 934 -17.19 -15.48 -45.05
N GLN C 935 -18.46 -15.48 -45.41
CA GLN C 935 -19.41 -15.79 -44.37
C GLN C 935 -19.15 -17.19 -43.84
N ASP C 936 -18.81 -18.14 -44.71
CA ASP C 936 -18.54 -19.47 -44.21
C ASP C 936 -17.27 -19.54 -43.40
N SER C 937 -16.26 -18.78 -43.78
CA SER C 937 -15.00 -18.79 -43.07
C SER C 937 -15.18 -18.31 -41.65
N LEU C 938 -15.96 -17.23 -41.48
CA LEU C 938 -16.21 -16.71 -40.15
C LEU C 938 -16.97 -17.71 -39.34
N SER C 939 -17.93 -18.40 -39.96
CA SER C 939 -18.72 -19.35 -39.23
C SER C 939 -17.88 -20.48 -38.68
N SER C 940 -16.99 -21.00 -39.53
CA SER C 940 -16.15 -22.13 -39.17
C SER C 940 -14.93 -21.83 -38.31
N THR C 941 -14.41 -20.60 -38.31
CA THR C 941 -13.20 -20.35 -37.53
C THR C 941 -13.54 -19.70 -36.17
N PRO C 942 -13.41 -20.43 -35.03
CA PRO C 942 -13.81 -19.96 -33.72
C PRO C 942 -12.95 -18.83 -33.17
N SER C 943 -11.74 -18.71 -33.69
CA SER C 943 -10.80 -17.71 -33.27
C SER C 943 -10.91 -16.43 -34.06
N ALA C 944 -11.79 -16.42 -35.05
CA ALA C 944 -11.87 -15.29 -35.96
C ALA C 944 -12.18 -13.99 -35.26
N LEU C 945 -12.97 -14.04 -34.22
CA LEU C 945 -13.36 -12.82 -33.56
C LEU C 945 -12.64 -12.60 -32.26
N GLY C 946 -11.52 -13.30 -32.07
CA GLY C 946 -10.80 -13.21 -30.82
C GLY C 946 -10.45 -11.79 -30.45
N LYS C 947 -10.16 -10.94 -31.42
CA LYS C 947 -9.83 -9.57 -31.06
C LYS C 947 -10.95 -8.87 -30.31
N LEU C 948 -12.20 -9.21 -30.56
CA LEU C 948 -13.26 -8.54 -29.85
C LEU C 948 -13.52 -9.28 -28.56
N GLN C 949 -13.39 -10.60 -28.60
CA GLN C 949 -13.69 -11.43 -27.44
C GLN C 949 -12.74 -11.12 -26.30
N ASP C 950 -11.51 -10.80 -26.64
CA ASP C 950 -10.50 -10.48 -25.66
C ASP C 950 -10.82 -9.22 -24.90
N VAL C 951 -11.50 -8.27 -25.52
CA VAL C 951 -11.77 -7.05 -24.80
C VAL C 951 -12.74 -7.38 -23.71
N VAL C 952 -13.72 -8.17 -24.08
CA VAL C 952 -14.74 -8.55 -23.16
C VAL C 952 -14.17 -9.36 -22.01
N ASN C 953 -13.28 -10.28 -22.34
CA ASN C 953 -12.74 -11.13 -21.30
C ASN C 953 -11.87 -10.36 -20.34
N GLN C 954 -11.10 -9.40 -20.83
CA GLN C 954 -10.25 -8.65 -19.94
C GLN C 954 -11.02 -7.79 -18.99
N ASN C 955 -12.12 -7.20 -19.44
CA ASN C 955 -12.86 -6.37 -18.53
C ASN C 955 -13.57 -7.23 -17.51
N ALA C 956 -13.99 -8.43 -17.90
CA ALA C 956 -14.62 -9.30 -16.95
C ALA C 956 -13.67 -9.66 -15.84
N GLN C 957 -12.41 -9.91 -16.18
CA GLN C 957 -11.44 -10.26 -15.17
C GLN C 957 -11.17 -9.11 -14.25
N ALA C 958 -11.15 -7.90 -14.79
CA ALA C 958 -10.89 -6.78 -13.93
C ALA C 958 -11.95 -6.65 -12.84
N LEU C 959 -13.21 -6.92 -13.18
CA LEU C 959 -14.24 -6.84 -12.16
C LEU C 959 -14.26 -8.03 -11.26
N ASN C 960 -13.91 -9.20 -11.78
CA ASN C 960 -13.94 -10.36 -10.92
C ASN C 960 -12.87 -10.22 -9.89
N THR C 961 -11.78 -9.58 -10.24
CA THR C 961 -10.75 -9.36 -9.28
C THR C 961 -11.28 -8.44 -8.21
N LEU C 962 -11.96 -7.35 -8.56
CA LEU C 962 -12.40 -6.51 -7.46
C LEU C 962 -13.32 -7.22 -6.51
N VAL C 963 -14.18 -8.07 -7.02
CA VAL C 963 -15.06 -8.75 -6.11
C VAL C 963 -14.28 -9.72 -5.24
N LYS C 964 -13.37 -10.48 -5.82
CA LYS C 964 -12.62 -11.45 -5.03
C LYS C 964 -11.75 -10.79 -3.98
N GLN C 965 -11.26 -9.59 -4.25
CA GLN C 965 -10.39 -8.86 -3.32
C GLN C 965 -11.12 -8.44 -2.07
N LEU C 966 -12.45 -8.55 -2.06
CA LEU C 966 -13.19 -8.22 -0.88
C LEU C 966 -12.94 -9.25 0.19
N SER C 967 -12.68 -10.51 -0.20
CA SER C 967 -12.47 -11.58 0.77
C SER C 967 -11.03 -11.63 1.24
N SER C 968 -10.56 -10.56 1.81
CA SER C 968 -9.20 -10.46 2.29
C SER C 968 -9.18 -9.82 3.65
N ASN C 969 -8.21 -10.19 4.44
CA ASN C 969 -8.13 -9.61 5.76
C ASN C 969 -7.32 -8.36 5.81
N PHE C 970 -6.22 -8.32 5.09
CA PHE C 970 -5.33 -7.16 5.12
C PHE C 970 -4.83 -6.86 6.52
N GLY C 971 -4.79 -7.88 7.38
CA GLY C 971 -4.34 -7.74 8.75
C GLY C 971 -5.51 -7.64 9.73
N ALA C 972 -6.71 -7.48 9.22
CA ALA C 972 -7.88 -7.39 10.05
C ALA C 972 -8.26 -8.76 10.56
N ILE C 973 -9.04 -8.80 11.62
CA ILE C 973 -9.52 -10.07 12.16
C ILE C 973 -10.44 -10.82 11.21
N SER C 974 -11.15 -10.11 10.35
CA SER C 974 -12.01 -10.75 9.38
C SER C 974 -12.20 -9.85 8.18
N SER C 975 -12.69 -10.45 7.11
CA SER C 975 -13.00 -9.79 5.86
C SER C 975 -14.34 -9.08 5.84
N VAL C 976 -15.15 -9.26 6.87
CA VAL C 976 -16.50 -8.72 6.93
C VAL C 976 -16.71 -7.63 7.97
N LEU C 977 -17.12 -6.46 7.51
CA LEU C 977 -17.33 -5.33 8.41
C LEU C 977 -18.40 -5.59 9.43
N ASN C 978 -19.42 -6.32 9.06
CA ASN C 978 -20.48 -6.57 10.00
C ASN C 978 -20.03 -7.45 11.15
N ASP C 979 -19.06 -8.33 10.94
CA ASP C 979 -18.63 -9.19 12.03
C ASP C 979 -17.75 -8.38 12.95
N ILE C 980 -16.99 -7.47 12.38
CA ILE C 980 -16.13 -6.65 13.19
C ILE C 980 -16.97 -5.77 14.07
N LEU C 981 -17.97 -5.14 13.49
CA LEU C 981 -18.85 -4.28 14.24
C LEU C 981 -19.74 -5.02 15.19
N SER C 982 -20.19 -6.21 14.82
CA SER C 982 -21.06 -6.95 15.71
C SER C 982 -20.35 -7.35 16.97
N ARG C 983 -19.13 -7.90 16.88
CA ARG C 983 -18.48 -8.33 18.11
C ARG C 983 -17.64 -7.27 18.85
N LEU C 984 -17.05 -6.28 18.17
CA LEU C 984 -16.16 -5.33 18.85
C LEU C 984 -16.78 -3.99 19.15
N ASP C 985 -16.24 -3.31 20.14
CA ASP C 985 -16.67 -1.98 20.50
C ASP C 985 -16.00 -1.00 19.54
N PRO C 986 -16.35 0.30 19.54
CA PRO C 986 -15.76 1.30 18.67
C PRO C 986 -14.23 1.37 18.73
N PRO C 987 -13.57 1.55 19.90
CA PRO C 987 -12.13 1.66 19.96
C PRO C 987 -11.39 0.53 19.27
N GLU C 988 -11.92 -0.69 19.35
CA GLU C 988 -11.23 -1.77 18.68
C GLU C 988 -11.68 -1.92 17.25
N ALA C 989 -12.95 -1.67 16.97
CA ALA C 989 -13.45 -1.83 15.63
C ALA C 989 -12.76 -0.86 14.73
N GLU C 990 -12.46 0.34 15.21
CA GLU C 990 -11.82 1.31 14.36
C GLU C 990 -10.53 0.80 13.78
N VAL C 991 -9.77 0.08 14.56
CA VAL C 991 -8.52 -0.40 14.05
C VAL C 991 -8.75 -1.42 12.98
N GLN C 992 -9.65 -2.33 13.25
CA GLN C 992 -9.86 -3.39 12.29
C GLN C 992 -10.44 -2.86 10.99
N ILE C 993 -11.29 -1.84 11.10
CA ILE C 993 -11.89 -1.27 9.93
C ILE C 993 -10.85 -0.53 9.15
N ASP C 994 -10.00 0.25 9.80
CA ASP C 994 -9.02 0.99 9.05
C ASP C 994 -8.12 0.02 8.29
N ARG C 995 -7.83 -1.15 8.84
CA ARG C 995 -6.99 -2.06 8.07
C ARG C 995 -7.72 -2.48 6.80
N LEU C 996 -9.02 -2.74 6.89
CA LEU C 996 -9.74 -3.13 5.69
C LEU C 996 -9.87 -1.98 4.72
N ILE C 997 -10.07 -0.76 5.21
CA ILE C 997 -10.21 0.34 4.28
C ILE C 997 -8.97 0.54 3.49
N THR C 998 -7.81 0.49 4.13
CA THR C 998 -6.62 0.71 3.34
C THR C 998 -6.52 -0.31 2.23
N GLY C 999 -6.76 -1.57 2.54
CA GLY C 999 -6.65 -2.59 1.52
C GLY C 999 -7.67 -2.40 0.40
N ARG C 1000 -8.88 -2.02 0.74
CA ARG C 1000 -9.92 -1.85 -0.24
C ARG C 1000 -9.61 -0.66 -1.15
N LEU C 1001 -9.04 0.41 -0.62
CA LEU C 1001 -8.68 1.53 -1.46
C LEU C 1001 -7.61 1.14 -2.44
N GLN C 1002 -6.65 0.32 -2.01
CA GLN C 1002 -5.63 -0.07 -2.96
C GLN C 1002 -6.21 -0.89 -4.07
N SER C 1003 -7.20 -1.72 -3.75
CA SER C 1003 -7.83 -2.52 -4.77
C SER C 1003 -8.49 -1.64 -5.82
N LEU C 1004 -9.23 -0.62 -5.37
CA LEU C 1004 -9.87 0.25 -6.34
C LEU C 1004 -8.91 1.07 -7.14
N GLN C 1005 -7.84 1.57 -6.52
CA GLN C 1005 -6.94 2.37 -7.31
C GLN C 1005 -6.26 1.53 -8.34
N THR C 1006 -5.93 0.30 -8.01
CA THR C 1006 -5.28 -0.55 -8.98
C THR C 1006 -6.21 -0.77 -10.15
N TYR C 1007 -7.47 -1.06 -9.87
CA TYR C 1007 -8.44 -1.28 -10.91
C TYR C 1007 -8.56 -0.12 -11.82
N VAL C 1008 -8.71 1.08 -11.26
CA VAL C 1008 -8.88 2.22 -12.10
C VAL C 1008 -7.67 2.46 -12.96
N THR C 1009 -6.48 2.33 -12.42
CA THR C 1009 -5.32 2.57 -13.25
C THR C 1009 -5.30 1.60 -14.42
N GLN C 1010 -5.60 0.34 -14.17
CA GLN C 1010 -5.59 -0.58 -15.28
C GLN C 1010 -6.64 -0.23 -16.30
N GLN C 1011 -7.81 0.23 -15.86
CA GLN C 1011 -8.83 0.56 -16.81
C GLN C 1011 -8.45 1.76 -17.63
N LEU C 1012 -7.74 2.73 -17.06
CA LEU C 1012 -7.35 3.86 -17.87
C LEU C 1012 -6.40 3.42 -18.96
N ILE C 1013 -5.52 2.50 -18.63
CA ILE C 1013 -4.60 2.02 -19.64
C ILE C 1013 -5.35 1.23 -20.71
N ARG C 1014 -6.28 0.36 -20.31
CA ARG C 1014 -7.00 -0.39 -21.31
C ARG C 1014 -7.80 0.56 -22.19
N ALA C 1015 -8.35 1.62 -21.60
CA ALA C 1015 -9.13 2.57 -22.36
C ALA C 1015 -8.29 3.21 -23.43
N ALA C 1016 -7.04 3.50 -23.12
CA ALA C 1016 -6.18 4.10 -24.11
C ALA C 1016 -5.97 3.20 -25.30
N GLU C 1017 -5.87 1.89 -25.06
CA GLU C 1017 -5.66 1.00 -26.19
C GLU C 1017 -6.90 0.93 -27.05
N ILE C 1018 -8.05 0.96 -26.42
CA ILE C 1018 -9.28 0.94 -27.17
C ILE C 1018 -9.39 2.20 -27.97
N ARG C 1019 -9.04 3.33 -27.37
CA ARG C 1019 -9.13 4.56 -28.10
C ARG C 1019 -8.28 4.52 -29.33
N ALA C 1020 -7.06 4.00 -29.22
CA ALA C 1020 -6.21 3.94 -30.38
C ALA C 1020 -6.80 3.07 -31.45
N SER C 1021 -7.41 1.95 -31.07
CA SER C 1021 -8.02 1.09 -32.06
C SER C 1021 -9.17 1.81 -32.72
N ALA C 1022 -9.98 2.52 -31.94
CA ALA C 1022 -11.10 3.23 -32.50
C ALA C 1022 -10.63 4.30 -33.47
N ASN C 1023 -9.53 4.97 -33.19
CA ASN C 1023 -9.07 5.98 -34.11
C ASN C 1023 -8.63 5.36 -35.41
N LEU C 1024 -8.02 4.20 -35.31
CA LEU C 1024 -7.60 3.53 -36.51
C LEU C 1024 -8.80 3.10 -37.30
N ALA C 1025 -9.81 2.58 -36.63
CA ALA C 1025 -10.99 2.15 -37.31
C ALA C 1025 -11.65 3.30 -38.01
N ALA C 1026 -11.68 4.47 -37.38
CA ALA C 1026 -12.30 5.61 -37.99
C ALA C 1026 -11.53 6.03 -39.23
N THR C 1027 -10.21 5.92 -39.17
CA THR C 1027 -9.39 6.26 -40.31
C THR C 1027 -9.69 5.32 -41.44
N LYS C 1028 -9.78 4.03 -41.15
CA LYS C 1028 -10.08 3.05 -42.17
C LYS C 1028 -11.43 3.27 -42.75
N MET C 1029 -12.40 3.64 -41.94
CA MET C 1029 -13.69 3.85 -42.51
C MET C 1029 -13.57 4.94 -43.56
N SER C 1030 -12.92 6.03 -43.21
CA SER C 1030 -12.86 7.08 -44.18
C SER C 1030 -12.07 6.72 -45.42
N GLU C 1031 -10.89 6.16 -45.24
CA GLU C 1031 -10.02 5.89 -46.36
C GLU C 1031 -10.26 4.63 -47.18
N CYS C 1032 -10.85 3.57 -46.60
CA CYS C 1032 -11.10 2.30 -47.27
C CYS C 1032 -12.53 2.23 -47.79
N VAL C 1033 -13.49 2.87 -47.08
CA VAL C 1033 -14.91 2.78 -47.43
C VAL C 1033 -15.39 3.97 -48.22
N LEU C 1034 -15.01 5.16 -47.80
CA LEU C 1034 -15.47 6.37 -48.46
C LEU C 1034 -14.49 6.90 -49.49
N GLY C 1035 -13.63 6.03 -49.97
CA GLY C 1035 -12.63 6.35 -50.96
C GLY C 1035 -11.89 5.12 -51.36
N GLN C 1036 -10.79 5.33 -52.05
CA GLN C 1036 -9.93 4.26 -52.51
C GLN C 1036 -8.52 4.61 -52.10
N SER C 1037 -7.97 3.83 -51.21
CA SER C 1037 -6.63 4.08 -50.70
C SER C 1037 -5.57 3.41 -51.49
N LYS C 1038 -4.45 4.10 -51.63
CA LYS C 1038 -3.28 3.57 -52.31
C LYS C 1038 -2.18 3.16 -51.34
N ARG C 1039 -2.50 3.15 -50.07
CA ARG C 1039 -1.51 2.78 -49.07
C ARG C 1039 -1.38 1.26 -49.08
N VAL C 1040 -0.16 0.78 -49.20
CA VAL C 1040 0.01 -0.65 -49.30
C VAL C 1040 -0.35 -1.36 -48.03
N ASP C 1041 -1.18 -2.37 -48.21
CA ASP C 1041 -1.74 -3.24 -47.18
C ASP C 1041 -2.60 -2.51 -46.17
N PHE C 1042 -2.85 -1.25 -46.37
CA PHE C 1042 -3.64 -0.53 -45.41
C PHE C 1042 -5.06 -1.07 -45.33
N CYS C 1043 -5.67 -1.34 -46.48
CA CYS C 1043 -7.03 -1.82 -46.66
C CYS C 1043 -6.93 -3.29 -47.12
N GLY C 1044 -5.90 -3.99 -46.69
CA GLY C 1044 -5.78 -5.40 -47.08
C GLY C 1044 -4.74 -5.62 -48.15
N LYS C 1045 -4.36 -6.88 -48.32
CA LYS C 1045 -3.34 -7.32 -49.27
C LYS C 1045 -3.81 -7.25 -50.69
N GLY C 1046 -2.93 -6.84 -51.60
CA GLY C 1046 -3.27 -6.74 -53.02
C GLY C 1046 -3.63 -5.31 -53.33
N TYR C 1047 -4.20 -5.07 -54.48
CA TYR C 1047 -4.51 -3.70 -54.85
C TYR C 1047 -5.90 -3.37 -54.34
N HIS C 1048 -6.06 -2.28 -53.62
CA HIS C 1048 -7.37 -1.97 -53.05
C HIS C 1048 -8.34 -1.36 -54.01
N LEU C 1049 -9.55 -1.90 -54.04
CA LEU C 1049 -10.59 -1.37 -54.88
C LEU C 1049 -11.66 -0.67 -54.09
N MET C 1050 -12.18 -1.35 -53.07
CA MET C 1050 -13.30 -0.84 -52.27
C MET C 1050 -13.49 -1.66 -51.03
N SER C 1051 -14.30 -1.19 -50.09
CA SER C 1051 -14.59 -2.01 -48.93
C SER C 1051 -15.98 -1.75 -48.42
N PHE C 1052 -16.45 -2.69 -47.62
CA PHE C 1052 -17.75 -2.60 -47.04
C PHE C 1052 -17.66 -2.91 -45.55
N PRO C 1053 -18.10 -2.03 -44.65
CA PRO C 1053 -18.10 -2.26 -43.24
C PRO C 1053 -19.25 -3.17 -42.90
N GLN C 1054 -19.11 -3.87 -41.79
CA GLN C 1054 -20.16 -4.63 -41.14
C GLN C 1054 -20.06 -4.33 -39.65
N SER C 1055 -21.17 -4.26 -38.94
CA SER C 1055 -21.11 -4.02 -37.51
C SER C 1055 -20.79 -5.28 -36.74
N ALA C 1056 -20.40 -5.13 -35.49
CA ALA C 1056 -20.07 -6.25 -34.62
C ALA C 1056 -20.19 -5.79 -33.18
N PRO C 1057 -20.38 -6.68 -32.21
CA PRO C 1057 -20.40 -6.30 -30.83
C PRO C 1057 -19.13 -5.59 -30.51
N HIS C 1058 -19.25 -4.42 -29.90
CA HIS C 1058 -18.10 -3.64 -29.50
C HIS C 1058 -17.09 -3.36 -30.60
N GLY C 1059 -17.49 -3.34 -31.87
CA GLY C 1059 -16.46 -3.14 -32.87
C GLY C 1059 -16.93 -3.10 -34.30
N VAL C 1060 -15.96 -3.09 -35.20
CA VAL C 1060 -16.27 -3.01 -36.62
C VAL C 1060 -15.48 -4.04 -37.38
N VAL C 1061 -16.10 -4.60 -38.39
CA VAL C 1061 -15.44 -5.55 -39.23
C VAL C 1061 -15.45 -5.06 -40.66
N PHE C 1062 -14.30 -5.02 -41.30
CA PHE C 1062 -14.28 -4.57 -42.66
C PHE C 1062 -14.06 -5.68 -43.64
N LEU C 1063 -14.77 -5.62 -44.75
CA LEU C 1063 -14.54 -6.53 -45.83
C LEU C 1063 -13.86 -5.75 -46.93
N HIS C 1064 -12.63 -6.11 -47.23
CA HIS C 1064 -11.83 -5.37 -48.20
C HIS C 1064 -11.72 -6.10 -49.50
N VAL C 1065 -12.09 -5.43 -50.56
CA VAL C 1065 -12.04 -6.02 -51.87
C VAL C 1065 -10.79 -5.58 -52.55
N THR C 1066 -9.94 -6.54 -52.86
CA THR C 1066 -8.67 -6.23 -53.48
C THR C 1066 -8.38 -7.14 -54.66
N TYR C 1067 -7.46 -6.73 -55.53
CA TYR C 1067 -7.09 -7.59 -56.67
C TYR C 1067 -5.70 -8.10 -56.56
N VAL C 1068 -5.54 -9.32 -56.98
CA VAL C 1068 -4.24 -9.91 -57.00
C VAL C 1068 -3.93 -10.48 -58.39
N PRO C 1069 -2.81 -10.13 -59.02
CA PRO C 1069 -2.36 -10.66 -60.30
C PRO C 1069 -2.30 -12.17 -60.19
N ALA C 1070 -2.65 -12.88 -61.24
CA ALA C 1070 -2.67 -14.33 -61.19
C ALA C 1070 -1.70 -14.92 -62.18
N GLN C 1071 -2.20 -15.62 -63.19
CA GLN C 1071 -1.28 -16.17 -64.16
C GLN C 1071 -0.46 -15.06 -64.73
N GLU C 1072 0.81 -15.35 -64.98
CA GLU C 1072 1.77 -14.41 -65.50
C GLU C 1072 2.71 -15.11 -66.45
N LYS C 1073 3.33 -14.35 -67.34
CA LYS C 1073 4.31 -14.92 -68.24
C LYS C 1073 5.59 -14.08 -68.28
N ASN C 1074 6.76 -14.74 -68.51
CA ASN C 1074 8.08 -14.10 -68.69
C ASN C 1074 8.33 -13.77 -70.16
N PHE C 1075 8.61 -12.48 -70.44
CA PHE C 1075 8.87 -11.89 -71.73
C PHE C 1075 10.22 -11.24 -71.75
N THR C 1076 10.80 -11.09 -72.93
CA THR C 1076 12.07 -10.37 -73.00
C THR C 1076 11.75 -8.91 -73.07
N THR C 1077 12.60 -8.07 -72.52
CA THR C 1077 12.32 -6.64 -72.60
C THR C 1077 13.48 -5.76 -73.00
N ALA C 1078 13.19 -4.48 -73.13
CA ALA C 1078 14.15 -3.44 -73.47
C ALA C 1078 13.57 -2.13 -72.99
N PRO C 1079 14.39 -1.16 -72.56
CA PRO C 1079 13.98 0.15 -72.17
C PRO C 1079 13.50 1.06 -73.27
N ALA C 1080 13.89 0.77 -74.51
CA ALA C 1080 13.51 1.65 -75.59
C ALA C 1080 13.63 0.97 -76.93
N ILE C 1081 12.95 1.53 -77.90
CA ILE C 1081 13.05 1.07 -79.26
C ILE C 1081 13.76 2.11 -80.10
N CYS C 1082 14.76 1.67 -80.88
CA CYS C 1082 15.54 2.46 -81.81
C CYS C 1082 14.88 2.32 -83.17
N HIS C 1083 14.53 3.43 -83.78
CA HIS C 1083 13.87 3.28 -85.06
C HIS C 1083 14.53 3.98 -86.23
N ASP C 1084 14.44 5.28 -86.27
CA ASP C 1084 15.00 6.09 -87.34
C ASP C 1084 16.24 6.81 -86.88
N GLY C 1085 16.81 6.31 -85.81
CA GLY C 1085 17.98 6.88 -85.19
C GLY C 1085 17.58 7.56 -83.90
N LYS C 1086 16.26 7.74 -83.73
CA LYS C 1086 15.76 8.34 -82.52
C LYS C 1086 15.30 7.25 -81.56
N ALA C 1087 15.30 7.58 -80.26
CA ALA C 1087 14.86 6.65 -79.23
C ALA C 1087 13.42 6.85 -78.78
N HIS C 1088 12.66 5.78 -78.86
CA HIS C 1088 11.26 5.73 -78.48
C HIS C 1088 11.00 5.04 -77.16
N PHE C 1089 10.33 5.72 -76.27
CA PHE C 1089 9.99 5.20 -74.96
C PHE C 1089 8.50 4.99 -74.96
N PRO C 1090 7.93 4.04 -74.24
CA PRO C 1090 6.52 3.82 -74.23
C PRO C 1090 5.94 4.95 -73.44
N ARG C 1091 4.72 5.35 -73.74
CA ARG C 1091 4.11 6.41 -72.93
C ARG C 1091 3.51 5.89 -71.65
N GLU C 1092 2.86 4.74 -71.71
CA GLU C 1092 2.17 4.17 -70.57
C GLU C 1092 2.28 2.67 -70.58
N GLY C 1093 3.49 2.15 -70.56
CA GLY C 1093 3.60 0.72 -70.68
C GLY C 1093 5.02 0.23 -70.71
N VAL C 1094 5.14 -1.01 -71.06
CA VAL C 1094 6.42 -1.68 -71.14
C VAL C 1094 6.64 -2.28 -72.50
N PHE C 1095 7.87 -2.18 -73.03
CA PHE C 1095 8.14 -2.83 -74.31
C PHE C 1095 8.38 -4.29 -74.08
N VAL C 1096 7.66 -5.11 -74.81
CA VAL C 1096 7.69 -6.53 -74.61
C VAL C 1096 8.00 -7.34 -75.83
N SER C 1097 8.95 -8.23 -75.71
CA SER C 1097 9.25 -9.12 -76.80
C SER C 1097 8.60 -10.48 -76.61
N ASN C 1098 7.77 -10.83 -77.59
CA ASN C 1098 6.97 -12.05 -77.71
C ASN C 1098 7.77 -13.18 -78.43
N GLY C 1099 9.06 -12.93 -78.79
CA GLY C 1099 9.97 -13.85 -79.47
C GLY C 1099 10.54 -13.17 -80.69
N THR C 1100 9.69 -12.99 -81.70
CA THR C 1100 10.06 -12.34 -82.94
C THR C 1100 9.42 -10.99 -83.15
N HIS C 1101 8.55 -10.59 -82.24
CA HIS C 1101 7.85 -9.34 -82.37
C HIS C 1101 7.80 -8.55 -81.09
N TRP C 1102 7.81 -7.24 -81.25
CA TRP C 1102 7.72 -6.36 -80.10
C TRP C 1102 6.41 -5.63 -80.03
N PHE C 1103 5.89 -5.53 -78.82
CA PHE C 1103 4.63 -4.89 -78.52
C PHE C 1103 4.71 -4.05 -77.29
N VAL C 1104 3.63 -3.35 -76.97
CA VAL C 1104 3.57 -2.62 -75.72
C VAL C 1104 2.38 -3.05 -74.90
N THR C 1105 2.60 -3.28 -73.63
CA THR C 1105 1.49 -3.66 -72.78
C THR C 1105 1.39 -2.71 -71.64
N GLN C 1106 0.23 -2.67 -71.03
CA GLN C 1106 0.05 -1.90 -69.83
C GLN C 1106 0.80 -2.66 -68.77
N ARG C 1107 1.29 -1.98 -67.76
CA ARG C 1107 2.16 -2.68 -66.81
C ARG C 1107 1.53 -3.83 -66.06
N ASN C 1108 0.27 -3.72 -65.73
CA ASN C 1108 -0.36 -4.76 -64.95
C ASN C 1108 -1.16 -5.77 -65.74
N PHE C 1109 -1.08 -5.74 -67.07
CA PHE C 1109 -1.90 -6.71 -67.78
C PHE C 1109 -1.44 -6.96 -69.21
N TYR C 1110 -1.34 -8.21 -69.58
CA TYR C 1110 -0.87 -8.55 -70.89
C TYR C 1110 -1.87 -8.43 -72.03
N GLU C 1111 -1.99 -7.21 -72.53
CA GLU C 1111 -2.84 -6.84 -73.65
C GLU C 1111 -1.98 -6.12 -74.70
N PRO C 1112 -1.21 -6.82 -75.55
CA PRO C 1112 -0.24 -6.30 -76.50
C PRO C 1112 -0.77 -5.35 -77.52
N GLN C 1113 -0.09 -4.24 -77.68
CA GLN C 1113 -0.42 -3.27 -78.67
C GLN C 1113 0.68 -3.20 -79.67
N ILE C 1114 0.35 -2.75 -80.85
CA ILE C 1114 1.36 -2.53 -81.87
C ILE C 1114 2.13 -1.32 -81.49
N ILE C 1115 3.43 -1.36 -81.64
CA ILE C 1115 4.18 -0.19 -81.33
C ILE C 1115 3.98 0.77 -82.45
N THR C 1116 3.43 1.91 -82.14
CA THR C 1116 3.11 2.94 -83.09
C THR C 1116 3.61 4.22 -82.53
N THR C 1117 3.55 5.25 -83.31
CA THR C 1117 3.99 6.57 -82.89
C THR C 1117 3.05 7.20 -81.89
N ASP C 1118 1.86 6.62 -81.70
CA ASP C 1118 0.92 7.15 -80.74
C ASP C 1118 1.05 6.47 -79.38
N ASN C 1119 1.95 5.49 -79.29
CA ASN C 1119 2.15 4.77 -78.05
C ASN C 1119 3.46 5.11 -77.41
N THR C 1120 4.27 5.91 -78.11
CA THR C 1120 5.59 6.22 -77.65
C THR C 1120 5.85 7.69 -77.69
N PHE C 1121 6.94 8.08 -77.08
CA PHE C 1121 7.35 9.44 -77.18
C PHE C 1121 8.80 9.40 -77.51
N VAL C 1122 9.29 10.44 -78.11
CA VAL C 1122 10.66 10.40 -78.53
C VAL C 1122 11.52 11.41 -77.87
N SER C 1123 12.62 10.93 -77.33
CA SER C 1123 13.55 11.83 -76.70
C SER C 1123 14.93 11.24 -76.68
N GLY C 1124 15.87 11.96 -77.25
CA GLY C 1124 17.23 11.46 -77.28
C GLY C 1124 17.41 10.58 -78.49
N ASN C 1125 18.64 10.24 -78.79
CA ASN C 1125 18.96 9.40 -79.92
C ASN C 1125 19.24 7.96 -79.46
N CYS C 1126 19.53 7.06 -80.40
CA CYS C 1126 19.81 5.64 -80.16
C CYS C 1126 21.18 5.35 -79.55
N ASP C 1127 21.99 6.36 -79.32
CA ASP C 1127 23.32 6.12 -78.78
C ASP C 1127 23.42 6.10 -77.25
N VAL C 1128 22.50 6.77 -76.57
CA VAL C 1128 22.61 6.91 -75.13
C VAL C 1128 21.96 5.82 -74.29
N VAL C 1129 20.76 5.38 -74.66
CA VAL C 1129 20.08 4.42 -73.83
C VAL C 1129 20.76 3.08 -73.89
N ILE C 1130 21.02 2.52 -72.73
CA ILE C 1130 21.69 1.25 -72.64
C ILE C 1130 20.72 0.12 -72.88
N GLY C 1131 21.05 -0.76 -73.81
CA GLY C 1131 20.15 -1.88 -74.09
C GLY C 1131 19.00 -1.55 -75.01
N ILE C 1132 19.14 -0.51 -75.83
CA ILE C 1132 18.10 -0.12 -76.76
C ILE C 1132 18.10 -1.12 -77.90
N VAL C 1133 16.94 -1.50 -78.41
CA VAL C 1133 16.94 -2.46 -79.51
C VAL C 1133 16.31 -1.85 -80.75
N ASN C 1134 16.73 -2.31 -81.96
CA ASN C 1134 16.22 -1.86 -83.26
C ASN C 1134 14.88 -2.52 -83.58
N ASN C 1135 13.85 -1.72 -83.93
CA ASN C 1135 12.52 -2.23 -84.32
C ASN C 1135 11.77 -1.18 -85.15
N THR C 1136 10.55 -1.51 -85.55
CA THR C 1136 9.74 -0.63 -86.35
C THR C 1136 8.64 0.02 -85.55
N VAL C 1137 8.54 1.32 -85.67
CA VAL C 1137 7.49 2.04 -85.01
C VAL C 1137 6.51 2.47 -86.08
N TYR C 1138 5.31 1.98 -85.99
CA TYR C 1138 4.35 2.26 -87.03
C TYR C 1138 3.74 3.63 -87.01
N ASP C 1139 3.81 4.29 -88.16
CA ASP C 1139 3.25 5.61 -88.34
C ASP C 1139 1.86 5.50 -88.96
N PRO C 1140 0.77 5.82 -88.23
CA PRO C 1140 -0.61 5.68 -88.63
C PRO C 1140 -1.05 6.61 -89.73
N LEU C 1141 -0.26 7.64 -90.03
CA LEU C 1141 -0.63 8.60 -91.05
C LEU C 1141 -0.27 8.12 -92.43
N GLN C 1142 0.82 7.38 -92.52
CA GLN C 1142 1.34 6.95 -93.80
C GLN C 1142 0.31 6.42 -94.80
N PRO C 1143 -0.57 5.45 -94.49
CA PRO C 1143 -1.50 4.94 -95.48
C PRO C 1143 -2.48 5.98 -96.00
N GLU C 1144 -2.70 7.07 -95.25
CA GLU C 1144 -3.64 8.07 -95.70
C GLU C 1144 -2.95 8.96 -96.70
N LEU C 1145 -1.64 9.11 -96.52
CA LEU C 1145 -0.86 9.93 -97.42
C LEU C 1145 -0.80 9.24 -98.77
N ASP C 1146 -0.76 7.91 -98.73
CA ASP C 1146 -0.70 7.12 -99.97
C ASP C 1146 -2.05 6.88 -100.66
N SER C 1147 -3.17 6.78 -99.88
CA SER C 1147 -4.54 6.58 -100.36
C SER C 1147 -5.00 7.86 -101.09
N GLN D 14 61.78 15.80 35.08
CA GLN D 14 60.37 15.76 35.44
C GLN D 14 59.53 16.76 34.62
N CYS D 15 59.89 18.07 34.64
CA CYS D 15 59.21 19.15 33.92
C CYS D 15 60.15 20.36 33.78
N VAL D 16 60.13 21.00 32.60
CA VAL D 16 60.98 22.17 32.38
C VAL D 16 60.19 23.47 32.15
N ASN D 17 60.40 24.47 33.04
CA ASN D 17 59.76 25.80 32.97
C ASN D 17 60.58 26.75 32.08
N LEU D 18 60.67 26.39 30.78
CA LEU D 18 61.43 27.11 29.75
C LEU D 18 60.53 27.67 28.68
N THR D 19 60.84 28.87 28.22
CA THR D 19 60.16 29.44 27.08
C THR D 19 61.19 29.38 25.95
N THR D 20 61.92 30.48 25.75
CA THR D 20 62.97 30.60 24.74
C THR D 20 62.64 29.89 23.43
N ARG D 21 61.59 30.34 22.74
CA ARG D 21 61.18 29.71 21.50
C ARG D 21 61.24 30.72 20.39
N THR D 22 61.45 30.23 19.16
CA THR D 22 61.36 31.09 18.01
C THR D 22 59.91 31.48 17.93
N GLN D 23 59.61 32.75 17.75
CA GLN D 23 58.22 33.18 17.70
C GLN D 23 57.73 33.18 16.27
N LEU D 24 56.83 32.25 15.98
CA LEU D 24 56.33 32.08 14.64
C LEU D 24 54.79 32.13 14.62
N PRO D 25 54.17 32.62 13.54
CA PRO D 25 52.75 32.60 13.26
C PRO D 25 52.43 31.18 12.80
N PRO D 26 51.16 30.76 12.81
CA PRO D 26 50.73 29.52 12.23
C PRO D 26 50.85 29.61 10.74
N ALA D 27 51.21 28.51 10.11
CA ALA D 27 51.26 28.44 8.67
C ALA D 27 50.01 27.74 8.23
N TYR D 28 49.63 27.86 6.97
CA TYR D 28 48.43 27.16 6.52
C TYR D 28 48.69 26.40 5.24
N THR D 29 47.99 25.27 5.07
CA THR D 29 48.13 24.53 3.83
C THR D 29 46.78 24.01 3.28
N ASN D 30 46.88 23.37 2.13
CA ASN D 30 45.79 22.79 1.36
C ASN D 30 45.60 21.30 1.66
N SER D 31 44.43 20.91 2.17
CA SER D 31 44.15 19.51 2.52
C SER D 31 44.00 18.60 1.31
N PHE D 32 43.78 19.22 0.18
CA PHE D 32 43.54 18.58 -1.08
C PHE D 32 42.45 17.52 -0.99
N THR D 33 42.82 16.28 -1.30
CA THR D 33 41.91 15.16 -1.33
C THR D 33 42.26 14.10 -0.31
N ARG D 34 43.02 14.48 0.71
CA ARG D 34 43.43 13.58 1.79
C ARG D 34 42.29 13.51 2.80
N GLY D 35 42.23 12.47 3.63
CA GLY D 35 41.20 12.50 4.67
C GLY D 35 40.02 11.55 4.54
N VAL D 36 40.15 10.53 3.71
CA VAL D 36 39.11 9.52 3.59
C VAL D 36 39.44 8.39 4.54
N TYR D 37 38.45 7.80 5.16
CA TYR D 37 38.70 6.70 6.09
C TYR D 37 37.89 5.56 5.59
N TYR D 38 38.35 4.35 5.80
CA TYR D 38 37.45 3.26 5.48
C TYR D 38 36.42 3.31 6.57
N PRO D 39 35.13 3.54 6.28
CA PRO D 39 34.08 3.72 7.25
C PRO D 39 33.50 2.42 7.77
N ASP D 40 34.01 1.29 7.32
CA ASP D 40 33.38 0.03 7.65
C ASP D 40 34.38 -1.12 7.68
N LYS D 41 33.88 -2.31 8.00
CA LYS D 41 34.61 -3.58 8.07
C LYS D 41 34.08 -4.51 7.00
N VAL D 42 33.39 -3.89 6.08
CA VAL D 42 32.77 -4.54 4.98
C VAL D 42 33.50 -4.37 3.68
N PHE D 43 33.71 -5.47 3.03
CA PHE D 43 34.35 -5.53 1.77
C PHE D 43 33.33 -5.23 0.70
N ARG D 44 33.67 -4.24 -0.09
CA ARG D 44 32.87 -3.81 -1.19
C ARG D 44 33.87 -3.67 -2.27
N SER D 45 33.49 -3.96 -3.49
CA SER D 45 34.42 -3.79 -4.58
C SER D 45 33.69 -3.44 -5.82
N SER D 46 34.37 -2.74 -6.70
CA SER D 46 33.86 -2.32 -8.00
C SER D 46 32.52 -1.57 -7.90
N VAL D 47 32.39 -0.74 -6.87
CA VAL D 47 31.19 0.06 -6.62
C VAL D 47 31.46 1.48 -6.22
N LEU D 48 30.46 2.32 -6.37
CA LEU D 48 30.53 3.67 -5.84
C LEU D 48 29.48 3.77 -4.76
N HIS D 49 29.92 3.96 -3.53
CA HIS D 49 29.03 3.93 -2.37
C HIS D 49 28.89 5.22 -1.58
N SER D 50 27.65 5.59 -1.29
CA SER D 50 27.38 6.82 -0.55
C SER D 50 27.47 6.68 0.96
N THR D 51 28.42 7.43 1.53
CA THR D 51 28.69 7.39 2.96
C THR D 51 28.65 8.76 3.63
N GLN D 52 27.93 8.86 4.74
CA GLN D 52 27.96 10.11 5.49
C GLN D 52 28.71 9.85 6.77
N ASP D 53 29.78 10.58 6.97
CA ASP D 53 30.64 10.42 8.14
C ASP D 53 31.44 11.65 8.34
N LEU D 54 32.23 11.65 9.38
CA LEU D 54 33.11 12.74 9.58
C LEU D 54 34.35 12.48 8.77
N PHE D 55 34.58 13.34 7.80
CA PHE D 55 35.69 13.26 6.88
C PHE D 55 36.35 14.58 6.79
N LEU D 56 37.60 14.61 6.37
CA LEU D 56 38.19 15.92 6.20
C LEU D 56 37.52 16.50 4.95
N PRO D 57 37.03 17.74 4.95
CA PRO D 57 36.45 18.39 3.78
C PRO D 57 37.54 18.47 2.74
N PHE D 58 37.20 18.33 1.48
CA PHE D 58 38.27 18.48 0.53
C PHE D 58 38.63 19.94 0.39
N PHE D 59 39.91 20.16 0.17
CA PHE D 59 40.54 21.46 0.00
C PHE D 59 40.32 22.41 1.17
N SER D 60 40.35 21.87 2.39
CA SER D 60 40.19 22.68 3.57
C SER D 60 41.49 23.41 3.88
N ASN D 61 41.36 24.41 4.75
CA ASN D 61 42.47 25.22 5.22
C ASN D 61 43.02 24.59 6.52
N VAL D 62 44.15 23.93 6.39
CA VAL D 62 44.80 23.14 7.43
C VAL D 62 45.89 23.92 8.14
N THR D 63 45.94 23.87 9.47
CA THR D 63 46.99 24.64 10.14
C THR D 63 48.28 23.83 10.22
N TRP D 64 49.36 24.48 9.84
CA TRP D 64 50.71 23.92 9.80
C TRP D 64 51.59 24.42 10.95
N PHE D 65 52.05 23.46 11.75
CA PHE D 65 52.88 23.67 12.92
C PHE D 65 54.29 23.16 12.62
N HIS D 66 55.34 23.82 13.18
CA HIS D 66 56.76 23.45 12.95
C HIS D 66 57.71 24.38 13.72
N PHE D 79 60.35 23.57 17.66
CA PHE D 79 59.76 22.78 18.74
C PHE D 79 58.39 23.44 19.09
N ASP D 80 57.44 23.33 18.14
CA ASP D 80 56.09 23.89 18.16
C ASP D 80 55.04 22.90 18.71
N ASN D 81 54.68 23.02 19.99
CA ASN D 81 53.75 22.08 20.61
C ASN D 81 52.63 22.69 21.49
N PRO D 82 51.81 23.63 20.97
CA PRO D 82 50.72 24.32 21.62
C PRO D 82 49.52 23.44 21.85
N VAL D 83 48.62 23.87 22.74
CA VAL D 83 47.39 23.10 22.94
C VAL D 83 46.38 23.51 21.88
N LEU D 84 45.88 22.52 21.17
CA LEU D 84 44.93 22.73 20.11
C LEU D 84 43.56 22.15 20.47
N PRO D 85 42.45 22.71 20.02
CA PRO D 85 41.12 22.14 20.15
C PRO D 85 41.03 20.81 19.41
N PHE D 86 40.22 19.89 19.92
CA PHE D 86 39.95 18.61 19.28
C PHE D 86 38.70 18.71 18.38
N ASN D 87 37.77 19.55 18.79
CA ASN D 87 36.49 19.76 18.15
C ASN D 87 35.74 18.46 17.92
N ASP D 88 35.37 18.15 16.69
CA ASP D 88 34.58 16.96 16.41
C ASP D 88 35.43 15.81 15.94
N GLY D 89 36.72 15.98 15.99
CA GLY D 89 37.64 14.98 15.51
C GLY D 89 38.74 15.71 14.82
N VAL D 90 39.90 15.10 14.84
CA VAL D 90 41.09 15.71 14.28
C VAL D 90 41.79 14.98 13.20
N TYR D 91 42.03 15.69 12.13
CA TYR D 91 42.82 15.10 11.10
C TYR D 91 44.24 15.49 11.37
N PHE D 92 45.09 14.52 11.51
CA PHE D 92 46.44 14.82 11.85
C PHE D 92 47.42 14.18 10.91
N ALA D 93 48.41 14.94 10.52
CA ALA D 93 49.43 14.32 9.71
C ALA D 93 50.75 14.85 10.10
N SER D 94 51.75 14.02 9.99
CA SER D 94 53.06 14.52 10.30
C SER D 94 54.10 14.00 9.39
N THR D 95 55.10 14.83 9.26
CA THR D 95 56.21 14.55 8.40
C THR D 95 57.53 14.75 9.11
N GLU D 96 58.38 13.75 8.98
CA GLU D 96 59.69 13.78 9.59
C GLU D 96 60.61 12.71 9.03
N LYS D 97 61.85 12.76 9.45
CA LYS D 97 62.80 11.67 9.21
C LYS D 97 63.59 11.52 10.49
N SER D 98 63.35 12.50 11.34
CA SER D 98 63.99 12.77 12.61
C SER D 98 63.41 12.04 13.81
N ASN D 99 62.29 11.36 13.64
CA ASN D 99 61.64 10.63 14.72
C ASN D 99 61.40 11.50 15.97
N ILE D 100 60.89 12.70 15.76
CA ILE D 100 60.61 13.64 16.84
C ILE D 100 59.20 13.51 17.30
N ILE D 101 58.27 13.33 16.39
CA ILE D 101 56.90 13.26 16.84
C ILE D 101 56.67 11.83 17.31
N ARG D 102 56.42 11.71 18.61
CA ARG D 102 56.29 10.42 19.25
C ARG D 102 54.88 10.08 19.63
N GLY D 103 54.05 11.08 19.83
CA GLY D 103 52.72 10.74 20.30
C GLY D 103 51.80 11.90 20.52
N TRP D 104 50.72 11.61 21.23
CA TRP D 104 49.71 12.61 21.49
C TRP D 104 49.16 12.55 22.91
N ILE D 105 48.77 13.70 23.39
CA ILE D 105 48.05 13.81 24.64
C ILE D 105 46.67 14.39 24.37
N PHE D 106 45.63 13.70 24.79
CA PHE D 106 44.27 14.17 24.57
C PHE D 106 43.48 14.24 25.86
N GLY D 107 42.71 15.29 26.04
CA GLY D 107 41.88 15.41 27.23
C GLY D 107 41.26 16.78 27.31
N THR D 108 40.98 17.23 28.53
CA THR D 108 40.35 18.52 28.74
C THR D 108 41.31 19.40 29.52
N THR D 109 41.32 19.25 30.84
CA THR D 109 42.16 20.07 31.69
C THR D 109 43.56 19.49 31.96
N LEU D 110 43.76 18.18 31.80
CA LEU D 110 45.08 17.54 31.94
C LEU D 110 45.81 17.89 33.27
N ASP D 111 45.05 17.97 34.37
CA ASP D 111 45.55 18.35 35.68
C ASP D 111 45.16 17.45 36.83
N SER D 112 44.94 16.17 36.54
CA SER D 112 44.52 15.13 37.49
C SER D 112 43.08 15.26 37.98
N LYS D 113 42.33 16.24 37.45
CA LYS D 113 40.95 16.34 37.91
C LYS D 113 40.02 15.40 37.16
N THR D 114 40.37 15.10 35.90
CA THR D 114 39.57 14.24 35.04
C THR D 114 40.54 13.31 34.34
N GLN D 115 40.07 12.25 33.71
CA GLN D 115 41.00 11.40 33.02
C GLN D 115 41.37 11.91 31.66
N SER D 116 42.57 11.56 31.23
CA SER D 116 43.04 11.91 29.91
C SER D 116 43.89 10.80 29.35
N LEU D 117 44.03 10.84 28.04
CA LEU D 117 44.73 9.86 27.24
C LEU D 117 46.11 10.22 26.74
N LEU D 118 47.08 9.41 27.11
CA LEU D 118 48.46 9.64 26.72
C LEU D 118 48.95 8.49 25.85
N ILE D 119 49.21 8.76 24.58
CA ILE D 119 49.70 7.74 23.65
C ILE D 119 51.13 8.04 23.25
N VAL D 120 52.10 7.25 23.70
CA VAL D 120 53.47 7.60 23.33
C VAL D 120 54.36 6.49 22.83
N ASN D 121 55.12 6.79 21.78
CA ASN D 121 56.15 5.91 21.29
C ASN D 121 57.46 6.31 21.94
N ASN D 122 57.88 5.60 22.98
CA ASN D 122 59.09 6.02 23.66
C ASN D 122 60.21 5.03 23.34
N ALA D 123 60.05 4.29 22.23
CA ALA D 123 60.97 3.26 21.73
C ALA D 123 60.96 1.98 22.59
N THR D 124 61.03 2.15 23.90
CA THR D 124 61.02 1.04 24.82
C THR D 124 59.72 0.28 24.65
N ASN D 125 58.59 0.99 24.58
CA ASN D 125 57.27 0.40 24.33
C ASN D 125 56.31 1.45 23.74
N VAL D 126 55.24 1.03 23.05
CA VAL D 126 54.21 2.05 22.83
C VAL D 126 53.38 1.98 24.07
N VAL D 127 53.23 3.10 24.73
CA VAL D 127 52.46 3.10 25.95
C VAL D 127 51.22 3.93 25.86
N ILE D 128 50.08 3.30 26.10
CA ILE D 128 48.82 3.99 26.07
C ILE D 128 48.18 3.96 27.44
N LYS D 129 47.95 5.13 28.01
CA LYS D 129 47.31 5.18 29.30
C LYS D 129 46.19 6.18 29.39
N VAL D 130 45.19 5.81 30.18
CA VAL D 130 44.10 6.73 30.50
C VAL D 130 44.04 6.83 32.00
N CYS D 131 44.23 8.04 32.54
CA CYS D 131 44.30 8.22 33.99
C CYS D 131 44.01 9.65 34.37
N GLU D 132 43.78 9.86 35.66
CA GLU D 132 43.65 11.20 36.16
C GLU D 132 45.06 11.64 36.49
N PHE D 133 45.77 11.95 35.42
CA PHE D 133 47.15 12.37 35.43
C PHE D 133 47.23 13.87 35.51
N GLN D 134 48.26 14.34 36.19
CA GLN D 134 48.64 15.75 36.18
C GLN D 134 49.80 15.81 35.26
N PHE D 135 49.71 16.65 34.26
CA PHE D 135 50.78 16.77 33.30
C PHE D 135 51.57 18.07 33.42
N CYS D 136 52.83 18.00 32.91
CA CYS D 136 53.75 19.11 32.69
C CYS D 136 53.17 20.01 31.61
N ASN D 137 53.36 21.32 31.75
CA ASN D 137 52.89 22.29 30.78
C ASN D 137 53.55 22.09 29.41
N ASP D 138 54.67 21.42 29.40
CA ASP D 138 55.38 21.08 28.20
C ASP D 138 55.80 19.62 28.39
N PRO D 139 54.90 18.67 28.15
CA PRO D 139 55.04 17.27 28.44
C PRO D 139 55.87 16.55 27.42
N PHE D 140 57.15 16.83 27.38
CA PHE D 140 57.96 16.24 26.31
C PHE D 140 58.88 15.10 26.74
N LEU D 141 59.55 14.58 25.72
CA LEU D 141 60.52 13.51 25.80
C LEU D 141 61.83 14.08 25.28
N GLY D 142 62.97 13.54 25.67
CA GLY D 142 64.23 14.00 25.06
C GLY D 142 64.76 12.93 24.09
N VAL D 143 66.03 13.09 23.65
CA VAL D 143 66.72 12.19 22.72
C VAL D 143 68.11 11.96 23.31
N MET D 153 69.97 8.16 21.39
CA MET D 153 69.71 7.88 22.80
C MET D 153 68.36 8.52 23.23
N GLU D 154 67.99 8.35 24.51
CA GLU D 154 66.83 8.98 25.17
C GLU D 154 67.28 9.37 26.55
N SER D 155 67.80 10.58 26.70
CA SER D 155 68.35 10.98 27.98
C SER D 155 67.29 11.21 29.03
N GLU D 156 66.08 11.53 28.60
CA GLU D 156 65.01 11.81 29.54
C GLU D 156 63.62 11.57 29.03
N PHE D 157 62.72 11.39 29.97
CA PHE D 157 61.29 11.32 29.72
C PHE D 157 60.68 12.17 30.80
N ARG D 158 59.88 13.16 30.45
CA ARG D 158 59.29 14.00 31.47
C ARG D 158 57.81 13.73 31.57
N VAL D 159 57.02 14.53 30.85
CA VAL D 159 55.59 14.36 30.67
C VAL D 159 54.70 14.53 31.91
N TYR D 160 54.91 13.72 32.93
CA TYR D 160 54.02 13.68 34.09
C TYR D 160 54.49 14.39 35.33
N SER D 161 53.52 14.87 36.09
CA SER D 161 53.76 15.37 37.45
C SER D 161 53.20 14.40 38.48
N SER D 162 52.06 13.77 38.17
CA SER D 162 51.43 12.84 39.12
C SER D 162 50.44 11.89 38.45
N ALA D 163 50.01 10.86 39.19
CA ALA D 163 48.94 9.99 38.71
C ALA D 163 48.10 9.42 39.85
N ASN D 164 46.80 9.40 39.62
CA ASN D 164 45.74 8.82 40.45
C ASN D 164 45.47 7.42 39.93
N ASN D 165 44.51 6.71 40.51
CA ASN D 165 44.18 5.39 40.02
C ASN D 165 43.79 5.54 38.53
N CYS D 166 44.35 4.67 37.65
CA CYS D 166 44.19 4.73 36.19
C CYS D 166 43.24 3.66 35.64
N THR D 167 42.26 4.08 34.82
CA THR D 167 41.32 3.16 34.19
C THR D 167 41.91 2.26 33.12
N PHE D 168 42.78 2.81 32.28
CA PHE D 168 43.27 2.01 31.17
C PHE D 168 44.75 2.01 30.97
N GLU D 169 45.28 0.84 30.69
CA GLU D 169 46.66 0.75 30.28
C GLU D 169 46.89 -0.36 29.29
N TYR D 170 47.66 -0.03 28.27
CA TYR D 170 48.13 -0.98 27.29
C TYR D 170 49.56 -0.72 26.91
N VAL D 171 50.36 -1.76 26.86
CA VAL D 171 51.73 -1.58 26.44
C VAL D 171 52.08 -2.54 25.30
N SER D 172 52.58 -1.99 24.20
CA SER D 172 52.97 -2.79 23.04
C SER D 172 54.39 -3.26 23.24
N GLN D 173 54.88 -4.10 22.34
CA GLN D 173 56.23 -4.58 22.46
C GLN D 173 57.25 -3.52 22.00
N PRO D 174 58.51 -3.58 22.48
CA PRO D 174 59.62 -2.68 22.14
C PRO D 174 60.00 -2.66 20.68
N PHE D 175 60.52 -1.50 20.22
CA PHE D 175 61.00 -1.23 18.87
C PHE D 175 62.45 -1.68 18.75
N ASN D 185 64.64 17.75 3.86
CA ASN D 185 63.73 16.97 3.03
C ASN D 185 63.35 15.68 3.80
N PHE D 186 62.07 15.61 4.27
CA PHE D 186 61.48 14.53 5.07
C PHE D 186 61.09 13.34 4.20
N LYS D 187 61.25 12.14 4.75
CA LYS D 187 61.00 10.89 4.06
C LYS D 187 59.78 10.09 4.53
N ASN D 188 59.28 10.37 5.74
CA ASN D 188 58.19 9.58 6.28
C ASN D 188 56.93 10.37 6.60
N LEU D 189 55.84 10.01 5.95
CA LEU D 189 54.56 10.67 6.19
C LEU D 189 53.59 9.74 6.88
N ARG D 190 53.07 10.21 7.98
CA ARG D 190 52.12 9.41 8.69
C ARG D 190 50.83 10.18 8.86
N GLU D 191 49.76 9.60 8.39
CA GLU D 191 48.46 10.24 8.46
C GLU D 191 47.60 9.50 9.45
N PHE D 192 46.93 10.26 10.29
CA PHE D 192 46.06 9.73 11.31
C PHE D 192 44.76 10.48 11.41
N VAL D 193 43.73 9.79 11.82
CA VAL D 193 42.55 10.53 12.21
C VAL D 193 42.16 10.09 13.58
N PHE D 194 41.81 11.06 14.38
CA PHE D 194 41.38 10.78 15.72
C PHE D 194 39.92 11.12 15.93
N LYS D 195 39.09 10.10 16.10
CA LYS D 195 37.67 10.26 16.31
C LYS D 195 37.36 9.81 17.73
N ASN D 196 36.29 10.30 18.33
CA ASN D 196 35.91 9.82 19.65
C ASN D 196 34.42 9.65 19.67
N ILE D 197 33.97 8.43 19.42
CA ILE D 197 32.56 8.14 19.26
C ILE D 197 32.01 7.29 20.35
N ASP D 198 31.12 7.84 21.13
CA ASP D 198 30.47 7.13 22.23
C ASP D 198 31.46 6.47 23.18
N GLY D 199 32.57 7.14 23.44
CA GLY D 199 33.59 6.62 24.34
C GLY D 199 34.66 5.77 23.65
N TYR D 200 34.53 5.53 22.37
CA TYR D 200 35.51 4.75 21.67
C TYR D 200 36.46 5.64 20.90
N PHE D 201 37.71 5.56 21.26
CA PHE D 201 38.66 6.42 20.61
C PHE D 201 39.12 5.65 19.41
N LYS D 202 38.79 6.17 18.25
CA LYS D 202 39.03 5.44 17.03
C LYS D 202 40.13 6.07 16.23
N ILE D 203 41.09 5.27 15.88
CA ILE D 203 42.21 5.77 15.16
C ILE D 203 42.34 5.03 13.87
N TYR D 204 42.48 5.78 12.79
CA TYR D 204 42.72 5.18 11.49
C TYR D 204 44.05 5.75 11.10
N SER D 205 44.85 5.00 10.37
CA SER D 205 46.14 5.53 9.97
C SER D 205 46.75 4.90 8.74
N LYS D 206 47.69 5.62 8.15
CA LYS D 206 48.48 5.14 7.03
C LYS D 206 49.88 5.73 7.03
N HIS D 207 50.87 4.94 6.63
CA HIS D 207 52.25 5.39 6.57
C HIS D 207 52.83 5.21 5.16
N THR D 208 53.20 6.31 4.53
CA THR D 208 53.73 6.29 3.18
C THR D 208 55.06 7.04 3.07
N PRO D 209 55.91 6.72 2.09
CA PRO D 209 57.12 7.45 1.78
C PRO D 209 56.81 8.79 1.12
N ILE D 210 57.63 9.77 1.44
CA ILE D 210 57.59 11.13 0.89
C ILE D 210 58.96 11.70 0.54
N ASN D 211 58.93 12.87 -0.11
CA ASN D 211 60.08 13.71 -0.39
C ASN D 211 59.61 15.14 -0.13
N LEU D 212 59.51 15.51 1.14
CA LEU D 212 58.86 16.76 1.52
C LEU D 212 59.76 17.85 2.05
N VAL D 213 59.62 19.03 1.47
CA VAL D 213 60.38 20.17 1.95
C VAL D 213 59.51 21.25 2.58
N ARG D 214 58.23 21.27 2.23
CA ARG D 214 57.30 22.26 2.77
C ARG D 214 56.00 21.59 3.18
N ASP D 215 55.04 21.57 2.26
CA ASP D 215 53.76 20.97 2.56
C ASP D 215 53.56 19.53 2.17
N LEU D 216 52.37 19.05 2.51
CA LEU D 216 51.96 17.71 2.25
C LEU D 216 51.77 17.53 0.77
N PRO D 217 52.02 16.35 0.23
CA PRO D 217 51.83 16.04 -1.15
C PRO D 217 50.36 15.97 -1.48
N GLN D 218 50.04 16.30 -2.71
CA GLN D 218 48.70 16.14 -3.23
C GLN D 218 48.54 14.72 -3.72
N GLY D 219 47.39 14.14 -3.43
CA GLY D 219 47.09 12.79 -3.85
C GLY D 219 45.91 12.28 -3.05
N PHE D 220 45.46 11.09 -3.36
CA PHE D 220 44.32 10.54 -2.65
C PHE D 220 44.72 9.45 -1.71
N SER D 221 44.15 9.46 -0.52
CA SER D 221 44.38 8.38 0.40
C SER D 221 43.17 8.16 1.27
N ALA D 222 43.07 6.91 1.74
CA ALA D 222 42.06 6.50 2.68
C ALA D 222 42.77 5.73 3.78
N LEU D 223 42.39 5.99 5.02
CA LEU D 223 43.07 5.35 6.13
C LEU D 223 42.36 4.11 6.62
N GLU D 224 43.12 3.06 6.85
CA GLU D 224 42.56 1.83 7.37
C GLU D 224 42.52 1.99 8.88
N PRO D 225 41.58 1.37 9.58
CA PRO D 225 41.47 1.42 11.01
C PRO D 225 42.68 0.79 11.62
N LEU D 226 43.15 1.38 12.68
CA LEU D 226 44.29 0.91 13.42
C LEU D 226 43.86 0.29 14.72
N VAL D 227 43.05 1.05 15.46
CA VAL D 227 42.63 0.65 16.78
C VAL D 227 41.33 1.31 17.20
N ASP D 228 40.62 0.63 18.08
CA ASP D 228 39.40 1.13 18.68
C ASP D 228 39.51 0.92 20.19
N LEU D 229 39.72 2.02 20.93
CA LEU D 229 39.95 1.95 22.36
C LEU D 229 38.69 2.27 23.18
N PRO D 230 38.15 1.31 23.95
CA PRO D 230 36.94 1.41 24.75
C PRO D 230 37.21 2.17 26.03
N ILE D 231 37.36 3.48 25.91
CA ILE D 231 37.82 4.31 27.01
C ILE D 231 36.76 5.05 27.82
N GLY D 232 35.82 5.71 27.16
CA GLY D 232 34.81 6.50 27.89
C GLY D 232 35.23 7.89 28.41
N ILE D 233 36.12 8.62 27.72
CA ILE D 233 36.52 9.94 28.24
C ILE D 233 36.19 11.12 27.30
N ASN D 234 36.15 12.34 27.90
CA ASN D 234 35.90 13.65 27.30
C ASN D 234 37.22 14.29 26.83
N ILE D 235 37.35 14.54 25.50
CA ILE D 235 38.53 15.17 24.88
C ILE D 235 38.07 16.44 24.22
N THR D 236 38.65 17.57 24.60
CA THR D 236 38.28 18.83 24.00
C THR D 236 39.51 19.52 23.46
N ARG D 237 40.67 19.14 23.97
CA ARG D 237 41.96 19.73 23.62
C ARG D 237 43.06 18.67 23.49
N PHE D 238 44.11 18.97 22.74
CA PHE D 238 45.24 18.05 22.67
C PHE D 238 46.57 18.71 22.32
N GLN D 239 47.65 17.99 22.57
CA GLN D 239 49.00 18.40 22.18
C GLN D 239 49.73 17.24 21.56
N THR D 240 50.70 17.50 20.71
CA THR D 240 51.51 16.39 20.28
C THR D 240 52.61 16.20 21.31
N LEU D 241 53.24 15.05 21.27
CA LEU D 241 54.37 14.74 22.12
C LEU D 241 55.59 14.68 21.25
N LEU D 242 56.52 15.59 21.52
CA LEU D 242 57.74 15.68 20.75
C LEU D 242 58.94 15.22 21.56
N ALA D 243 59.92 14.63 20.89
CA ALA D 243 61.19 14.25 21.50
C ALA D 243 62.25 15.30 21.17
N LEU D 244 62.56 16.12 22.16
CA LEU D 244 63.49 17.24 22.08
C LEU D 244 64.87 16.70 21.86
N HIS D 245 65.58 17.21 20.87
CA HIS D 245 66.89 16.67 20.69
C HIS D 245 67.80 17.16 21.80
N ARG D 246 68.66 16.25 22.27
CA ARG D 246 69.61 16.52 23.34
C ARG D 246 70.99 15.96 22.94
N SER D 247 72.05 16.79 23.06
CA SER D 247 73.45 16.43 22.76
C SER D 247 74.18 16.08 24.06
N SER D 254 66.04 20.85 29.49
CA SER D 254 67.29 20.79 28.76
C SER D 254 67.49 22.10 27.97
N SER D 255 67.47 23.26 28.67
CA SER D 255 67.60 24.60 28.06
C SER D 255 68.97 24.81 27.41
N SER D 256 69.98 24.18 28.00
CA SER D 256 71.36 24.26 27.55
C SER D 256 71.59 23.51 26.25
N GLY D 257 70.63 22.68 25.88
CA GLY D 257 70.71 21.89 24.68
C GLY D 257 69.31 21.77 24.09
N TRP D 258 68.52 22.83 24.19
CA TRP D 258 67.14 22.72 23.74
C TRP D 258 67.03 22.70 22.22
N THR D 259 67.20 21.52 21.59
CA THR D 259 67.23 21.35 20.13
C THR D 259 65.86 20.74 19.76
N ALA D 262 63.06 19.91 14.19
CA ALA D 262 63.30 19.40 12.85
C ALA D 262 62.21 18.36 12.45
N ALA D 263 60.93 18.74 12.62
CA ALA D 263 59.72 17.95 12.28
C ALA D 263 58.56 18.90 12.09
N ALA D 264 57.52 18.44 11.39
CA ALA D 264 56.34 19.28 11.23
C ALA D 264 55.06 18.48 11.22
N TYR D 265 53.97 19.15 11.54
CA TYR D 265 52.67 18.49 11.53
C TYR D 265 51.54 19.41 11.17
N TYR D 266 50.45 18.78 10.76
CA TYR D 266 49.29 19.50 10.32
C TYR D 266 48.04 19.10 11.05
N VAL D 267 47.22 20.10 11.37
CA VAL D 267 45.96 19.84 12.05
C VAL D 267 44.76 20.40 11.34
N GLY D 268 43.83 19.50 11.04
CA GLY D 268 42.58 19.84 10.42
C GLY D 268 41.44 19.31 11.25
N TYR D 269 40.23 19.53 10.81
CA TYR D 269 39.09 19.05 11.56
C TYR D 269 38.11 18.38 10.65
N LEU D 270 37.37 17.45 11.20
CA LEU D 270 36.42 16.72 10.39
C LEU D 270 35.03 17.33 10.38
N GLN D 271 34.29 17.08 9.31
CA GLN D 271 32.91 17.52 9.20
C GLN D 271 32.03 16.39 8.70
N PRO D 272 30.72 16.35 9.04
CA PRO D 272 29.75 15.32 8.65
C PRO D 272 29.25 15.44 7.22
N ARG D 273 30.18 15.35 6.30
CA ARG D 273 29.94 15.44 4.87
C ARG D 273 29.61 14.10 4.25
N THR D 274 28.98 14.17 3.10
CA THR D 274 28.69 12.95 2.37
C THR D 274 29.64 12.84 1.24
N PHE D 275 30.24 11.67 1.15
CA PHE D 275 31.13 11.36 0.09
C PHE D 275 30.73 10.14 -0.66
N LEU D 276 30.98 10.14 -1.94
CA LEU D 276 30.78 8.90 -2.65
C LEU D 276 32.13 8.28 -2.77
N LEU D 277 32.29 7.10 -2.20
CA LEU D 277 33.57 6.44 -2.15
C LEU D 277 33.67 5.39 -3.21
N LYS D 278 34.71 5.49 -4.03
CA LYS D 278 34.91 4.58 -5.12
C LYS D 278 35.81 3.44 -4.73
N TYR D 279 35.25 2.24 -4.79
CA TYR D 279 35.96 1.02 -4.46
C TYR D 279 36.37 0.33 -5.73
N ASN D 280 37.64 -0.02 -5.83
CA ASN D 280 38.12 -0.70 -7.01
C ASN D 280 37.86 -2.18 -6.86
N GLU D 281 38.37 -2.97 -7.77
CA GLU D 281 38.13 -4.41 -7.79
C GLU D 281 38.77 -5.16 -6.62
N ASN D 282 39.69 -4.52 -5.93
CA ASN D 282 40.39 -5.15 -4.83
C ASN D 282 39.75 -4.68 -3.54
N GLY D 283 38.70 -3.87 -3.66
CA GLY D 283 38.01 -3.32 -2.53
C GLY D 283 38.74 -2.17 -1.87
N THR D 284 39.61 -1.50 -2.61
CA THR D 284 40.38 -0.40 -2.11
C THR D 284 39.70 0.88 -2.47
N ILE D 285 39.62 1.82 -1.54
CA ILE D 285 39.02 3.07 -1.92
C ILE D 285 40.09 3.80 -2.68
N THR D 286 39.78 4.15 -3.92
CA THR D 286 40.76 4.80 -4.75
C THR D 286 40.39 6.22 -5.04
N ASP D 287 39.11 6.55 -4.87
CA ASP D 287 38.73 7.94 -5.12
C ASP D 287 37.54 8.32 -4.26
N ALA D 288 37.13 9.57 -4.33
CA ALA D 288 35.98 10.02 -3.59
C ALA D 288 35.40 11.33 -4.12
N VAL D 289 34.09 11.51 -3.96
CA VAL D 289 33.49 12.78 -4.36
C VAL D 289 32.97 13.51 -3.17
N ASP D 290 33.44 14.74 -2.94
CA ASP D 290 32.94 15.55 -1.83
C ASP D 290 31.67 16.23 -2.30
N CYS D 291 30.49 15.75 -1.84
CA CYS D 291 29.18 16.12 -2.35
C CYS D 291 28.79 17.54 -1.97
N ALA D 292 29.59 18.22 -1.16
CA ALA D 292 29.25 19.58 -0.83
C ALA D 292 30.40 20.54 -1.11
N LEU D 293 31.31 20.16 -1.99
CA LEU D 293 32.43 21.04 -2.33
C LEU D 293 32.07 22.19 -3.28
N ASP D 294 31.20 21.92 -4.25
CA ASP D 294 30.80 22.88 -5.29
C ASP D 294 29.71 22.23 -6.19
N PRO D 295 28.93 23.02 -6.97
CA PRO D 295 27.88 22.55 -7.88
C PRO D 295 28.28 21.43 -8.82
N LEU D 296 29.52 21.40 -9.25
CA LEU D 296 29.89 20.31 -10.13
C LEU D 296 29.86 18.99 -9.40
N SER D 297 30.27 19.00 -8.13
CA SER D 297 30.34 17.80 -7.34
C SER D 297 28.95 17.48 -6.84
N GLU D 298 28.15 18.50 -6.60
CA GLU D 298 26.80 18.25 -6.12
C GLU D 298 25.98 17.44 -7.16
N THR D 299 26.29 17.67 -8.43
CA THR D 299 25.77 16.82 -9.55
C THR D 299 26.48 15.47 -9.52
N LYS D 300 27.80 15.48 -9.68
CA LYS D 300 28.55 14.20 -9.82
C LYS D 300 27.97 13.24 -8.79
N CYS D 301 27.76 13.72 -7.58
CA CYS D 301 26.99 12.98 -6.56
C CYS D 301 25.52 12.67 -6.86
N THR D 302 24.72 13.62 -7.31
CA THR D 302 23.30 13.33 -7.57
C THR D 302 23.14 12.20 -8.57
N LEU D 303 23.98 12.20 -9.59
CA LEU D 303 23.97 11.21 -10.66
C LEU D 303 24.74 9.94 -10.35
N LYS D 304 25.33 9.86 -9.16
CA LYS D 304 26.11 8.72 -8.74
C LYS D 304 27.25 8.38 -9.66
N SER D 305 28.02 9.37 -10.08
CA SER D 305 29.12 9.07 -10.95
C SER D 305 30.25 10.07 -10.86
N PHE D 306 31.34 9.76 -11.54
CA PHE D 306 32.46 10.69 -11.61
C PHE D 306 32.48 11.38 -12.94
N THR D 307 31.52 11.03 -13.78
CA THR D 307 31.36 11.60 -15.10
C THR D 307 29.99 12.18 -15.23
N VAL D 308 29.94 13.40 -15.69
CA VAL D 308 28.68 14.06 -15.92
C VAL D 308 28.63 14.41 -17.38
N GLU D 309 27.56 14.02 -18.03
CA GLU D 309 27.37 14.26 -19.44
C GLU D 309 26.82 15.65 -19.67
N LYS D 310 26.96 16.14 -20.87
CA LYS D 310 26.45 17.44 -21.18
C LYS D 310 24.95 17.54 -20.98
N GLY D 311 24.51 18.61 -20.33
CA GLY D 311 23.08 18.83 -20.11
C GLY D 311 22.77 19.53 -18.79
N ILE D 312 21.49 19.58 -18.44
CA ILE D 312 21.07 20.24 -17.22
C ILE D 312 20.47 19.28 -16.25
N TYR D 313 20.95 19.35 -15.03
CA TYR D 313 20.44 18.47 -14.01
C TYR D 313 19.93 19.28 -12.84
N GLN D 314 18.84 18.86 -12.22
CA GLN D 314 18.44 19.54 -11.00
C GLN D 314 19.10 18.83 -9.87
N THR D 315 19.75 19.57 -8.98
CA THR D 315 20.48 18.90 -7.93
C THR D 315 20.05 19.23 -6.52
N SER D 316 19.49 20.41 -6.32
CA SER D 316 19.16 20.82 -4.96
C SER D 316 18.14 21.92 -5.00
N ASN D 317 17.59 22.28 -3.86
CA ASN D 317 16.73 23.45 -3.83
C ASN D 317 17.38 24.60 -3.13
N PHE D 318 17.04 25.79 -3.57
CA PHE D 318 17.45 26.98 -2.90
C PHE D 318 16.44 27.19 -1.84
N ARG D 319 16.85 27.51 -0.62
CA ARG D 319 15.85 27.80 0.40
C ARG D 319 16.23 28.99 1.23
N VAL D 320 15.30 29.90 1.38
CA VAL D 320 15.50 31.05 2.24
C VAL D 320 15.18 30.63 3.65
N GLN D 321 16.07 30.95 4.58
CA GLN D 321 15.87 30.54 5.95
C GLN D 321 15.30 31.67 6.78
N PRO D 322 14.54 31.38 7.84
CA PRO D 322 14.07 32.36 8.77
C PRO D 322 15.24 32.89 9.52
N THR D 323 15.21 34.16 9.82
CA THR D 323 16.26 34.76 10.59
C THR D 323 15.78 35.21 11.96
N GLU D 324 14.47 35.35 12.13
CA GLU D 324 13.97 35.80 13.43
C GLU D 324 12.76 34.97 13.85
N SER D 325 12.23 35.27 15.04
CA SER D 325 11.08 34.59 15.64
C SER D 325 10.16 35.61 16.31
N ILE D 326 8.90 35.60 15.90
CA ILE D 326 7.92 36.59 16.33
C ILE D 326 6.69 35.99 16.97
N VAL D 327 6.40 36.46 18.17
CA VAL D 327 5.24 35.96 18.90
C VAL D 327 4.26 37.08 19.26
N ARG D 328 3.03 36.97 18.80
CA ARG D 328 2.10 38.05 19.07
C ARG D 328 0.80 37.59 19.70
N PHE D 329 0.45 38.29 20.75
CA PHE D 329 -0.77 38.12 21.51
C PHE D 329 -1.30 39.49 21.87
N PRO D 330 -2.57 39.63 22.23
CA PRO D 330 -3.15 40.84 22.78
C PRO D 330 -2.40 41.07 24.07
N ASN D 331 -2.34 42.33 24.56
CA ASN D 331 -1.70 42.70 25.82
C ASN D 331 -2.51 42.15 27.01
N ILE D 332 -1.83 41.90 28.15
CA ILE D 332 -2.44 41.29 29.33
C ILE D 332 -3.15 42.25 30.27
N THR D 333 -4.42 41.95 30.48
CA THR D 333 -5.34 42.63 31.35
C THR D 333 -6.16 41.60 32.08
N ASN D 334 -7.11 42.06 32.89
CA ASN D 334 -8.00 41.14 33.61
C ASN D 334 -7.27 40.09 34.44
N LEU D 335 -6.32 40.52 35.26
CA LEU D 335 -5.61 39.58 36.12
C LEU D 335 -6.49 39.08 37.28
N CYS D 336 -6.28 37.81 37.67
CA CYS D 336 -6.94 37.06 38.74
C CYS D 336 -6.61 37.64 40.13
N PRO D 337 -7.61 37.79 41.02
CA PRO D 337 -7.48 38.27 42.38
C PRO D 337 -6.22 37.71 43.05
N VAL D 341 -7.08 38.46 46.93
CA VAL D 341 -6.89 37.24 47.69
C VAL D 341 -5.53 37.26 48.43
N PHE D 342 -4.43 37.32 47.66
CA PHE D 342 -3.04 37.21 48.16
C PHE D 342 -2.62 38.43 48.95
N ASN D 343 -3.23 39.57 48.63
CA ASN D 343 -2.95 40.80 49.33
C ASN D 343 -4.13 41.18 50.24
N ALA D 344 -4.98 40.19 50.56
CA ALA D 344 -6.11 40.44 51.41
C ALA D 344 -5.64 40.74 52.81
N THR D 345 -6.42 41.52 53.53
CA THR D 345 -6.13 41.81 54.93
C THR D 345 -7.08 41.04 55.83
N ARG D 346 -8.00 40.31 55.20
CA ARG D 346 -9.00 39.51 55.89
C ARG D 346 -9.07 38.13 55.26
N PHE D 347 -9.01 37.14 56.14
CA PHE D 347 -8.97 35.73 55.79
C PHE D 347 -9.97 34.91 56.58
N ALA D 348 -10.34 33.75 56.05
CA ALA D 348 -11.29 32.87 56.71
C ALA D 348 -10.87 32.51 58.12
N SER D 349 -11.83 32.53 59.04
CA SER D 349 -11.58 32.22 60.44
C SER D 349 -11.36 30.74 60.55
N VAL D 350 -11.05 30.26 61.73
CA VAL D 350 -10.75 28.86 61.91
C VAL D 350 -11.98 27.96 61.73
N TYR D 351 -13.16 28.58 61.63
CA TYR D 351 -14.40 27.86 61.44
C TYR D 351 -14.84 27.84 59.97
N ALA D 352 -13.97 28.33 59.08
CA ALA D 352 -14.24 28.38 57.65
C ALA D 352 -12.95 28.16 56.89
N TRP D 353 -12.99 27.65 55.70
CA TRP D 353 -11.73 27.51 55.00
C TRP D 353 -11.66 28.64 54.00
N ASN D 354 -10.48 29.13 53.71
CA ASN D 354 -10.38 30.17 52.70
C ASN D 354 -10.48 29.51 51.34
N ARG D 355 -11.65 29.64 50.72
CA ARG D 355 -12.00 29.00 49.45
C ARG D 355 -12.55 30.08 48.53
N LYS D 356 -11.69 30.79 47.82
CA LYS D 356 -12.19 31.92 47.04
C LYS D 356 -12.09 31.66 45.57
N ARG D 357 -13.24 31.43 44.93
CA ARG D 357 -13.19 31.08 43.53
C ARG D 357 -12.69 32.22 42.67
N ILE D 358 -11.75 31.86 41.83
CA ILE D 358 -11.11 32.63 40.82
C ILE D 358 -11.49 32.00 39.48
N SER D 359 -12.04 32.82 38.57
CA SER D 359 -12.50 32.34 37.27
C SER D 359 -12.51 33.46 36.24
N ASN D 360 -12.55 33.07 34.97
CA ASN D 360 -12.65 33.99 33.83
C ASN D 360 -11.64 35.16 33.89
N CYS D 361 -10.34 34.82 34.12
CA CYS D 361 -9.25 35.76 34.36
C CYS D 361 -7.87 35.24 33.98
N VAL D 362 -6.90 36.17 34.02
CA VAL D 362 -5.51 35.86 33.73
C VAL D 362 -4.71 35.63 35.01
N ALA D 363 -4.19 34.44 35.13
CA ALA D 363 -3.51 34.02 36.35
C ALA D 363 -2.02 34.24 36.38
N ASP D 364 -1.57 35.23 37.12
CA ASP D 364 -0.14 35.49 37.13
C ASP D 364 0.51 34.59 38.16
N TYR D 365 0.68 33.34 37.77
CA TYR D 365 1.20 32.34 38.67
C TYR D 365 2.67 32.62 38.92
N SER D 366 3.35 33.13 37.90
CA SER D 366 4.77 33.40 38.02
C SER D 366 5.06 34.41 39.09
N VAL D 367 4.31 35.52 39.15
CA VAL D 367 4.65 36.50 40.17
C VAL D 367 4.39 35.94 41.54
N LEU D 368 3.38 35.09 41.70
CA LEU D 368 3.13 34.57 43.04
C LEU D 368 4.34 33.78 43.55
N TYR D 369 4.98 33.01 42.67
CA TYR D 369 6.19 32.24 43.02
C TYR D 369 7.43 33.08 43.23
N ASN D 370 7.63 34.04 42.33
CA ASN D 370 8.79 34.89 42.33
C ASN D 370 8.81 35.96 43.40
N SER D 371 7.64 36.44 43.81
CA SER D 371 7.53 37.48 44.80
C SER D 371 8.14 37.14 46.14
N ALA D 372 8.82 38.11 46.73
CA ALA D 372 9.44 37.90 48.04
C ALA D 372 8.52 38.23 49.20
N SER D 373 7.27 38.61 48.93
CA SER D 373 6.34 38.99 49.99
C SER D 373 5.81 37.81 50.80
N PHE D 374 5.96 36.58 50.30
CA PHE D 374 5.48 35.42 51.03
C PHE D 374 6.58 34.98 51.97
N SER D 375 6.23 34.28 53.04
CA SER D 375 7.28 33.81 53.93
C SER D 375 7.73 32.45 53.47
N THR D 376 6.80 31.74 52.86
CA THR D 376 7.07 30.41 52.34
C THR D 376 6.13 30.08 51.21
N PHE D 377 6.60 29.19 50.35
CA PHE D 377 5.83 28.70 49.22
C PHE D 377 6.02 27.22 49.02
N LYS D 378 4.92 26.50 48.80
CA LYS D 378 4.97 25.08 48.52
C LYS D 378 4.01 24.80 47.34
N CYS D 379 4.27 23.75 46.50
CA CYS D 379 3.33 23.38 45.44
C CYS D 379 3.34 21.87 45.25
N TYR D 380 2.15 21.33 44.98
CA TYR D 380 1.96 19.90 44.81
C TYR D 380 2.66 19.33 43.58
N GLY D 381 2.53 20.05 42.48
CA GLY D 381 3.06 19.63 41.19
C GLY D 381 4.32 20.35 40.82
N VAL D 382 4.19 21.39 40.03
CA VAL D 382 5.35 22.13 39.57
C VAL D 382 5.17 23.57 39.93
N SER D 383 6.27 24.29 39.96
CA SER D 383 6.26 25.68 40.32
C SER D 383 5.32 26.51 39.42
N PRO D 384 4.67 27.54 39.96
CA PRO D 384 3.80 28.51 39.30
C PRO D 384 4.42 29.20 38.09
N THR D 385 5.75 29.20 37.99
CA THR D 385 6.39 29.84 36.85
C THR D 385 6.30 28.92 35.62
N LYS D 386 6.04 27.62 35.88
CA LYS D 386 5.88 26.59 34.87
C LYS D 386 4.41 26.47 34.55
N LEU D 387 3.58 26.86 35.51
CA LEU D 387 2.13 26.83 35.38
C LEU D 387 1.64 28.15 34.82
N ASN D 388 2.57 29.07 34.61
CA ASN D 388 2.29 30.44 34.24
C ASN D 388 1.53 30.63 32.97
N ASP D 389 1.63 29.76 32.01
CA ASP D 389 0.87 29.95 30.79
C ASP D 389 -0.16 28.83 30.58
N LEU D 390 -0.51 28.11 31.68
CA LEU D 390 -1.46 27.01 31.58
C LEU D 390 -2.87 27.43 32.02
N CYS D 391 -3.90 26.73 31.45
CA CYS D 391 -5.33 26.94 31.71
C CYS D 391 -5.89 25.85 32.64
N PHE D 392 -6.72 26.29 33.60
CA PHE D 392 -7.35 25.47 34.63
C PHE D 392 -8.87 25.72 34.75
N THR D 393 -9.57 24.74 35.33
CA THR D 393 -11.01 24.87 35.52
C THR D 393 -11.33 26.08 36.37
N ASN D 394 -11.12 25.96 37.67
CA ASN D 394 -11.32 27.01 38.64
C ASN D 394 -10.18 26.99 39.63
N VAL D 395 -9.92 28.13 40.28
CA VAL D 395 -8.90 28.25 41.32
C VAL D 395 -9.50 28.74 42.65
N TYR D 396 -9.17 28.10 43.81
CA TYR D 396 -9.72 28.48 45.14
C TYR D 396 -8.62 28.93 46.10
N PHE D 400 -6.71 31.92 55.05
CA PHE D 400 -7.08 31.19 56.25
C PHE D 400 -6.21 31.68 57.42
N VAL D 401 -6.88 32.04 58.54
CA VAL D 401 -6.26 32.54 59.77
C VAL D 401 -5.80 31.40 60.65
N ILE D 402 -4.50 31.35 60.91
CA ILE D 402 -3.93 30.26 61.68
C ILE D 402 -2.72 30.70 62.52
N ARG D 403 -2.50 30.04 63.65
CA ARG D 403 -1.34 30.31 64.49
C ARG D 403 -0.09 29.58 63.99
N GLY D 404 1.08 30.07 64.42
CA GLY D 404 2.36 29.47 64.03
C GLY D 404 2.56 28.00 64.32
N ASP D 405 2.02 27.48 65.41
CA ASP D 405 2.23 26.07 65.62
C ASP D 405 1.31 25.25 64.74
N GLU D 406 0.06 25.69 64.61
CA GLU D 406 -0.93 24.93 63.87
C GLU D 406 -0.62 24.87 62.37
N VAL D 407 -0.05 25.94 61.84
CA VAL D 407 0.25 26.06 60.42
C VAL D 407 1.32 25.10 59.95
N ARG D 408 2.03 24.45 60.87
CA ARG D 408 3.07 23.54 60.45
C ARG D 408 2.53 22.38 59.61
N GLN D 409 1.22 22.07 59.71
CA GLN D 409 0.65 20.98 58.94
C GLN D 409 -0.08 21.40 57.67
N ILE D 410 -0.03 22.68 57.27
CA ILE D 410 -0.72 23.00 56.02
C ILE D 410 0.29 23.07 54.89
N ALA D 411 0.17 22.13 53.99
CA ALA D 411 1.06 22.01 52.86
C ALA D 411 0.34 21.23 51.77
N PRO D 412 0.71 21.36 50.49
CA PRO D 412 0.12 20.65 49.38
C PRO D 412 0.05 19.13 49.55
N GLY D 413 1.03 18.54 50.23
CA GLY D 413 1.03 17.09 50.38
C GLY D 413 0.40 16.58 51.67
N GLN D 414 -0.19 17.46 52.46
CA GLN D 414 -0.76 17.02 53.73
C GLN D 414 -2.26 16.77 53.64
N THR D 415 -2.75 15.83 54.50
CA THR D 415 -4.15 15.45 54.65
C THR D 415 -4.54 15.60 56.12
N ILE D 418 -4.97 18.60 62.89
CA ILE D 418 -5.17 20.05 62.91
C ILE D 418 -6.37 20.41 62.02
N ALA D 419 -6.20 20.42 60.68
CA ALA D 419 -7.26 20.82 59.72
C ALA D 419 -8.50 19.92 59.85
N ASP D 420 -8.30 18.73 60.42
CA ASP D 420 -9.35 17.73 60.60
C ASP D 420 -10.51 18.24 61.47
N TYR D 421 -10.29 19.29 62.28
CA TYR D 421 -11.38 19.79 63.11
C TYR D 421 -12.23 20.84 62.38
N ASN D 422 -11.90 21.12 61.12
CA ASN D 422 -12.62 22.12 60.33
C ASN D 422 -12.86 21.59 58.91
N TYR D 423 -11.88 21.75 58.04
CA TYR D 423 -11.92 21.22 56.68
C TYR D 423 -10.81 20.21 56.52
N LYS D 424 -11.16 19.00 56.13
CA LYS D 424 -10.13 18.00 55.99
C LYS D 424 -9.21 18.50 54.90
N LEU D 425 -7.93 18.49 55.21
CA LEU D 425 -6.92 18.98 54.31
C LEU D 425 -6.76 17.95 53.17
N PRO D 426 -6.47 18.33 51.87
CA PRO D 426 -6.26 17.41 50.76
C PRO D 426 -4.78 16.99 50.61
N PHE D 429 -4.81 16.47 46.62
CA PHE D 429 -4.65 17.89 46.29
C PHE D 429 -3.95 18.14 44.95
N THR D 430 -4.57 19.01 44.13
CA THR D 430 -3.99 19.54 42.89
C THR D 430 -3.98 21.04 43.12
N GLY D 431 -2.82 21.67 42.96
CA GLY D 431 -2.72 23.11 43.21
C GLY D 431 -1.44 23.45 43.96
N CYS D 432 -1.35 24.72 44.43
CA CYS D 432 -0.21 25.30 45.16
C CYS D 432 -0.68 25.96 46.49
N VAL D 433 0.23 26.08 47.47
CA VAL D 433 -0.08 26.73 48.76
C VAL D 433 0.90 27.88 49.11
N ILE D 434 0.34 29.05 49.40
CA ILE D 434 1.15 30.23 49.70
C ILE D 434 0.93 30.70 51.14
N ALA D 435 2.00 30.99 51.89
CA ALA D 435 1.76 31.46 53.25
C ALA D 435 2.61 32.70 53.59
N TRP D 436 2.01 33.52 54.45
CA TRP D 436 2.58 34.79 54.92
C TRP D 436 2.68 34.85 56.44
N ASN D 437 3.65 35.59 56.94
CA ASN D 437 3.77 35.81 58.38
C ASN D 437 3.11 37.14 58.72
N SER D 438 1.94 37.12 59.38
CA SER D 438 1.21 38.36 59.63
C SER D 438 1.85 39.09 60.78
N ASN D 439 2.59 38.32 61.57
CA ASN D 439 3.33 38.84 62.68
C ASN D 439 4.46 39.77 62.26
N ASN D 440 4.72 39.87 60.96
CA ASN D 440 5.69 40.82 60.46
C ASN D 440 5.22 42.29 60.64
N LEU D 441 3.88 42.53 60.78
CA LEU D 441 3.24 43.84 60.91
C LEU D 441 2.63 43.94 62.31
N ASN D 448 -5.36 39.51 68.73
CA ASN D 448 -6.72 39.40 68.26
C ASN D 448 -7.30 38.06 68.77
N TYR D 449 -8.33 38.14 69.64
CA TYR D 449 -9.00 37.03 70.31
C TYR D 449 -10.35 36.67 69.72
N ASN D 450 -10.66 37.20 68.54
CA ASN D 450 -11.93 36.85 67.93
C ASN D 450 -11.76 35.59 67.10
N TYR D 451 -10.52 35.21 66.87
CA TYR D 451 -10.24 34.05 66.06
C TYR D 451 -10.19 32.82 66.92
N LEU D 452 -11.36 32.35 67.24
CA LEU D 452 -11.47 31.20 68.09
C LEU D 452 -11.17 29.98 67.29
N TYR D 453 -10.62 28.96 67.93
CA TYR D 453 -10.40 27.70 67.29
C TYR D 453 -11.63 26.83 67.37
N ARG D 454 -11.83 25.98 66.34
CA ARG D 454 -12.95 25.06 66.23
C ARG D 454 -12.59 23.72 66.88
N LYS D 462 -14.15 14.69 53.50
CA LYS D 462 -13.52 14.46 52.20
C LYS D 462 -12.40 15.51 52.04
N PRO D 463 -11.35 15.32 51.14
CA PRO D 463 -10.22 16.25 50.92
C PRO D 463 -10.69 17.66 50.53
N PHE D 464 -10.12 18.68 51.19
CA PHE D 464 -10.44 20.08 50.96
C PHE D 464 -11.94 20.28 51.15
N GLU D 465 -12.47 19.70 52.24
CA GLU D 465 -13.91 19.83 52.51
C GLU D 465 -14.27 19.75 54.02
N ARG D 466 -15.40 20.41 54.39
CA ARG D 466 -16.05 20.53 55.71
C ARG D 466 -15.75 19.37 56.67
N LEU D 492 -12.64 23.97 70.80
CA LEU D 492 -11.32 24.50 71.13
C LEU D 492 -11.39 25.93 71.76
N GLN D 493 -10.20 26.43 72.18
CA GLN D 493 -9.95 27.70 72.89
C GLN D 493 -9.88 28.98 72.03
N SER D 494 -10.17 30.10 72.69
CA SER D 494 -10.12 31.46 72.17
C SER D 494 -8.68 31.97 72.22
N TYR D 495 -7.84 31.40 71.38
CA TYR D 495 -6.43 31.76 71.38
C TYR D 495 -6.24 33.11 70.74
N GLY D 496 -5.31 33.90 71.27
CA GLY D 496 -5.01 35.17 70.65
C GLY D 496 -4.01 35.01 69.55
N PHE D 497 -4.13 35.87 68.58
CA PHE D 497 -3.23 35.99 67.45
C PHE D 497 -2.48 37.28 67.59
N GLN D 498 -1.26 37.22 68.09
CA GLN D 498 -0.57 38.48 68.34
C GLN D 498 0.91 38.37 67.97
N PRO D 499 1.52 39.39 67.32
CA PRO D 499 2.93 39.47 67.00
C PRO D 499 3.81 39.46 68.26
N THR D 500 3.20 39.78 69.40
CA THR D 500 3.85 39.87 70.68
C THR D 500 3.85 38.55 71.46
N ASN D 501 3.19 37.53 70.94
CA ASN D 501 3.17 36.25 71.64
C ASN D 501 4.37 35.46 71.13
N GLY D 502 4.59 34.25 71.62
CA GLY D 502 5.75 33.51 71.15
C GLY D 502 5.46 33.10 69.72
N VAL D 503 6.44 32.52 69.04
CA VAL D 503 6.28 32.24 67.61
C VAL D 503 5.07 31.37 67.31
N GLY D 504 4.84 30.37 68.14
CA GLY D 504 3.75 29.45 67.91
C GLY D 504 2.37 30.12 68.00
N TYR D 505 2.32 31.30 68.62
CA TYR D 505 1.09 32.04 68.81
C TYR D 505 1.02 33.31 67.97
N GLN D 506 1.99 33.48 67.08
CA GLN D 506 1.99 34.59 66.19
C GLN D 506 1.02 34.25 65.08
N PRO D 507 0.34 35.23 64.46
CA PRO D 507 -0.52 35.05 63.31
C PRO D 507 0.21 34.78 62.00
N TYR D 508 -0.34 33.83 61.26
CA TYR D 508 0.08 33.42 59.93
C TYR D 508 -1.15 33.33 59.05
N ARG D 509 -0.96 33.45 57.73
CA ARG D 509 -2.09 33.33 56.82
C ARG D 509 -1.77 32.39 55.70
N VAL D 510 -2.74 31.56 55.33
CA VAL D 510 -2.51 30.63 54.24
C VAL D 510 -3.58 30.64 53.14
N VAL D 511 -3.12 30.66 51.90
CA VAL D 511 -4.01 30.55 50.76
C VAL D 511 -3.74 29.24 50.04
N VAL D 512 -4.78 28.41 49.98
CA VAL D 512 -4.67 27.12 49.34
C VAL D 512 -5.32 27.17 47.98
N LEU D 513 -4.50 27.19 46.97
CA LEU D 513 -4.99 27.35 45.63
C LEU D 513 -5.30 26.03 45.03
N SER D 514 -6.42 25.50 45.47
CA SER D 514 -6.88 24.23 44.94
C SER D 514 -7.27 24.49 43.50
N PHE D 515 -6.94 23.52 42.61
CA PHE D 515 -7.23 23.50 41.17
C PHE D 515 -6.66 22.24 40.56
N ALA D 522 -11.91 25.30 30.80
CA ALA D 522 -10.96 26.01 31.65
C ALA D 522 -11.26 27.52 31.58
N THR D 523 -11.37 28.20 32.76
CA THR D 523 -11.67 29.65 32.82
C THR D 523 -10.54 30.50 33.42
N VAL D 524 -9.60 29.86 34.12
CA VAL D 524 -8.50 30.57 34.74
C VAL D 524 -7.29 30.20 33.95
N CYS D 525 -6.55 31.16 33.36
CA CYS D 525 -5.38 30.77 32.53
C CYS D 525 -4.34 31.83 32.69
N GLY D 526 -3.10 31.45 32.80
CA GLY D 526 -2.09 32.46 32.96
C GLY D 526 -1.82 33.22 31.65
N PRO D 527 -1.00 34.27 31.69
CA PRO D 527 -0.67 35.13 30.56
C PRO D 527 0.23 34.47 29.55
N LYS D 528 0.13 34.92 28.31
CA LYS D 528 1.02 34.49 27.26
C LYS D 528 2.06 35.58 27.08
N LYS D 529 3.24 35.20 26.60
CA LYS D 529 4.30 36.16 26.35
C LYS D 529 4.34 36.55 24.89
N SER D 530 4.90 37.72 24.61
CA SER D 530 5.00 38.21 23.25
C SER D 530 6.28 38.97 22.99
N THR D 531 6.53 39.21 21.71
CA THR D 531 7.67 39.93 21.17
C THR D 531 7.15 41.04 20.29
N ASN D 532 8.07 41.84 19.78
CA ASN D 532 7.74 42.90 18.85
C ASN D 532 7.56 42.27 17.49
N LEU D 533 6.88 42.98 16.60
CA LEU D 533 6.65 42.55 15.23
C LEU D 533 7.65 43.16 14.27
N VAL D 534 8.04 42.39 13.25
CA VAL D 534 8.94 42.88 12.22
C VAL D 534 8.33 42.62 10.85
N LYS D 535 8.81 43.33 9.85
CA LYS D 535 8.31 43.13 8.50
C LYS D 535 9.36 42.89 7.42
N ASN D 536 8.88 42.24 6.37
CA ASN D 536 9.53 41.90 5.12
C ASN D 536 10.76 41.01 5.22
N LYS D 537 10.75 40.11 6.17
CA LYS D 537 11.81 39.14 6.35
C LYS D 537 11.18 37.81 6.76
N CYS D 538 11.89 36.67 6.53
CA CYS D 538 11.44 35.33 6.96
C CYS D 538 11.59 35.16 8.47
N VAL D 539 10.48 34.80 9.04
CA VAL D 539 10.25 34.64 10.43
C VAL D 539 9.56 33.36 10.83
N ASN D 540 9.98 32.80 11.96
CA ASN D 540 9.27 31.70 12.57
C ASN D 540 8.22 32.38 13.45
N PHE D 541 6.97 32.36 13.04
CA PHE D 541 5.96 33.16 13.73
C PHE D 541 4.88 32.38 14.46
N ASN D 542 4.29 33.09 15.42
CA ASN D 542 3.16 32.64 16.21
C ASN D 542 2.16 33.78 16.51
N PHE D 543 1.05 33.85 15.79
CA PHE D 543 0.05 34.91 16.01
C PHE D 543 -1.18 34.27 16.63
N ASN D 544 -1.39 34.46 17.91
CA ASN D 544 -2.46 33.74 18.59
C ASN D 544 -2.27 32.24 18.36
N GLY D 545 -3.18 31.61 17.60
CA GLY D 545 -3.10 30.17 17.34
C GLY D 545 -2.51 29.79 15.98
N LEU D 546 -2.05 30.78 15.22
CA LEU D 546 -1.54 30.56 13.87
C LEU D 546 -0.03 30.57 13.84
N THR D 547 0.55 29.44 13.49
CA THR D 547 1.99 29.35 13.51
C THR D 547 2.53 28.88 12.18
N GLY D 548 3.82 29.13 11.97
CA GLY D 548 4.49 28.67 10.75
C GLY D 548 5.67 29.54 10.41
N THR D 549 6.23 29.34 9.22
CA THR D 549 7.38 30.13 8.80
C THR D 549 7.05 30.82 7.50
N GLY D 550 7.37 32.09 7.43
CA GLY D 550 7.11 32.84 6.22
C GLY D 550 7.50 34.29 6.38
N VAL D 551 7.22 35.07 5.36
CA VAL D 551 7.57 36.47 5.36
C VAL D 551 6.40 37.25 5.87
N LEU D 552 6.66 38.12 6.81
CA LEU D 552 5.56 38.90 7.35
C LEU D 552 5.49 40.25 6.66
N THR D 553 4.44 40.50 5.89
CA THR D 553 4.32 41.78 5.21
C THR D 553 2.92 42.33 5.41
N GLU D 554 2.62 43.48 4.82
CA GLU D 554 1.28 44.07 4.97
C GLU D 554 0.41 43.87 3.74
N SER D 555 -0.90 43.87 3.97
CA SER D 555 -1.88 43.71 2.90
C SER D 555 -3.14 44.54 3.03
N ASN D 556 -3.77 44.78 1.89
CA ASN D 556 -4.99 45.57 1.81
C ASN D 556 -6.25 44.74 1.75
N LYS D 557 -6.16 43.46 2.07
CA LYS D 557 -7.37 42.68 2.17
C LYS D 557 -8.12 43.25 3.36
N LYS D 558 -9.39 43.55 3.24
CA LYS D 558 -10.08 44.11 4.40
C LYS D 558 -11.01 43.07 4.94
N PHE D 559 -10.93 42.87 6.23
CA PHE D 559 -11.69 41.85 6.94
C PHE D 559 -12.85 42.42 7.71
N LEU D 560 -13.87 41.61 7.92
CA LEU D 560 -14.92 42.06 8.81
C LEU D 560 -14.23 42.09 10.16
N PRO D 561 -14.61 42.96 11.11
CA PRO D 561 -14.02 43.03 12.45
C PRO D 561 -13.99 41.66 13.11
N PHE D 562 -15.00 40.88 12.79
CA PHE D 562 -15.19 39.52 13.21
C PHE D 562 -14.07 38.57 12.81
N GLN D 563 -13.66 38.63 11.55
CA GLN D 563 -12.71 37.68 10.99
C GLN D 563 -11.31 37.97 11.51
N GLN D 564 -10.57 36.94 11.87
CA GLN D 564 -9.23 37.15 12.40
C GLN D 564 -8.12 36.78 11.45
N PHE D 565 -8.41 35.91 10.53
CA PHE D 565 -7.40 35.52 9.56
C PHE D 565 -8.11 35.06 8.37
N GLY D 566 -7.45 34.97 7.24
CA GLY D 566 -8.09 34.44 6.07
C GLY D 566 -7.30 33.35 5.47
N ARG D 567 -7.88 32.79 4.42
CA ARG D 567 -7.28 31.73 3.66
C ARG D 567 -7.44 31.97 2.18
N ASP D 568 -6.54 31.39 1.40
CA ASP D 568 -6.62 31.48 -0.04
C ASP D 568 -7.52 30.37 -0.61
N ILE D 569 -7.50 30.26 -1.93
CA ILE D 569 -8.33 29.31 -2.66
C ILE D 569 -8.00 27.84 -2.36
N ALA D 570 -6.81 27.60 -1.81
CA ALA D 570 -6.33 26.28 -1.48
C ALA D 570 -6.35 26.05 0.02
N ASP D 571 -7.13 26.87 0.72
CA ASP D 571 -7.30 26.84 2.16
C ASP D 571 -6.01 27.04 2.92
N THR D 572 -5.11 27.84 2.39
CA THR D 572 -3.87 28.13 3.05
C THR D 572 -3.94 29.47 3.73
N THR D 573 -3.62 29.52 5.02
CA THR D 573 -3.71 30.77 5.75
C THR D 573 -2.80 31.79 5.16
N ASP D 574 -3.32 32.98 4.93
CA ASP D 574 -2.50 34.04 4.39
C ASP D 574 -2.58 35.30 5.26
N ALA D 575 -3.64 36.07 5.16
CA ALA D 575 -3.72 37.30 5.93
C ALA D 575 -4.16 37.06 7.35
N VAL D 576 -3.61 37.83 8.28
CA VAL D 576 -4.02 37.77 9.68
C VAL D 576 -4.24 39.18 10.27
N ARG D 577 -5.02 39.28 11.34
CA ARG D 577 -5.12 40.54 12.05
C ARG D 577 -4.16 40.52 13.21
N ASP D 578 -3.21 41.46 13.26
CA ASP D 578 -2.24 41.44 14.34
C ASP D 578 -2.92 41.42 15.72
N PRO D 579 -2.64 40.44 16.58
CA PRO D 579 -3.22 40.27 17.90
C PRO D 579 -3.18 41.47 18.85
N GLN D 580 -2.16 42.34 18.78
CA GLN D 580 -2.16 43.44 19.71
C GLN D 580 -2.77 44.68 19.10
N THR D 581 -2.41 44.94 17.86
CA THR D 581 -2.88 46.13 17.20
C THR D 581 -3.46 45.69 15.89
N LEU D 582 -4.74 45.36 15.88
CA LEU D 582 -5.28 44.71 14.71
C LEU D 582 -4.99 45.56 13.48
N GLU D 583 -4.35 44.90 12.52
CA GLU D 583 -3.92 45.42 11.23
C GLU D 583 -3.79 44.23 10.33
N ILE D 584 -3.88 44.41 9.03
CA ILE D 584 -3.76 43.26 8.17
C ILE D 584 -2.37 42.99 7.66
N LEU D 585 -1.89 41.84 8.09
CA LEU D 585 -0.59 41.30 7.77
C LEU D 585 -0.85 40.19 6.80
N ASP D 586 0.13 39.84 6.00
CA ASP D 586 0.03 38.78 5.00
C ASP D 586 1.26 37.87 5.00
N ILE D 587 1.07 36.60 5.30
CA ILE D 587 2.20 35.70 5.35
C ILE D 587 2.48 35.22 3.94
N THR D 588 3.63 35.56 3.40
CA THR D 588 3.91 35.12 2.04
C THR D 588 4.97 34.03 2.21
N PRO D 589 5.20 33.15 1.24
CA PRO D 589 6.19 32.12 1.36
C PRO D 589 7.58 32.70 1.24
N CYS D 590 8.56 31.99 1.83
CA CYS D 590 10.00 32.24 1.70
C CYS D 590 10.43 31.57 0.38
N SER D 591 11.31 32.19 -0.38
CA SER D 591 11.70 31.62 -1.67
C SER D 591 12.30 30.24 -1.55
N PHE D 592 11.96 29.38 -2.51
CA PHE D 592 12.43 28.02 -2.50
C PHE D 592 12.73 27.44 -3.88
N GLY D 593 12.95 28.27 -4.89
CA GLY D 593 13.08 27.73 -6.25
C GLY D 593 14.18 26.69 -6.37
N GLY D 594 13.96 25.70 -7.24
CA GLY D 594 14.91 24.64 -7.42
C GLY D 594 16.15 25.14 -8.12
N VAL D 595 17.25 24.45 -7.91
CA VAL D 595 18.50 24.82 -8.51
C VAL D 595 19.06 23.74 -9.39
N SER D 596 19.35 24.13 -10.62
CA SER D 596 19.91 23.22 -11.58
C SER D 596 21.26 23.67 -12.07
N VAL D 597 22.04 22.69 -12.47
CA VAL D 597 23.39 22.94 -12.92
C VAL D 597 23.57 22.56 -14.37
N ILE D 598 24.14 23.49 -15.11
CA ILE D 598 24.40 23.37 -16.53
C ILE D 598 25.81 22.90 -16.74
N THR D 599 25.98 21.72 -17.32
CA THR D 599 27.35 21.15 -17.39
C THR D 599 27.75 20.89 -18.84
N PRO D 600 28.89 21.42 -19.32
CA PRO D 600 29.30 21.24 -20.70
C PRO D 600 29.98 19.87 -20.75
N GLY D 601 29.19 18.84 -20.44
CA GLY D 601 29.77 17.52 -20.12
C GLY D 601 30.83 17.77 -19.08
N THR D 602 31.84 16.91 -19.02
CA THR D 602 32.98 17.09 -18.08
C THR D 602 34.23 16.63 -18.83
N ASN D 603 34.00 15.66 -19.70
CA ASN D 603 34.92 15.20 -20.71
C ASN D 603 35.56 16.46 -21.28
N THR D 604 34.80 17.54 -21.34
CA THR D 604 35.26 18.82 -21.81
C THR D 604 35.93 19.64 -20.73
N SER D 605 35.14 20.14 -19.78
CA SER D 605 35.71 20.96 -18.72
C SER D 605 34.98 20.81 -17.42
N ASN D 606 35.50 21.47 -16.40
CA ASN D 606 34.86 21.46 -15.11
C ASN D 606 34.11 22.75 -14.84
N GLN D 607 33.81 23.52 -15.88
CA GLN D 607 33.08 24.75 -15.64
C GLN D 607 31.61 24.46 -15.64
N VAL D 608 30.87 25.05 -14.72
CA VAL D 608 29.42 24.88 -14.74
C VAL D 608 28.75 26.21 -14.54
N ALA D 609 27.49 26.30 -14.92
CA ALA D 609 26.70 27.50 -14.65
C ALA D 609 25.50 27.08 -13.84
N VAL D 610 25.01 27.95 -12.98
CA VAL D 610 23.90 27.56 -12.14
C VAL D 610 22.66 28.40 -12.30
N LEU D 611 21.54 27.74 -12.50
CA LEU D 611 20.27 28.40 -12.66
C LEU D 611 19.34 28.25 -11.47
N TYR D 612 18.87 29.37 -10.98
CA TYR D 612 17.95 29.40 -9.85
C TYR D 612 16.54 29.63 -10.39
N GLN D 613 15.71 28.60 -10.30
CA GLN D 613 14.42 28.50 -10.98
C GLN D 613 13.49 29.69 -11.05
N ASP D 614 13.17 30.32 -9.96
CA ASP D 614 12.24 31.43 -10.05
C ASP D 614 12.76 32.53 -9.21
N VAL D 615 14.04 32.47 -9.01
CA VAL D 615 14.74 33.36 -8.16
C VAL D 615 15.12 34.64 -8.86
N ASN D 616 14.91 35.77 -8.15
CA ASN D 616 15.34 37.11 -8.55
C ASN D 616 16.82 37.20 -8.22
N CYS D 617 17.65 37.73 -9.14
CA CYS D 617 19.10 37.92 -8.97
C CYS D 617 19.39 38.93 -7.86
N THR D 618 18.38 39.73 -7.53
CA THR D 618 18.48 40.67 -6.46
C THR D 618 18.77 39.83 -5.22
N SER D 640 29.88 38.72 -11.23
CA SER D 640 30.00 38.82 -12.67
C SER D 640 29.22 37.66 -13.32
N ASN D 641 28.95 37.76 -14.65
CA ASN D 641 28.20 36.76 -15.45
C ASN D 641 26.83 36.38 -14.89
N VAL D 642 26.09 37.40 -14.45
CA VAL D 642 24.77 37.17 -13.92
C VAL D 642 23.72 37.72 -14.88
N PHE D 643 22.86 36.84 -15.31
CA PHE D 643 21.82 37.14 -16.27
C PHE D 643 20.43 36.79 -15.76
N GLN D 644 19.54 37.76 -15.74
CA GLN D 644 18.21 37.45 -15.27
C GLN D 644 17.36 37.05 -16.45
N THR D 645 16.78 35.88 -16.40
CA THR D 645 15.92 35.42 -17.46
C THR D 645 14.59 34.98 -16.92
N ARG D 646 13.66 34.65 -17.80
CA ARG D 646 12.33 34.26 -17.37
C ARG D 646 12.32 32.86 -16.81
N ALA D 647 13.39 32.15 -17.06
CA ALA D 647 13.57 30.81 -16.61
C ALA D 647 14.28 30.76 -15.28
N GLY D 648 14.61 31.92 -14.69
CA GLY D 648 15.32 31.95 -13.41
C GLY D 648 16.54 32.86 -13.48
N CYS D 649 17.32 32.93 -12.38
CA CYS D 649 18.54 33.74 -12.32
C CYS D 649 19.70 32.85 -12.71
N LEU D 650 20.39 33.21 -13.77
CA LEU D 650 21.47 32.41 -14.26
C LEU D 650 22.81 33.01 -13.89
N ILE D 651 23.56 32.27 -13.11
CA ILE D 651 24.84 32.73 -12.64
C ILE D 651 25.99 31.89 -13.14
N GLY D 652 26.99 32.52 -13.73
CA GLY D 652 28.13 31.77 -14.22
C GLY D 652 28.13 31.59 -15.72
N ALA D 653 27.36 32.40 -16.44
CA ALA D 653 27.36 32.28 -17.89
C ALA D 653 27.33 33.66 -18.52
N GLU D 654 28.12 33.81 -19.55
CA GLU D 654 28.22 35.05 -20.27
C GLU D 654 27.03 35.17 -21.18
N HIS D 655 26.42 36.33 -21.25
CA HIS D 655 25.31 36.45 -22.19
C HIS D 655 25.77 37.13 -23.44
N VAL D 656 25.37 36.62 -24.58
CA VAL D 656 25.77 37.24 -25.82
C VAL D 656 24.57 37.60 -26.68
N ASN D 657 24.79 38.50 -27.64
CA ASN D 657 23.73 38.95 -28.52
C ASN D 657 23.68 38.20 -29.83
N ASN D 658 24.51 37.18 -29.93
CA ASN D 658 24.58 36.36 -31.11
C ASN D 658 23.69 35.18 -30.95
N SER D 659 22.72 35.02 -31.84
CA SER D 659 21.85 33.87 -31.73
C SER D 659 22.56 32.69 -32.33
N TYR D 660 22.13 31.50 -31.97
CA TYR D 660 22.72 30.28 -32.52
C TYR D 660 21.77 29.14 -32.47
N GLU D 661 22.19 28.01 -32.98
CA GLU D 661 21.39 26.81 -32.87
C GLU D 661 21.47 26.42 -31.39
N CYS D 662 20.47 25.69 -30.87
CA CYS D 662 20.44 25.27 -29.46
C CYS D 662 21.22 23.99 -29.21
N ASP D 663 21.86 23.96 -28.06
CA ASP D 663 22.60 22.83 -27.56
C ASP D 663 21.97 22.44 -26.22
N ILE D 664 22.22 23.20 -25.14
CA ILE D 664 21.61 22.87 -23.87
C ILE D 664 20.49 23.86 -23.55
N PRO D 665 19.21 23.50 -23.65
CA PRO D 665 18.11 24.42 -23.51
C PRO D 665 17.96 24.89 -22.11
N ILE D 666 17.55 26.13 -21.90
CA ILE D 666 17.22 26.61 -20.58
C ILE D 666 15.74 26.87 -20.40
N GLY D 667 15.17 27.62 -21.32
CA GLY D 667 13.75 27.96 -21.24
C GLY D 667 13.45 29.37 -21.68
N ALA D 668 12.21 29.61 -22.09
CA ALA D 668 11.73 30.90 -22.50
C ALA D 668 12.58 31.54 -23.58
N GLY D 669 13.01 30.76 -24.57
CA GLY D 669 13.77 31.26 -25.68
C GLY D 669 15.28 31.25 -25.49
N ILE D 670 15.73 30.93 -24.29
CA ILE D 670 17.15 30.92 -23.97
C ILE D 670 17.73 29.51 -23.94
N CYS D 671 18.90 29.35 -24.57
CA CYS D 671 19.67 28.13 -24.68
C CYS D 671 21.14 28.46 -24.37
N ALA D 672 21.88 27.48 -23.87
CA ALA D 672 23.29 27.67 -23.58
C ALA D 672 24.22 26.67 -24.25
N SER D 673 25.47 27.08 -24.40
CA SER D 673 26.49 26.21 -24.95
C SER D 673 27.88 26.60 -24.45
N TYR D 674 28.86 25.76 -24.73
CA TYR D 674 30.24 26.03 -24.31
C TYR D 674 31.02 26.46 -25.53
N GLN D 675 31.55 27.68 -25.51
CA GLN D 675 32.22 28.25 -26.68
C GLN D 675 33.53 28.95 -26.36
N THR D 676 34.49 28.97 -27.34
CA THR D 676 35.78 29.66 -27.26
C THR D 676 35.56 31.18 -27.39
N SER D 689 40.43 28.63 -24.14
CA SER D 689 39.81 29.89 -23.76
C SER D 689 38.28 29.85 -24.04
N GLN D 690 37.56 28.98 -23.31
CA GLN D 690 36.10 28.78 -23.43
C GLN D 690 35.39 29.07 -22.14
N SER D 691 34.11 29.36 -22.29
CA SER D 691 33.20 29.62 -21.19
C SER D 691 31.78 29.22 -21.56
N ILE D 692 30.89 29.20 -20.57
CA ILE D 692 29.50 28.89 -20.84
C ILE D 692 28.80 30.17 -21.25
N ILE D 693 28.12 30.08 -22.38
CA ILE D 693 27.42 31.15 -23.04
C ILE D 693 25.92 30.98 -23.06
N ALA D 694 25.19 32.02 -22.71
CA ALA D 694 23.75 32.05 -22.80
C ALA D 694 23.38 32.88 -24.01
N TYR D 695 22.44 32.40 -24.80
CA TYR D 695 22.02 33.10 -25.99
C TYR D 695 20.59 32.82 -26.36
N THR D 696 20.02 33.68 -27.20
CA THR D 696 18.69 33.43 -27.71
C THR D 696 18.81 32.47 -28.87
N MET D 697 17.92 31.52 -28.93
CA MET D 697 17.96 30.56 -30.01
C MET D 697 17.60 31.14 -31.34
N SER D 698 18.25 30.66 -32.38
CA SER D 698 17.89 30.97 -33.75
C SER D 698 16.84 29.99 -34.15
N LEU D 699 15.89 30.40 -34.97
CA LEU D 699 14.88 29.45 -35.38
C LEU D 699 15.17 28.79 -36.70
N GLY D 700 16.21 29.24 -37.38
CA GLY D 700 16.51 28.72 -38.71
C GLY D 700 17.24 29.73 -39.57
N ALA D 701 17.63 29.30 -40.76
CA ALA D 701 18.36 30.13 -41.69
C ALA D 701 17.45 31.13 -42.34
N GLU D 702 17.93 32.32 -42.63
CA GLU D 702 17.08 33.24 -43.38
C GLU D 702 16.97 32.79 -44.82
N ASN D 703 15.77 32.80 -45.37
CA ASN D 703 15.61 32.40 -46.75
C ASN D 703 14.54 33.21 -47.47
N SER D 704 14.94 34.15 -48.29
CA SER D 704 13.95 34.99 -48.95
C SER D 704 13.50 34.37 -50.28
N CYS D 705 12.19 34.06 -50.41
CA CYS D 705 11.56 33.45 -51.59
C CYS D 705 11.00 34.56 -52.47
N ALA D 706 11.47 34.61 -53.69
CA ALA D 706 11.14 35.69 -54.61
C ALA D 706 9.80 35.56 -55.30
N TYR D 707 8.72 35.71 -54.54
CA TYR D 707 7.42 35.60 -55.17
C TYR D 707 7.21 36.69 -56.18
N SER D 708 6.78 36.30 -57.36
CA SER D 708 6.46 37.26 -58.39
C SER D 708 5.60 36.60 -59.45
N ASN D 709 4.60 37.33 -59.99
CA ASN D 709 3.73 36.85 -61.06
C ASN D 709 4.54 36.70 -62.36
N ASN D 710 4.27 35.62 -63.10
CA ASN D 710 4.92 35.21 -64.34
C ASN D 710 6.37 34.80 -64.19
N SER D 711 6.82 34.50 -62.98
CA SER D 711 8.18 34.00 -62.79
C SER D 711 8.19 32.66 -62.09
N ILE D 712 8.77 31.66 -62.74
CA ILE D 712 8.80 30.31 -62.18
C ILE D 712 10.19 29.70 -62.11
N ALA D 713 10.50 29.03 -61.02
CA ALA D 713 11.78 28.33 -60.97
C ALA D 713 11.61 26.86 -61.36
N ILE D 714 12.52 26.34 -62.18
CA ILE D 714 12.46 24.94 -62.61
C ILE D 714 13.79 24.19 -62.40
N PRO D 715 13.81 23.01 -61.75
CA PRO D 715 14.97 22.15 -61.53
C PRO D 715 15.61 21.69 -62.81
N THR D 716 16.92 21.56 -62.81
CA THR D 716 17.66 21.13 -63.99
C THR D 716 18.51 19.84 -63.90
N ASN D 717 18.75 19.23 -62.70
CA ASN D 717 19.66 18.09 -62.53
C ASN D 717 19.14 16.95 -61.63
N PHE D 718 18.81 17.24 -60.35
CA PHE D 718 18.49 16.30 -59.25
C PHE D 718 19.65 15.55 -58.63
N THR D 719 19.50 15.32 -57.34
CA THR D 719 20.39 14.49 -56.57
C THR D 719 19.64 13.37 -55.87
N ILE D 720 20.14 12.16 -56.01
CA ILE D 720 19.57 11.04 -55.30
C ILE D 720 20.32 11.02 -53.99
N SER D 721 19.61 10.88 -52.90
CA SER D 721 20.25 10.86 -51.61
C SER D 721 19.56 9.85 -50.74
N VAL D 722 20.23 9.40 -49.70
CA VAL D 722 19.63 8.41 -48.87
C VAL D 722 19.70 8.86 -47.43
N THR D 723 18.60 8.75 -46.72
CA THR D 723 18.63 9.13 -45.32
C THR D 723 18.26 7.99 -44.40
N THR D 724 18.41 8.20 -43.10
CA THR D 724 18.16 7.11 -42.15
C THR D 724 17.16 7.44 -41.07
N GLU D 725 16.22 6.53 -40.85
CA GLU D 725 15.21 6.68 -39.82
C GLU D 725 15.19 5.50 -38.86
N ILE D 726 15.21 5.78 -37.56
CA ILE D 726 15.28 4.71 -36.57
C ILE D 726 14.11 4.63 -35.61
N LEU D 727 13.54 3.44 -35.50
CA LEU D 727 12.44 3.23 -34.57
C LEU D 727 12.66 2.00 -33.68
N PRO D 728 12.37 2.08 -32.37
CA PRO D 728 12.30 0.96 -31.46
C PRO D 728 11.17 0.06 -31.81
N VAL D 729 11.35 -1.22 -31.59
CA VAL D 729 10.30 -2.20 -31.78
C VAL D 729 9.94 -2.91 -30.49
N SER D 730 10.93 -3.24 -29.66
CA SER D 730 10.62 -4.03 -28.48
C SER D 730 11.44 -3.69 -27.23
N MET D 731 10.88 -4.12 -26.11
CA MET D 731 11.41 -4.00 -24.76
C MET D 731 12.02 -5.29 -24.29
N THR D 732 12.78 -5.20 -23.21
CA THR D 732 13.30 -6.36 -22.56
C THR D 732 12.14 -7.11 -21.94
N LYS D 733 12.06 -8.41 -22.17
CA LYS D 733 10.96 -9.18 -21.63
C LYS D 733 11.22 -9.60 -20.21
N THR D 734 11.01 -8.69 -19.28
CA THR D 734 11.33 -8.99 -17.90
C THR D 734 10.25 -9.82 -17.28
N SER D 735 10.59 -10.43 -16.16
CA SER D 735 9.67 -11.21 -15.35
C SER D 735 10.09 -11.13 -13.91
N VAL D 736 9.13 -11.06 -13.01
CA VAL D 736 9.45 -10.94 -11.60
C VAL D 736 8.77 -11.96 -10.74
N ASP D 737 9.55 -12.63 -9.90
CA ASP D 737 8.92 -13.54 -8.98
C ASP D 737 8.55 -12.74 -7.73
N CYS D 738 7.24 -12.44 -7.58
CA CYS D 738 6.64 -11.59 -6.56
C CYS D 738 6.99 -12.08 -5.16
N THR D 739 6.79 -13.36 -4.91
CA THR D 739 7.05 -13.85 -3.60
C THR D 739 8.52 -13.74 -3.28
N MET D 740 9.42 -14.10 -4.18
CA MET D 740 10.81 -14.00 -3.76
C MET D 740 11.26 -12.59 -3.55
N TYR D 741 10.73 -11.66 -4.33
CA TYR D 741 11.12 -10.28 -4.16
C TYR D 741 10.72 -9.79 -2.78
N ILE D 742 9.47 -10.07 -2.41
CA ILE D 742 8.95 -9.59 -1.14
C ILE D 742 9.43 -10.40 0.09
N CYS D 743 9.29 -11.73 0.01
CA CYS D 743 9.55 -12.72 1.04
C CYS D 743 10.71 -13.62 0.66
N GLY D 744 11.88 -13.22 1.08
CA GLY D 744 13.11 -13.89 0.70
C GLY D 744 13.28 -15.20 1.46
N ASP D 745 12.53 -16.20 1.04
CA ASP D 745 12.49 -17.54 1.60
C ASP D 745 12.14 -17.59 3.08
N SER D 746 11.18 -16.77 3.45
CA SER D 746 10.68 -16.71 4.80
C SER D 746 9.27 -17.23 4.86
N THR D 747 9.08 -18.31 5.60
CA THR D 747 7.78 -18.94 5.73
C THR D 747 6.82 -17.99 6.40
N GLU D 748 7.29 -17.31 7.43
CA GLU D 748 6.43 -16.41 8.16
C GLU D 748 5.96 -15.27 7.28
N CYS D 749 6.85 -14.70 6.42
CA CYS D 749 6.54 -13.62 5.48
C CYS D 749 5.50 -14.14 4.50
N SER D 750 5.68 -15.34 3.98
CA SER D 750 4.73 -15.84 3.03
C SER D 750 3.35 -15.93 3.65
N ASN D 751 3.25 -16.42 4.87
CA ASN D 751 1.93 -16.54 5.45
C ASN D 751 1.28 -15.18 5.66
N LEU D 752 2.09 -14.17 5.99
CA LEU D 752 1.56 -12.82 6.14
C LEU D 752 1.15 -12.26 4.79
N LEU D 753 1.88 -12.59 3.75
CA LEU D 753 1.61 -12.11 2.41
C LEU D 753 0.26 -12.64 1.96
N LEU D 754 -0.11 -13.83 2.41
CA LEU D 754 -1.35 -14.44 2.02
C LEU D 754 -2.57 -13.82 2.69
N GLN D 755 -2.36 -12.81 3.54
CA GLN D 755 -3.48 -12.14 4.16
C GLN D 755 -4.01 -11.06 3.25
N TYR D 756 -3.30 -10.85 2.16
CA TYR D 756 -3.63 -9.86 1.17
C TYR D 756 -4.38 -10.57 0.07
N GLY D 757 -4.88 -9.82 -0.89
CA GLY D 757 -5.63 -10.45 -1.95
C GLY D 757 -4.68 -10.96 -3.00
N SER D 758 -5.17 -11.14 -4.21
CA SER D 758 -4.38 -11.74 -5.29
C SER D 758 -3.46 -10.74 -5.94
N PHE D 759 -2.58 -10.18 -5.13
CA PHE D 759 -1.65 -9.16 -5.52
C PHE D 759 -0.61 -9.63 -6.52
N CYS D 760 0.07 -10.76 -6.22
CA CYS D 760 1.12 -11.33 -7.02
C CYS D 760 0.55 -11.83 -8.33
N THR D 761 -0.67 -12.33 -8.28
CA THR D 761 -1.27 -12.80 -9.49
C THR D 761 -1.45 -11.64 -10.44
N GLN D 762 -1.94 -10.50 -9.95
CA GLN D 762 -2.10 -9.40 -10.87
C GLN D 762 -0.79 -8.91 -11.41
N LEU D 763 0.26 -8.88 -10.59
CA LEU D 763 1.51 -8.38 -11.12
C LEU D 763 2.02 -9.33 -12.20
N ASN D 764 1.85 -10.62 -11.98
CA ASN D 764 2.32 -11.57 -12.94
C ASN D 764 1.57 -11.45 -14.23
N ARG D 765 0.28 -11.19 -14.16
CA ARG D 765 -0.47 -11.06 -15.37
C ARG D 765 -0.03 -9.85 -16.15
N ALA D 766 0.23 -8.75 -15.47
CA ALA D 766 0.64 -7.56 -16.18
C ALA D 766 1.95 -7.75 -16.87
N LEU D 767 2.90 -8.40 -16.22
CA LEU D 767 4.19 -8.54 -16.84
C LEU D 767 4.15 -9.60 -17.92
N THR D 768 3.32 -10.61 -17.75
CA THR D 768 3.21 -11.61 -18.79
C THR D 768 2.64 -10.95 -20.02
N GLY D 769 1.61 -10.13 -19.85
CA GLY D 769 0.98 -9.49 -20.97
C GLY D 769 1.96 -8.63 -21.72
N ILE D 770 2.85 -7.94 -21.00
CA ILE D 770 3.81 -7.13 -21.70
C ILE D 770 4.75 -8.01 -22.48
N ALA D 771 5.24 -9.07 -21.89
CA ALA D 771 6.18 -9.90 -22.60
C ALA D 771 5.58 -10.44 -23.89
N VAL D 772 4.31 -10.79 -23.86
CA VAL D 772 3.69 -11.31 -25.07
C VAL D 772 3.64 -10.26 -26.14
N GLU D 773 3.29 -9.03 -25.77
CA GLU D 773 3.22 -7.97 -26.74
C GLU D 773 4.57 -7.73 -27.35
N GLN D 774 5.65 -7.89 -26.60
CA GLN D 774 6.93 -7.59 -27.20
C GLN D 774 7.23 -8.55 -28.35
N ASP D 775 6.79 -9.80 -28.26
CA ASP D 775 7.08 -10.67 -29.40
C ASP D 775 6.13 -10.36 -30.53
N LYS D 776 4.91 -10.00 -30.20
CA LYS D 776 3.99 -9.66 -31.26
C LYS D 776 4.50 -8.48 -32.04
N ASN D 777 5.05 -7.46 -31.37
CA ASN D 777 5.50 -6.27 -32.06
C ASN D 777 6.57 -6.61 -33.05
N THR D 778 7.46 -7.50 -32.66
CA THR D 778 8.53 -7.87 -33.55
C THR D 778 7.98 -8.54 -34.77
N GLN D 779 7.04 -9.44 -34.59
CA GLN D 779 6.51 -10.13 -35.73
C GLN D 779 5.76 -9.20 -36.67
N GLU D 780 4.98 -8.26 -36.14
CA GLU D 780 4.25 -7.36 -37.01
C GLU D 780 5.15 -6.46 -37.83
N VAL D 781 6.26 -6.03 -37.26
CA VAL D 781 7.18 -5.19 -37.98
C VAL D 781 7.98 -5.96 -39.00
N PHE D 782 8.49 -7.14 -38.67
CA PHE D 782 9.32 -7.80 -39.65
C PHE D 782 8.71 -8.91 -40.48
N ALA D 783 7.83 -9.72 -39.94
CA ALA D 783 7.34 -10.86 -40.69
C ALA D 783 6.12 -10.48 -41.51
N GLN D 784 6.31 -9.57 -42.44
CA GLN D 784 5.18 -9.11 -43.24
C GLN D 784 4.98 -9.94 -44.48
N VAL D 785 6.07 -10.52 -44.95
CA VAL D 785 6.06 -11.32 -46.13
C VAL D 785 6.52 -12.69 -45.72
N LYS D 786 5.72 -13.69 -45.99
CA LYS D 786 6.04 -15.04 -45.56
C LYS D 786 6.72 -15.86 -46.62
N GLN D 787 7.04 -15.23 -47.72
CA GLN D 787 7.76 -15.89 -48.78
C GLN D 787 9.19 -15.47 -48.63
N ILE D 788 10.09 -16.42 -48.60
CA ILE D 788 11.50 -16.10 -48.43
C ILE D 788 12.30 -16.22 -49.69
N TYR D 789 12.80 -15.10 -50.15
CA TYR D 789 13.53 -15.06 -51.37
C TYR D 789 15.00 -14.98 -51.04
N LYS D 790 15.83 -15.60 -51.86
CA LYS D 790 17.26 -15.52 -51.68
C LYS D 790 17.81 -14.31 -52.37
N THR D 791 18.88 -13.77 -51.82
CA THR D 791 19.58 -12.68 -52.44
C THR D 791 20.19 -13.21 -53.72
N PRO D 792 19.99 -12.59 -54.90
CA PRO D 792 20.58 -13.01 -56.13
C PRO D 792 22.10 -12.98 -56.02
N PRO D 793 22.81 -13.89 -56.72
CA PRO D 793 24.26 -13.99 -56.82
C PRO D 793 24.89 -12.95 -57.73
N ILE D 794 24.07 -12.23 -58.49
CA ILE D 794 24.61 -11.31 -59.46
C ILE D 794 24.79 -9.96 -58.85
N LYS D 795 26.01 -9.60 -58.51
CA LYS D 795 26.18 -8.34 -57.85
C LYS D 795 26.51 -7.24 -58.84
N ASP D 796 25.52 -6.89 -59.64
CA ASP D 796 25.59 -5.81 -60.63
C ASP D 796 24.21 -5.44 -61.10
N PHE D 797 23.56 -4.55 -60.40
CA PHE D 797 22.19 -4.27 -60.77
C PHE D 797 22.13 -3.09 -61.68
N GLY D 798 22.68 -3.24 -62.85
CA GLY D 798 22.67 -2.13 -63.79
C GLY D 798 23.54 -0.98 -63.29
N GLY D 799 24.63 -1.30 -62.59
CA GLY D 799 25.48 -0.27 -62.03
C GLY D 799 25.20 0.02 -60.55
N PHE D 800 24.10 -0.49 -60.02
CA PHE D 800 23.79 -0.27 -58.62
C PHE D 800 24.54 -1.35 -57.79
N ASN D 801 25.13 -0.91 -56.64
CA ASN D 801 25.99 -1.71 -55.76
C ASN D 801 25.22 -2.57 -54.74
N PHE D 802 24.67 -1.94 -53.66
CA PHE D 802 23.94 -2.56 -52.52
C PHE D 802 24.76 -3.50 -51.61
N SER D 803 26.07 -3.53 -51.74
CA SER D 803 26.81 -4.46 -50.91
C SER D 803 26.81 -4.13 -49.43
N GLN D 804 26.57 -2.89 -49.05
CA GLN D 804 26.55 -2.57 -47.63
C GLN D 804 25.20 -2.90 -47.00
N ILE D 805 24.22 -3.17 -47.86
CA ILE D 805 22.85 -3.42 -47.47
C ILE D 805 22.59 -4.91 -47.37
N LEU D 806 23.11 -5.66 -48.32
CA LEU D 806 22.94 -7.09 -48.40
C LEU D 806 23.83 -7.81 -47.40
N PRO D 807 23.46 -9.00 -46.92
CA PRO D 807 24.19 -9.76 -45.93
C PRO D 807 25.53 -10.18 -46.42
N ASP D 808 26.51 -10.18 -45.53
CA ASP D 808 27.86 -10.61 -45.82
C ASP D 808 28.02 -12.12 -45.57
N PRO D 809 28.20 -12.94 -46.62
CA PRO D 809 28.25 -14.38 -46.57
C PRO D 809 29.47 -14.92 -45.86
N SER D 810 30.47 -14.08 -45.64
CA SER D 810 31.71 -14.53 -45.02
C SER D 810 31.66 -14.46 -43.49
N LYS D 811 30.64 -13.85 -42.94
CA LYS D 811 30.61 -13.67 -41.49
C LYS D 811 29.85 -14.77 -40.76
N PRO D 812 30.14 -15.01 -39.45
CA PRO D 812 29.45 -15.94 -38.53
C PRO D 812 27.96 -15.64 -38.36
N SER D 813 27.60 -14.41 -38.62
CA SER D 813 26.24 -13.94 -38.53
C SER D 813 26.04 -13.20 -39.80
N LYS D 814 25.03 -13.58 -40.54
CA LYS D 814 24.85 -13.05 -41.88
C LYS D 814 24.19 -11.70 -41.87
N ARG D 815 24.97 -10.73 -41.45
CA ARG D 815 24.60 -9.36 -41.32
C ARG D 815 25.24 -8.56 -42.41
N SER D 816 24.57 -7.54 -42.86
CA SER D 816 25.17 -6.67 -43.85
C SER D 816 26.19 -5.86 -43.11
N PRO D 817 27.17 -5.24 -43.77
CA PRO D 817 28.10 -4.32 -43.16
C PRO D 817 27.42 -3.26 -42.33
N ILE D 818 26.27 -2.77 -42.78
CA ILE D 818 25.57 -1.77 -41.98
C ILE D 818 24.97 -2.39 -40.74
N GLU D 819 24.33 -3.55 -40.87
CA GLU D 819 23.75 -4.17 -39.71
C GLU D 819 24.81 -4.53 -38.71
N ASP D 820 25.97 -4.97 -39.17
CA ASP D 820 27.01 -5.34 -38.27
C ASP D 820 27.42 -4.13 -37.45
N LEU D 821 27.49 -2.97 -38.09
CA LEU D 821 27.81 -1.76 -37.37
C LEU D 821 26.74 -1.43 -36.34
N LEU D 822 25.47 -1.56 -36.71
CA LEU D 822 24.40 -1.20 -35.77
C LEU D 822 24.43 -2.08 -34.53
N PHE D 823 24.72 -3.36 -34.71
CA PHE D 823 24.78 -4.27 -33.58
C PHE D 823 25.96 -4.01 -32.71
N ASN D 824 27.06 -3.60 -33.28
CA ASN D 824 28.23 -3.29 -32.49
C ASN D 824 28.09 -1.99 -31.71
N LYS D 825 27.30 -1.05 -32.22
CA LYS D 825 27.14 0.22 -31.55
C LYS D 825 26.14 0.28 -30.39
N VAL D 826 25.03 -0.46 -30.45
CA VAL D 826 24.06 -0.36 -29.34
C VAL D 826 24.42 -1.39 -28.28
N THR D 827 24.50 -1.00 -26.98
CA THR D 827 24.88 -1.91 -25.89
C THR D 827 23.86 -1.73 -24.73
N ASP D 848 28.52 -9.20 -10.61
CA ASP D 848 27.82 -8.98 -11.87
C ASP D 848 26.37 -8.59 -11.54
N LEU D 849 25.89 -7.50 -12.16
CA LEU D 849 24.55 -6.94 -11.98
C LEU D 849 23.46 -7.88 -12.42
N ILE D 850 23.67 -8.64 -13.50
CA ILE D 850 22.56 -9.49 -13.91
C ILE D 850 22.35 -10.55 -12.86
N CYS D 851 23.43 -11.00 -12.24
CA CYS D 851 23.31 -11.99 -11.21
C CYS D 851 22.65 -11.38 -10.01
N ALA D 852 23.06 -10.17 -9.64
CA ALA D 852 22.44 -9.55 -8.48
C ALA D 852 20.94 -9.42 -8.67
N GLN D 853 20.51 -9.12 -9.89
CA GLN D 853 19.09 -9.01 -10.13
C GLN D 853 18.43 -10.39 -10.05
N LYS D 854 19.10 -11.42 -10.59
CA LYS D 854 18.57 -12.77 -10.58
C LYS D 854 18.31 -13.29 -9.19
N PHE D 855 19.22 -12.98 -8.29
CA PHE D 855 19.15 -13.47 -6.93
C PHE D 855 18.04 -12.86 -6.14
N ASN D 856 17.41 -11.81 -6.65
CA ASN D 856 16.33 -11.15 -5.98
C ASN D 856 15.00 -11.39 -6.68
N GLY D 857 14.97 -12.39 -7.57
CA GLY D 857 13.76 -12.74 -8.27
C GLY D 857 13.49 -11.95 -9.54
N LEU D 858 14.47 -11.22 -10.04
CA LEU D 858 14.24 -10.45 -11.24
C LEU D 858 14.91 -11.14 -12.39
N THR D 859 14.16 -11.56 -13.38
CA THR D 859 14.80 -12.27 -14.48
C THR D 859 14.41 -11.71 -15.82
N VAL D 860 15.05 -12.23 -16.86
CA VAL D 860 14.79 -11.82 -18.23
C VAL D 860 14.53 -13.02 -19.12
N LEU D 861 13.46 -12.97 -19.86
CA LEU D 861 13.08 -14.03 -20.74
C LEU D 861 13.70 -13.81 -22.11
N PRO D 862 13.98 -14.85 -22.88
CA PRO D 862 14.47 -14.73 -24.23
C PRO D 862 13.33 -14.29 -25.12
N PRO D 863 13.63 -13.64 -26.25
CA PRO D 863 12.72 -13.27 -27.30
C PRO D 863 12.36 -14.51 -28.03
N LEU D 864 11.22 -14.52 -28.69
CA LEU D 864 10.88 -15.65 -29.52
C LEU D 864 11.71 -15.71 -30.78
N LEU D 865 11.95 -14.56 -31.41
CA LEU D 865 12.76 -14.56 -32.61
C LEU D 865 14.15 -14.13 -32.27
N THR D 866 15.10 -14.85 -32.81
CA THR D 866 16.49 -14.61 -32.60
C THR D 866 17.00 -13.58 -33.57
N ASP D 867 18.20 -13.07 -33.36
CA ASP D 867 18.73 -12.10 -34.29
C ASP D 867 18.94 -12.70 -35.65
N GLU D 868 19.27 -13.98 -35.72
CA GLU D 868 19.46 -14.61 -36.99
C GLU D 868 18.15 -14.68 -37.74
N MET D 869 17.07 -14.98 -37.03
CA MET D 869 15.79 -15.02 -37.68
C MET D 869 15.38 -13.67 -38.22
N ILE D 870 15.70 -12.63 -37.47
CA ILE D 870 15.35 -11.31 -37.94
C ILE D 870 16.17 -10.98 -39.15
N ALA D 871 17.45 -11.32 -39.14
CA ALA D 871 18.27 -11.04 -40.30
C ALA D 871 17.71 -11.75 -41.50
N GLN D 872 17.20 -12.97 -41.34
CA GLN D 872 16.65 -13.64 -42.50
C GLN D 872 15.43 -12.94 -43.03
N TYR D 873 14.56 -12.41 -42.16
CA TYR D 873 13.43 -11.70 -42.70
C TYR D 873 13.87 -10.46 -43.44
N THR D 874 14.84 -9.76 -42.89
CA THR D 874 15.29 -8.55 -43.53
C THR D 874 15.88 -8.86 -44.89
N SER D 875 16.69 -9.91 -44.97
CA SER D 875 17.30 -10.26 -46.21
C SER D 875 16.27 -10.68 -47.23
N ALA D 876 15.24 -11.40 -46.81
CA ALA D 876 14.21 -11.80 -47.75
C ALA D 876 13.52 -10.59 -48.34
N LEU D 877 13.25 -9.58 -47.51
CA LEU D 877 12.58 -8.40 -48.01
C LEU D 877 13.47 -7.66 -48.98
N LEU D 878 14.75 -7.60 -48.69
CA LEU D 878 15.65 -6.91 -49.58
C LEU D 878 15.77 -7.66 -50.89
N ALA D 879 15.82 -8.98 -50.84
CA ALA D 879 15.94 -9.76 -52.05
C ALA D 879 14.70 -9.57 -52.90
N GLY D 880 13.57 -9.52 -52.24
CA GLY D 880 12.31 -9.35 -52.91
C GLY D 880 12.29 -8.03 -53.65
N THR D 881 12.64 -6.96 -52.95
CA THR D 881 12.62 -5.64 -53.53
C THR D 881 13.59 -5.48 -54.67
N ILE D 882 14.80 -5.92 -54.49
CA ILE D 882 15.75 -5.73 -55.56
C ILE D 882 15.36 -6.49 -56.84
N CYS D 883 14.88 -7.74 -56.72
CA CYS D 883 14.46 -8.61 -57.80
C CYS D 883 13.13 -8.18 -58.49
N SER D 884 12.09 -7.87 -57.70
CA SER D 884 10.75 -7.60 -58.23
C SER D 884 10.07 -6.28 -57.83
N GLY D 885 10.78 -5.33 -57.24
CA GLY D 885 10.20 -4.06 -56.87
C GLY D 885 9.12 -4.24 -55.85
N TRP D 886 7.96 -3.64 -56.07
CA TRP D 886 6.89 -3.78 -55.11
C TRP D 886 5.93 -4.89 -55.45
N THR D 887 6.15 -5.59 -56.53
CA THR D 887 5.13 -6.53 -56.91
C THR D 887 5.00 -7.69 -55.95
N PHE D 888 6.09 -8.05 -55.29
CA PHE D 888 6.08 -9.16 -54.38
C PHE D 888 5.29 -8.85 -53.15
N GLY D 889 5.06 -7.59 -52.88
CA GLY D 889 4.37 -7.23 -51.68
C GLY D 889 2.86 -7.22 -51.88
N ALA D 890 2.39 -7.47 -53.09
CA ALA D 890 0.97 -7.43 -53.35
C ALA D 890 0.61 -8.47 -54.37
N GLY D 891 0.95 -9.71 -54.09
CA GLY D 891 0.74 -10.76 -55.05
C GLY D 891 2.06 -11.48 -55.22
N PRO D 892 2.26 -12.21 -56.30
CA PRO D 892 3.45 -12.96 -56.60
C PRO D 892 4.57 -12.03 -56.97
N ALA D 893 5.81 -12.48 -56.85
CA ALA D 893 6.94 -11.65 -57.25
C ALA D 893 7.20 -11.75 -58.73
N LEU D 894 7.18 -10.62 -59.41
CA LEU D 894 7.40 -10.54 -60.84
C LEU D 894 8.75 -9.90 -61.11
N GLN D 895 9.68 -10.62 -61.72
CA GLN D 895 11.00 -10.03 -61.89
C GLN D 895 10.94 -8.86 -62.83
N ILE D 896 11.67 -7.80 -62.48
CA ILE D 896 11.80 -6.61 -63.31
C ILE D 896 13.27 -6.20 -63.37
N PRO D 897 13.89 -5.92 -64.52
CA PRO D 897 15.26 -5.50 -64.58
C PRO D 897 15.38 -4.33 -63.65
N PHE D 898 16.43 -4.27 -62.87
CA PHE D 898 16.48 -3.22 -61.87
C PHE D 898 16.28 -1.81 -62.42
N PRO D 899 16.92 -1.38 -63.49
CA PRO D 899 16.74 -0.06 -64.02
C PRO D 899 15.29 0.22 -64.41
N MET D 900 14.48 -0.80 -64.65
CA MET D 900 13.12 -0.52 -65.01
C MET D 900 12.35 -0.30 -63.75
N GLN D 901 12.80 -0.89 -62.67
CA GLN D 901 12.09 -0.65 -61.44
C GLN D 901 12.30 0.80 -61.12
N MET D 902 13.51 1.30 -61.40
CA MET D 902 13.75 2.69 -61.15
C MET D 902 12.92 3.54 -62.07
N ALA D 903 12.76 3.15 -63.32
CA ALA D 903 11.96 3.97 -64.21
C ALA D 903 10.56 4.13 -63.69
N TYR D 904 10.01 3.08 -63.12
CA TYR D 904 8.66 3.19 -62.64
C TYR D 904 8.62 4.11 -61.44
N ARG D 905 9.63 4.01 -60.60
CA ARG D 905 9.68 4.85 -59.42
C ARG D 905 9.81 6.31 -59.81
N PHE D 906 10.49 6.59 -60.93
CA PHE D 906 10.59 7.97 -61.43
C PHE D 906 9.26 8.48 -61.93
N ASN D 907 8.52 7.66 -62.64
CA ASN D 907 7.23 8.11 -63.13
C ASN D 907 6.35 8.44 -61.96
N GLY D 908 6.53 7.68 -60.89
CA GLY D 908 5.77 7.81 -59.67
C GLY D 908 5.98 9.14 -58.95
N ILE D 909 7.01 9.90 -59.29
CA ILE D 909 7.25 11.17 -58.66
C ILE D 909 7.09 12.29 -59.67
N GLY D 910 6.51 11.99 -60.82
CA GLY D 910 6.29 13.00 -61.83
C GLY D 910 7.45 13.31 -62.76
N VAL D 911 8.41 12.41 -62.88
CA VAL D 911 9.52 12.66 -63.77
C VAL D 911 9.55 11.58 -64.81
N THR D 912 9.57 11.95 -66.07
CA THR D 912 9.58 10.94 -67.11
C THR D 912 10.76 10.03 -67.01
N GLN D 913 10.55 8.79 -67.40
CA GLN D 913 11.56 7.76 -67.38
C GLN D 913 12.71 8.09 -68.29
N ASN D 914 12.49 8.99 -69.21
CA ASN D 914 13.55 9.39 -70.08
C ASN D 914 14.73 9.90 -69.29
N VAL D 915 14.47 10.55 -68.15
CA VAL D 915 15.55 11.12 -67.39
C VAL D 915 16.44 10.03 -66.85
N LEU D 916 15.85 8.95 -66.37
CA LEU D 916 16.63 7.88 -65.84
C LEU D 916 17.52 7.24 -66.83
N TYR D 917 17.00 6.95 -68.00
CA TYR D 917 17.86 6.23 -68.89
C TYR D 917 18.98 7.11 -69.37
N GLU D 918 18.71 8.37 -69.62
CA GLU D 918 19.75 9.26 -70.11
C GLU D 918 20.85 9.43 -69.08
N ASN D 919 20.46 9.42 -67.81
CA ASN D 919 21.38 9.62 -66.72
C ASN D 919 21.64 8.37 -65.91
N GLN D 920 21.47 7.18 -66.46
CA GLN D 920 21.65 6.00 -65.64
C GLN D 920 22.99 5.91 -64.93
N LYS D 921 24.08 6.31 -65.57
CA LYS D 921 25.35 6.17 -64.88
C LYS D 921 25.48 7.16 -63.74
N LEU D 922 24.95 8.34 -63.93
CA LEU D 922 25.07 9.33 -62.89
C LEU D 922 24.28 8.92 -61.69
N ILE D 923 23.10 8.41 -61.94
CA ILE D 923 22.23 8.05 -60.85
C ILE D 923 22.83 6.91 -60.08
N ALA D 924 23.33 5.89 -60.76
CA ALA D 924 23.92 4.79 -60.03
C ALA D 924 25.10 5.26 -59.22
N ASN D 925 25.90 6.19 -59.76
CA ASN D 925 27.03 6.63 -58.99
C ASN D 925 26.64 7.46 -57.79
N GLN D 926 25.64 8.31 -57.93
CA GLN D 926 25.26 9.12 -56.78
C GLN D 926 24.69 8.20 -55.71
N PHE D 927 23.94 7.19 -56.13
CA PHE D 927 23.34 6.24 -55.22
C PHE D 927 24.39 5.50 -54.43
N ASN D 928 25.37 4.98 -55.14
CA ASN D 928 26.38 4.17 -54.49
C ASN D 928 27.18 5.00 -53.49
N SER D 929 27.41 6.27 -53.83
CA SER D 929 28.13 7.11 -52.90
C SER D 929 27.30 7.38 -51.67
N ALA D 930 26.00 7.58 -51.84
CA ALA D 930 25.14 7.84 -50.69
C ALA D 930 25.16 6.71 -49.69
N ILE D 931 25.18 5.49 -50.18
CA ILE D 931 25.15 4.39 -49.24
C ILE D 931 26.44 4.34 -48.46
N GLY D 932 27.57 4.55 -49.12
CA GLY D 932 28.82 4.54 -48.37
C GLY D 932 28.84 5.61 -47.30
N LYS D 933 28.26 6.78 -47.61
CA LYS D 933 28.23 7.85 -46.64
C LYS D 933 27.46 7.49 -45.40
N ILE D 934 26.36 6.75 -45.55
CA ILE D 934 25.59 6.38 -44.37
C ILE D 934 26.36 5.50 -43.46
N GLN D 935 27.05 4.52 -43.99
CA GLN D 935 27.77 3.67 -43.06
C GLN D 935 28.79 4.46 -42.27
N ASP D 936 29.48 5.40 -42.94
CA ASP D 936 30.47 6.17 -42.20
C ASP D 936 29.83 7.11 -41.21
N SER D 937 28.66 7.66 -41.55
CA SER D 937 27.97 8.57 -40.65
C SER D 937 27.56 7.86 -39.39
N LEU D 938 27.03 6.66 -39.52
CA LEU D 938 26.64 5.92 -38.34
C LEU D 938 27.84 5.60 -37.48
N SER D 939 28.95 5.25 -38.13
CA SER D 939 30.13 4.89 -37.37
C SER D 939 30.64 6.04 -36.54
N SER D 940 30.73 7.23 -37.12
CA SER D 940 31.28 8.35 -36.38
C SER D 940 30.31 9.10 -35.47
N THR D 941 28.99 8.98 -35.66
CA THR D 941 28.09 9.76 -34.82
C THR D 941 27.66 8.99 -33.56
N PRO D 942 28.07 9.43 -32.35
CA PRO D 942 27.85 8.76 -31.07
C PRO D 942 26.40 8.73 -30.61
N SER D 943 25.58 9.60 -31.17
CA SER D 943 24.19 9.72 -30.80
C SER D 943 23.26 9.10 -31.82
N ALA D 944 23.83 8.51 -32.86
CA ALA D 944 23.01 8.03 -33.95
C ALA D 944 21.95 7.04 -33.54
N LEU D 945 22.27 6.18 -32.60
CA LEU D 945 21.34 5.14 -32.23
C LEU D 945 20.76 5.39 -30.85
N GLY D 946 20.79 6.63 -30.40
CA GLY D 946 20.33 6.94 -29.06
C GLY D 946 18.92 6.45 -28.77
N LYS D 947 18.03 6.46 -29.73
CA LYS D 947 16.70 5.96 -29.42
C LYS D 947 16.67 4.53 -28.93
N LEU D 948 17.53 3.67 -29.47
CA LEU D 948 17.47 2.29 -29.07
C LEU D 948 18.20 2.14 -27.76
N GLN D 949 19.23 2.95 -27.58
CA GLN D 949 19.99 2.86 -26.35
C GLN D 949 19.14 3.32 -25.18
N ASP D 950 18.28 4.32 -25.39
CA ASP D 950 17.44 4.84 -24.34
C ASP D 950 16.44 3.82 -23.86
N VAL D 951 15.92 3.01 -24.76
CA VAL D 951 14.99 1.99 -24.31
C VAL D 951 15.68 1.04 -23.37
N VAL D 952 16.88 0.64 -23.75
CA VAL D 952 17.61 -0.27 -22.93
C VAL D 952 17.93 0.33 -21.58
N ASN D 953 18.36 1.59 -21.57
CA ASN D 953 18.74 2.21 -20.34
C ASN D 953 17.57 2.33 -19.38
N GLN D 954 16.39 2.63 -19.90
CA GLN D 954 15.25 2.76 -19.02
C GLN D 954 14.89 1.45 -18.37
N ASN D 955 14.96 0.37 -19.11
CA ASN D 955 14.60 -0.88 -18.50
C ASN D 955 15.58 -1.28 -17.43
N ALA D 956 16.86 -1.01 -17.67
CA ALA D 956 17.85 -1.34 -16.68
C ALA D 956 17.66 -0.55 -15.42
N GLN D 957 17.34 0.72 -15.54
CA GLN D 957 17.16 1.54 -14.36
C GLN D 957 15.98 1.11 -13.56
N ALA D 958 14.90 0.74 -14.22
CA ALA D 958 13.73 0.34 -13.47
C ALA D 958 14.02 -0.89 -12.63
N LEU D 959 14.79 -1.84 -13.17
CA LEU D 959 15.09 -3.02 -12.37
C LEU D 959 16.07 -2.70 -11.27
N ASN D 960 16.98 -1.79 -11.53
CA ASN D 960 17.94 -1.48 -10.51
C ASN D 960 17.25 -0.80 -9.36
N THR D 961 16.21 -0.03 -9.65
CA THR D 961 15.48 0.60 -8.59
C THR D 961 14.82 -0.46 -7.73
N LEU D 962 14.21 -1.47 -8.34
CA LEU D 962 13.60 -2.48 -7.48
C LEU D 962 14.61 -3.16 -6.60
N VAL D 963 15.80 -3.43 -7.10
CA VAL D 963 16.74 -4.08 -6.23
C VAL D 963 17.14 -3.15 -5.11
N LYS D 964 17.37 -1.90 -5.44
CA LYS D 964 17.80 -0.95 -4.46
C LYS D 964 16.81 -0.76 -3.33
N GLN D 965 15.51 -0.84 -3.62
CA GLN D 965 14.53 -0.57 -2.57
C GLN D 965 14.38 -1.71 -1.61
N LEU D 966 15.04 -2.82 -1.85
CA LEU D 966 14.96 -3.91 -0.90
C LEU D 966 15.65 -3.49 0.38
N SER D 967 16.60 -2.56 0.27
CA SER D 967 17.35 -2.13 1.43
C SER D 967 16.60 -1.11 2.29
N SER D 968 15.46 -0.59 1.83
CA SER D 968 14.73 0.38 2.61
C SER D 968 14.06 -0.29 3.79
N ASN D 969 13.98 0.40 4.93
CA ASN D 969 13.32 -0.19 6.08
C ASN D 969 11.83 0.03 6.15
N PHE D 970 11.31 1.12 5.61
CA PHE D 970 9.88 1.36 5.68
C PHE D 970 9.30 1.37 7.08
N GLY D 971 10.06 1.78 8.09
CA GLY D 971 9.56 1.80 9.45
C GLY D 971 9.95 0.56 10.25
N ALA D 972 10.48 -0.43 9.57
CA ALA D 972 10.91 -1.65 10.21
C ALA D 972 12.23 -1.44 10.91
N ILE D 973 12.52 -2.31 11.86
CA ILE D 973 13.81 -2.25 12.55
C ILE D 973 15.00 -2.56 11.65
N SER D 974 14.79 -3.35 10.61
CA SER D 974 15.84 -3.65 9.66
C SER D 974 15.21 -4.08 8.34
N SER D 975 16.02 -4.05 7.30
CA SER D 975 15.60 -4.47 5.96
C SER D 975 15.69 -5.96 5.70
N VAL D 976 16.28 -6.68 6.63
CA VAL D 976 16.52 -8.09 6.44
C VAL D 976 15.60 -8.97 7.25
N LEU D 977 14.83 -9.78 6.55
CA LEU D 977 13.88 -10.65 7.22
C LEU D 977 14.55 -11.65 8.11
N ASN D 978 15.74 -12.08 7.72
CA ASN D 978 16.46 -13.05 8.52
C ASN D 978 16.91 -12.46 9.85
N ASP D 979 17.16 -11.16 9.92
CA ASP D 979 17.60 -10.58 11.16
C ASP D 979 16.40 -10.35 12.04
N ILE D 980 15.28 -10.03 11.42
CA ILE D 980 14.09 -9.81 12.21
C ILE D 980 13.75 -11.12 12.88
N LEU D 981 13.76 -12.19 12.11
CA LEU D 981 13.44 -13.49 12.65
C LEU D 981 14.46 -14.05 13.63
N SER D 982 15.76 -13.78 13.44
CA SER D 982 16.71 -14.32 14.40
C SER D 982 16.68 -13.62 15.75
N ARG D 983 16.22 -12.36 15.81
CA ARG D 983 16.20 -11.69 17.10
C ARG D 983 14.84 -11.59 17.81
N LEU D 984 13.72 -11.54 17.07
CA LEU D 984 12.40 -11.34 17.68
C LEU D 984 11.56 -12.58 17.82
N ASP D 985 10.55 -12.51 18.69
CA ASP D 985 9.60 -13.60 18.85
C ASP D 985 8.58 -13.46 17.71
N PRO D 986 7.65 -14.42 17.50
CA PRO D 986 6.64 -14.36 16.48
C PRO D 986 5.82 -13.07 16.43
N PRO D 987 5.02 -12.67 17.44
CA PRO D 987 4.17 -11.51 17.26
C PRO D 987 4.93 -10.22 17.03
N GLU D 988 6.15 -10.10 17.55
CA GLU D 988 6.84 -8.87 17.29
C GLU D 988 7.39 -8.91 15.89
N ALA D 989 7.86 -10.09 15.47
CA ALA D 989 8.38 -10.21 14.15
C ALA D 989 7.28 -9.95 13.16
N GLU D 990 6.06 -10.39 13.44
CA GLU D 990 4.99 -10.19 12.49
C GLU D 990 4.74 -8.72 12.27
N VAL D 991 4.86 -7.91 13.30
CA VAL D 991 4.68 -6.50 13.05
C VAL D 991 5.79 -5.98 12.15
N GLN D 992 7.03 -6.35 12.44
CA GLN D 992 8.12 -5.83 11.65
C GLN D 992 8.10 -6.32 10.21
N ILE D 993 7.68 -7.55 10.02
CA ILE D 993 7.61 -8.13 8.71
C ILE D 993 6.54 -7.44 7.93
N ASP D 994 5.39 -7.20 8.54
CA ASP D 994 4.34 -6.53 7.82
C ASP D 994 4.78 -5.14 7.37
N ARG D 995 5.62 -4.45 8.17
CA ARG D 995 6.05 -3.16 7.68
C ARG D 995 6.86 -3.32 6.40
N LEU D 996 7.73 -4.34 6.35
CA LEU D 996 8.50 -4.53 5.14
C LEU D 996 7.65 -5.01 3.99
N ILE D 997 6.63 -5.83 4.25
CA ILE D 997 5.80 -6.28 3.15
C ILE D 997 5.09 -5.12 2.55
N THR D 998 4.53 -4.25 3.35
CA THR D 998 3.81 -3.16 2.74
C THR D 998 4.72 -2.37 1.82
N GLY D 999 5.93 -2.09 2.27
CA GLY D 999 6.85 -1.32 1.44
C GLY D 999 7.20 -2.03 0.15
N ARG D 1000 7.45 -3.33 0.22
CA ARG D 1000 7.82 -4.07 -0.96
C ARG D 1000 6.66 -4.22 -1.94
N LEU D 1001 5.43 -4.32 -1.43
CA LEU D 1001 4.30 -4.42 -2.34
C LEU D 1001 4.20 -3.14 -3.11
N GLN D 1002 4.42 -2.02 -2.43
CA GLN D 1002 4.31 -0.75 -3.10
C GLN D 1002 5.38 -0.59 -4.15
N SER D 1003 6.56 -1.10 -3.88
CA SER D 1003 7.65 -1.00 -4.83
C SER D 1003 7.33 -1.75 -6.10
N LEU D 1004 6.83 -2.98 -5.97
CA LEU D 1004 6.51 -3.74 -7.17
C LEU D 1004 5.35 -3.14 -7.91
N GLN D 1005 4.37 -2.62 -7.20
CA GLN D 1005 3.23 -2.07 -7.88
C GLN D 1005 3.64 -0.86 -8.68
N THR D 1006 4.55 -0.06 -8.12
CA THR D 1006 5.00 1.12 -8.82
C THR D 1006 5.71 0.72 -10.09
N TYR D 1007 6.58 -0.28 -9.98
CA TYR D 1007 7.32 -0.76 -11.12
C TYR D 1007 6.42 -1.18 -12.22
N VAL D 1008 5.42 -2.00 -11.91
CA VAL D 1008 4.58 -2.49 -12.96
C VAL D 1008 3.82 -1.39 -13.63
N THR D 1009 3.28 -0.45 -12.88
CA THR D 1009 2.53 0.58 -13.55
C THR D 1009 3.40 1.29 -14.55
N GLN D 1010 4.63 1.64 -14.17
CA GLN D 1010 5.45 2.32 -15.14
C GLN D 1010 5.82 1.43 -16.31
N GLN D 1011 6.01 0.15 -16.05
CA GLN D 1011 6.41 -0.74 -17.09
C GLN D 1011 5.29 -0.85 -18.12
N LEU D 1012 4.03 -0.81 -17.66
CA LEU D 1012 2.89 -0.84 -18.58
C LEU D 1012 2.83 0.39 -19.43
N ILE D 1013 3.12 1.54 -18.84
CA ILE D 1013 3.07 2.75 -19.61
C ILE D 1013 4.16 2.74 -20.68
N ARG D 1014 5.37 2.31 -20.31
CA ARG D 1014 6.42 2.25 -21.31
C ARG D 1014 6.06 1.26 -22.40
N ALA D 1015 5.44 0.15 -22.05
CA ALA D 1015 5.07 -0.79 -23.09
C ALA D 1015 4.10 -0.18 -24.07
N ALA D 1016 3.19 0.65 -23.59
CA ALA D 1016 2.25 1.27 -24.51
C ALA D 1016 2.97 2.17 -25.50
N GLU D 1017 3.97 2.89 -25.04
CA GLU D 1017 4.73 3.75 -25.93
C GLU D 1017 5.42 2.94 -27.00
N ILE D 1018 5.98 1.82 -26.60
CA ILE D 1018 6.63 0.97 -27.56
C ILE D 1018 5.66 0.40 -28.54
N ARG D 1019 4.47 -0.01 -28.11
CA ARG D 1019 3.55 -0.51 -29.12
C ARG D 1019 3.30 0.55 -30.15
N ALA D 1020 3.15 1.80 -29.75
CA ALA D 1020 2.92 2.81 -30.75
C ALA D 1020 4.09 2.93 -31.72
N SER D 1021 5.31 2.83 -31.22
CA SER D 1021 6.47 2.90 -32.08
C SER D 1021 6.51 1.74 -33.03
N ALA D 1022 6.23 0.55 -32.53
CA ALA D 1022 6.24 -0.63 -33.36
C ALA D 1022 5.17 -0.55 -34.42
N ASN D 1023 4.01 0.02 -34.10
CA ASN D 1023 2.96 0.13 -35.09
C ASN D 1023 3.38 1.07 -36.19
N LEU D 1024 4.07 2.13 -35.82
CA LEU D 1024 4.52 3.04 -36.82
C LEU D 1024 5.55 2.39 -37.69
N ALA D 1025 6.46 1.64 -37.09
CA ALA D 1025 7.48 1.00 -37.88
C ALA D 1025 6.86 0.02 -38.84
N ALA D 1026 5.85 -0.70 -38.39
CA ALA D 1026 5.21 -1.65 -39.26
C ALA D 1026 4.55 -0.94 -40.41
N THR D 1027 3.95 0.21 -40.16
CA THR D 1027 3.32 0.95 -41.22
C THR D 1027 4.34 1.40 -42.23
N LYS D 1028 5.47 1.91 -41.76
CA LYS D 1028 6.48 2.37 -42.69
C LYS D 1028 6.97 1.25 -43.54
N MET D 1029 7.17 0.08 -42.96
CA MET D 1029 7.63 -0.96 -43.81
C MET D 1029 6.59 -1.32 -44.86
N SER D 1030 5.33 -1.40 -44.46
CA SER D 1030 4.33 -1.78 -45.43
C SER D 1030 4.19 -0.78 -46.54
N GLU D 1031 4.26 0.49 -46.22
CA GLU D 1031 4.06 1.50 -47.24
C GLU D 1031 5.27 1.96 -48.04
N CYS D 1032 6.50 1.92 -47.47
CA CYS D 1032 7.72 2.42 -48.11
C CYS D 1032 8.64 1.29 -48.57
N VAL D 1033 8.63 0.14 -47.92
CA VAL D 1033 9.52 -0.91 -48.36
C VAL D 1033 8.80 -1.76 -49.38
N LEU D 1034 7.56 -2.05 -49.11
CA LEU D 1034 6.78 -2.89 -50.01
C LEU D 1034 6.01 -2.07 -51.02
N GLY D 1035 6.27 -0.79 -51.05
CA GLY D 1035 5.58 0.11 -51.97
C GLY D 1035 6.47 1.26 -52.40
N GLN D 1036 5.81 2.40 -52.54
CA GLN D 1036 6.35 3.71 -52.87
C GLN D 1036 5.37 4.65 -52.21
N SER D 1037 5.84 5.64 -51.49
CA SER D 1037 4.88 6.50 -50.80
C SER D 1037 4.85 7.93 -51.25
N LYS D 1038 3.64 8.47 -51.32
CA LYS D 1038 3.43 9.85 -51.68
C LYS D 1038 3.18 10.75 -50.50
N ARG D 1039 3.30 10.21 -49.30
CA ARG D 1039 3.07 10.98 -48.12
C ARG D 1039 4.28 11.83 -47.82
N VAL D 1040 4.06 13.11 -47.62
CA VAL D 1040 5.19 14.00 -47.43
C VAL D 1040 5.91 13.74 -46.14
N ASP D 1041 7.22 13.59 -46.27
CA ASP D 1041 8.17 13.32 -45.22
C ASP D 1041 7.86 12.07 -44.45
N PHE D 1042 7.03 11.21 -44.99
CA PHE D 1042 6.77 9.98 -44.30
C PHE D 1042 8.00 9.09 -44.27
N CYS D 1043 8.69 8.94 -45.42
CA CYS D 1043 9.88 8.10 -45.61
C CYS D 1043 11.01 8.92 -46.22
N GLY D 1044 11.52 9.87 -45.43
CA GLY D 1044 12.61 10.71 -45.87
C GLY D 1044 12.15 12.01 -46.45
N LYS D 1045 13.05 12.99 -46.45
CA LYS D 1045 12.76 14.30 -47.02
C LYS D 1045 12.95 14.19 -48.52
N GLY D 1046 12.17 14.93 -49.28
CA GLY D 1046 12.31 14.89 -50.73
C GLY D 1046 11.28 13.93 -51.27
N TYR D 1047 11.45 13.50 -52.50
CA TYR D 1047 10.46 12.65 -53.11
C TYR D 1047 10.84 11.23 -52.82
N HIS D 1048 9.93 10.39 -52.38
CA HIS D 1048 10.30 9.02 -52.07
C HIS D 1048 10.37 8.13 -53.29
N LEU D 1049 11.46 7.37 -53.40
CA LEU D 1049 11.62 6.43 -54.49
C LEU D 1049 11.48 5.02 -53.97
N MET D 1050 12.22 4.68 -52.93
CA MET D 1050 12.25 3.33 -52.38
C MET D 1050 12.90 3.26 -51.01
N SER D 1051 12.71 2.16 -50.29
CA SER D 1051 13.35 2.00 -48.98
C SER D 1051 13.96 0.62 -48.77
N PHE D 1052 14.97 0.57 -47.92
CA PHE D 1052 15.60 -0.69 -47.56
C PHE D 1052 15.71 -0.82 -46.04
N PRO D 1053 15.12 -1.81 -45.39
CA PRO D 1053 15.20 -2.02 -43.97
C PRO D 1053 16.54 -2.63 -43.64
N GLN D 1054 16.99 -2.42 -42.42
CA GLN D 1054 18.13 -3.08 -41.79
C GLN D 1054 17.73 -3.43 -40.36
N SER D 1055 18.18 -4.56 -39.83
CA SER D 1055 17.86 -4.87 -38.44
C SER D 1055 18.76 -4.16 -37.45
N ALA D 1056 18.36 -4.13 -36.19
CA ALA D 1056 19.13 -3.50 -35.13
C ALA D 1056 18.67 -4.09 -33.81
N PRO D 1057 19.45 -4.06 -32.74
CA PRO D 1057 18.99 -4.53 -31.46
C PRO D 1057 17.73 -3.80 -31.08
N HIS D 1058 16.72 -4.56 -30.72
CA HIS D 1058 15.43 -4.02 -30.28
C HIS D 1058 14.76 -3.07 -31.24
N GLY D 1059 15.07 -3.11 -32.53
CA GLY D 1059 14.42 -2.16 -33.40
C GLY D 1059 14.73 -2.29 -34.86
N VAL D 1060 14.28 -1.32 -35.63
CA VAL D 1060 14.46 -1.37 -37.06
C VAL D 1060 15.02 -0.05 -37.57
N VAL D 1061 15.91 -0.15 -38.53
CA VAL D 1061 16.49 1.02 -39.14
C VAL D 1061 16.16 1.06 -40.61
N PHE D 1062 15.61 2.16 -41.06
CA PHE D 1062 15.28 2.23 -42.46
C PHE D 1062 16.17 3.16 -43.23
N LEU D 1063 16.54 2.74 -44.42
CA LEU D 1063 17.28 3.58 -45.34
C LEU D 1063 16.29 4.06 -46.37
N HIS D 1064 16.09 5.35 -46.45
CA HIS D 1064 15.09 5.88 -47.38
C HIS D 1064 15.75 6.57 -48.53
N VAL D 1065 15.41 6.16 -49.72
CA VAL D 1065 16.02 6.72 -50.90
C VAL D 1065 15.07 7.73 -51.46
N THR D 1066 15.51 8.97 -51.53
CA THR D 1066 14.66 10.04 -52.00
C THR D 1066 15.36 10.94 -53.00
N TYR D 1067 14.58 11.74 -53.72
CA TYR D 1067 15.16 12.73 -54.62
C TYR D 1067 14.98 14.11 -54.18
N VAL D 1068 15.99 14.89 -54.43
CA VAL D 1068 15.87 16.28 -54.15
C VAL D 1068 16.27 17.05 -55.41
N PRO D 1069 15.46 17.99 -55.90
CA PRO D 1069 15.74 18.87 -57.01
C PRO D 1069 17.02 19.59 -56.68
N ALA D 1070 17.80 19.96 -57.67
CA ALA D 1070 19.08 20.56 -57.39
C ALA D 1070 19.21 21.95 -58.01
N GLN D 1071 20.04 22.09 -59.02
CA GLN D 1071 20.20 23.38 -59.64
C GLN D 1071 18.88 23.74 -60.24
N GLU D 1072 18.58 25.02 -60.30
CA GLU D 1072 17.33 25.50 -60.85
C GLU D 1072 17.56 26.79 -61.59
N LYS D 1073 16.67 27.11 -62.50
CA LYS D 1073 16.74 28.39 -63.21
C LYS D 1073 15.43 29.18 -63.16
N ASN D 1074 15.54 30.54 -63.28
CA ASN D 1074 14.44 31.50 -63.34
C ASN D 1074 13.93 31.68 -64.77
N PHE D 1075 12.67 31.29 -65.05
CA PHE D 1075 12.03 31.37 -66.36
C PHE D 1075 10.76 32.16 -66.32
N THR D 1076 10.37 32.70 -67.46
CA THR D 1076 9.12 33.40 -67.54
C THR D 1076 8.02 32.40 -67.80
N THR D 1077 6.85 32.62 -67.26
CA THR D 1077 5.77 31.70 -67.53
C THR D 1077 4.44 32.34 -67.83
N ALA D 1078 3.55 31.58 -68.45
CA ALA D 1078 2.20 32.09 -68.70
C ALA D 1078 1.19 30.96 -68.67
N PRO D 1079 -0.05 31.19 -68.20
CA PRO D 1079 -1.15 30.25 -68.15
C PRO D 1079 -1.53 29.54 -69.42
N ALA D 1080 -1.41 30.22 -70.55
CA ALA D 1080 -1.82 29.65 -71.81
C ALA D 1080 -1.20 30.36 -72.97
N ILE D 1081 -1.22 29.71 -74.10
CA ILE D 1081 -0.76 30.33 -75.33
C ILE D 1081 -1.96 30.65 -76.20
N CYS D 1082 -2.00 31.88 -76.73
CA CYS D 1082 -3.03 32.35 -77.64
C CYS D 1082 -2.53 32.13 -79.07
N HIS D 1083 -3.21 31.27 -79.82
CA HIS D 1083 -2.71 30.96 -81.16
C HIS D 1083 -3.45 31.72 -82.25
N ASP D 1084 -4.62 31.24 -82.62
CA ASP D 1084 -5.47 31.87 -83.61
C ASP D 1084 -6.73 32.42 -82.97
N GLY D 1085 -6.64 32.63 -81.69
CA GLY D 1085 -7.74 33.10 -80.87
C GLY D 1085 -8.17 32.00 -79.93
N LYS D 1086 -7.77 30.76 -80.25
CA LYS D 1086 -8.07 29.65 -79.37
C LYS D 1086 -7.04 29.63 -78.24
N ALA D 1087 -7.46 29.21 -77.04
CA ALA D 1087 -6.54 29.11 -75.91
C ALA D 1087 -5.98 27.72 -75.69
N HIS D 1088 -4.66 27.62 -75.73
CA HIS D 1088 -3.93 26.37 -75.57
C HIS D 1088 -3.26 26.23 -74.20
N PHE D 1089 -3.56 25.13 -73.54
CA PHE D 1089 -3.02 24.84 -72.22
C PHE D 1089 -2.08 23.65 -72.34
N PRO D 1090 -1.05 23.46 -71.51
CA PRO D 1090 -0.15 22.33 -71.59
C PRO D 1090 -0.91 21.10 -71.23
N ARG D 1091 -0.60 19.97 -71.83
CA ARG D 1091 -1.28 18.79 -71.35
C ARG D 1091 -0.62 18.30 -70.07
N GLU D 1092 0.71 18.36 -70.03
CA GLU D 1092 1.50 17.87 -68.91
C GLU D 1092 2.73 18.73 -68.72
N GLY D 1093 2.63 19.86 -68.08
CA GLY D 1093 3.80 20.71 -68.01
C GLY D 1093 3.47 22.15 -67.83
N VAL D 1094 4.46 22.96 -68.04
CA VAL D 1094 4.32 24.40 -67.89
C VAL D 1094 4.78 25.13 -69.13
N PHE D 1095 4.10 26.22 -69.50
CA PHE D 1095 4.61 27.01 -70.61
C PHE D 1095 5.65 27.91 -70.03
N VAL D 1096 6.84 27.72 -70.51
CA VAL D 1096 7.99 28.39 -70.00
C VAL D 1096 8.75 29.11 -71.07
N SER D 1097 9.32 30.25 -70.74
CA SER D 1097 10.05 30.98 -71.74
C SER D 1097 11.42 31.45 -71.30
N ASN D 1098 12.38 31.31 -72.23
CA ASN D 1098 13.72 31.85 -72.16
C ASN D 1098 13.60 33.28 -72.73
N GLY D 1099 14.72 34.00 -72.94
CA GLY D 1099 14.66 35.39 -73.43
C GLY D 1099 13.87 35.62 -74.75
N THR D 1100 13.86 34.62 -75.65
CA THR D 1100 13.17 34.76 -76.92
C THR D 1100 12.10 33.70 -77.25
N HIS D 1101 12.14 32.54 -76.62
CA HIS D 1101 11.21 31.48 -77.01
C HIS D 1101 10.48 30.74 -75.93
N TRP D 1102 9.24 30.42 -76.29
CA TRP D 1102 8.34 29.61 -75.48
C TRP D 1102 8.41 28.14 -75.79
N PHE D 1103 8.44 27.34 -74.74
CA PHE D 1103 8.51 25.89 -74.77
C PHE D 1103 7.66 25.27 -73.70
N VAL D 1104 7.59 23.95 -73.69
CA VAL D 1104 6.92 23.28 -72.60
C VAL D 1104 7.81 22.30 -71.91
N THR D 1105 7.85 22.37 -70.60
CA THR D 1105 8.67 21.42 -69.86
C THR D 1105 7.86 20.65 -68.89
N GLN D 1106 8.37 19.49 -68.51
CA GLN D 1106 7.74 18.74 -67.46
C GLN D 1106 7.98 19.55 -66.21
N ARG D 1107 7.08 19.48 -65.26
CA ARG D 1107 7.18 20.37 -64.12
C ARG D 1107 8.44 20.26 -63.30
N ASN D 1108 8.97 19.05 -63.14
CA ASN D 1108 10.11 18.85 -62.28
C ASN D 1108 11.45 18.78 -62.98
N PHE D 1109 11.51 19.10 -64.26
CA PHE D 1109 12.81 19.00 -64.90
C PHE D 1109 12.89 19.82 -66.16
N TYR D 1110 13.91 20.63 -66.29
CA TYR D 1110 13.98 21.49 -67.45
C TYR D 1110 14.47 20.82 -68.72
N GLU D 1111 13.51 20.22 -69.40
CA GLU D 1111 13.67 19.52 -70.66
C GLU D 1111 12.67 20.07 -71.69
N PRO D 1112 12.95 21.19 -72.37
CA PRO D 1112 12.06 21.91 -73.27
C PRO D 1112 11.59 21.17 -74.49
N GLN D 1113 10.30 21.28 -74.75
CA GLN D 1113 9.66 20.75 -75.91
C GLN D 1113 9.08 21.86 -76.73
N ILE D 1114 8.87 21.59 -77.99
CA ILE D 1114 8.23 22.54 -78.87
C ILE D 1114 6.74 22.59 -78.58
N ILE D 1115 6.18 23.78 -78.59
CA ILE D 1115 4.76 23.87 -78.36
C ILE D 1115 4.06 23.44 -79.63
N THR D 1116 3.28 22.39 -79.50
CA THR D 1116 2.56 21.77 -80.60
C THR D 1116 1.15 21.51 -80.18
N THR D 1117 0.37 21.04 -81.12
CA THR D 1117 -1.01 20.66 -80.87
C THR D 1117 -1.10 19.32 -80.15
N ASP D 1118 0.01 18.61 -80.06
CA ASP D 1118 0.02 17.33 -79.37
C ASP D 1118 0.37 17.53 -77.92
N ASN D 1119 1.13 18.57 -77.63
CA ASN D 1119 1.60 18.83 -76.28
C ASN D 1119 0.69 19.76 -75.51
N THR D 1120 -0.35 20.22 -76.18
CA THR D 1120 -1.30 21.15 -75.63
C THR D 1120 -2.70 20.71 -75.91
N PHE D 1121 -3.65 21.34 -75.26
CA PHE D 1121 -5.03 21.07 -75.56
C PHE D 1121 -5.74 22.37 -75.62
N VAL D 1122 -6.87 22.39 -76.27
CA VAL D 1122 -7.58 23.64 -76.41
C VAL D 1122 -8.90 23.68 -75.73
N SER D 1123 -9.11 24.74 -74.99
CA SER D 1123 -10.38 24.94 -74.36
C SER D 1123 -10.67 26.40 -74.17
N GLY D 1124 -11.78 26.87 -74.71
CA GLY D 1124 -12.12 28.28 -74.57
C GLY D 1124 -11.26 29.12 -75.50
N ASN D 1125 -11.16 30.41 -75.20
CA ASN D 1125 -10.47 31.31 -76.10
C ASN D 1125 -9.71 32.39 -75.31
N CYS D 1126 -8.98 33.23 -76.06
CA CYS D 1126 -8.03 34.24 -75.60
C CYS D 1126 -8.65 35.41 -74.86
N ASP D 1127 -9.96 35.53 -74.87
CA ASP D 1127 -10.56 36.65 -74.20
C ASP D 1127 -10.87 36.39 -72.73
N VAL D 1128 -10.63 35.17 -72.26
CA VAL D 1128 -10.98 34.88 -70.88
C VAL D 1128 -9.79 34.76 -69.92
N VAL D 1129 -8.75 34.07 -70.33
CA VAL D 1129 -7.62 33.80 -69.45
C VAL D 1129 -6.79 35.04 -69.23
N ILE D 1130 -6.49 35.32 -67.98
CA ILE D 1130 -5.71 36.47 -67.62
C ILE D 1130 -4.24 36.21 -67.83
N GLY D 1131 -3.56 37.09 -68.55
CA GLY D 1131 -2.15 36.91 -68.78
C GLY D 1131 -1.81 35.91 -69.88
N ILE D 1132 -2.72 35.70 -70.83
CA ILE D 1132 -2.46 34.77 -71.91
C ILE D 1132 -1.45 35.41 -72.85
N VAL D 1133 -0.50 34.64 -73.37
CA VAL D 1133 0.51 35.21 -74.26
C VAL D 1133 0.35 34.72 -75.70
N ASN D 1134 0.47 35.65 -76.69
CA ASN D 1134 0.41 35.38 -78.14
C ASN D 1134 1.68 34.68 -78.61
N ASN D 1135 1.54 33.46 -79.19
CA ASN D 1135 2.65 32.64 -79.71
C ASN D 1135 2.09 31.64 -80.69
N THR D 1136 2.92 30.78 -81.24
CA THR D 1136 2.36 29.85 -82.19
C THR D 1136 2.48 28.43 -81.74
N VAL D 1137 1.51 27.67 -82.14
CA VAL D 1137 1.46 26.27 -81.85
C VAL D 1137 1.65 25.48 -83.13
N TYR D 1138 2.64 24.62 -83.14
CA TYR D 1138 2.92 23.84 -84.32
C TYR D 1138 2.03 22.63 -84.55
N ASP D 1139 1.54 22.52 -85.77
CA ASP D 1139 0.69 21.42 -86.21
C ASP D 1139 1.43 20.49 -87.18
N PRO D 1140 1.84 19.29 -86.78
CA PRO D 1140 2.62 18.32 -87.54
C PRO D 1140 2.04 17.92 -88.88
N LEU D 1141 0.74 18.08 -89.08
CA LEU D 1141 0.20 17.70 -90.36
C LEU D 1141 0.51 18.69 -91.42
N GLN D 1142 0.75 19.94 -91.08
CA GLN D 1142 0.88 20.87 -92.16
C GLN D 1142 1.97 20.50 -93.16
N PRO D 1143 3.26 20.42 -92.81
CA PRO D 1143 4.26 20.10 -93.78
C PRO D 1143 4.16 18.69 -94.33
N GLU D 1144 3.57 17.77 -93.57
CA GLU D 1144 3.50 16.41 -94.07
C GLU D 1144 2.48 16.29 -95.18
N LEU D 1145 1.36 16.99 -95.03
CA LEU D 1145 0.33 16.92 -96.04
C LEU D 1145 0.75 17.72 -97.26
N ASP D 1146 1.50 18.81 -97.06
CA ASP D 1146 1.96 19.60 -98.19
C ASP D 1146 3.07 18.92 -99.03
N SER D 1147 4.01 18.19 -98.37
CA SER D 1147 5.13 17.48 -98.98
C SER D 1147 4.61 16.16 -99.58
N ASN E 17 -53.28 36.81 36.89
CA ASN E 17 -51.84 36.60 36.56
C ASN E 17 -51.67 36.65 35.04
N LEU E 18 -51.32 37.82 34.49
CA LEU E 18 -51.17 37.97 33.02
C LEU E 18 -52.48 37.54 32.36
N THR E 19 -53.62 37.94 32.93
CA THR E 19 -54.93 37.48 32.39
C THR E 19 -55.35 38.33 31.18
N THR E 20 -56.57 38.10 30.70
CA THR E 20 -57.15 38.80 29.50
C THR E 20 -56.53 38.29 28.20
N ARG E 21 -55.57 37.39 28.30
CA ARG E 21 -54.88 36.90 27.14
C ARG E 21 -55.83 36.17 26.22
N THR E 22 -55.75 36.51 24.95
CA THR E 22 -56.57 35.88 23.94
C THR E 22 -56.05 34.47 23.73
N GLN E 23 -56.96 33.53 23.48
CA GLN E 23 -56.52 32.16 23.27
C GLN E 23 -56.49 31.82 21.79
N LEU E 24 -55.28 31.69 21.26
CA LEU E 24 -55.07 31.45 19.85
C LEU E 24 -54.18 30.24 19.59
N PRO E 25 -54.35 29.54 18.45
CA PRO E 25 -53.49 28.50 17.97
C PRO E 25 -52.23 29.18 17.45
N PRO E 26 -51.11 28.47 17.29
CA PRO E 26 -49.89 28.98 16.70
C PRO E 26 -50.09 29.24 15.22
N ALA E 27 -49.37 30.22 14.72
CA ALA E 27 -49.39 30.54 13.30
C ALA E 27 -48.15 29.96 12.69
N TYR E 28 -48.16 29.70 11.40
CA TYR E 28 -46.94 29.19 10.78
C TYR E 28 -46.55 30.03 9.61
N THR E 29 -45.25 30.14 9.41
CA THR E 29 -44.69 30.87 8.28
C THR E 29 -43.55 30.09 7.67
N ASN E 30 -42.88 30.68 6.69
CA ASN E 30 -41.79 30.02 6.04
C ASN E 30 -40.51 30.82 6.27
N SER E 31 -39.39 30.12 6.44
CA SER E 31 -38.08 30.69 6.68
C SER E 31 -37.36 31.27 5.49
N PHE E 32 -37.81 30.91 4.31
CA PHE E 32 -37.17 31.33 3.07
C PHE E 32 -35.66 31.11 3.12
N THR E 33 -34.89 32.19 3.04
CA THR E 33 -33.43 32.11 3.00
C THR E 33 -32.74 32.70 4.23
N ARG E 34 -33.48 32.82 5.31
CA ARG E 34 -32.98 33.33 6.58
C ARG E 34 -32.30 32.22 7.37
N GLY E 35 -31.53 32.57 8.41
CA GLY E 35 -30.90 31.53 9.24
C GLY E 35 -29.50 31.04 8.86
N VAL E 36 -28.77 31.84 8.11
CA VAL E 36 -27.39 31.58 7.70
C VAL E 36 -26.47 32.48 8.49
N TYR E 37 -25.34 31.96 8.88
CA TYR E 37 -24.38 32.68 9.67
C TYR E 37 -22.97 32.31 9.31
N TYR E 38 -22.03 33.15 9.72
CA TYR E 38 -20.64 32.87 9.49
C TYR E 38 -20.18 31.77 10.44
N PRO E 39 -19.81 30.57 9.97
CA PRO E 39 -19.44 29.47 10.82
C PRO E 39 -18.12 29.67 11.54
N ASP E 40 -17.25 30.55 11.03
CA ASP E 40 -15.98 30.77 11.67
C ASP E 40 -15.47 32.16 11.38
N LYS E 41 -14.28 32.46 11.89
CA LYS E 41 -13.67 33.77 11.77
C LYS E 41 -12.66 33.84 10.65
N VAL E 42 -12.90 33.07 9.60
CA VAL E 42 -11.98 33.07 8.48
C VAL E 42 -12.44 33.92 7.32
N PHE E 43 -11.56 34.79 6.91
CA PHE E 43 -11.76 35.68 5.79
C PHE E 43 -11.54 34.93 4.50
N ARG E 44 -12.57 34.92 3.70
CA ARG E 44 -12.55 34.21 2.45
C ARG E 44 -13.02 35.07 1.31
N SER E 45 -12.12 35.80 0.68
CA SER E 45 -12.57 36.75 -0.33
C SER E 45 -12.65 36.20 -1.74
N SER E 46 -13.79 36.45 -2.37
CA SER E 46 -14.13 36.04 -3.72
C SER E 46 -14.00 34.55 -3.99
N VAL E 47 -14.49 33.74 -3.07
CA VAL E 47 -14.45 32.30 -3.22
C VAL E 47 -15.80 31.70 -2.93
N LEU E 48 -15.98 30.46 -3.34
CA LEU E 48 -17.12 29.75 -2.87
C LEU E 48 -16.55 28.80 -1.85
N HIS E 49 -17.31 28.48 -0.83
CA HIS E 49 -16.82 27.56 0.18
C HIS E 49 -17.88 26.60 0.66
N SER E 50 -17.56 25.32 0.68
CA SER E 50 -18.51 24.33 1.14
C SER E 50 -18.26 23.98 2.59
N THR E 51 -19.29 24.16 3.39
CA THR E 51 -19.19 23.90 4.82
C THR E 51 -20.37 23.12 5.37
N GLN E 52 -20.23 22.68 6.61
CA GLN E 52 -21.31 22.00 7.30
C GLN E 52 -21.46 22.55 8.70
N ASP E 53 -22.70 22.76 9.10
CA ASP E 53 -22.99 23.27 10.44
C ASP E 53 -24.47 23.10 10.67
N LEU E 54 -24.96 23.53 11.82
CA LEU E 54 -26.38 23.49 12.03
C LEU E 54 -26.96 24.81 11.56
N PHE E 55 -27.80 24.76 10.58
CA PHE E 55 -28.34 25.98 9.99
C PHE E 55 -29.81 25.91 9.93
N LEU E 56 -30.49 27.03 9.84
CA LEU E 56 -31.90 26.88 9.65
C LEU E 56 -31.98 26.33 8.25
N PRO E 57 -32.71 25.25 7.97
CA PRO E 57 -32.87 24.73 6.65
C PRO E 57 -33.54 25.78 5.83
N PHE E 58 -33.24 25.84 4.55
CA PHE E 58 -33.97 26.79 3.76
C PHE E 58 -35.38 26.33 3.57
N PHE E 59 -36.25 27.31 3.52
CA PHE E 59 -37.68 27.18 3.33
C PHE E 59 -38.39 26.31 4.37
N SER E 60 -37.91 26.32 5.60
CA SER E 60 -38.49 25.54 6.67
C SER E 60 -39.76 26.13 7.22
N ASN E 61 -40.52 25.31 7.93
CA ASN E 61 -41.77 25.71 8.58
C ASN E 61 -41.49 26.27 9.98
N VAL E 62 -41.65 27.58 10.11
CA VAL E 62 -41.33 28.34 11.31
C VAL E 62 -42.57 28.63 12.15
N THR E 63 -42.49 28.39 13.46
CA THR E 63 -43.68 28.62 14.27
C THR E 63 -43.71 30.05 14.78
N TRP E 64 -44.84 30.69 14.57
CA TRP E 64 -45.11 32.06 14.93
C TRP E 64 -46.00 32.22 16.16
N PHE E 65 -45.41 32.82 17.19
CA PHE E 65 -46.03 33.06 18.48
C PHE E 65 -46.44 34.53 18.61
N HIS E 66 -47.60 34.78 19.30
CA HIS E 66 -48.18 36.11 19.57
C HIS E 66 -49.49 35.86 20.36
N THR E 76 -57.95 41.87 23.19
CA THR E 76 -57.18 40.78 22.61
C THR E 76 -55.68 41.01 22.94
N LYS E 77 -55.25 40.59 24.16
CA LYS E 77 -53.86 40.72 24.64
C LYS E 77 -53.05 39.50 24.24
N ARG E 78 -51.88 39.75 23.67
CA ARG E 78 -51.04 38.69 23.14
C ARG E 78 -49.63 38.63 23.71
N PHE E 79 -49.44 37.79 24.71
CA PHE E 79 -48.16 37.71 25.40
C PHE E 79 -47.66 36.28 25.43
N ASP E 80 -47.34 35.71 24.29
CA ASP E 80 -46.99 34.30 24.26
C ASP E 80 -45.54 34.05 24.61
N ASN E 81 -45.31 33.44 25.76
CA ASN E 81 -43.97 33.15 26.20
C ASN E 81 -43.86 31.73 26.77
N PRO E 82 -44.19 30.70 25.99
CA PRO E 82 -44.17 29.31 26.38
C PRO E 82 -42.75 28.85 26.48
N VAL E 83 -42.52 27.79 27.25
CA VAL E 83 -41.20 27.21 27.25
C VAL E 83 -41.18 26.17 26.14
N LEU E 84 -40.33 26.41 25.16
CA LEU E 84 -40.20 25.64 23.95
C LEU E 84 -38.95 24.79 24.00
N PRO E 85 -38.86 23.67 23.28
CA PRO E 85 -37.67 22.86 23.17
C PRO E 85 -36.54 23.65 22.59
N PHE E 86 -35.33 23.35 23.00
CA PHE E 86 -34.14 23.96 22.44
C PHE E 86 -33.57 23.09 21.32
N ASN E 87 -33.78 21.80 21.46
CA ASN E 87 -33.27 20.78 20.56
C ASN E 87 -31.77 20.91 20.36
N ASP E 88 -31.32 21.04 19.11
CA ASP E 88 -29.89 21.12 18.81
C ASP E 88 -29.44 22.54 18.60
N GLY E 89 -30.32 23.46 18.86
CA GLY E 89 -30.06 24.86 18.64
C GLY E 89 -31.32 25.49 18.09
N VAL E 90 -31.46 26.76 18.34
CA VAL E 90 -32.63 27.49 17.99
C VAL E 90 -32.43 28.66 17.08
N TYR E 91 -33.27 28.70 16.08
CA TYR E 91 -33.30 29.86 15.24
C TYR E 91 -34.33 30.76 15.84
N PHE E 92 -33.96 31.98 16.10
CA PHE E 92 -34.94 32.86 16.69
C PHE E 92 -34.96 34.19 16.04
N ALA E 93 -36.13 34.70 15.80
CA ALA E 93 -36.18 36.02 15.27
C ALA E 93 -37.39 36.72 15.75
N SER E 94 -37.30 38.02 15.82
CA SER E 94 -38.48 38.77 16.17
C SER E 94 -38.57 40.07 15.43
N THR E 95 -39.81 40.48 15.24
CA THR E 95 -40.09 41.75 14.62
C THR E 95 -40.96 42.55 15.56
N GLU E 96 -40.55 43.78 15.81
CA GLU E 96 -41.29 44.64 16.72
C GLU E 96 -41.20 46.12 16.38
N LYS E 97 -42.17 46.90 16.90
CA LYS E 97 -42.14 48.36 16.76
C LYS E 97 -41.94 49.08 18.09
N SER E 98 -42.33 48.43 19.19
CA SER E 98 -42.34 49.03 20.52
C SER E 98 -41.22 48.59 21.45
N ASN E 99 -40.26 47.84 20.92
CA ASN E 99 -39.16 47.34 21.74
C ASN E 99 -39.65 46.55 22.96
N ILE E 100 -40.66 45.70 22.77
CA ILE E 100 -41.23 44.87 23.83
C ILE E 100 -40.31 43.71 24.31
N ILE E 101 -39.52 43.08 23.42
CA ILE E 101 -38.72 41.95 23.93
C ILE E 101 -37.52 42.34 24.76
N ARG E 102 -37.37 41.66 25.91
CA ARG E 102 -36.26 41.92 26.81
C ARG E 102 -35.27 40.78 26.85
N GLY E 103 -35.70 39.56 26.59
CA GLY E 103 -34.70 38.52 26.76
C GLY E 103 -35.16 37.08 26.64
N TRP E 104 -34.28 36.21 27.13
CA TRP E 104 -34.52 34.78 27.08
C TRP E 104 -34.18 34.09 28.39
N ILE E 105 -35.05 33.15 28.74
CA ILE E 105 -34.89 32.30 29.91
C ILE E 105 -34.66 30.88 29.44
N PHE E 106 -33.54 30.28 29.80
CA PHE E 106 -33.29 28.94 29.27
C PHE E 106 -32.38 28.05 30.10
N GLY E 107 -32.47 26.75 29.84
CA GLY E 107 -31.67 25.78 30.57
C GLY E 107 -32.43 24.47 30.59
N THR E 108 -32.32 23.72 31.69
CA THR E 108 -33.01 22.44 31.78
C THR E 108 -34.29 22.57 32.60
N THR E 109 -34.19 22.39 33.92
CA THR E 109 -35.36 22.41 34.78
C THR E 109 -35.95 23.78 35.09
N LEU E 110 -35.11 24.82 35.17
CA LEU E 110 -35.55 26.19 35.48
C LEU E 110 -36.28 26.30 36.86
N ASP E 111 -35.83 25.51 37.86
CA ASP E 111 -36.46 25.49 39.19
C ASP E 111 -35.52 25.68 40.40
N SER E 112 -34.36 26.29 40.18
CA SER E 112 -33.30 26.56 41.19
C SER E 112 -32.48 25.34 41.59
N LYS E 113 -32.75 24.17 41.01
CA LYS E 113 -31.96 22.99 41.34
C LYS E 113 -30.63 22.95 40.59
N THR E 114 -30.60 23.51 39.38
CA THR E 114 -29.40 23.50 38.56
C THR E 114 -29.19 24.89 38.03
N GLN E 115 -27.97 25.21 37.58
CA GLN E 115 -27.81 26.55 37.06
C GLN E 115 -28.50 26.65 35.72
N SER E 116 -29.11 27.80 35.50
CA SER E 116 -29.79 28.13 34.26
C SER E 116 -29.29 29.45 33.75
N LEU E 117 -29.71 29.82 32.55
CA LEU E 117 -29.28 31.08 32.02
C LEU E 117 -30.36 32.09 31.96
N LEU E 118 -29.93 33.31 32.12
CA LEU E 118 -30.80 34.42 31.97
C LEU E 118 -30.15 35.56 31.23
N ILE E 119 -30.71 35.90 30.06
CA ILE E 119 -30.18 37.01 29.28
C ILE E 119 -31.19 38.11 29.16
N VAL E 120 -30.99 39.22 29.85
CA VAL E 120 -31.99 40.27 29.84
C VAL E 120 -31.49 41.68 29.54
N ASN E 121 -32.15 42.35 28.63
CA ASN E 121 -31.83 43.73 28.33
C ASN E 121 -32.63 44.50 29.36
N ASN E 122 -32.05 44.62 30.55
CA ASN E 122 -32.77 45.10 31.70
C ASN E 122 -32.84 46.59 31.80
N ALA E 123 -33.69 47.16 30.96
CA ALA E 123 -34.03 48.58 30.87
C ALA E 123 -32.87 49.45 30.46
N THR E 124 -31.86 49.52 31.30
CA THR E 124 -30.68 50.30 31.05
C THR E 124 -29.41 49.50 30.96
N ASN E 125 -29.40 48.24 31.42
CA ASN E 125 -28.15 47.46 31.41
C ASN E 125 -28.43 46.01 31.01
N VAL E 126 -27.60 45.43 30.16
CA VAL E 126 -27.84 44.05 29.79
C VAL E 126 -27.21 43.19 30.82
N VAL E 127 -27.97 42.28 31.38
CA VAL E 127 -27.45 41.44 32.40
C VAL E 127 -27.52 39.99 32.02
N ILE E 128 -26.39 39.32 32.09
CA ILE E 128 -26.33 37.91 31.78
C ILE E 128 -25.88 37.11 32.96
N LYS E 129 -26.68 36.14 33.33
CA LYS E 129 -26.34 35.29 34.46
C LYS E 129 -26.32 33.81 34.20
N VAL E 130 -25.39 33.18 34.90
CA VAL E 130 -25.24 31.74 35.06
C VAL E 130 -25.54 31.50 36.53
N CYS E 131 -26.77 31.01 36.87
CA CYS E 131 -27.23 30.94 38.26
C CYS E 131 -28.45 30.03 38.38
N GLU E 132 -28.54 29.29 39.46
CA GLU E 132 -29.74 28.52 39.65
C GLU E 132 -30.80 29.53 40.01
N PHE E 133 -31.95 29.45 39.37
CA PHE E 133 -33.04 30.33 39.71
C PHE E 133 -34.32 29.55 39.75
N GLN E 134 -35.23 30.01 40.57
CA GLN E 134 -36.57 29.47 40.51
C GLN E 134 -37.29 30.46 39.70
N PHE E 135 -37.64 30.08 38.49
CA PHE E 135 -38.25 31.01 37.59
C PHE E 135 -39.74 31.11 37.78
N CYS E 136 -40.26 32.28 37.48
CA CYS E 136 -41.69 32.51 37.47
C CYS E 136 -42.12 31.83 36.19
N ASN E 137 -43.31 31.25 36.10
CA ASN E 137 -43.68 30.68 34.82
C ASN E 137 -44.09 31.74 33.79
N ASP E 138 -44.59 32.88 34.28
CA ASP E 138 -45.02 33.97 33.39
C ASP E 138 -44.52 35.32 33.86
N PRO E 139 -43.20 35.54 33.89
CA PRO E 139 -42.58 36.75 34.28
C PRO E 139 -42.70 37.72 33.17
N PHE E 140 -42.56 38.95 33.51
CA PHE E 140 -42.47 40.01 32.58
C PHE E 140 -41.77 41.10 33.31
N LEU E 141 -41.26 42.06 32.59
CA LEU E 141 -40.72 43.19 33.31
C LEU E 141 -41.80 44.22 33.22
N GLY E 142 -42.35 44.61 34.33
CA GLY E 142 -43.46 45.54 34.27
C GLY E 142 -42.91 46.90 33.94
N VAL E 143 -43.67 47.71 33.17
CA VAL E 143 -43.27 49.07 32.78
C VAL E 143 -44.47 50.03 32.95
N SER E 151 -47.56 56.71 29.85
CA SER E 151 -46.46 56.84 30.80
C SER E 151 -45.77 55.47 30.99
N TRP E 152 -44.99 55.04 29.96
CA TRP E 152 -44.25 53.77 29.97
C TRP E 152 -42.96 53.86 30.75
N MET E 153 -43.14 53.94 32.06
CA MET E 153 -42.04 54.08 33.00
C MET E 153 -41.74 52.71 33.56
N GLU E 154 -40.48 52.38 33.77
CA GLU E 154 -40.12 51.09 34.33
C GLU E 154 -40.79 50.91 35.68
N SER E 155 -41.37 49.74 35.93
CA SER E 155 -42.08 49.46 37.17
C SER E 155 -41.45 48.33 38.01
N GLU E 156 -41.36 47.12 37.46
CA GLU E 156 -40.86 45.99 38.25
C GLU E 156 -40.07 44.96 37.46
N PHE E 157 -39.13 44.33 38.14
CA PHE E 157 -38.38 43.26 37.52
C PHE E 157 -38.86 41.96 38.13
N ARG E 158 -39.10 40.95 37.33
CA ARG E 158 -39.52 39.69 37.88
C ARG E 158 -38.54 38.60 37.50
N VAL E 159 -38.88 37.84 36.46
CA VAL E 159 -38.14 36.71 35.92
C VAL E 159 -38.15 35.51 36.87
N TYR E 160 -37.62 35.69 38.05
CA TYR E 160 -37.49 34.66 39.04
C TYR E 160 -37.91 35.10 40.42
N SER E 161 -38.30 34.12 41.22
CA SER E 161 -38.63 34.33 42.61
C SER E 161 -37.43 34.07 43.51
N SER E 162 -36.45 33.31 43.02
CA SER E 162 -35.25 33.06 43.82
C SER E 162 -34.02 32.85 42.96
N ALA E 163 -32.85 32.97 43.58
CA ALA E 163 -31.56 32.73 42.95
C ALA E 163 -30.64 32.16 44.01
N ASN E 164 -29.66 31.32 43.61
CA ASN E 164 -28.76 30.71 44.59
C ASN E 164 -27.27 31.10 44.57
N ASN E 165 -26.42 30.34 43.85
CA ASN E 165 -24.97 30.57 43.93
C ASN E 165 -24.36 31.57 42.93
N CYS E 166 -25.00 31.72 41.75
CA CYS E 166 -24.64 32.63 40.65
C CYS E 166 -23.15 32.65 40.28
N THR E 167 -22.69 31.57 39.63
CA THR E 167 -21.30 31.44 39.24
C THR E 167 -20.80 32.59 38.38
N PHE E 168 -21.63 33.05 37.46
CA PHE E 168 -21.19 34.14 36.57
C PHE E 168 -22.21 35.22 36.33
N GLU E 169 -21.73 36.46 36.30
CA GLU E 169 -22.58 37.57 35.92
C GLU E 169 -21.85 38.60 35.09
N TYR E 170 -22.50 39.03 34.02
CA TYR E 170 -22.05 40.09 33.14
C TYR E 170 -23.01 41.24 33.09
N VAL E 171 -22.51 42.45 33.19
CA VAL E 171 -23.40 43.59 33.05
C VAL E 171 -22.85 44.56 32.02
N SER E 172 -23.65 44.91 31.01
CA SER E 172 -23.22 45.86 29.99
C SER E 172 -23.36 47.27 30.48
N GLN E 173 -22.82 48.20 29.69
CA GLN E 173 -22.88 49.62 30.00
C GLN E 173 -24.26 50.21 29.71
N PRO E 174 -24.62 51.35 30.33
CA PRO E 174 -25.90 52.01 30.21
C PRO E 174 -26.37 52.34 28.81
N PHE E 175 -27.67 52.14 28.62
CA PHE E 175 -28.41 52.41 27.39
C PHE E 175 -29.84 52.81 27.79
N LEU E 176 -30.65 53.34 26.85
CA LEU E 176 -32.07 53.69 27.10
C LEU E 176 -32.90 52.42 27.43
N ASN E 185 -46.48 49.36 11.58
CA ASN E 185 -45.60 48.33 11.06
C ASN E 185 -44.44 48.15 12.05
N PHE E 186 -43.81 46.95 12.04
CA PHE E 186 -42.64 46.58 12.86
C PHE E 186 -41.45 47.22 12.20
N LYS E 187 -40.55 47.78 13.01
CA LYS E 187 -39.39 48.49 12.49
C LYS E 187 -38.06 47.84 12.77
N ASN E 188 -38.03 46.93 13.73
CA ASN E 188 -36.79 46.32 14.15
C ASN E 188 -36.75 44.82 14.06
N LEU E 189 -35.87 44.30 13.19
CA LEU E 189 -35.71 42.86 13.06
C LEU E 189 -34.46 42.40 13.71
N ARG E 190 -34.60 41.54 14.69
CA ARG E 190 -33.44 41.02 15.35
C ARG E 190 -33.41 39.52 15.15
N GLU E 191 -32.46 39.09 14.34
CA GLU E 191 -32.34 37.69 13.97
C GLU E 191 -31.17 37.07 14.73
N PHE E 192 -31.41 35.93 15.38
CA PHE E 192 -30.43 35.25 16.22
C PHE E 192 -30.19 33.77 15.97
N VAL E 193 -28.97 33.35 16.29
CA VAL E 193 -28.62 31.94 16.31
C VAL E 193 -28.27 31.57 17.72
N PHE E 194 -29.00 30.62 18.29
CA PHE E 194 -28.68 30.19 19.62
C PHE E 194 -28.28 28.72 19.67
N LYS E 195 -27.03 28.45 19.99
CA LYS E 195 -26.59 27.05 20.05
C LYS E 195 -25.60 26.87 21.16
N ASN E 196 -25.30 25.64 21.56
CA ASN E 196 -24.36 25.44 22.66
C ASN E 196 -23.34 24.35 22.33
N ILE E 197 -22.09 24.77 22.16
CA ILE E 197 -21.03 23.87 21.76
C ILE E 197 -19.99 23.68 22.82
N ASP E 198 -19.86 22.44 23.29
CA ASP E 198 -18.86 22.10 24.29
C ASP E 198 -18.91 23.01 25.51
N GLY E 199 -20.11 23.33 25.94
CA GLY E 199 -20.32 24.16 27.11
C GLY E 199 -20.42 25.65 26.80
N TYR E 200 -20.13 26.05 25.56
CA TYR E 200 -20.20 27.44 25.19
C TYR E 200 -21.48 27.83 24.55
N PHE E 201 -22.16 28.76 25.15
CA PHE E 201 -23.40 29.18 24.53
C PHE E 201 -22.97 30.19 23.52
N LYS E 202 -23.40 29.99 22.29
CA LYS E 202 -23.06 30.83 21.17
C LYS E 202 -24.21 31.69 20.75
N ILE E 203 -23.96 33.01 20.67
CA ILE E 203 -24.98 33.92 20.22
C ILE E 203 -24.52 34.69 19.00
N TYR E 204 -25.21 34.46 17.88
CA TYR E 204 -24.84 35.16 16.65
C TYR E 204 -26.03 35.99 16.30
N SER E 205 -25.84 37.17 15.74
CA SER E 205 -27.02 37.94 15.41
C SER E 205 -26.83 39.05 14.41
N LYS E 206 -27.95 39.55 13.92
CA LYS E 206 -27.96 40.73 13.08
C LYS E 206 -29.21 41.55 13.33
N HIS E 207 -29.03 42.85 13.45
CA HIS E 207 -30.15 43.76 13.66
C HIS E 207 -30.29 44.67 12.46
N THR E 208 -31.40 44.55 11.76
CA THR E 208 -31.61 45.37 10.57
C THR E 208 -32.96 46.07 10.64
N PRO E 209 -33.13 47.23 9.98
CA PRO E 209 -34.40 47.90 9.79
C PRO E 209 -35.36 47.09 8.95
N ILE E 210 -36.61 47.14 9.34
CA ILE E 210 -37.75 46.54 8.65
C ILE E 210 -38.91 47.51 8.55
N ASN E 211 -39.90 47.15 7.74
CA ASN E 211 -41.15 47.89 7.64
C ASN E 211 -42.25 46.89 7.27
N LEU E 212 -42.67 46.09 8.24
CA LEU E 212 -43.61 44.99 7.92
C LEU E 212 -44.78 44.81 8.87
N VAL E 213 -45.84 44.19 8.38
CA VAL E 213 -47.00 43.92 9.22
C VAL E 213 -47.00 42.55 9.91
N ARG E 214 -46.63 41.49 9.18
CA ARG E 214 -46.73 40.13 9.73
C ARG E 214 -45.39 39.42 9.80
N ASP E 215 -45.16 38.56 8.81
CA ASP E 215 -44.03 37.66 8.70
C ASP E 215 -42.69 38.25 8.43
N LEU E 216 -41.69 37.46 8.79
CA LEU E 216 -40.30 37.79 8.59
C LEU E 216 -40.11 38.06 7.10
N PRO E 217 -39.29 39.05 6.75
CA PRO E 217 -39.00 39.47 5.40
C PRO E 217 -38.11 38.46 4.71
N GLN E 218 -38.13 38.46 3.39
CA GLN E 218 -37.23 37.62 2.62
C GLN E 218 -35.99 38.38 2.23
N GLY E 219 -34.91 37.65 2.01
CA GLY E 219 -33.66 38.24 1.58
C GLY E 219 -32.53 37.45 2.19
N PHE E 220 -31.30 37.88 1.99
CA PHE E 220 -30.18 37.15 2.52
C PHE E 220 -29.19 38.05 3.23
N SER E 221 -28.80 37.62 4.41
CA SER E 221 -27.78 38.26 5.19
C SER E 221 -27.25 37.19 6.11
N ALA E 222 -25.94 37.07 6.26
CA ALA E 222 -25.42 36.08 7.17
C ALA E 222 -25.21 36.75 8.51
N LEU E 223 -25.58 36.06 9.56
CA LEU E 223 -25.46 36.57 10.91
C LEU E 223 -24.04 36.47 11.42
N GLU E 224 -23.58 37.56 12.02
CA GLU E 224 -22.24 37.64 12.55
C GLU E 224 -22.19 37.22 14.01
N PRO E 225 -21.39 36.23 14.40
CA PRO E 225 -21.19 35.81 15.75
C PRO E 225 -20.75 36.97 16.57
N LEU E 226 -21.29 37.11 17.77
CA LEU E 226 -20.86 38.22 18.58
C LEU E 226 -20.24 37.76 19.86
N VAL E 227 -20.96 36.95 20.63
CA VAL E 227 -20.46 36.56 21.93
C VAL E 227 -20.62 35.09 22.23
N ASP E 228 -19.89 34.64 23.23
CA ASP E 228 -20.14 33.33 23.77
C ASP E 228 -19.74 33.30 25.23
N LEU E 229 -19.98 32.16 25.88
CA LEU E 229 -19.60 32.04 27.28
C LEU E 229 -19.43 30.56 27.68
N PRO E 230 -18.33 30.15 28.36
CA PRO E 230 -18.06 28.81 28.89
C PRO E 230 -18.89 28.57 30.13
N ILE E 231 -20.14 28.21 29.90
CA ILE E 231 -21.15 28.07 30.92
C ILE E 231 -21.24 26.68 31.52
N GLY E 232 -21.29 25.66 30.66
CA GLY E 232 -21.40 24.28 31.14
C GLY E 232 -22.84 23.79 31.45
N ILE E 233 -23.83 24.62 31.15
CA ILE E 233 -25.24 24.32 31.39
C ILE E 233 -25.88 23.66 30.18
N ASN E 234 -26.56 22.56 30.42
CA ASN E 234 -27.26 21.88 29.37
C ASN E 234 -28.50 22.69 29.08
N ILE E 235 -28.88 22.84 27.84
CA ILE E 235 -30.10 23.58 27.57
C ILE E 235 -31.03 22.67 26.85
N THR E 236 -32.21 22.48 27.40
CA THR E 236 -33.17 21.62 26.75
C THR E 236 -34.39 22.39 26.34
N ARG E 237 -34.61 23.56 26.95
CA ARG E 237 -35.78 24.36 26.64
C ARG E 237 -35.61 25.84 26.99
N PHE E 238 -36.47 26.70 26.41
CA PHE E 238 -36.40 28.14 26.66
C PHE E 238 -37.72 28.90 26.46
N GLN E 239 -37.83 30.10 27.04
CA GLN E 239 -38.98 30.97 26.80
C GLN E 239 -38.57 32.42 26.61
N THR E 240 -39.39 33.14 25.88
CA THR E 240 -39.25 34.57 25.63
C THR E 240 -39.61 35.40 26.84
N LEU E 241 -38.81 36.42 27.13
CA LEU E 241 -39.12 37.37 28.20
C LEU E 241 -39.54 38.71 27.60
N LEU E 242 -40.76 39.14 27.89
CA LEU E 242 -41.24 40.42 27.39
C LEU E 242 -41.42 41.45 28.48
N ALA E 243 -41.25 42.70 28.13
CA ALA E 243 -41.68 43.74 29.05
C ALA E 243 -43.15 43.89 28.85
N LEU E 244 -43.89 44.15 29.90
CA LEU E 244 -45.29 44.42 29.74
C LEU E 244 -45.60 45.73 30.44
N HIS E 245 -46.05 46.68 29.66
CA HIS E 245 -46.31 48.00 30.12
C HIS E 245 -47.68 48.11 30.80
N ARG E 246 -47.72 48.99 31.80
CA ARG E 246 -48.91 49.34 32.59
C ARG E 246 -48.95 50.85 32.85
N SER E 247 -49.01 51.70 31.79
CA SER E 247 -48.96 53.20 31.84
C SER E 247 -48.24 53.77 33.11
N SER E 255 -52.60 42.82 36.59
CA SER E 255 -52.96 41.53 36.01
C SER E 255 -53.72 41.64 34.67
N SER E 256 -54.63 42.64 34.51
CA SER E 256 -55.47 42.84 33.31
C SER E 256 -55.28 44.18 32.56
N GLY E 257 -54.79 45.21 33.24
CA GLY E 257 -54.71 46.56 32.64
C GLY E 257 -53.46 46.78 31.78
N TRP E 258 -53.27 45.93 30.78
CA TRP E 258 -52.05 45.95 29.98
C TRP E 258 -52.09 46.94 28.85
N THR E 259 -51.01 47.70 28.75
CA THR E 259 -50.82 48.70 27.71
C THR E 259 -49.63 48.30 26.87
N ALA E 260 -49.18 47.07 27.12
CA ALA E 260 -48.01 46.44 26.52
C ALA E 260 -48.00 46.30 25.00
N GLY E 261 -49.14 46.06 24.38
CA GLY E 261 -49.12 45.87 22.95
C GLY E 261 -48.67 44.46 22.60
N ALA E 262 -48.08 44.29 21.42
CA ALA E 262 -47.70 42.97 20.92
C ALA E 262 -46.56 43.07 19.90
N ALA E 263 -45.92 41.93 19.68
CA ALA E 263 -44.86 41.77 18.69
C ALA E 263 -44.89 40.34 18.20
N ALA E 264 -44.21 40.08 17.08
CA ALA E 264 -44.22 38.75 16.49
C ALA E 264 -42.94 37.98 16.75
N TYR E 265 -43.08 36.75 17.26
CA TYR E 265 -41.92 35.93 17.54
C TYR E 265 -41.87 34.66 16.73
N TYR E 266 -40.72 34.42 16.12
CA TYR E 266 -40.56 33.29 15.25
C TYR E 266 -39.51 32.31 15.71
N VAL E 267 -39.90 31.05 15.83
CA VAL E 267 -38.99 30.02 16.27
C VAL E 267 -38.85 28.87 15.30
N GLY E 268 -37.62 28.60 14.94
CA GLY E 268 -37.28 27.51 14.07
C GLY E 268 -36.17 26.73 14.72
N TYR E 269 -35.69 25.71 14.07
CA TYR E 269 -34.62 24.94 14.67
C TYR E 269 -33.52 24.73 13.70
N LEU E 270 -32.32 24.65 14.22
CA LEU E 270 -31.19 24.44 13.38
C LEU E 270 -31.07 22.95 13.14
N GLN E 271 -30.65 22.57 11.95
CA GLN E 271 -30.45 21.18 11.61
C GLN E 271 -29.14 21.04 10.89
N PRO E 272 -28.45 19.92 10.95
CA PRO E 272 -27.24 19.76 10.22
C PRO E 272 -27.53 19.84 8.74
N ARG E 273 -26.78 20.68 8.08
CA ARG E 273 -26.88 20.92 6.66
C ARG E 273 -25.56 21.19 6.03
N THR E 274 -25.52 20.92 4.76
CA THR E 274 -24.36 21.24 3.98
C THR E 274 -24.77 22.42 3.15
N PHE E 275 -23.95 23.43 3.19
CA PHE E 275 -24.14 24.64 2.41
C PHE E 275 -22.97 25.04 1.58
N LEU E 276 -23.28 25.56 0.42
CA LEU E 276 -22.24 26.18 -0.37
C LEU E 276 -22.44 27.67 -0.16
N LEU E 277 -21.42 28.32 0.37
CA LEU E 277 -21.53 29.73 0.66
C LEU E 277 -20.79 30.53 -0.38
N LYS E 278 -21.37 31.65 -0.76
CA LYS E 278 -20.72 32.53 -1.72
C LYS E 278 -20.23 33.77 -1.05
N TYR E 279 -18.93 34.01 -1.17
CA TYR E 279 -18.33 35.19 -0.58
C TYR E 279 -17.99 36.24 -1.61
N ASN E 280 -18.09 37.49 -1.22
CA ASN E 280 -17.70 38.58 -2.10
C ASN E 280 -16.26 38.97 -1.84
N GLU E 281 -15.85 40.04 -2.49
CA GLU E 281 -14.49 40.54 -2.43
C GLU E 281 -14.04 41.03 -1.06
N ASN E 282 -14.98 41.26 -0.16
CA ASN E 282 -14.69 41.76 1.16
C ASN E 282 -14.78 40.65 2.19
N GLY E 283 -14.97 39.40 1.73
CA GLY E 283 -15.06 38.28 2.63
C GLY E 283 -16.43 38.17 3.29
N THR E 284 -17.43 38.81 2.71
CA THR E 284 -18.78 38.82 3.24
C THR E 284 -19.57 37.75 2.57
N ILE E 285 -20.38 37.03 3.32
CA ILE E 285 -21.20 36.02 2.66
C ILE E 285 -22.33 36.78 2.01
N THR E 286 -22.50 36.61 0.71
CA THR E 286 -23.55 37.32 0.03
C THR E 286 -24.64 36.39 -0.44
N ASP E 287 -24.34 35.11 -0.54
CA ASP E 287 -25.38 34.17 -0.92
C ASP E 287 -25.10 32.81 -0.30
N ALA E 288 -26.01 31.88 -0.50
CA ALA E 288 -25.84 30.52 0.01
C ALA E 288 -26.79 29.56 -0.65
N VAL E 289 -26.41 28.31 -0.73
CA VAL E 289 -27.34 27.29 -1.16
C VAL E 289 -27.42 26.09 -0.23
N ASP E 290 -28.66 25.74 0.15
CA ASP E 290 -28.96 24.59 1.00
C ASP E 290 -29.02 23.34 0.11
N CYS E 291 -27.97 22.50 0.21
CA CYS E 291 -27.67 21.38 -0.66
C CYS E 291 -28.73 20.27 -0.58
N ALA E 292 -29.58 20.32 0.43
CA ALA E 292 -30.60 19.29 0.60
C ALA E 292 -31.98 19.62 0.01
N LEU E 293 -32.19 20.82 -0.51
CA LEU E 293 -33.55 21.18 -0.95
C LEU E 293 -34.13 20.45 -2.14
N ASP E 294 -33.32 20.13 -3.12
CA ASP E 294 -33.80 19.52 -4.34
C ASP E 294 -32.58 19.17 -5.19
N PRO E 295 -32.71 18.35 -6.24
CA PRO E 295 -31.70 17.99 -7.20
C PRO E 295 -30.97 19.14 -7.91
N LEU E 296 -31.58 20.31 -8.11
CA LEU E 296 -30.79 21.31 -8.79
C LEU E 296 -29.81 21.89 -7.81
N SER E 297 -30.29 22.09 -6.59
CA SER E 297 -29.46 22.61 -5.56
C SER E 297 -28.34 21.63 -5.29
N GLU E 298 -28.67 20.35 -5.23
CA GLU E 298 -27.66 19.36 -4.96
C GLU E 298 -26.59 19.42 -6.04
N THR E 299 -26.99 19.58 -7.30
CA THR E 299 -26.04 19.68 -8.39
C THR E 299 -25.15 20.90 -8.22
N LYS E 300 -25.73 22.04 -7.87
CA LYS E 300 -24.91 23.23 -7.66
C LYS E 300 -23.83 23.00 -6.59
N CYS E 301 -24.17 22.33 -5.46
CA CYS E 301 -23.23 22.01 -4.40
C CYS E 301 -22.18 21.00 -4.88
N THR E 302 -22.61 20.02 -5.64
CA THR E 302 -21.73 18.97 -6.16
C THR E 302 -20.64 19.55 -7.02
N LEU E 303 -21.01 20.49 -7.86
CA LEU E 303 -20.11 21.11 -8.80
C LEU E 303 -19.42 22.36 -8.28
N LYS E 304 -19.66 22.74 -7.03
CA LYS E 304 -19.09 23.95 -6.47
C LYS E 304 -19.40 25.18 -7.32
N SER E 305 -20.66 25.35 -7.68
CA SER E 305 -21.03 26.50 -8.48
C SER E 305 -22.45 26.94 -8.25
N PHE E 306 -22.70 28.24 -8.39
CA PHE E 306 -24.07 28.73 -8.29
C PHE E 306 -24.73 28.81 -9.65
N THR E 307 -23.97 28.48 -10.69
CA THR E 307 -24.43 28.44 -12.08
C THR E 307 -24.10 27.09 -12.70
N VAL E 308 -25.07 26.45 -13.32
CA VAL E 308 -24.81 25.14 -13.89
C VAL E 308 -25.09 25.09 -15.38
N GLU E 309 -24.14 24.52 -16.09
CA GLU E 309 -24.21 24.36 -17.53
C GLU E 309 -25.15 23.23 -17.91
N LYS E 310 -25.67 23.28 -19.12
CA LYS E 310 -26.57 22.26 -19.61
C LYS E 310 -25.88 20.90 -19.71
N GLY E 311 -26.56 19.85 -19.27
CA GLY E 311 -26.01 18.50 -19.35
C GLY E 311 -26.45 17.61 -18.19
N ILE E 312 -25.78 16.48 -18.03
CA ILE E 312 -26.12 15.55 -16.97
C ILE E 312 -25.03 15.40 -15.97
N TYR E 313 -25.40 15.54 -14.73
CA TYR E 313 -24.43 15.38 -13.68
C TYR E 313 -24.91 14.29 -12.77
N GLN E 314 -24.01 13.49 -12.23
CA GLN E 314 -24.45 12.50 -11.26
C GLN E 314 -24.33 13.07 -9.88
N THR E 315 -25.38 12.97 -9.09
CA THR E 315 -25.31 13.48 -7.75
C THR E 315 -25.77 12.43 -6.75
N SER E 316 -24.84 12.03 -5.88
CA SER E 316 -25.10 11.05 -4.85
C SER E 316 -25.81 9.77 -5.35
N ASN E 317 -26.53 9.11 -4.43
CA ASN E 317 -27.15 7.84 -4.67
C ASN E 317 -28.56 7.67 -4.09
N PHE E 318 -29.31 6.67 -4.55
CA PHE E 318 -30.68 6.48 -4.00
C PHE E 318 -30.75 5.25 -3.10
N ARG E 319 -30.55 5.41 -1.79
CA ARG E 319 -30.59 4.24 -0.87
C ARG E 319 -31.94 4.14 -0.17
N VAL E 320 -32.59 2.97 -0.28
CA VAL E 320 -33.79 2.60 0.46
C VAL E 320 -33.43 2.25 1.87
N GLN E 321 -34.16 2.83 2.80
CA GLN E 321 -33.86 2.57 4.18
C GLN E 321 -34.74 1.47 4.73
N PRO E 322 -34.25 0.69 5.68
CA PRO E 322 -34.99 -0.32 6.37
C PRO E 322 -36.02 0.35 7.23
N THR E 323 -37.14 -0.32 7.41
CA THR E 323 -38.23 0.27 8.20
C THR E 323 -38.50 -0.39 9.53
N GLU E 324 -38.05 -1.62 9.68
CA GLU E 324 -38.29 -2.39 10.89
C GLU E 324 -37.16 -3.36 11.03
N SER E 325 -36.96 -3.88 12.23
CA SER E 325 -35.92 -4.87 12.47
C SER E 325 -36.47 -6.26 12.73
N ILE E 326 -35.61 -7.23 12.49
CA ILE E 326 -35.87 -8.62 12.80
C ILE E 326 -34.81 -9.19 13.69
N VAL E 327 -35.23 -9.87 14.74
CA VAL E 327 -34.31 -10.55 15.63
C VAL E 327 -34.73 -12.00 15.77
N ARG E 328 -33.83 -12.94 15.52
CA ARG E 328 -34.20 -14.32 15.66
C ARG E 328 -33.10 -15.13 16.37
N PHE E 329 -33.52 -15.89 17.37
CA PHE E 329 -32.67 -16.77 18.13
C PHE E 329 -33.43 -18.07 18.30
N PRO E 330 -32.76 -19.20 18.56
CA PRO E 330 -33.37 -20.48 18.78
C PRO E 330 -34.14 -20.47 20.08
N ASN E 331 -35.06 -21.45 20.26
CA ASN E 331 -35.89 -21.60 21.45
C ASN E 331 -35.07 -22.19 22.62
N ILE E 332 -34.78 -21.33 23.60
CA ILE E 332 -34.01 -21.58 24.81
C ILE E 332 -34.94 -21.50 26.00
N THR E 333 -34.90 -22.55 26.81
CA THR E 333 -35.75 -22.69 27.96
C THR E 333 -35.04 -22.78 29.30
N ASN E 334 -33.74 -22.49 29.32
CA ASN E 334 -32.98 -22.63 30.56
C ASN E 334 -32.00 -21.53 30.80
N LEU E 335 -31.74 -21.23 32.07
CA LEU E 335 -30.66 -20.32 32.39
C LEU E 335 -29.44 -21.19 32.43
N CYS E 336 -28.26 -20.67 32.02
CA CYS E 336 -26.98 -21.39 32.03
C CYS E 336 -26.48 -21.64 33.46
N PRO E 337 -26.00 -22.87 33.76
CA PRO E 337 -25.49 -23.32 35.04
C PRO E 337 -24.11 -22.81 35.34
N PHE E 338 -24.01 -21.51 35.49
CA PHE E 338 -22.72 -20.91 35.75
C PHE E 338 -22.29 -20.93 37.19
N GLY E 339 -23.21 -21.07 38.14
CA GLY E 339 -22.81 -21.04 39.54
C GLY E 339 -21.80 -22.14 39.83
N GLU E 340 -21.97 -23.27 39.17
CA GLU E 340 -21.10 -24.41 39.32
C GLU E 340 -19.68 -24.17 38.85
N VAL E 341 -19.49 -23.19 38.01
CA VAL E 341 -18.18 -22.91 37.47
C VAL E 341 -17.54 -21.75 38.22
N PHE E 342 -18.28 -20.67 38.35
CA PHE E 342 -17.78 -19.48 38.99
C PHE E 342 -17.77 -19.45 40.51
N ASN E 343 -18.75 -20.12 41.15
CA ASN E 343 -19.01 -20.14 42.59
C ASN E 343 -18.76 -21.51 43.22
N ALA E 344 -17.91 -22.37 42.60
CA ALA E 344 -17.59 -23.71 43.06
C ALA E 344 -16.91 -23.70 44.41
N THR E 345 -17.19 -24.71 45.19
CA THR E 345 -16.64 -24.80 46.52
C THR E 345 -15.25 -25.40 46.50
N ARG E 346 -14.93 -26.07 45.41
CA ARG E 346 -13.64 -26.67 45.20
C ARG E 346 -13.20 -26.47 43.76
N PHE E 347 -11.95 -26.08 43.61
CA PHE E 347 -11.34 -25.89 42.32
C PHE E 347 -10.26 -26.90 42.05
N ALA E 348 -10.06 -27.15 40.78
CA ALA E 348 -9.02 -28.04 40.33
C ALA E 348 -7.65 -27.40 40.44
N SER E 349 -6.66 -28.26 40.58
CA SER E 349 -5.28 -27.86 40.52
C SER E 349 -5.00 -27.43 39.11
N VAL E 350 -4.11 -26.51 38.92
CA VAL E 350 -3.84 -26.08 37.57
C VAL E 350 -3.25 -27.16 36.70
N TYR E 351 -2.46 -28.07 37.27
CA TYR E 351 -1.86 -29.11 36.43
C TYR E 351 -2.93 -30.05 35.86
N ALA E 352 -4.11 -30.07 36.47
CA ALA E 352 -5.19 -30.95 36.09
C ALA E 352 -6.47 -30.16 36.09
N TRP E 353 -6.57 -29.18 35.21
CA TRP E 353 -7.70 -28.26 35.27
C TRP E 353 -8.98 -28.96 34.85
N ASN E 354 -10.11 -28.40 35.29
CA ASN E 354 -11.43 -28.95 35.00
C ASN E 354 -12.26 -28.22 33.95
N ARG E 355 -12.56 -28.87 32.82
CA ARG E 355 -13.34 -28.20 31.78
C ARG E 355 -14.71 -28.83 31.58
N LYS E 356 -15.72 -27.97 31.49
CA LYS E 356 -17.13 -28.33 31.35
C LYS E 356 -17.81 -27.73 30.11
N ARG E 357 -18.79 -28.46 29.56
CA ARG E 357 -19.60 -27.96 28.44
C ARG E 357 -20.87 -27.26 28.89
N ILE E 358 -21.13 -26.09 28.30
CA ILE E 358 -22.34 -25.31 28.55
C ILE E 358 -23.19 -25.26 27.28
N SER E 359 -24.48 -25.59 27.38
CA SER E 359 -25.32 -25.57 26.19
C SER E 359 -26.81 -25.42 26.49
N ASN E 360 -27.57 -25.11 25.44
CA ASN E 360 -29.03 -25.02 25.48
C ASN E 360 -29.55 -24.11 26.58
N CYS E 361 -29.00 -22.88 26.65
CA CYS E 361 -29.28 -21.95 27.73
C CYS E 361 -29.03 -20.48 27.37
N VAL E 362 -29.46 -19.62 28.27
CA VAL E 362 -29.27 -18.19 28.13
C VAL E 362 -28.32 -17.67 29.19
N ALA E 363 -27.42 -16.81 28.76
CA ALA E 363 -26.45 -16.24 29.65
C ALA E 363 -26.45 -14.74 29.63
N ASP E 364 -26.76 -14.14 30.77
CA ASP E 364 -26.72 -12.69 30.85
C ASP E 364 -25.41 -12.28 31.45
N TYR E 365 -24.50 -11.81 30.60
CA TYR E 365 -23.12 -11.57 30.97
C TYR E 365 -22.95 -10.24 31.64
N SER E 366 -24.04 -9.53 31.78
CA SER E 366 -24.06 -8.24 32.42
C SER E 366 -23.63 -8.42 33.84
N VAL E 367 -24.04 -9.52 34.47
CA VAL E 367 -23.71 -9.67 35.86
C VAL E 367 -22.22 -9.84 36.09
N LEU E 368 -21.57 -10.69 35.32
CA LEU E 368 -20.17 -10.89 35.58
C LEU E 368 -19.40 -9.64 35.26
N TYR E 369 -19.80 -8.99 34.19
CA TYR E 369 -19.10 -7.81 33.75
C TYR E 369 -19.20 -6.66 34.71
N ASN E 370 -20.42 -6.38 35.18
CA ASN E 370 -20.63 -5.27 36.07
C ASN E 370 -20.16 -5.54 37.49
N SER E 371 -20.16 -6.79 37.94
CA SER E 371 -19.74 -7.04 39.30
C SER E 371 -18.30 -6.59 39.48
N ALA E 372 -18.06 -5.92 40.59
CA ALA E 372 -16.74 -5.41 40.89
C ALA E 372 -15.85 -6.44 41.56
N SER E 373 -16.37 -7.64 41.78
CA SER E 373 -15.59 -8.64 42.49
C SER E 373 -14.40 -9.22 41.74
N PHE E 374 -14.35 -9.12 40.41
CA PHE E 374 -13.24 -9.74 39.73
C PHE E 374 -12.03 -8.85 39.64
N SER E 375 -10.86 -9.45 39.81
CA SER E 375 -9.61 -8.71 39.71
C SER E 375 -9.27 -8.53 38.25
N THR E 376 -9.60 -9.56 37.47
CA THR E 376 -9.35 -9.55 36.05
C THR E 376 -10.57 -9.92 35.29
N PHE E 377 -10.89 -9.11 34.29
CA PHE E 377 -11.96 -9.42 33.39
C PHE E 377 -11.49 -8.95 32.03
N LYS E 378 -10.94 -9.84 31.25
CA LYS E 378 -10.43 -9.45 29.96
C LYS E 378 -10.94 -10.40 28.89
N CYS E 379 -11.47 -9.86 27.78
CA CYS E 379 -11.99 -10.65 26.66
C CYS E 379 -11.09 -10.51 25.44
N TYR E 380 -10.99 -11.62 24.74
CA TYR E 380 -10.20 -11.78 23.56
C TYR E 380 -11.06 -12.03 22.35
N GLY E 381 -11.03 -11.09 21.43
CA GLY E 381 -11.78 -11.19 20.19
C GLY E 381 -13.17 -10.58 20.25
N VAL E 382 -13.68 -10.32 21.44
CA VAL E 382 -15.00 -9.75 21.59
C VAL E 382 -15.00 -8.62 22.58
N SER E 383 -15.99 -7.75 22.49
CA SER E 383 -16.19 -6.73 23.48
C SER E 383 -17.03 -7.32 24.61
N PRO E 384 -16.66 -7.19 25.88
CA PRO E 384 -17.43 -7.68 27.01
C PRO E 384 -18.88 -7.23 26.98
N THR E 385 -19.10 -6.03 26.51
CA THR E 385 -20.42 -5.47 26.51
C THR E 385 -21.32 -5.96 25.40
N LYS E 386 -20.77 -6.68 24.44
CA LYS E 386 -21.58 -7.18 23.37
C LYS E 386 -21.85 -8.65 23.54
N LEU E 387 -21.41 -9.22 24.67
CA LEU E 387 -21.61 -10.63 24.88
C LEU E 387 -23.09 -10.95 24.94
N ASN E 388 -23.90 -10.00 25.37
CA ASN E 388 -25.33 -10.22 25.45
C ASN E 388 -26.06 -10.09 24.13
N ASP E 389 -25.41 -9.60 23.08
CA ASP E 389 -26.10 -9.43 21.80
C ASP E 389 -25.85 -10.64 20.93
N LEU E 390 -24.70 -11.24 21.13
CA LEU E 390 -24.18 -12.38 20.40
C LEU E 390 -24.80 -13.70 20.87
N CYS E 391 -24.65 -14.76 20.06
CA CYS E 391 -25.04 -16.13 20.39
C CYS E 391 -23.91 -17.04 19.94
N PHE E 392 -23.54 -17.96 20.80
CA PHE E 392 -22.34 -18.78 20.69
C PHE E 392 -22.56 -20.27 20.56
N THR E 393 -21.58 -20.95 19.98
CA THR E 393 -21.71 -22.38 19.97
C THR E 393 -20.50 -23.01 20.61
N ASN E 394 -20.60 -24.30 20.88
CA ASN E 394 -19.47 -25.04 21.45
C ASN E 394 -18.88 -24.30 22.63
N VAL E 395 -19.72 -23.83 23.55
CA VAL E 395 -19.19 -23.07 24.65
C VAL E 395 -18.71 -23.97 25.76
N TYR E 396 -17.46 -23.79 26.13
CA TYR E 396 -16.86 -24.52 27.20
C TYR E 396 -16.33 -23.57 28.22
N ALA E 397 -16.22 -24.02 29.43
CA ALA E 397 -15.61 -23.20 30.43
C ALA E 397 -14.80 -24.05 31.34
N ASP E 398 -13.72 -23.51 31.85
CA ASP E 398 -12.98 -24.32 32.77
C ASP E 398 -12.53 -23.55 33.96
N SER E 399 -11.94 -24.28 34.90
CA SER E 399 -11.42 -23.62 36.06
C SER E 399 -10.27 -24.31 36.75
N PHE E 400 -9.51 -23.49 37.45
CA PHE E 400 -8.38 -23.90 38.25
C PHE E 400 -7.88 -22.85 39.25
N VAL E 401 -7.06 -23.28 40.20
CA VAL E 401 -6.38 -22.35 41.10
C VAL E 401 -4.86 -22.26 40.94
N ILE E 402 -4.43 -21.01 40.79
CA ILE E 402 -3.03 -20.60 40.64
C ILE E 402 -2.65 -19.49 41.59
N ARG E 403 -1.36 -19.19 41.70
CA ARG E 403 -0.89 -18.10 42.53
C ARG E 403 -1.17 -16.80 41.83
N GLY E 404 -1.39 -15.73 42.57
CA GLY E 404 -1.68 -14.44 41.95
C GLY E 404 -0.67 -13.96 40.91
N ASP E 405 0.61 -14.20 41.07
CA ASP E 405 1.53 -13.70 40.04
C ASP E 405 1.38 -14.44 38.73
N GLU E 406 0.82 -15.64 38.78
CA GLU E 406 0.69 -16.53 37.64
C GLU E 406 -0.52 -16.15 36.83
N VAL E 407 -1.31 -15.21 37.31
CA VAL E 407 -2.49 -14.78 36.58
C VAL E 407 -2.00 -14.19 35.27
N ARG E 408 -0.83 -13.55 35.29
CA ARG E 408 -0.22 -12.97 34.13
C ARG E 408 -0.12 -13.95 32.97
N GLN E 409 0.09 -15.23 33.28
CA GLN E 409 0.32 -16.24 32.28
C GLN E 409 -0.94 -16.78 31.62
N ILE E 410 -2.13 -16.49 32.16
CA ILE E 410 -3.27 -17.09 31.51
C ILE E 410 -3.78 -16.15 30.45
N ALA E 411 -3.12 -16.23 29.31
CA ALA E 411 -3.37 -15.39 28.17
C ALA E 411 -2.68 -15.99 26.96
N PRO E 412 -3.16 -15.74 25.75
CA PRO E 412 -2.55 -16.14 24.53
C PRO E 412 -1.24 -15.40 24.45
N GLY E 413 -0.21 -16.03 23.90
CA GLY E 413 1.06 -15.38 23.74
C GLY E 413 1.96 -15.44 24.97
N GLN E 414 1.50 -16.02 26.08
CA GLN E 414 2.35 -16.04 27.26
C GLN E 414 3.12 -17.32 27.44
N THR E 415 4.24 -17.20 28.15
CA THR E 415 5.12 -18.32 28.52
C THR E 415 5.40 -18.29 30.02
N GLY E 416 5.92 -19.41 30.55
CA GLY E 416 6.23 -19.51 31.97
C GLY E 416 5.83 -20.89 32.48
N LYS E 417 5.99 -21.17 33.76
CA LYS E 417 5.69 -22.53 34.18
C LYS E 417 4.24 -22.92 33.96
N ILE E 418 3.32 -21.99 34.07
CA ILE E 418 1.95 -22.39 33.90
C ILE E 418 1.64 -22.39 32.43
N ALA E 419 1.99 -21.32 31.76
CA ALA E 419 1.67 -21.25 30.36
C ALA E 419 2.29 -22.40 29.57
N ASP E 420 3.48 -22.87 29.95
CA ASP E 420 4.12 -23.93 29.22
C ASP E 420 3.83 -25.33 29.73
N TYR E 421 3.66 -25.54 31.05
CA TYR E 421 3.49 -26.90 31.54
C TYR E 421 2.13 -27.25 32.13
N ASN E 422 1.30 -26.26 32.45
CA ASN E 422 0.06 -26.56 33.14
C ASN E 422 -1.19 -26.20 32.40
N TYR E 423 -1.19 -25.05 31.76
CA TYR E 423 -2.37 -24.58 31.08
C TYR E 423 -2.02 -23.83 29.83
N LYS E 424 -1.86 -24.55 28.74
CA LYS E 424 -1.51 -23.85 27.53
C LYS E 424 -2.76 -23.39 26.84
N LEU E 425 -2.86 -22.09 26.67
CA LEU E 425 -4.01 -21.51 26.03
C LEU E 425 -3.53 -21.25 24.61
N PRO E 426 -4.32 -21.48 23.55
CA PRO E 426 -3.97 -21.24 22.18
C PRO E 426 -3.64 -19.80 22.04
N ASP E 427 -2.81 -19.48 21.09
CA ASP E 427 -2.45 -18.08 20.91
C ASP E 427 -3.56 -17.41 20.11
N ASP E 428 -4.21 -18.20 19.26
CA ASP E 428 -5.35 -17.73 18.50
C ASP E 428 -6.55 -18.04 19.36
N PHE E 429 -7.03 -17.07 20.15
CA PHE E 429 -8.05 -17.38 21.11
C PHE E 429 -9.23 -16.44 21.13
N THR E 430 -10.42 -17.03 21.15
CA THR E 430 -11.66 -16.28 21.30
C THR E 430 -12.31 -16.76 22.56
N GLY E 431 -12.55 -15.82 23.45
CA GLY E 431 -13.10 -16.16 24.74
C GLY E 431 -12.79 -15.06 25.75
N CYS E 432 -13.03 -15.33 27.05
CA CYS E 432 -12.81 -14.38 28.14
C CYS E 432 -12.11 -15.05 29.33
N VAL E 433 -11.16 -14.32 29.90
CA VAL E 433 -10.44 -14.81 31.07
C VAL E 433 -10.80 -13.98 32.27
N ILE E 434 -11.31 -14.65 33.29
CA ILE E 434 -11.75 -14.01 34.49
C ILE E 434 -11.04 -14.52 35.74
N ALA E 435 -10.54 -13.63 36.58
CA ALA E 435 -9.84 -14.08 37.79
C ALA E 435 -10.35 -13.40 39.05
N TRP E 436 -10.41 -14.19 40.12
CA TRP E 436 -10.88 -13.72 41.40
C TRP E 436 -9.95 -14.14 42.56
N ASN E 437 -9.73 -13.24 43.53
CA ASN E 437 -8.84 -13.49 44.67
C ASN E 437 -9.55 -14.28 45.77
N SER E 438 -9.09 -15.50 46.01
CA SER E 438 -9.74 -16.43 46.93
C SER E 438 -8.96 -16.67 48.20
N ASN E 439 -8.09 -15.76 48.57
CA ASN E 439 -7.30 -15.97 49.78
C ASN E 439 -8.14 -16.34 50.99
N ASN E 440 -9.32 -15.75 51.12
CA ASN E 440 -10.16 -16.02 52.28
C ASN E 440 -10.97 -17.30 52.17
N LEU E 441 -10.92 -17.98 51.05
CA LEU E 441 -11.66 -19.22 50.92
C LEU E 441 -10.71 -20.41 50.79
N ASP E 442 -9.66 -20.25 50.02
CA ASP E 442 -8.71 -21.33 49.76
C ASP E 442 -7.47 -21.45 50.66
N SER E 443 -6.93 -20.35 51.26
CA SER E 443 -5.67 -20.40 52.01
C SER E 443 -5.85 -21.02 53.41
N ASN E 448 -2.87 -24.33 52.79
CA ASN E 448 -3.56 -25.24 51.88
C ASN E 448 -2.55 -25.78 50.85
N TYR E 449 -2.22 -27.08 50.98
CA TYR E 449 -1.24 -27.82 50.19
C TYR E 449 -1.89 -28.80 49.21
N ASN E 450 -3.18 -28.65 48.96
CA ASN E 450 -3.85 -29.56 48.05
C ASN E 450 -3.86 -29.04 46.61
N TYR E 451 -3.30 -27.88 46.39
CA TYR E 451 -3.23 -27.32 45.06
C TYR E 451 -1.84 -27.47 44.49
N LEU E 452 -1.77 -28.06 43.29
CA LEU E 452 -0.49 -28.32 42.65
C LEU E 452 -0.33 -27.78 41.25
N TYR E 453 0.93 -27.51 40.92
CA TYR E 453 1.29 -27.15 39.57
C TYR E 453 2.44 -28.01 39.13
N ARG E 454 2.57 -28.21 37.84
CA ARG E 454 3.67 -28.96 37.29
C ARG E 454 4.90 -28.11 37.25
N LEU E 455 5.97 -28.65 37.79
CA LEU E 455 7.27 -28.00 37.85
C LEU E 455 8.18 -28.57 36.77
N PHE E 456 8.03 -29.87 36.51
CA PHE E 456 8.87 -30.49 35.51
C PHE E 456 8.08 -31.12 34.40
N ARG E 457 8.58 -30.92 33.20
CA ARG E 457 8.00 -31.49 32.02
C ARG E 457 9.11 -31.70 30.98
N LYS E 458 8.94 -32.68 30.09
CA LYS E 458 9.92 -32.93 29.03
C LYS E 458 9.90 -31.93 27.88
N SER E 459 8.72 -31.50 27.46
CA SER E 459 8.54 -30.58 26.34
C SER E 459 7.33 -29.74 26.63
N ASN E 460 7.16 -28.62 25.96
CA ASN E 460 6.01 -27.78 26.26
C ASN E 460 4.69 -28.41 25.85
N LEU E 461 3.67 -28.09 26.63
CA LEU E 461 2.30 -28.55 26.48
C LEU E 461 1.61 -27.88 25.29
N LYS E 462 0.85 -28.65 24.51
CA LYS E 462 0.10 -28.09 23.39
C LYS E 462 -1.19 -27.48 23.93
N PRO E 463 -1.81 -26.51 23.23
CA PRO E 463 -3.03 -25.86 23.66
C PRO E 463 -4.12 -26.85 23.98
N PHE E 464 -4.70 -26.62 25.13
CA PHE E 464 -5.78 -27.37 25.76
C PHE E 464 -5.52 -28.83 26.05
N GLU E 465 -4.28 -29.28 26.02
CA GLU E 465 -4.04 -30.64 26.43
C GLU E 465 -3.77 -30.70 27.91
N ARG E 466 -4.17 -31.78 28.54
CA ARG E 466 -3.87 -31.96 29.95
C ARG E 466 -2.89 -33.08 30.13
N ASP E 467 -2.04 -32.95 31.12
CA ASP E 467 -1.10 -33.99 31.44
C ASP E 467 -1.07 -34.14 32.93
N ILE E 468 -1.61 -35.25 33.37
CA ILE E 468 -1.78 -35.52 34.77
C ILE E 468 -0.92 -36.68 35.18
N SER E 469 0.10 -36.97 34.37
CA SER E 469 1.05 -38.01 34.71
C SER E 469 1.89 -37.57 35.89
N THR E 470 2.19 -38.51 36.76
CA THR E 470 3.04 -38.24 37.91
C THR E 470 4.31 -39.05 37.88
N GLU E 471 4.69 -39.51 36.71
CA GLU E 471 5.92 -40.29 36.60
C GLU E 471 7.09 -39.40 36.95
N ILE E 472 8.06 -39.97 37.64
CA ILE E 472 9.19 -39.18 38.09
C ILE E 472 10.00 -38.69 36.92
N TYR E 473 10.27 -37.39 36.94
CA TYR E 473 10.98 -36.69 35.90
C TYR E 473 12.44 -36.95 35.95
N GLN E 474 13.02 -37.28 34.80
CA GLN E 474 14.43 -37.53 34.69
C GLN E 474 15.10 -36.28 34.11
N ALA E 475 16.05 -35.72 34.84
CA ALA E 475 16.71 -34.45 34.50
C ALA E 475 18.14 -34.61 34.02
N GLY E 476 18.42 -35.73 33.39
CA GLY E 476 19.76 -36.02 32.87
C GLY E 476 19.73 -37.37 32.19
N SER E 477 20.89 -37.84 31.72
CA SER E 477 20.95 -39.12 31.01
C SER E 477 20.84 -40.35 31.91
N THR E 478 21.16 -40.22 33.19
CA THR E 478 21.10 -41.37 34.05
C THR E 478 19.66 -41.85 34.12
N PRO E 479 19.34 -43.11 33.76
CA PRO E 479 17.99 -43.62 33.80
C PRO E 479 17.44 -43.45 35.19
N CYS E 480 16.18 -43.00 35.31
CA CYS E 480 15.50 -42.80 36.58
C CYS E 480 14.59 -44.00 36.85
N ASN E 481 14.68 -44.56 38.04
CA ASN E 481 13.88 -45.73 38.41
C ASN E 481 12.69 -45.42 39.30
N GLY E 482 12.21 -44.19 39.29
CA GLY E 482 11.04 -43.81 40.08
C GLY E 482 11.41 -43.34 41.47
N VAL E 483 12.69 -43.28 41.74
CA VAL E 483 13.21 -42.89 43.02
C VAL E 483 13.78 -41.50 42.92
N GLU E 484 13.37 -40.60 43.78
CA GLU E 484 13.83 -39.22 43.68
C GLU E 484 15.23 -38.99 44.21
N GLY E 485 16.19 -39.41 43.40
CA GLY E 485 17.62 -39.34 43.61
C GLY E 485 18.20 -38.11 42.93
N PHE E 486 19.47 -38.18 42.56
CA PHE E 486 20.20 -37.02 42.02
C PHE E 486 19.53 -36.28 40.87
N ASN E 487 19.10 -36.99 39.84
CA ASN E 487 18.43 -36.31 38.73
C ASN E 487 16.95 -36.68 38.61
N CYS E 488 16.28 -37.09 39.70
CA CYS E 488 14.88 -37.55 39.68
C CYS E 488 13.98 -36.66 40.53
N TYR E 489 12.89 -36.23 39.92
CA TYR E 489 11.97 -35.35 40.62
C TYR E 489 10.51 -35.70 40.52
N PHE E 490 9.77 -35.52 41.60
CA PHE E 490 8.35 -35.68 41.42
C PHE E 490 8.01 -34.50 40.53
N PRO E 491 7.28 -34.67 39.43
CA PRO E 491 7.01 -33.62 38.50
C PRO E 491 6.15 -32.49 39.01
N LEU E 492 5.37 -32.74 40.05
CA LEU E 492 4.51 -31.69 40.53
C LEU E 492 5.04 -31.08 41.78
N GLN E 493 4.72 -29.83 41.96
CA GLN E 493 5.07 -29.10 43.15
C GLN E 493 3.86 -28.59 43.86
N SER E 494 3.66 -29.05 45.09
CA SER E 494 2.52 -28.54 45.81
C SER E 494 2.85 -27.17 46.34
N TYR E 495 1.89 -26.28 46.27
CA TYR E 495 2.14 -24.98 46.81
C TYR E 495 1.27 -24.71 48.00
N GLY E 496 1.89 -24.31 49.09
CA GLY E 496 1.15 -24.02 50.30
C GLY E 496 0.59 -22.63 50.29
N PHE E 497 -0.71 -22.52 50.14
CA PHE E 497 -1.30 -21.21 50.15
C PHE E 497 -1.55 -20.82 51.59
N GLN E 498 -0.92 -19.75 52.02
CA GLN E 498 -1.07 -19.32 53.39
C GLN E 498 -1.82 -18.02 53.44
N PRO E 499 -2.72 -17.84 54.40
CA PRO E 499 -3.59 -16.69 54.54
C PRO E 499 -2.86 -15.40 54.82
N THR E 500 -1.62 -15.50 55.24
CA THR E 500 -0.79 -14.39 55.58
C THR E 500 0.31 -14.07 54.57
N ASN E 501 0.32 -14.73 53.42
CA ASN E 501 1.41 -14.43 52.48
C ASN E 501 1.10 -13.21 51.60
N GLY E 502 2.05 -12.86 50.71
CA GLY E 502 1.91 -11.68 49.87
C GLY E 502 0.87 -11.91 48.79
N VAL E 503 0.42 -10.85 48.14
CA VAL E 503 -0.66 -11.03 47.16
C VAL E 503 -0.31 -11.94 46.01
N GLY E 504 0.91 -11.87 45.53
CA GLY E 504 1.32 -12.69 44.40
C GLY E 504 1.36 -14.17 44.74
N TYR E 505 1.30 -14.46 46.04
CA TYR E 505 1.36 -15.79 46.57
C TYR E 505 0.03 -16.29 47.09
N GLN E 506 -1.01 -15.45 46.94
CA GLN E 506 -2.36 -15.78 47.36
C GLN E 506 -2.98 -16.54 46.22
N PRO E 507 -3.93 -17.43 46.47
CA PRO E 507 -4.62 -18.17 45.44
C PRO E 507 -5.60 -17.31 44.69
N TYR E 508 -5.71 -17.62 43.41
CA TYR E 508 -6.70 -17.06 42.54
C TYR E 508 -7.46 -18.12 41.80
N ARG E 509 -8.75 -17.89 41.73
CA ARG E 509 -9.67 -18.74 41.05
C ARG E 509 -9.86 -18.20 39.67
N VAL E 510 -9.43 -18.98 38.71
CA VAL E 510 -9.45 -18.53 37.36
C VAL E 510 -10.40 -19.35 36.55
N VAL E 511 -11.25 -18.65 35.83
CA VAL E 511 -12.23 -19.25 34.96
C VAL E 511 -12.02 -18.77 33.55
N VAL E 512 -11.95 -19.70 32.63
CA VAL E 512 -11.77 -19.31 31.26
C VAL E 512 -12.95 -19.76 30.44
N LEU E 513 -13.53 -18.80 29.74
CA LEU E 513 -14.66 -19.06 28.89
C LEU E 513 -14.14 -19.13 27.47
N SER E 514 -14.36 -20.26 26.81
CA SER E 514 -13.85 -20.48 25.47
C SER E 514 -15.00 -20.80 24.52
N PHE E 515 -15.07 -20.10 23.39
CA PHE E 515 -16.20 -20.34 22.50
C PHE E 515 -16.02 -20.04 21.03
N GLU E 516 -16.89 -20.65 20.23
CA GLU E 516 -16.93 -20.43 18.79
C GLU E 516 -18.02 -19.44 18.44
N LEU E 517 -17.65 -18.42 17.68
CA LEU E 517 -18.59 -17.34 17.42
C LEU E 517 -18.96 -17.02 15.95
N LEU E 518 -20.28 -17.08 15.66
CA LEU E 518 -20.95 -16.80 14.37
C LEU E 518 -20.61 -17.72 13.17
N HIS E 519 -20.28 -18.98 13.40
CA HIS E 519 -19.96 -19.88 12.27
C HIS E 519 -20.82 -21.14 12.12
N ALA E 520 -21.57 -21.48 13.15
CA ALA E 520 -22.25 -22.76 13.15
C ALA E 520 -23.47 -22.60 14.03
N PRO E 521 -24.43 -23.56 14.07
CA PRO E 521 -25.62 -23.45 14.86
C PRO E 521 -25.22 -23.18 16.28
N ALA E 522 -25.87 -22.20 16.91
CA ALA E 522 -25.54 -21.78 18.26
C ALA E 522 -26.51 -22.33 19.27
N THR E 523 -25.99 -22.55 20.49
CA THR E 523 -26.80 -23.07 21.57
C THR E 523 -26.88 -22.20 22.81
N VAL E 524 -25.93 -21.28 22.99
CA VAL E 524 -25.95 -20.43 24.16
C VAL E 524 -26.09 -19.00 23.68
N CYS E 525 -27.19 -18.32 24.05
CA CYS E 525 -27.49 -16.96 23.57
C CYS E 525 -27.56 -15.97 24.68
N GLY E 526 -27.34 -14.70 24.36
CA GLY E 526 -27.55 -13.68 25.35
C GLY E 526 -29.07 -13.52 25.56
N PRO E 527 -29.49 -12.63 26.46
CA PRO E 527 -30.85 -12.37 26.89
C PRO E 527 -31.65 -11.53 25.93
N LYS E 528 -31.89 -12.06 24.75
CA LYS E 528 -32.64 -11.35 23.73
C LYS E 528 -33.95 -11.98 23.39
N LYS E 529 -34.85 -11.18 22.88
CA LYS E 529 -36.13 -11.67 22.43
C LYS E 529 -36.18 -11.65 20.94
N SER E 530 -36.88 -12.62 20.39
CA SER E 530 -37.09 -12.66 18.99
C SER E 530 -38.28 -11.82 18.60
N THR E 531 -38.37 -11.56 17.32
CA THR E 531 -39.45 -10.85 16.69
C THR E 531 -40.03 -11.76 15.67
N ASN E 532 -41.07 -11.30 15.02
CA ASN E 532 -41.67 -12.04 13.95
C ASN E 532 -40.74 -11.93 12.77
N LEU E 533 -40.83 -12.90 11.87
CA LEU E 533 -40.02 -12.90 10.68
C LEU E 533 -40.78 -12.19 9.57
N VAL E 534 -40.19 -11.16 9.02
CA VAL E 534 -40.83 -10.35 7.99
C VAL E 534 -40.13 -10.47 6.66
N LYS E 535 -40.87 -10.91 5.66
CA LYS E 535 -40.32 -11.16 4.33
C LYS E 535 -40.67 -10.08 3.34
N ASN E 536 -39.81 -10.00 2.32
CA ASN E 536 -39.93 -9.13 1.15
C ASN E 536 -39.97 -7.64 1.46
N LYS E 537 -39.25 -7.22 2.49
CA LYS E 537 -39.15 -5.83 2.90
C LYS E 537 -37.72 -5.53 3.27
N CYS E 538 -37.33 -4.23 3.26
CA CYS E 538 -36.01 -3.78 3.69
C CYS E 538 -36.00 -3.71 5.21
N VAL E 539 -35.12 -4.53 5.78
CA VAL E 539 -35.01 -4.77 7.21
C VAL E 539 -33.64 -4.64 7.85
N ASN E 540 -33.66 -4.13 9.08
CA ASN E 540 -32.48 -4.04 9.92
C ASN E 540 -32.26 -5.37 10.66
N PHE E 541 -31.17 -6.12 10.46
CA PHE E 541 -31.28 -7.61 10.64
C PHE E 541 -30.72 -8.13 11.98
N ASN E 542 -30.89 -9.44 12.23
CA ASN E 542 -30.14 -10.26 13.23
C ASN E 542 -30.58 -11.73 13.21
N PHE E 543 -29.63 -12.66 13.13
CA PHE E 543 -29.82 -14.12 13.15
C PHE E 543 -28.69 -14.73 13.93
N ASN E 544 -28.93 -15.10 15.16
CA ASN E 544 -27.88 -15.66 16.00
C ASN E 544 -26.62 -14.80 16.07
N GLY E 545 -26.75 -13.48 16.14
CA GLY E 545 -25.61 -12.60 16.20
C GLY E 545 -25.18 -12.03 14.84
N LEU E 546 -25.78 -12.50 13.74
CA LEU E 546 -25.40 -12.00 12.42
C LEU E 546 -26.24 -10.82 12.01
N THR E 547 -25.58 -9.69 11.88
CA THR E 547 -26.18 -8.43 11.61
C THR E 547 -26.02 -7.99 10.16
N GLY E 548 -26.73 -6.93 9.80
CA GLY E 548 -26.67 -6.37 8.45
C GLY E 548 -28.00 -5.74 8.05
N THR E 549 -28.10 -5.33 6.80
CA THR E 549 -29.32 -4.72 6.28
C THR E 549 -29.67 -5.44 5.00
N GLY E 550 -30.93 -5.73 4.79
CA GLY E 550 -31.27 -6.37 3.54
C GLY E 550 -32.69 -6.85 3.46
N VAL E 551 -32.97 -7.59 2.41
CA VAL E 551 -34.28 -8.10 2.15
C VAL E 551 -34.27 -9.61 2.14
N LEU E 552 -35.16 -10.19 2.94
CA LEU E 552 -35.28 -11.63 3.02
C LEU E 552 -36.30 -12.17 2.07
N THR E 553 -35.93 -13.24 1.40
CA THR E 553 -36.87 -13.92 0.53
C THR E 553 -36.75 -15.39 0.79
N GLU E 554 -37.73 -16.17 0.38
CA GLU E 554 -37.62 -17.61 0.55
C GLU E 554 -36.79 -18.18 -0.54
N SER E 555 -36.07 -19.27 -0.27
CA SER E 555 -35.29 -19.86 -1.34
C SER E 555 -35.18 -21.35 -1.28
N ASN E 556 -34.56 -21.89 -2.33
CA ASN E 556 -34.39 -23.31 -2.50
C ASN E 556 -32.96 -23.79 -2.35
N LYS E 557 -32.14 -23.07 -1.60
CA LYS E 557 -30.80 -23.59 -1.38
C LYS E 557 -30.97 -24.72 -0.41
N LYS E 558 -30.34 -25.83 -0.65
CA LYS E 558 -30.47 -26.92 0.27
C LYS E 558 -29.23 -27.03 1.12
N PHE E 559 -29.34 -26.58 2.36
CA PHE E 559 -28.21 -26.59 3.25
C PHE E 559 -28.07 -27.98 3.79
N LEU E 560 -26.85 -28.39 4.03
CA LEU E 560 -26.60 -29.67 4.62
C LEU E 560 -26.97 -29.51 6.08
N PRO E 561 -27.30 -30.58 6.81
CA PRO E 561 -27.70 -30.54 8.20
C PRO E 561 -26.77 -29.78 9.13
N PHE E 562 -25.49 -29.73 8.83
CA PHE E 562 -24.54 -29.04 9.69
C PHE E 562 -24.25 -27.62 9.29
N GLN E 563 -24.81 -27.18 8.17
CA GLN E 563 -24.55 -25.85 7.65
C GLN E 563 -25.57 -24.88 8.20
N GLN E 564 -25.08 -23.75 8.66
CA GLN E 564 -25.98 -22.76 9.23
C GLN E 564 -26.16 -21.53 8.37
N PHE E 565 -25.10 -21.17 7.67
CA PHE E 565 -25.12 -19.96 6.88
C PHE E 565 -24.56 -20.24 5.53
N GLY E 566 -24.98 -19.48 4.53
CA GLY E 566 -24.36 -19.54 3.23
C GLY E 566 -23.47 -18.33 3.01
N ARG E 567 -22.54 -18.46 2.09
CA ARG E 567 -21.63 -17.37 1.74
C ARG E 567 -21.38 -17.29 0.25
N ASP E 568 -21.36 -16.08 -0.26
CA ASP E 568 -21.05 -15.87 -1.66
C ASP E 568 -19.54 -15.66 -1.85
N ILE E 569 -19.22 -15.25 -3.06
CA ILE E 569 -17.88 -14.98 -3.56
C ILE E 569 -17.08 -13.95 -2.78
N ALA E 570 -17.75 -13.06 -2.07
CA ALA E 570 -17.07 -12.00 -1.32
C ALA E 570 -17.30 -12.17 0.17
N ASP E 571 -17.59 -13.41 0.59
CA ASP E 571 -17.86 -13.78 1.97
C ASP E 571 -19.03 -13.01 2.56
N THR E 572 -20.02 -12.72 1.75
CA THR E 572 -21.17 -12.04 2.24
C THR E 572 -22.24 -13.06 2.50
N THR E 573 -22.87 -12.96 3.66
CA THR E 573 -23.89 -13.93 3.95
C THR E 573 -24.90 -13.77 2.87
N ASP E 574 -25.26 -14.85 2.19
CA ASP E 574 -26.24 -14.66 1.14
C ASP E 574 -27.47 -15.46 1.41
N ALA E 575 -27.43 -16.17 2.51
CA ALA E 575 -28.53 -16.98 2.96
C ALA E 575 -28.31 -17.37 4.38
N VAL E 576 -29.40 -17.54 5.11
CA VAL E 576 -29.32 -18.07 6.46
C VAL E 576 -30.36 -19.11 6.70
N ARG E 577 -30.12 -19.96 7.68
CA ARG E 577 -31.17 -20.84 8.13
C ARG E 577 -31.83 -20.18 9.32
N ASP E 578 -33.13 -19.98 9.27
CA ASP E 578 -33.80 -19.35 10.39
C ASP E 578 -33.69 -20.27 11.59
N PRO E 579 -33.28 -19.78 12.78
CA PRO E 579 -33.12 -20.55 13.99
C PRO E 579 -34.37 -21.12 14.64
N GLN E 580 -35.59 -20.67 14.32
CA GLN E 580 -36.72 -21.26 15.00
C GLN E 580 -37.46 -22.21 14.08
N THR E 581 -37.63 -21.80 12.84
CA THR E 581 -38.27 -22.64 11.85
C THR E 581 -37.18 -22.78 10.86
N LEU E 582 -36.81 -23.97 10.48
CA LEU E 582 -35.59 -24.03 9.69
C LEU E 582 -35.76 -23.82 8.20
N GLU E 583 -36.16 -22.62 7.85
CA GLU E 583 -36.37 -22.19 6.48
C GLU E 583 -35.10 -21.61 5.96
N ILE E 584 -34.88 -21.69 4.66
CA ILE E 584 -33.72 -21.02 4.13
C ILE E 584 -34.15 -19.75 3.48
N LEU E 585 -33.53 -18.68 3.94
CA LEU E 585 -33.87 -17.34 3.50
C LEU E 585 -32.71 -16.70 2.78
N ASP E 586 -32.93 -16.23 1.58
CA ASP E 586 -31.89 -15.53 0.83
C ASP E 586 -31.81 -14.12 1.28
N ILE E 587 -30.66 -13.51 1.17
CA ILE E 587 -30.56 -12.11 1.52
C ILE E 587 -30.04 -11.28 0.36
N THR E 588 -30.75 -10.22 0.00
CA THR E 588 -30.27 -9.34 -1.05
C THR E 588 -30.22 -7.92 -0.50
N PRO E 589 -29.43 -7.01 -1.08
CA PRO E 589 -29.40 -5.60 -0.74
C PRO E 589 -30.76 -4.98 -1.02
N CYS E 590 -31.11 -3.93 -0.24
CA CYS E 590 -32.38 -3.20 -0.34
C CYS E 590 -32.54 -2.39 -1.64
N SER E 591 -31.46 -1.78 -2.12
CA SER E 591 -31.62 -0.97 -3.33
C SER E 591 -30.35 -0.69 -4.09
N PHE E 592 -30.60 -0.15 -5.25
CA PHE E 592 -29.64 0.32 -6.22
C PHE E 592 -29.14 1.69 -5.83
N GLY E 593 -27.96 2.03 -6.33
CA GLY E 593 -27.46 3.38 -6.19
C GLY E 593 -27.47 3.98 -7.60
N GLY E 594 -26.98 5.21 -7.74
CA GLY E 594 -26.91 5.88 -9.03
C GLY E 594 -28.05 6.84 -9.36
N VAL E 595 -27.91 8.11 -9.01
CA VAL E 595 -28.94 9.07 -9.42
C VAL E 595 -28.35 10.25 -10.14
N SER E 596 -28.89 10.58 -11.31
CA SER E 596 -28.37 11.71 -12.06
C SER E 596 -29.42 12.71 -12.44
N VAL E 597 -28.99 13.95 -12.62
CA VAL E 597 -29.89 15.02 -12.91
C VAL E 597 -29.64 15.69 -14.25
N ILE E 598 -30.72 15.82 -15.03
CA ILE E 598 -30.71 16.48 -16.32
C ILE E 598 -30.97 17.93 -16.05
N THR E 599 -30.03 18.75 -16.46
CA THR E 599 -30.04 20.17 -16.19
C THR E 599 -29.96 21.02 -17.48
N PRO E 600 -30.77 22.09 -17.62
CA PRO E 600 -30.77 23.05 -18.71
C PRO E 600 -29.68 23.97 -18.37
N GLY E 601 -29.30 24.89 -19.21
CA GLY E 601 -28.41 25.84 -18.59
C GLY E 601 -29.30 26.53 -17.54
N THR E 602 -28.75 26.88 -16.38
CA THR E 602 -29.53 27.52 -15.33
C THR E 602 -29.84 28.97 -15.65
N ASN E 603 -29.23 29.47 -16.70
CA ASN E 603 -29.45 30.81 -17.17
C ASN E 603 -30.61 30.83 -18.16
N THR E 604 -31.23 29.67 -18.35
CA THR E 604 -32.36 29.48 -19.24
C THR E 604 -33.57 29.00 -18.47
N SER E 605 -33.38 27.96 -17.67
CA SER E 605 -34.47 27.33 -16.95
C SER E 605 -34.03 26.69 -15.65
N ASN E 606 -34.95 26.52 -14.73
CA ASN E 606 -34.64 25.81 -13.50
C ASN E 606 -35.39 24.50 -13.37
N GLN E 607 -35.91 23.98 -14.47
CA GLN E 607 -36.58 22.70 -14.41
C GLN E 607 -35.58 21.60 -14.64
N VAL E 608 -35.61 20.59 -13.80
CA VAL E 608 -34.70 19.49 -13.99
C VAL E 608 -35.48 18.21 -13.97
N ALA E 609 -34.87 17.16 -14.48
CA ALA E 609 -35.50 15.85 -14.44
C ALA E 609 -34.50 14.88 -13.85
N VAL E 610 -34.99 13.87 -13.17
CA VAL E 610 -34.07 12.95 -12.52
C VAL E 610 -34.17 11.52 -12.98
N LEU E 611 -33.01 10.97 -13.29
CA LEU E 611 -32.91 9.59 -13.71
C LEU E 611 -32.38 8.68 -12.62
N TYR E 612 -33.13 7.65 -12.34
CA TYR E 612 -32.73 6.67 -11.35
C TYR E 612 -32.25 5.45 -12.11
N GLN E 613 -31.01 5.02 -11.86
CA GLN E 613 -30.43 3.98 -12.68
C GLN E 613 -31.12 2.63 -12.72
N ASP E 614 -31.70 2.19 -11.62
CA ASP E 614 -32.35 0.88 -11.66
C ASP E 614 -33.52 0.83 -10.69
N VAL E 615 -34.39 1.81 -10.77
CA VAL E 615 -35.55 1.89 -9.90
C VAL E 615 -36.79 1.06 -10.28
N ASN E 616 -37.02 0.81 -11.60
CA ASN E 616 -38.20 0.12 -12.16
C ASN E 616 -39.52 0.83 -11.74
N CYS E 617 -39.43 2.17 -11.70
CA CYS E 617 -40.40 3.20 -11.39
C CYS E 617 -41.09 2.94 -10.05
N THR E 618 -40.34 2.36 -9.11
CA THR E 618 -40.84 2.11 -7.78
C THR E 618 -39.67 2.10 -6.78
N ASN E 641 -45.36 12.41 -14.79
CA ASN E 641 -44.31 12.42 -15.80
C ASN E 641 -43.23 11.37 -15.49
N VAL E 642 -43.62 10.08 -15.48
CA VAL E 642 -42.70 8.96 -15.20
C VAL E 642 -42.50 8.11 -16.43
N PHE E 643 -41.28 8.08 -16.92
CA PHE E 643 -40.97 7.34 -18.10
C PHE E 643 -39.91 6.27 -17.90
N GLN E 644 -40.26 5.06 -18.27
CA GLN E 644 -39.32 3.96 -18.13
C GLN E 644 -38.48 3.82 -19.37
N THR E 645 -37.16 3.87 -19.18
CA THR E 645 -36.23 3.67 -20.27
C THR E 645 -35.25 2.57 -19.91
N ARG E 646 -34.44 2.17 -20.86
CA ARG E 646 -33.50 1.09 -20.60
C ARG E 646 -32.46 1.50 -19.57
N ALA E 647 -32.20 2.80 -19.52
CA ALA E 647 -31.21 3.40 -18.64
C ALA E 647 -31.74 3.70 -17.25
N GLY E 648 -33.01 3.38 -16.95
CA GLY E 648 -33.56 3.69 -15.64
C GLY E 648 -34.90 4.40 -15.80
N CYS E 649 -35.43 5.02 -14.71
CA CYS E 649 -36.71 5.77 -14.81
C CYS E 649 -36.42 7.22 -14.70
N LEU E 650 -36.93 7.92 -15.67
CA LEU E 650 -36.77 9.34 -15.77
C LEU E 650 -38.00 10.03 -15.33
N ILE E 651 -37.87 10.83 -14.30
CA ILE E 651 -39.02 11.48 -13.76
C ILE E 651 -38.96 13.00 -13.82
N GLY E 652 -40.00 13.57 -14.43
CA GLY E 652 -40.14 15.02 -14.63
C GLY E 652 -40.13 15.42 -16.10
N ALA E 653 -39.71 14.51 -16.96
CA ALA E 653 -39.68 14.73 -18.40
C ALA E 653 -40.94 14.21 -19.06
N GLU E 654 -41.34 14.84 -20.14
CA GLU E 654 -42.47 14.39 -20.92
C GLU E 654 -41.91 13.48 -21.98
N HIS E 655 -42.62 12.47 -22.39
CA HIS E 655 -42.08 11.68 -23.49
C HIS E 655 -42.79 12.06 -24.77
N VAL E 656 -42.03 12.18 -25.87
CA VAL E 656 -42.66 12.52 -27.13
C VAL E 656 -42.30 11.50 -28.18
N ASN E 657 -43.10 11.43 -29.24
CA ASN E 657 -42.84 10.47 -30.31
C ASN E 657 -42.13 11.10 -31.50
N ASN E 658 -41.69 12.33 -31.32
CA ASN E 658 -41.01 13.08 -32.34
C ASN E 658 -39.52 12.89 -32.21
N SER E 659 -38.89 12.38 -33.24
CA SER E 659 -37.45 12.16 -33.18
C SER E 659 -36.77 13.49 -33.36
N TYR E 660 -35.69 13.67 -32.63
CA TYR E 660 -34.92 14.90 -32.75
C TYR E 660 -33.44 14.63 -32.70
N GLU E 661 -32.65 15.54 -33.18
CA GLU E 661 -31.22 15.39 -33.00
C GLU E 661 -30.97 15.40 -31.49
N CYS E 662 -29.97 14.62 -31.02
CA CYS E 662 -29.62 14.50 -29.61
C CYS E 662 -29.01 15.79 -29.07
N ASP E 663 -29.43 16.14 -27.87
CA ASP E 663 -28.94 17.27 -27.16
C ASP E 663 -28.32 16.72 -25.87
N ILE E 664 -29.12 16.42 -24.85
CA ILE E 664 -28.54 15.86 -23.66
C ILE E 664 -28.74 14.34 -23.70
N PRO E 665 -27.69 13.53 -23.80
CA PRO E 665 -27.81 12.11 -23.93
C PRO E 665 -28.24 11.46 -22.66
N ILE E 666 -29.06 10.43 -22.74
CA ILE E 666 -29.42 9.64 -21.59
C ILE E 666 -28.87 8.25 -21.67
N GLY E 667 -29.08 7.60 -22.80
CA GLY E 667 -28.60 6.24 -23.00
C GLY E 667 -29.59 5.37 -23.75
N ALA E 668 -29.09 4.33 -24.38
CA ALA E 668 -29.89 3.36 -25.10
C ALA E 668 -30.83 3.99 -26.12
N GLY E 669 -30.34 4.95 -26.89
CA GLY E 669 -31.12 5.59 -27.93
C GLY E 669 -31.91 6.82 -27.51
N ILE E 670 -31.93 7.11 -26.21
CA ILE E 670 -32.71 8.22 -25.69
C ILE E 670 -31.86 9.43 -25.27
N CYS E 671 -32.35 10.63 -25.64
CA CYS E 671 -31.81 11.95 -25.31
C CYS E 671 -32.95 12.82 -24.80
N ALA E 672 -32.61 13.98 -24.29
CA ALA E 672 -33.60 14.92 -23.82
C ALA E 672 -33.22 16.36 -24.10
N SER E 673 -34.24 17.20 -24.14
CA SER E 673 -34.04 18.62 -24.39
C SER E 673 -35.15 19.47 -23.79
N TYR E 674 -34.93 20.77 -23.75
CA TYR E 674 -35.90 21.72 -23.22
C TYR E 674 -36.57 22.53 -24.31
N GLN E 675 -37.84 22.25 -24.56
CA GLN E 675 -38.55 22.92 -25.66
C GLN E 675 -39.91 23.42 -25.21
N THR E 676 -40.41 24.53 -25.82
CA THR E 676 -41.73 25.16 -25.61
C THR E 676 -42.86 24.11 -25.47
N SER E 689 -43.62 28.14 -21.21
CA SER E 689 -44.16 26.89 -21.75
C SER E 689 -43.07 25.82 -22.10
N GLN E 690 -41.79 26.07 -21.73
CA GLN E 690 -40.64 25.18 -21.96
C GLN E 690 -40.59 24.07 -20.95
N SER E 691 -40.40 22.86 -21.44
CA SER E 691 -40.29 21.72 -20.56
C SER E 691 -39.37 20.66 -21.10
N ILE E 692 -38.94 19.80 -20.21
CA ILE E 692 -38.05 18.71 -20.59
C ILE E 692 -38.81 17.63 -21.31
N ILE E 693 -38.29 17.23 -22.46
CA ILE E 693 -38.88 16.16 -23.22
C ILE E 693 -37.84 15.09 -23.45
N ALA E 694 -38.29 13.86 -23.52
CA ALA E 694 -37.44 12.73 -23.82
C ALA E 694 -37.82 12.21 -25.16
N TYR E 695 -36.82 11.80 -25.93
CA TYR E 695 -37.08 11.31 -27.26
C TYR E 695 -36.04 10.36 -27.77
N THR E 696 -36.42 9.60 -28.78
CA THR E 696 -35.45 8.77 -29.47
C THR E 696 -34.72 9.72 -30.38
N MET E 697 -33.41 9.64 -30.40
CA MET E 697 -32.67 10.56 -31.23
C MET E 697 -32.72 10.16 -32.68
N SER E 698 -32.65 11.14 -33.55
CA SER E 698 -32.51 10.94 -34.98
C SER E 698 -31.09 10.56 -35.30
N LEU E 699 -30.88 9.71 -36.30
CA LEU E 699 -29.51 9.36 -36.65
C LEU E 699 -28.92 10.28 -37.68
N GLY E 700 -29.75 11.11 -38.27
CA GLY E 700 -29.31 11.98 -39.36
C GLY E 700 -30.48 12.31 -40.26
N ALA E 701 -30.23 13.15 -41.24
CA ALA E 701 -31.26 13.56 -42.16
C ALA E 701 -31.62 12.42 -43.07
N GLU E 702 -32.87 12.30 -43.43
CA GLU E 702 -33.19 11.29 -44.41
C GLU E 702 -32.68 11.74 -45.75
N ASN E 703 -32.12 10.84 -46.53
CA ASN E 703 -31.68 11.18 -47.86
C ASN E 703 -31.84 9.99 -48.76
N SER E 704 -31.90 10.25 -50.03
CA SER E 704 -32.02 9.18 -50.99
C SER E 704 -31.55 9.57 -52.35
N CYS E 705 -30.97 8.61 -53.02
CA CYS E 705 -30.61 8.75 -54.40
C CYS E 705 -30.97 7.44 -55.02
N ALA E 706 -31.52 7.47 -56.20
CA ALA E 706 -31.89 6.22 -56.81
C ALA E 706 -30.71 5.53 -57.38
N TYR E 707 -30.74 4.23 -57.32
CA TYR E 707 -29.78 3.50 -58.06
C TYR E 707 -30.41 3.42 -59.40
N SER E 708 -29.69 3.80 -60.42
CA SER E 708 -30.29 3.71 -61.71
C SER E 708 -29.21 3.45 -62.73
N ASN E 709 -29.30 2.31 -63.44
CA ASN E 709 -28.32 1.93 -64.45
C ASN E 709 -28.52 2.83 -65.67
N ASN E 710 -27.42 3.13 -66.38
CA ASN E 710 -27.35 4.02 -67.54
C ASN E 710 -27.77 5.46 -67.23
N SER E 711 -27.41 5.95 -66.04
CA SER E 711 -27.68 7.33 -65.67
C SER E 711 -26.49 7.79 -64.91
N ILE E 712 -26.24 9.09 -64.87
CA ILE E 712 -25.14 9.57 -64.06
C ILE E 712 -25.24 11.02 -63.67
N ALA E 713 -24.84 11.34 -62.46
CA ALA E 713 -24.81 12.74 -62.08
C ALA E 713 -23.41 13.30 -62.22
N ILE E 714 -23.32 14.48 -62.83
CA ILE E 714 -22.07 15.16 -63.05
C ILE E 714 -22.19 16.59 -62.55
N PRO E 715 -21.31 17.11 -61.69
CA PRO E 715 -21.35 18.46 -61.20
C PRO E 715 -21.24 19.41 -62.34
N THR E 716 -21.96 20.50 -62.26
CA THR E 716 -21.91 21.59 -63.21
C THR E 716 -21.27 22.88 -62.64
N ASN E 717 -21.17 22.97 -61.30
CA ASN E 717 -20.63 24.08 -60.54
C ASN E 717 -19.95 23.49 -59.30
N PHE E 718 -19.24 24.34 -58.54
CA PHE E 718 -18.51 23.98 -57.32
C PHE E 718 -18.42 25.15 -56.41
N THR E 719 -18.11 24.87 -55.17
CA THR E 719 -17.84 25.90 -54.21
C THR E 719 -16.56 25.61 -53.48
N ILE E 720 -16.16 26.55 -52.67
CA ILE E 720 -14.96 26.40 -51.88
C ILE E 720 -15.27 26.56 -50.43
N SER E 721 -14.83 25.60 -49.67
CA SER E 721 -15.07 25.57 -48.27
C SER E 721 -13.78 25.60 -47.53
N VAL E 722 -13.76 26.29 -46.41
CA VAL E 722 -12.57 26.24 -45.61
C VAL E 722 -13.01 25.78 -44.25
N THR E 723 -12.45 24.69 -43.76
CA THR E 723 -12.88 24.18 -42.47
C THR E 723 -11.82 24.40 -41.43
N THR E 724 -12.20 24.34 -40.16
CA THR E 724 -11.20 24.54 -39.13
C THR E 724 -11.02 23.31 -38.27
N GLU E 725 -9.79 22.88 -38.11
CA GLU E 725 -9.48 21.72 -37.28
C GLU E 725 -8.55 22.08 -36.15
N ILE E 726 -8.92 21.72 -34.93
CA ILE E 726 -8.14 22.11 -33.77
C ILE E 726 -7.53 20.94 -33.03
N LEU E 727 -6.22 21.00 -32.81
CA LEU E 727 -5.53 19.96 -32.05
C LEU E 727 -4.64 20.56 -30.96
N PRO E 728 -4.62 20.01 -29.74
CA PRO E 728 -3.69 20.38 -28.71
C PRO E 728 -2.36 19.80 -29.06
N VAL E 729 -1.30 20.46 -28.66
CA VAL E 729 0.04 19.94 -28.85
C VAL E 729 0.76 19.65 -27.56
N SER E 730 0.65 20.56 -26.60
CA SER E 730 1.41 20.42 -25.38
C SER E 730 0.66 20.92 -24.18
N MET E 731 1.11 20.50 -23.02
CA MET E 731 0.49 20.92 -21.77
C MET E 731 1.49 21.62 -20.89
N THR E 732 0.98 22.35 -19.91
CA THR E 732 1.83 23.01 -18.96
C THR E 732 2.74 22.02 -18.29
N LYS E 733 4.01 22.35 -18.25
CA LYS E 733 5.01 21.52 -17.63
C LYS E 733 5.12 21.88 -16.19
N THR E 734 4.91 20.94 -15.30
CA THR E 734 4.96 21.26 -13.89
C THR E 734 5.94 20.38 -13.18
N SER E 735 6.26 20.79 -11.98
CA SER E 735 7.15 20.03 -11.12
C SER E 735 6.74 20.24 -9.68
N VAL E 736 6.71 19.17 -8.92
CA VAL E 736 6.35 19.28 -7.52
C VAL E 736 7.48 18.82 -6.70
N ASP E 737 7.90 19.63 -5.75
CA ASP E 737 8.99 19.16 -4.95
C ASP E 737 8.37 18.23 -3.93
N CYS E 738 8.65 16.92 -4.03
CA CYS E 738 8.07 15.89 -3.19
C CYS E 738 8.49 16.03 -1.73
N THR E 739 9.66 16.57 -1.48
CA THR E 739 10.01 16.71 -0.09
C THR E 739 9.20 17.81 0.54
N MET E 740 9.10 18.96 -0.13
CA MET E 740 8.36 20.07 0.45
C MET E 740 6.89 19.77 0.55
N TYR E 741 6.35 19.03 -0.41
CA TYR E 741 4.95 18.68 -0.39
C TYR E 741 4.64 17.81 0.81
N ILE E 742 5.44 16.76 1.02
CA ILE E 742 5.16 15.85 2.12
C ILE E 742 5.51 16.45 3.50
N CYS E 743 6.72 17.04 3.64
CA CYS E 743 7.29 17.55 4.87
C CYS E 743 7.45 19.06 4.82
N GLY E 744 6.46 19.75 5.30
CA GLY E 744 6.41 21.18 5.23
C GLY E 744 7.34 21.81 6.26
N ASP E 745 8.63 21.77 5.96
CA ASP E 745 9.72 22.26 6.79
C ASP E 745 9.77 21.59 8.16
N SER E 746 9.53 20.29 8.16
CA SER E 746 9.59 19.51 9.38
C SER E 746 10.77 18.59 9.37
N THR E 747 11.70 18.80 10.28
CA THR E 747 12.91 18.01 10.37
C THR E 747 12.57 16.58 10.69
N GLU E 748 11.65 16.40 11.61
CA GLU E 748 11.28 15.07 12.04
C GLU E 748 10.64 14.28 10.89
N CYS E 749 9.76 14.93 10.08
CA CYS E 749 9.10 14.35 8.93
C CYS E 749 10.16 13.97 7.91
N SER E 750 11.08 14.88 7.64
CA SER E 750 12.09 14.65 6.65
C SER E 750 12.89 13.42 7.00
N ASN E 751 13.23 13.27 8.27
CA ASN E 751 13.98 12.11 8.63
C ASN E 751 13.16 10.83 8.51
N LEU E 752 11.88 10.87 8.86
CA LEU E 752 11.05 9.67 8.74
C LEU E 752 10.86 9.27 7.29
N LEU E 753 10.86 10.24 6.42
CA LEU E 753 10.68 10.05 5.01
C LEU E 753 11.82 9.28 4.37
N LEU E 754 12.94 9.13 5.07
CA LEU E 754 14.09 8.44 4.52
C LEU E 754 13.89 6.94 4.58
N GLN E 755 12.77 6.53 5.15
CA GLN E 755 12.42 5.14 5.25
C GLN E 755 11.83 4.65 3.94
N TYR E 756 11.57 5.58 3.03
CA TYR E 756 10.98 5.30 1.73
C TYR E 756 11.99 5.87 0.75
N GLY E 757 13.09 5.17 0.58
CA GLY E 757 14.29 5.67 -0.08
C GLY E 757 14.15 6.38 -1.42
N SER E 758 13.76 5.68 -2.47
CA SER E 758 13.77 6.35 -3.78
C SER E 758 12.42 6.84 -4.21
N PHE E 759 11.41 6.65 -3.41
CA PHE E 759 10.10 7.03 -3.86
C PHE E 759 9.97 8.50 -4.24
N CYS E 760 10.58 9.42 -3.46
CA CYS E 760 10.51 10.87 -3.68
C CYS E 760 11.26 11.16 -5.02
N THR E 761 12.41 10.52 -5.21
CA THR E 761 13.19 10.67 -6.43
C THR E 761 12.45 10.19 -7.65
N GLN E 762 11.79 9.05 -7.56
CA GLN E 762 11.10 8.53 -8.73
C GLN E 762 10.02 9.48 -9.19
N LEU E 763 9.32 10.10 -8.25
CA LEU E 763 8.29 11.03 -8.62
C LEU E 763 8.89 12.21 -9.34
N ASN E 764 10.04 12.68 -8.87
CA ASN E 764 10.66 13.80 -9.55
C ASN E 764 11.09 13.44 -10.96
N ARG E 765 11.55 12.22 -11.14
CA ARG E 765 11.99 11.82 -12.45
C ARG E 765 10.86 11.68 -13.42
N ALA E 766 9.73 11.14 -12.97
CA ALA E 766 8.61 10.98 -13.86
C ALA E 766 8.10 12.32 -14.36
N LEU E 767 8.05 13.30 -13.48
CA LEU E 767 7.57 14.59 -13.90
C LEU E 767 8.55 15.25 -14.83
N THR E 768 9.84 15.04 -14.61
CA THR E 768 10.81 15.60 -15.51
C THR E 768 10.62 15.01 -16.88
N GLY E 769 10.43 13.69 -16.97
CA GLY E 769 10.27 13.07 -18.26
C GLY E 769 9.09 13.67 -19.02
N ILE E 770 8.00 13.97 -18.31
CA ILE E 770 6.87 14.58 -18.99
C ILE E 770 7.25 15.94 -19.48
N ALA E 771 7.90 16.72 -18.64
CA ALA E 771 8.26 18.05 -19.02
C ALA E 771 9.11 18.08 -20.28
N VAL E 772 10.00 17.12 -20.42
CA VAL E 772 10.83 17.10 -21.62
C VAL E 772 10.01 16.83 -22.86
N GLU E 773 9.10 15.88 -22.77
CA GLU E 773 8.27 15.53 -23.92
C GLU E 773 7.47 16.72 -24.36
N GLN E 774 7.05 17.56 -23.43
CA GLN E 774 6.24 18.66 -23.86
C GLN E 774 6.97 19.62 -24.78
N ASP E 775 8.29 19.75 -24.67
CA ASP E 775 8.93 20.65 -25.63
C ASP E 775 9.19 19.90 -26.90
N LYS E 776 9.47 18.61 -26.80
CA LYS E 776 9.71 17.85 -28.00
C LYS E 776 8.50 17.88 -28.90
N ASN E 777 7.31 17.80 -28.30
CA ASN E 777 6.08 17.79 -29.06
C ASN E 777 5.92 19.09 -29.82
N THR E 778 6.34 20.18 -29.23
CA THR E 778 6.17 21.44 -29.88
C THR E 778 7.04 21.53 -31.09
N GLN E 779 8.28 21.09 -30.97
CA GLN E 779 9.17 21.14 -32.12
C GLN E 779 8.74 20.20 -33.22
N GLU E 780 8.22 19.05 -32.84
CA GLU E 780 7.81 18.07 -33.80
C GLU E 780 6.70 18.63 -34.70
N VAL E 781 5.82 19.44 -34.14
CA VAL E 781 4.76 20.02 -34.91
C VAL E 781 5.17 21.30 -35.62
N PHE E 782 5.85 22.21 -34.93
CA PHE E 782 6.11 23.52 -35.52
C PHE E 782 7.46 23.83 -36.11
N ALA E 783 8.42 22.93 -36.08
CA ALA E 783 9.72 23.28 -36.62
C ALA E 783 10.20 22.23 -37.59
N GLN E 784 9.39 21.92 -38.59
CA GLN E 784 9.72 20.90 -39.57
C GLN E 784 10.53 21.46 -40.73
N VAL E 785 10.61 22.77 -40.79
CA VAL E 785 11.29 23.50 -41.83
C VAL E 785 12.37 24.32 -41.19
N LYS E 786 13.59 24.17 -41.66
CA LYS E 786 14.75 24.84 -41.07
C LYS E 786 15.08 26.18 -41.69
N GLN E 787 14.27 26.58 -42.64
CA GLN E 787 14.42 27.82 -43.35
C GLN E 787 13.33 28.75 -42.93
N ILE E 788 13.66 29.98 -42.67
CA ILE E 788 12.66 30.95 -42.30
C ILE E 788 12.36 31.85 -43.47
N TYR E 789 11.17 31.74 -43.98
CA TYR E 789 10.78 32.49 -45.13
C TYR E 789 10.07 33.73 -44.67
N LYS E 790 10.31 34.81 -45.37
CA LYS E 790 9.63 36.04 -45.04
C LYS E 790 8.38 36.15 -45.82
N THR E 791 7.40 36.81 -45.27
CA THR E 791 6.17 37.05 -45.99
C THR E 791 6.43 38.23 -46.90
N PRO E 792 6.21 38.12 -48.21
CA PRO E 792 6.47 39.20 -49.14
C PRO E 792 5.42 40.27 -48.90
N PRO E 793 5.72 41.54 -49.24
CA PRO E 793 4.85 42.71 -49.18
C PRO E 793 3.83 42.77 -50.30
N ILE E 794 3.99 41.85 -51.23
CA ILE E 794 3.24 41.76 -52.46
C ILE E 794 1.83 41.33 -52.18
N LYS E 795 0.87 42.01 -52.78
CA LYS E 795 -0.53 41.65 -52.58
C LYS E 795 -1.12 41.03 -53.84
N ASP E 796 -0.35 40.96 -54.91
CA ASP E 796 -0.92 40.45 -56.13
C ASP E 796 -0.82 38.94 -56.18
N PHE E 797 -1.86 38.34 -55.65
CA PHE E 797 -2.00 36.92 -55.59
C PHE E 797 -3.15 36.54 -56.46
N GLY E 798 -3.43 37.38 -57.45
CA GLY E 798 -4.49 37.05 -58.39
C GLY E 798 -5.88 37.21 -57.81
N GLY E 799 -6.05 38.05 -56.81
CA GLY E 799 -7.35 38.22 -56.19
C GLY E 799 -7.51 37.44 -54.91
N PHE E 800 -6.56 36.58 -54.57
CA PHE E 800 -6.67 35.84 -53.32
C PHE E 800 -6.15 36.68 -52.16
N ASN E 801 -7.02 36.98 -51.19
CA ASN E 801 -6.77 37.80 -50.01
C ASN E 801 -6.44 36.92 -48.80
N PHE E 802 -5.18 36.95 -48.35
CA PHE E 802 -4.67 36.15 -47.24
C PHE E 802 -4.44 37.00 -46.01
N SER E 803 -4.95 38.21 -45.98
CA SER E 803 -4.60 39.08 -44.86
C SER E 803 -5.02 38.60 -43.50
N GLN E 804 -6.06 37.80 -43.38
CA GLN E 804 -6.49 37.39 -42.05
C GLN E 804 -5.66 36.27 -41.47
N ILE E 805 -4.78 35.70 -42.28
CA ILE E 805 -3.97 34.60 -41.80
C ILE E 805 -2.50 35.00 -41.72
N LEU E 806 -2.17 36.22 -42.12
CA LEU E 806 -0.79 36.65 -42.10
C LEU E 806 -0.57 37.56 -40.93
N PRO E 807 0.62 37.63 -40.35
CA PRO E 807 0.92 38.46 -39.22
C PRO E 807 0.58 39.89 -39.47
N ASP E 808 -0.03 40.51 -38.48
CA ASP E 808 -0.40 41.90 -38.55
C ASP E 808 0.68 42.75 -37.88
N PRO E 809 1.45 43.56 -38.62
CA PRO E 809 2.59 44.31 -38.14
C PRO E 809 2.23 45.40 -37.14
N SER E 810 0.95 45.75 -37.04
CA SER E 810 0.55 46.81 -36.12
C SER E 810 0.35 46.29 -34.70
N LYS E 811 0.30 44.98 -34.55
CA LYS E 811 0.06 44.39 -33.24
C LYS E 811 1.37 44.32 -32.46
N PRO E 812 1.31 44.31 -31.11
CA PRO E 812 2.46 44.15 -30.21
C PRO E 812 3.10 42.77 -30.32
N SER E 813 2.35 41.83 -30.88
CA SER E 813 2.78 40.49 -31.11
C SER E 813 2.32 40.25 -32.50
N LYS E 814 3.25 39.89 -33.37
CA LYS E 814 2.94 39.79 -34.77
C LYS E 814 2.24 38.51 -35.11
N ARG E 815 0.96 38.55 -34.88
CA ARG E 815 0.08 37.43 -35.06
C ARG E 815 -0.99 37.85 -36.03
N SER E 816 -1.56 36.91 -36.73
CA SER E 816 -2.60 37.24 -37.68
C SER E 816 -3.85 37.60 -36.92
N PRO E 817 -4.83 38.29 -37.50
CA PRO E 817 -6.11 38.55 -36.90
C PRO E 817 -6.76 37.28 -36.36
N ILE E 818 -6.62 36.17 -37.07
CA ILE E 818 -7.18 34.94 -36.56
C ILE E 818 -6.41 34.42 -35.38
N GLU E 819 -5.09 34.43 -35.44
CA GLU E 819 -4.31 33.94 -34.33
C GLU E 819 -4.55 34.76 -33.10
N ASP E 820 -4.71 36.06 -33.26
CA ASP E 820 -4.92 36.94 -32.14
C ASP E 820 -6.25 36.59 -31.47
N LEU E 821 -7.25 36.26 -32.27
CA LEU E 821 -8.52 35.85 -31.71
C LEU E 821 -8.39 34.56 -30.92
N LEU E 822 -7.64 33.60 -31.44
CA LEU E 822 -7.50 32.33 -30.75
C LEU E 822 -6.84 32.51 -29.40
N PHE E 823 -5.84 33.38 -29.33
CA PHE E 823 -5.17 33.63 -28.06
C PHE E 823 -6.04 34.35 -27.08
N ASN E 824 -6.89 35.23 -27.56
CA ASN E 824 -7.80 35.92 -26.68
C ASN E 824 -8.89 35.02 -26.13
N LYS E 825 -9.27 33.98 -26.89
CA LYS E 825 -10.31 33.07 -26.43
C LYS E 825 -9.90 32.06 -25.37
N VAL E 826 -8.70 31.47 -25.41
CA VAL E 826 -8.43 30.46 -24.38
C VAL E 826 -7.77 31.06 -23.16
N THR E 827 -8.49 31.06 -22.04
CA THR E 827 -8.05 31.66 -20.80
C THR E 827 -8.24 30.72 -19.57
N LEU E 828 -7.64 31.10 -18.41
CA LEU E 828 -7.76 30.41 -17.11
C LEU E 828 -7.46 31.46 -16.04
N CYS E 851 -0.21 32.16 -6.69
CA CYS E 851 0.93 31.52 -6.03
C CYS E 851 0.54 30.55 -4.87
N ALA E 852 -0.73 30.07 -4.84
CA ALA E 852 -1.23 29.09 -3.83
C ALA E 852 -0.50 27.76 -3.96
N GLN E 853 -0.22 27.39 -5.20
CA GLN E 853 0.45 26.14 -5.46
C GLN E 853 1.90 26.31 -5.09
N LYS E 854 2.43 27.50 -5.37
CA LYS E 854 3.81 27.82 -5.07
C LYS E 854 4.04 27.75 -3.58
N PHE E 855 3.10 28.26 -2.81
CA PHE E 855 3.22 28.27 -1.38
C PHE E 855 3.47 26.85 -0.87
N ASN E 856 2.79 25.90 -1.47
CA ASN E 856 2.86 24.51 -1.04
C ASN E 856 3.93 23.66 -1.74
N GLY E 857 4.84 24.28 -2.47
CA GLY E 857 5.94 23.56 -3.12
C GLY E 857 5.71 23.06 -4.55
N LEU E 858 4.69 23.57 -5.22
CA LEU E 858 4.40 23.14 -6.57
C LEU E 858 4.75 24.27 -7.51
N THR E 859 5.46 23.98 -8.58
CA THR E 859 5.85 25.05 -9.50
C THR E 859 5.55 24.75 -10.96
N VAL E 860 5.62 25.80 -11.78
CA VAL E 860 5.40 25.72 -13.22
C VAL E 860 6.65 26.13 -13.97
N LEU E 861 7.04 25.29 -14.90
CA LEU E 861 8.23 25.52 -15.68
C LEU E 861 7.88 26.28 -16.95
N PRO E 862 8.78 27.11 -17.49
CA PRO E 862 8.58 27.81 -18.73
C PRO E 862 8.75 26.83 -19.87
N PRO E 863 8.13 27.07 -21.02
CA PRO E 863 8.29 26.35 -22.27
C PRO E 863 9.61 26.76 -22.84
N LEU E 864 10.22 25.92 -23.65
CA LEU E 864 11.43 26.34 -24.33
C LEU E 864 11.13 27.31 -25.44
N LEU E 865 10.07 27.05 -26.19
CA LEU E 865 9.70 27.95 -27.27
C LEU E 865 8.60 28.87 -26.81
N THR E 866 8.80 30.13 -27.06
CA THR E 866 7.87 31.16 -26.67
C THR E 866 6.80 31.31 -27.71
N ASP E 867 5.75 32.04 -27.39
CA ASP E 867 4.70 32.25 -28.37
C ASP E 867 5.19 33.03 -29.56
N GLU E 868 6.13 33.93 -29.34
CA GLU E 868 6.65 34.69 -30.44
C GLU E 868 7.41 33.77 -31.38
N MET E 869 8.17 32.84 -30.83
CA MET E 869 8.90 31.93 -31.68
C MET E 869 7.96 31.05 -32.48
N ILE E 870 6.86 30.63 -31.87
CA ILE E 870 5.94 29.80 -32.60
C ILE E 870 5.30 30.62 -33.71
N ALA E 871 4.94 31.85 -33.43
CA ALA E 871 4.35 32.68 -34.45
C ALA E 871 5.31 32.81 -35.62
N GLN E 872 6.61 32.92 -35.35
CA GLN E 872 7.55 33.03 -36.44
C GLN E 872 7.59 31.77 -37.27
N TYR E 873 7.51 30.60 -36.63
CA TYR E 873 7.52 29.40 -37.44
C TYR E 873 6.28 29.32 -38.31
N THR E 874 5.14 29.68 -37.75
CA THR E 874 3.92 29.60 -38.52
C THR E 874 3.99 30.55 -39.69
N SER E 875 4.49 31.75 -39.45
CA SER E 875 4.59 32.73 -40.50
C SER E 875 5.45 32.21 -41.61
N ALA E 876 6.59 31.61 -41.27
CA ALA E 876 7.47 31.08 -42.29
C ALA E 876 6.79 30.02 -43.12
N LEU E 877 6.00 29.16 -42.51
CA LEU E 877 5.32 28.14 -43.30
C LEU E 877 4.32 28.75 -44.24
N LEU E 878 3.62 29.79 -43.80
CA LEU E 878 2.65 30.41 -44.66
C LEU E 878 3.34 31.10 -45.81
N ALA E 879 4.47 31.77 -45.54
CA ALA E 879 5.18 32.45 -46.59
C ALA E 879 5.67 31.45 -47.59
N GLY E 880 6.10 30.31 -47.10
CA GLY E 880 6.59 29.25 -47.93
C GLY E 880 5.54 28.79 -48.89
N THR E 881 4.36 28.46 -48.38
CA THR E 881 3.30 27.97 -49.26
C THR E 881 2.83 29.00 -50.25
N ILE E 882 2.62 30.21 -49.80
CA ILE E 882 2.11 31.18 -50.74
C ILE E 882 3.08 31.43 -51.90
N CYS E 883 4.41 31.55 -51.64
CA CYS E 883 5.45 31.78 -52.64
C CYS E 883 5.78 30.55 -53.52
N SER E 884 6.06 29.39 -52.89
CA SER E 884 6.54 28.21 -53.62
C SER E 884 5.70 26.93 -53.51
N GLY E 885 4.48 27.02 -53.00
CA GLY E 885 3.62 25.87 -52.91
C GLY E 885 4.21 24.81 -52.03
N TRP E 886 4.25 23.59 -52.49
CA TRP E 886 4.79 22.56 -51.65
C TRP E 886 6.23 22.28 -51.93
N THR E 887 6.84 22.99 -52.85
CA THR E 887 8.19 22.59 -53.18
C THR E 887 9.17 22.91 -52.10
N PHE E 888 8.88 23.89 -51.26
CA PHE E 888 9.81 24.25 -50.21
C PHE E 888 9.86 23.20 -49.14
N GLY E 889 8.88 22.32 -49.11
CA GLY E 889 8.87 21.32 -48.08
C GLY E 889 9.64 20.09 -48.51
N ALA E 890 10.13 20.06 -49.74
CA ALA E 890 10.83 18.88 -50.23
C ALA E 890 11.97 19.26 -51.14
N GLY E 891 12.84 20.14 -50.67
CA GLY E 891 13.90 20.62 -51.52
C GLY E 891 13.92 22.13 -51.43
N PRO E 892 14.55 22.82 -52.38
CA PRO E 892 14.65 24.25 -52.48
C PRO E 892 13.27 24.83 -52.71
N ALA E 893 13.04 26.05 -52.29
CA ALA E 893 11.76 26.66 -52.56
C ALA E 893 11.76 27.23 -53.96
N LEU E 894 10.83 26.76 -54.79
CA LEU E 894 10.73 27.20 -56.16
C LEU E 894 9.54 28.11 -56.34
N GLN E 895 9.78 29.38 -56.61
CA GLN E 895 8.67 30.33 -56.70
C GLN E 895 7.78 30.01 -57.87
N ILE E 896 6.50 30.22 -57.66
CA ILE E 896 5.51 30.02 -58.70
C ILE E 896 4.44 31.11 -58.58
N PRO E 897 3.82 31.62 -59.66
CA PRO E 897 2.72 32.54 -59.56
C PRO E 897 1.66 31.88 -58.73
N PHE E 898 1.01 32.61 -57.85
CA PHE E 898 0.06 31.93 -57.01
C PHE E 898 -1.03 31.18 -57.77
N PRO E 899 -1.70 31.75 -58.77
CA PRO E 899 -2.73 31.09 -59.53
C PRO E 899 -2.25 29.83 -60.24
N MET E 900 -0.95 29.68 -60.49
CA MET E 900 -0.53 28.48 -61.15
C MET E 900 -0.41 27.43 -60.12
N GLN E 901 -0.08 27.85 -58.92
CA GLN E 901 0.01 26.89 -57.88
C GLN E 901 -1.36 26.27 -57.76
N MET E 902 -2.38 27.12 -57.84
CA MET E 902 -3.74 26.62 -57.74
C MET E 902 -4.06 25.70 -58.89
N ALA E 903 -3.58 26.01 -60.09
CA ALA E 903 -3.88 25.16 -61.23
C ALA E 903 -3.40 23.76 -60.99
N TYR E 904 -2.27 23.65 -60.34
CA TYR E 904 -1.77 22.32 -60.10
C TYR E 904 -2.53 21.64 -59.01
N ARG E 905 -3.01 22.39 -58.04
CA ARG E 905 -3.79 21.80 -56.98
C ARG E 905 -5.10 21.24 -57.57
N PHE E 906 -5.64 21.92 -58.58
CA PHE E 906 -6.85 21.46 -59.26
C PHE E 906 -6.59 20.19 -60.04
N ASN E 907 -5.44 20.09 -60.70
CA ASN E 907 -5.15 18.88 -61.41
C ASN E 907 -5.07 17.73 -60.43
N GLY E 908 -4.59 18.05 -59.24
CA GLY E 908 -4.45 17.10 -58.15
C GLY E 908 -5.79 16.48 -57.79
N ILE E 909 -6.82 17.31 -57.58
CA ILE E 909 -8.14 16.77 -57.24
C ILE E 909 -8.79 16.07 -58.42
N GLY E 910 -8.44 16.46 -59.64
CA GLY E 910 -8.98 15.82 -60.83
C GLY E 910 -9.86 16.70 -61.69
N VAL E 911 -9.55 17.98 -61.69
CA VAL E 911 -10.26 18.96 -62.49
C VAL E 911 -9.22 19.65 -63.35
N THR E 912 -9.47 19.80 -64.63
CA THR E 912 -8.44 20.37 -65.47
C THR E 912 -8.19 21.84 -65.23
N GLN E 913 -7.07 22.30 -65.77
CA GLN E 913 -6.56 23.64 -65.55
C GLN E 913 -7.40 24.75 -66.06
N ASN E 914 -8.11 24.53 -67.14
CA ASN E 914 -8.85 25.64 -67.62
C ASN E 914 -9.99 25.98 -66.71
N VAL E 915 -10.41 25.07 -65.83
CA VAL E 915 -11.54 25.43 -65.01
C VAL E 915 -11.09 26.55 -64.12
N LEU E 916 -9.91 26.43 -63.54
CA LEU E 916 -9.40 27.47 -62.70
C LEU E 916 -9.19 28.75 -63.43
N TYR E 917 -8.56 28.70 -64.59
CA TYR E 917 -8.24 29.97 -65.19
C TYR E 917 -9.46 30.71 -65.66
N GLU E 918 -10.48 29.99 -66.10
CA GLU E 918 -11.68 30.64 -66.58
C GLU E 918 -12.56 31.14 -65.45
N ASN E 919 -12.49 30.49 -64.30
CA ASN E 919 -13.28 30.85 -63.14
C ASN E 919 -12.44 31.51 -62.08
N GLN E 920 -11.32 32.06 -62.45
CA GLN E 920 -10.46 32.66 -61.43
C GLN E 920 -11.14 33.70 -60.59
N LYS E 921 -11.99 34.54 -61.15
CA LYS E 921 -12.60 35.55 -60.32
C LYS E 921 -13.52 34.94 -59.31
N LEU E 922 -14.27 33.92 -59.72
CA LEU E 922 -15.19 33.27 -58.82
C LEU E 922 -14.46 32.59 -57.71
N ILE E 923 -13.41 31.90 -58.06
CA ILE E 923 -12.66 31.14 -57.10
C ILE E 923 -12.03 32.03 -56.08
N ALA E 924 -11.41 33.12 -56.51
CA ALA E 924 -10.82 34.01 -55.55
C ALA E 924 -11.89 34.58 -54.64
N ASN E 925 -13.07 34.89 -55.16
CA ASN E 925 -14.10 35.43 -54.30
C ASN E 925 -14.63 34.41 -53.32
N GLN E 926 -14.76 33.16 -53.74
CA GLN E 926 -15.28 32.18 -52.82
C GLN E 926 -14.29 31.98 -51.69
N PHE E 927 -13.02 31.99 -52.03
CA PHE E 927 -11.96 31.83 -51.06
C PHE E 927 -11.99 32.95 -50.05
N ASN E 928 -12.05 34.18 -50.54
CA ASN E 928 -11.99 35.32 -49.66
C ASN E 928 -13.15 35.35 -48.70
N SER E 929 -14.34 34.97 -49.17
CA SER E 929 -15.48 34.97 -48.30
C SER E 929 -15.37 33.90 -47.25
N ALA E 930 -14.87 32.72 -47.61
CA ALA E 930 -14.75 31.67 -46.61
C ALA E 930 -13.83 32.07 -45.48
N ILE E 931 -12.75 32.76 -45.79
CA ILE E 931 -11.85 33.11 -44.72
C ILE E 931 -12.52 34.10 -43.80
N GLY E 932 -13.21 35.08 -44.35
CA GLY E 932 -13.85 36.05 -43.48
C GLY E 932 -14.85 35.38 -42.54
N LYS E 933 -15.58 34.41 -43.07
CA LYS E 933 -16.56 33.73 -42.25
C LYS E 933 -15.94 32.97 -41.12
N ILE E 934 -14.76 32.40 -41.32
CA ILE E 934 -14.15 31.67 -40.23
C ILE E 934 -13.82 32.56 -39.08
N GLN E 935 -13.24 33.72 -39.33
CA GLN E 935 -12.91 34.52 -38.17
C GLN E 935 -14.18 34.88 -37.41
N ASP E 936 -15.28 35.15 -38.12
CA ASP E 936 -16.50 35.49 -37.41
C ASP E 936 -17.07 34.31 -36.65
N SER E 937 -16.96 33.12 -37.23
CA SER E 937 -17.48 31.92 -36.60
C SER E 937 -16.77 31.67 -35.29
N LEU E 938 -15.45 31.80 -35.29
CA LEU E 938 -14.71 31.59 -34.07
C LEU E 938 -15.07 32.61 -33.03
N SER E 939 -15.26 33.86 -33.44
CA SER E 939 -15.58 34.91 -32.50
C SER E 939 -16.93 34.65 -31.83
N SER E 940 -17.91 34.23 -32.63
CA SER E 940 -19.25 33.98 -32.16
C SER E 940 -19.47 32.66 -31.43
N THR E 941 -18.64 31.63 -31.66
CA THR E 941 -18.87 30.36 -31.01
C THR E 941 -17.93 30.20 -29.80
N PRO E 942 -18.44 30.31 -28.55
CA PRO E 942 -17.66 30.32 -27.33
C PRO E 942 -17.03 28.98 -27.01
N SER E 943 -17.54 27.93 -27.64
CA SER E 943 -17.11 26.58 -27.41
C SER E 943 -16.24 26.06 -28.53
N ALA E 944 -15.86 26.91 -29.48
CA ALA E 944 -15.08 26.38 -30.58
C ALA E 944 -13.76 25.77 -30.12
N LEU E 945 -13.08 26.39 -29.17
CA LEU E 945 -11.78 25.89 -28.78
C LEU E 945 -11.91 24.96 -27.61
N GLY E 946 -12.71 23.94 -27.81
CA GLY E 946 -13.03 23.00 -26.77
C GLY E 946 -11.83 22.24 -26.31
N LYS E 947 -11.12 21.63 -27.23
CA LYS E 947 -10.00 20.79 -26.86
C LYS E 947 -8.91 21.53 -26.14
N LEU E 948 -8.64 22.75 -26.58
CA LEU E 948 -7.56 23.48 -25.96
C LEU E 948 -7.95 23.86 -24.55
N GLN E 949 -9.21 24.23 -24.35
CA GLN E 949 -9.65 24.59 -23.02
C GLN E 949 -9.65 23.39 -22.10
N ASP E 950 -10.01 22.22 -22.63
CA ASP E 950 -10.09 21.04 -21.81
C ASP E 950 -8.75 20.66 -21.26
N VAL E 951 -7.68 20.80 -22.03
CA VAL E 951 -6.40 20.44 -21.49
C VAL E 951 -6.07 21.33 -20.33
N VAL E 952 -6.32 22.61 -20.50
CA VAL E 952 -6.04 23.56 -19.47
C VAL E 952 -6.83 23.27 -18.20
N ASN E 953 -8.10 22.98 -18.34
CA ASN E 953 -8.91 22.76 -17.17
C ASN E 953 -8.56 21.48 -16.46
N GLN E 954 -8.21 20.44 -17.21
CA GLN E 954 -7.88 19.18 -16.56
C GLN E 954 -6.63 19.29 -15.73
N ASN E 955 -5.65 20.04 -16.21
CA ASN E 955 -4.46 20.14 -15.44
C ASN E 955 -4.70 20.99 -14.22
N ALA E 956 -5.56 22.00 -14.33
CA ALA E 956 -5.85 22.81 -13.18
C ALA E 956 -6.49 21.98 -12.09
N GLN E 957 -7.37 21.07 -12.48
CA GLN E 957 -8.01 20.24 -11.48
C GLN E 957 -7.05 19.32 -10.82
N ALA E 958 -6.13 18.76 -11.58
CA ALA E 958 -5.20 17.83 -10.97
C ALA E 958 -4.37 18.52 -9.91
N LEU E 959 -3.96 19.75 -10.17
CA LEU E 959 -3.15 20.46 -9.20
C LEU E 959 -3.97 20.86 -8.00
N ASN E 960 -5.20 21.27 -8.22
CA ASN E 960 -5.98 21.69 -7.08
C ASN E 960 -6.30 20.51 -6.21
N THR E 961 -6.49 19.36 -6.81
CA THR E 961 -6.80 18.18 -6.04
C THR E 961 -5.60 17.82 -5.19
N LEU E 962 -4.42 17.87 -5.77
CA LEU E 962 -3.23 17.50 -5.04
C LEU E 962 -3.01 18.42 -3.86
N VAL E 963 -3.21 19.70 -4.05
CA VAL E 963 -3.01 20.60 -2.94
C VAL E 963 -4.08 20.38 -1.88
N LYS E 964 -5.33 20.22 -2.29
CA LYS E 964 -6.39 20.04 -1.31
C LYS E 964 -6.16 18.85 -0.42
N GLN E 965 -5.57 17.79 -0.94
CA GLN E 965 -5.32 16.60 -0.13
C GLN E 965 -4.42 16.85 1.06
N LEU E 966 -3.67 17.95 1.08
CA LEU E 966 -2.82 18.22 2.22
C LEU E 966 -3.62 18.38 3.49
N SER E 967 -4.86 18.81 3.38
CA SER E 967 -5.67 19.04 4.56
C SER E 967 -6.26 17.75 5.15
N SER E 968 -6.14 16.62 4.45
CA SER E 968 -6.71 15.38 4.96
C SER E 968 -5.93 14.84 6.14
N ASN E 969 -6.65 14.20 7.07
CA ASN E 969 -6.02 13.60 8.23
C ASN E 969 -5.46 12.22 7.98
N PHE E 970 -6.12 11.48 7.11
CA PHE E 970 -5.75 10.11 6.80
C PHE E 970 -5.79 9.21 8.03
N GLY E 971 -6.55 9.61 9.05
CA GLY E 971 -6.72 8.88 10.29
C GLY E 971 -5.87 9.46 11.42
N ALA E 972 -5.01 10.42 11.09
CA ALA E 972 -4.16 11.07 12.06
C ALA E 972 -4.99 12.01 12.89
N ILE E 973 -4.46 12.38 14.04
CA ILE E 973 -5.19 13.31 14.90
C ILE E 973 -5.39 14.68 14.24
N SER E 974 -4.50 15.06 13.35
CA SER E 974 -4.65 16.30 12.62
C SER E 974 -3.85 16.20 11.35
N SER E 975 -4.13 17.12 10.43
CA SER E 975 -3.44 17.22 9.17
C SER E 975 -2.19 18.07 9.22
N VAL E 976 -1.93 18.68 10.36
CA VAL E 976 -0.82 19.57 10.52
C VAL E 976 0.34 18.95 11.27
N LEU E 977 1.49 18.86 10.61
CA LEU E 977 2.65 18.20 11.19
C LEU E 977 3.09 18.91 12.45
N ASN E 978 2.97 20.21 12.44
CA ASN E 978 3.40 20.99 13.59
C ASN E 978 2.50 20.84 14.80
N ASP E 979 1.22 20.51 14.61
CA ASP E 979 0.35 20.35 15.75
C ASP E 979 0.63 19.00 16.34
N ILE E 980 0.94 18.06 15.49
CA ILE E 980 1.25 16.75 15.99
C ILE E 980 2.50 16.84 16.83
N LEU E 981 3.51 17.52 16.29
CA LEU E 981 4.75 17.63 17.00
C LEU E 981 4.66 18.44 18.28
N SER E 982 3.86 19.51 18.32
CA SER E 982 3.78 20.29 19.54
C SER E 982 2.92 19.64 20.61
N ARG E 983 1.99 18.76 20.23
CA ARG E 983 1.11 18.14 21.20
C ARG E 983 1.54 16.78 21.71
N LEU E 984 2.21 16.00 20.90
CA LEU E 984 2.58 14.64 21.28
C LEU E 984 4.04 14.50 21.66
N ASP E 985 4.38 13.45 22.42
CA ASP E 985 5.78 13.29 22.75
C ASP E 985 6.45 12.67 21.51
N PRO E 986 7.76 12.47 21.47
CA PRO E 986 8.46 11.92 20.33
C PRO E 986 7.84 10.65 19.71
N PRO E 987 7.78 9.45 20.35
CA PRO E 987 7.21 8.29 19.72
C PRO E 987 5.73 8.42 19.40
N GLU E 988 4.99 9.24 20.16
CA GLU E 988 3.59 9.38 19.84
C GLU E 988 3.47 10.15 18.53
N ALA E 989 4.30 11.17 18.38
CA ALA E 989 4.30 11.96 17.19
C ALA E 989 4.77 11.13 16.04
N GLU E 990 5.75 10.27 16.23
CA GLU E 990 6.21 9.50 15.09
C GLU E 990 5.11 8.67 14.50
N VAL E 991 4.25 8.11 15.33
CA VAL E 991 3.19 7.33 14.75
C VAL E 991 2.26 8.20 13.91
N GLN E 992 1.88 9.35 14.45
CA GLN E 992 0.97 10.22 13.74
C GLN E 992 1.59 10.85 12.48
N ILE E 993 2.88 11.17 12.54
CA ILE E 993 3.58 11.77 11.44
C ILE E 993 3.70 10.74 10.35
N ASP E 994 4.04 9.51 10.68
CA ASP E 994 4.16 8.50 9.65
C ASP E 994 2.82 8.27 8.97
N ARG E 995 1.73 8.31 9.72
CA ARG E 995 0.46 8.14 9.06
C ARG E 995 0.23 9.23 8.02
N LEU E 996 0.54 10.49 8.35
CA LEU E 996 0.35 11.53 7.36
C LEU E 996 1.29 11.36 6.18
N ILE E 997 2.52 10.92 6.42
CA ILE E 997 3.44 10.75 5.32
C ILE E 997 2.93 9.72 4.37
N THR E 998 2.44 8.60 4.87
CA THR E 998 1.95 7.62 3.94
C THR E 998 0.81 8.15 3.12
N GLY E 999 -0.14 8.84 3.75
CA GLY E 999 -1.27 9.37 3.01
C GLY E 999 -0.86 10.37 1.95
N ARG E 1000 0.08 11.24 2.27
CA ARG E 1000 0.50 12.22 1.31
C ARG E 1000 1.31 11.59 0.17
N LEU E 1001 2.11 10.57 0.45
CA LEU E 1001 2.83 9.93 -0.62
C LEU E 1001 1.88 9.27 -1.56
N GLN E 1002 0.80 8.71 -1.06
CA GLN E 1002 -0.12 8.07 -1.94
C GLN E 1002 -0.74 9.09 -2.86
N SER E 1003 -1.00 10.29 -2.33
CA SER E 1003 -1.58 11.34 -3.15
C SER E 1003 -0.62 11.74 -4.27
N LEU E 1004 0.67 11.90 -3.97
CA LEU E 1004 1.61 12.25 -5.04
C LEU E 1004 1.73 11.18 -6.08
N GLN E 1005 1.71 9.92 -5.67
CA GLN E 1005 1.85 8.88 -6.66
C GLN E 1005 0.65 8.86 -7.55
N THR E 1006 -0.52 9.12 -6.99
CA THR E 1006 -1.72 9.14 -7.78
C THR E 1006 -1.63 10.24 -8.80
N TYR E 1007 -1.20 11.42 -8.38
CA TYR E 1007 -1.06 12.55 -9.26
C TYR E 1007 -0.16 12.27 -10.40
N VAL E 1008 1.02 11.73 -10.10
CA VAL E 1008 1.97 11.49 -11.15
C VAL E 1008 1.45 10.46 -12.11
N THR E 1009 0.83 9.40 -11.64
CA THR E 1009 0.33 8.40 -12.57
C THR E 1009 -0.65 9.03 -13.52
N GLN E 1010 -1.54 9.88 -13.03
CA GLN E 1010 -2.49 10.48 -13.93
C GLN E 1010 -1.81 11.37 -14.93
N GLN E 1011 -0.75 12.07 -14.51
CA GLN E 1011 -0.09 12.93 -15.46
C GLN E 1011 0.60 12.12 -16.51
N LEU E 1012 1.14 10.96 -16.17
CA LEU E 1012 1.80 10.17 -17.19
C LEU E 1012 0.82 9.67 -18.22
N ILE E 1013 -0.35 9.26 -17.78
CA ILE E 1013 -1.31 8.77 -18.73
C ILE E 1013 -1.78 9.90 -19.63
N ARG E 1014 -2.07 11.04 -19.03
CA ARG E 1014 -2.53 12.17 -19.80
C ARG E 1014 -1.46 12.63 -20.76
N ALA E 1015 -0.19 12.57 -20.35
CA ALA E 1015 0.88 12.97 -21.24
C ALA E 1015 0.92 12.08 -22.46
N ALA E 1016 0.68 10.78 -22.29
CA ALA E 1016 0.69 9.93 -23.46
C ALA E 1016 -0.40 10.32 -24.42
N GLU E 1017 -1.56 10.70 -23.87
CA GLU E 1017 -2.66 11.13 -24.71
C GLU E 1017 -2.32 12.37 -25.50
N ILE E 1018 -1.71 13.35 -24.85
CA ILE E 1018 -1.46 14.58 -25.58
C ILE E 1018 -0.39 14.32 -26.61
N ARG E 1019 0.56 13.45 -26.32
CA ARG E 1019 1.56 13.14 -27.29
C ARG E 1019 0.94 12.57 -28.52
N ALA E 1020 -0.02 11.67 -28.37
CA ALA E 1020 -0.64 11.12 -29.57
C ALA E 1020 -1.26 12.23 -30.39
N SER E 1021 -1.85 13.23 -29.73
CA SER E 1021 -2.41 14.33 -30.47
C SER E 1021 -1.32 15.08 -31.19
N ALA E 1022 -0.21 15.33 -30.51
CA ALA E 1022 0.88 16.06 -31.14
C ALA E 1022 1.41 15.32 -32.35
N ASN E 1023 1.45 14.00 -32.30
CA ASN E 1023 1.94 13.25 -33.43
C ASN E 1023 1.00 13.38 -34.60
N LEU E 1024 -0.28 13.48 -34.33
CA LEU E 1024 -1.23 13.64 -35.40
C LEU E 1024 -1.08 15.00 -35.98
N ALA E 1025 -0.90 15.99 -35.14
CA ALA E 1025 -0.76 17.32 -35.61
C ALA E 1025 0.45 17.43 -36.49
N ALA E 1026 1.53 16.76 -36.11
CA ALA E 1026 2.73 16.82 -36.89
C ALA E 1026 2.52 16.16 -38.23
N THR E 1027 1.76 15.06 -38.25
CA THR E 1027 1.49 14.38 -39.50
C THR E 1027 0.72 15.29 -40.42
N LYS E 1028 -0.30 15.95 -39.90
CA LYS E 1028 -1.08 16.84 -40.71
C LYS E 1028 -0.26 17.98 -41.22
N MET E 1029 0.62 18.49 -40.40
CA MET E 1029 1.42 19.59 -40.86
C MET E 1029 2.20 19.15 -42.07
N SER E 1030 2.83 18.00 -41.98
CA SER E 1030 3.63 17.59 -43.09
C SER E 1030 2.83 17.28 -44.32
N GLU E 1031 1.79 16.49 -44.16
CA GLU E 1031 1.03 16.04 -45.31
C GLU E 1031 0.12 17.03 -45.99
N CYS E 1032 -0.50 17.97 -45.24
CA CYS E 1032 -1.49 18.91 -45.76
C CYS E 1032 -0.94 20.32 -45.87
N VAL E 1033 0.07 20.69 -45.11
CA VAL E 1033 0.56 22.06 -45.25
C VAL E 1033 1.70 22.07 -46.23
N LEU E 1034 2.57 21.08 -46.13
CA LEU E 1034 3.72 20.99 -47.01
C LEU E 1034 3.47 20.10 -48.21
N GLY E 1035 2.21 19.80 -48.46
CA GLY E 1035 1.83 18.95 -49.58
C GLY E 1035 0.35 19.04 -49.83
N GLN E 1036 -0.15 18.10 -50.61
CA GLN E 1036 -1.56 18.00 -50.94
C GLN E 1036 -1.94 16.60 -50.56
N SER E 1037 -3.04 16.45 -49.85
CA SER E 1037 -3.40 15.12 -49.38
C SER E 1037 -4.59 14.51 -50.04
N LYS E 1038 -4.43 13.25 -50.43
CA LYS E 1038 -5.49 12.48 -51.06
C LYS E 1038 -6.21 11.59 -50.07
N ARG E 1039 -5.90 11.73 -48.80
CA ARG E 1039 -6.54 10.92 -47.79
C ARG E 1039 -7.95 11.47 -47.58
N VAL E 1040 -8.92 10.60 -47.52
CA VAL E 1040 -10.29 11.07 -47.43
C VAL E 1040 -10.59 11.69 -46.10
N ASP E 1041 -11.10 12.90 -46.17
CA ASP E 1041 -11.49 13.74 -45.05
C ASP E 1041 -10.38 13.87 -44.03
N PHE E 1042 -9.15 13.70 -44.46
CA PHE E 1042 -8.04 13.85 -43.56
C PHE E 1042 -7.79 15.31 -43.19
N CYS E 1043 -7.82 16.21 -44.19
CA CYS E 1043 -7.59 17.65 -44.06
C CYS E 1043 -8.73 18.41 -44.69
N GLY E 1044 -9.84 18.43 -43.96
CA GLY E 1044 -11.02 19.13 -44.41
C GLY E 1044 -11.96 18.20 -45.12
N LYS E 1045 -13.22 18.57 -45.09
CA LYS E 1045 -14.25 17.80 -45.75
C LYS E 1045 -14.27 18.17 -47.23
N GLY E 1046 -14.29 17.20 -48.12
CA GLY E 1046 -14.29 17.48 -49.55
C GLY E 1046 -12.91 17.25 -50.14
N TYR E 1047 -12.62 17.79 -51.31
CA TYR E 1047 -11.35 17.45 -51.92
C TYR E 1047 -10.28 18.43 -51.47
N HIS E 1048 -9.19 17.96 -50.93
CA HIS E 1048 -8.19 18.89 -50.42
C HIS E 1048 -7.39 19.58 -51.48
N LEU E 1049 -7.23 20.89 -51.30
CA LEU E 1049 -6.40 21.69 -52.16
C LEU E 1049 -5.17 22.14 -51.42
N MET E 1050 -5.34 22.72 -50.24
CA MET E 1050 -4.22 23.26 -49.46
C MET E 1050 -4.59 23.54 -48.02
N SER E 1051 -3.60 23.75 -47.16
CA SER E 1051 -3.89 24.11 -45.77
C SER E 1051 -3.03 25.25 -45.26
N PHE E 1052 -3.57 26.00 -44.33
CA PHE E 1052 -2.86 27.09 -43.71
C PHE E 1052 -2.90 26.96 -42.19
N PRO E 1053 -1.82 26.66 -41.50
CA PRO E 1053 -1.78 26.51 -40.06
C PRO E 1053 -1.86 27.88 -39.45
N GLN E 1054 -2.35 27.95 -38.23
CA GLN E 1054 -2.36 29.11 -37.37
C GLN E 1054 -1.92 28.65 -35.99
N SER E 1055 -1.18 29.47 -35.26
CA SER E 1055 -0.81 29.07 -33.91
C SER E 1055 -1.95 29.26 -32.95
N ALA E 1056 -1.86 28.63 -31.79
CA ALA E 1056 -2.89 28.73 -30.77
C ALA E 1056 -2.24 28.43 -29.45
N PRO E 1057 -2.76 28.90 -28.32
CA PRO E 1057 -2.18 28.57 -27.06
C PRO E 1057 -2.27 27.09 -26.89
N HIS E 1058 -1.15 26.48 -26.52
CA HIS E 1058 -1.02 25.05 -26.30
C HIS E 1058 -1.40 24.17 -27.47
N GLY E 1059 -1.39 24.70 -28.70
CA GLY E 1059 -1.80 23.84 -29.81
C GLY E 1059 -1.74 24.47 -31.18
N VAL E 1060 -2.34 23.78 -32.13
CA VAL E 1060 -2.32 24.23 -33.52
C VAL E 1060 -3.71 24.21 -34.11
N VAL E 1061 -3.99 25.19 -34.94
CA VAL E 1061 -5.25 25.22 -35.64
C VAL E 1061 -5.03 25.21 -37.13
N PHE E 1062 -5.69 24.31 -37.84
CA PHE E 1062 -5.49 24.28 -39.25
C PHE E 1062 -6.70 24.76 -40.01
N LEU E 1063 -6.44 25.55 -41.04
CA LEU E 1063 -7.48 25.96 -41.95
C LEU E 1063 -7.34 25.12 -43.19
N HIS E 1064 -8.33 24.31 -43.49
CA HIS E 1064 -8.22 23.41 -44.62
C HIS E 1064 -9.08 23.85 -45.75
N VAL E 1065 -8.49 24.06 -46.91
CA VAL E 1065 -9.20 24.55 -48.06
C VAL E 1065 -9.54 23.40 -48.95
N THR E 1066 -10.83 23.20 -49.20
CA THR E 1066 -11.27 22.10 -50.03
C THR E 1066 -12.24 22.52 -51.13
N TYR E 1067 -12.25 21.72 -52.18
CA TYR E 1067 -13.13 21.85 -53.31
C TYR E 1067 -14.37 21.00 -53.11
N VAL E 1068 -15.52 21.62 -53.27
CA VAL E 1068 -16.74 20.90 -53.07
C VAL E 1068 -17.65 20.98 -54.28
N PRO E 1069 -18.05 19.87 -54.91
CA PRO E 1069 -18.96 19.85 -56.04
C PRO E 1069 -20.24 20.53 -55.60
N ALA E 1070 -20.91 21.27 -56.46
CA ALA E 1070 -22.12 21.96 -56.05
C ALA E 1070 -23.29 21.61 -56.95
N GLN E 1071 -23.80 22.57 -57.73
CA GLN E 1071 -24.90 22.24 -58.61
C GLN E 1071 -24.50 21.11 -59.50
N GLU E 1072 -25.46 20.22 -59.77
CA GLU E 1072 -25.26 19.06 -60.60
C GLU E 1072 -26.45 18.77 -61.48
N LYS E 1073 -26.21 18.05 -62.56
CA LYS E 1073 -27.27 17.55 -63.43
C LYS E 1073 -27.09 16.06 -63.67
N ASN E 1074 -28.20 15.34 -63.89
CA ASN E 1074 -28.21 13.90 -64.18
C ASN E 1074 -28.56 13.64 -65.65
N PHE E 1075 -27.60 13.00 -66.34
CA PHE E 1075 -27.53 12.70 -67.76
C PHE E 1075 -27.62 11.21 -67.98
N THR E 1076 -27.92 10.79 -69.19
CA THR E 1076 -27.90 9.34 -69.35
C THR E 1076 -26.51 8.92 -69.75
N THR E 1077 -26.19 7.64 -69.61
CA THR E 1077 -24.85 7.20 -69.98
C THR E 1077 -24.71 5.86 -70.66
N ALA E 1078 -23.48 5.54 -71.04
CA ALA E 1078 -23.12 4.28 -71.67
C ALA E 1078 -21.62 4.07 -71.45
N PRO E 1079 -21.14 2.84 -71.31
CA PRO E 1079 -19.74 2.51 -71.16
C PRO E 1079 -18.87 2.65 -72.40
N ALA E 1080 -19.46 2.65 -73.58
CA ALA E 1080 -18.64 2.69 -74.76
C ALA E 1080 -19.41 3.16 -75.96
N ILE E 1081 -18.69 3.61 -76.95
CA ILE E 1081 -19.29 4.01 -78.21
C ILE E 1081 -18.88 3.03 -79.31
N CYS E 1082 -19.84 2.53 -80.09
CA CYS E 1082 -19.66 1.63 -81.22
C CYS E 1082 -19.60 2.47 -82.49
N HIS E 1083 -18.48 2.44 -83.18
CA HIS E 1083 -18.38 3.32 -84.35
C HIS E 1083 -18.59 2.56 -85.64
N ASP E 1084 -17.58 1.84 -86.07
CA ASP E 1084 -17.62 1.03 -87.26
C ASP E 1084 -17.57 -0.44 -86.90
N GLY E 1085 -17.93 -0.72 -85.67
CA GLY E 1085 -17.91 -2.06 -85.10
C GLY E 1085 -16.82 -2.14 -84.06
N LYS E 1086 -15.88 -1.18 -84.08
CA LYS E 1086 -14.84 -1.14 -83.08
C LYS E 1086 -15.39 -0.48 -81.83
N ALA E 1087 -14.90 -0.89 -80.66
CA ALA E 1087 -15.34 -0.29 -79.40
C ALA E 1087 -14.41 0.80 -78.89
N HIS E 1088 -14.97 1.99 -78.73
CA HIS E 1088 -14.27 3.16 -78.27
C HIS E 1088 -14.58 3.48 -76.82
N PHE E 1089 -13.54 3.60 -76.02
CA PHE E 1089 -13.64 3.91 -74.61
C PHE E 1089 -13.06 5.28 -74.44
N PRO E 1090 -13.46 6.09 -73.48
CA PRO E 1090 -12.93 7.41 -73.30
C PRO E 1090 -11.54 7.24 -72.76
N ARG E 1091 -10.64 8.15 -73.08
CA ARG E 1091 -9.34 8.09 -72.45
C ARG E 1091 -9.46 8.49 -71.00
N GLU E 1092 -10.29 9.47 -70.78
CA GLU E 1092 -10.56 10.04 -69.49
C GLU E 1092 -11.94 10.60 -69.56
N GLY E 1093 -12.58 10.78 -68.44
CA GLY E 1093 -13.89 11.36 -68.51
C GLY E 1093 -14.90 10.26 -68.71
N VAL E 1094 -16.11 10.66 -69.00
CA VAL E 1094 -17.21 9.74 -69.15
C VAL E 1094 -18.06 10.07 -70.36
N PHE E 1095 -18.60 9.06 -71.04
CA PHE E 1095 -19.50 9.34 -72.15
C PHE E 1095 -20.86 9.65 -71.60
N VAL E 1096 -21.36 10.80 -71.95
CA VAL E 1096 -22.61 11.27 -71.43
C VAL E 1096 -23.57 11.78 -72.50
N SER E 1097 -24.84 11.44 -72.36
CA SER E 1097 -25.85 11.89 -73.29
C SER E 1097 -26.74 12.98 -72.75
N ASN E 1098 -26.94 14.05 -73.56
CA ASN E 1098 -27.80 15.19 -73.22
C ASN E 1098 -29.26 15.00 -73.68
N GLY E 1099 -29.59 13.80 -74.22
CA GLY E 1099 -30.88 13.36 -74.74
C GLY E 1099 -30.91 13.28 -76.27
N THR E 1100 -30.03 14.02 -76.96
CA THR E 1100 -30.01 13.92 -78.41
C THR E 1100 -28.62 13.65 -78.95
N HIS E 1101 -27.62 14.09 -78.22
CA HIS E 1101 -26.25 13.94 -78.65
C HIS E 1101 -25.35 13.46 -77.55
N TRP E 1102 -24.28 12.77 -77.95
CA TRP E 1102 -23.29 12.28 -77.02
C TRP E 1102 -22.05 13.10 -77.00
N PHE E 1103 -21.58 13.34 -75.79
CA PHE E 1103 -20.42 14.12 -75.48
C PHE E 1103 -19.56 13.41 -74.49
N VAL E 1104 -18.33 13.81 -74.39
CA VAL E 1104 -17.51 13.24 -73.34
C VAL E 1104 -17.08 14.37 -72.41
N THR E 1105 -17.19 14.16 -71.11
CA THR E 1105 -16.80 15.18 -70.13
C THR E 1105 -15.82 14.67 -69.13
N GLN E 1106 -15.07 15.56 -68.52
CA GLN E 1106 -14.21 15.17 -67.42
C GLN E 1106 -15.16 14.74 -66.32
N ARG E 1107 -14.79 13.76 -65.51
CA ARG E 1107 -15.76 13.27 -64.56
C ARG E 1107 -16.24 14.23 -63.50
N ASN E 1108 -15.40 15.15 -63.08
CA ASN E 1108 -15.78 16.03 -62.00
C ASN E 1108 -16.38 17.36 -62.45
N PHE E 1109 -16.61 17.54 -63.73
CA PHE E 1109 -17.14 18.82 -64.13
C PHE E 1109 -17.83 18.77 -65.48
N TYR E 1110 -19.01 19.31 -65.57
CA TYR E 1110 -19.74 19.21 -66.81
C TYR E 1110 -19.34 20.20 -67.87
N GLU E 1111 -18.33 19.79 -68.60
CA GLU E 1111 -17.74 20.51 -69.72
C GLU E 1111 -17.69 19.63 -70.97
N PRO E 1112 -18.76 19.55 -71.78
CA PRO E 1112 -18.92 18.68 -72.93
C PRO E 1112 -17.94 18.88 -74.04
N GLN E 1113 -17.44 17.78 -74.56
CA GLN E 1113 -16.55 17.78 -75.69
C GLN E 1113 -17.10 16.83 -76.73
N ILE E 1114 -16.75 17.05 -77.96
CA ILE E 1114 -17.16 16.14 -79.00
C ILE E 1114 -16.37 14.87 -78.89
N ILE E 1115 -17.03 13.76 -79.06
CA ILE E 1115 -16.33 12.52 -79.00
C ILE E 1115 -15.63 12.36 -80.32
N THR E 1116 -14.32 12.29 -80.27
CA THR E 1116 -13.47 12.19 -81.43
C THR E 1116 -12.53 11.06 -81.19
N THR E 1117 -11.77 10.72 -82.19
CA THR E 1117 -10.80 9.63 -82.09
C THR E 1117 -9.61 9.99 -81.21
N ASP E 1118 -9.51 11.25 -80.81
CA ASP E 1118 -8.44 11.69 -79.94
C ASP E 1118 -8.83 11.52 -78.48
N ASN E 1119 -10.13 11.47 -78.21
CA ASN E 1119 -10.62 11.44 -76.86
C ASN E 1119 -10.91 10.03 -76.44
N THR E 1120 -10.66 9.11 -77.34
CA THR E 1120 -10.93 7.72 -77.09
C THR E 1120 -9.79 6.82 -77.43
N PHE E 1121 -9.90 5.61 -76.97
CA PHE E 1121 -8.96 4.60 -77.37
C PHE E 1121 -9.78 3.44 -77.81
N VAL E 1122 -9.20 2.59 -78.61
CA VAL E 1122 -9.97 1.47 -79.10
C VAL E 1122 -9.43 0.15 -78.73
N SER E 1123 -10.30 -0.68 -78.22
CA SER E 1123 -9.89 -2.02 -77.88
C SER E 1123 -11.08 -2.94 -77.87
N GLY E 1124 -11.00 -4.02 -78.62
CA GLY E 1124 -12.12 -4.94 -78.67
C GLY E 1124 -13.18 -4.40 -79.60
N ASN E 1125 -14.37 -4.96 -79.51
CA ASN E 1125 -15.42 -4.59 -80.44
C ASN E 1125 -16.79 -4.60 -79.76
N CYS E 1126 -17.82 -4.26 -80.55
CA CYS E 1126 -19.20 -4.05 -80.15
C CYS E 1126 -19.93 -5.32 -79.75
N ASP E 1127 -19.27 -6.46 -79.88
CA ASP E 1127 -19.92 -7.70 -79.51
C ASP E 1127 -19.81 -8.03 -78.02
N VAL E 1128 -18.89 -7.38 -77.31
CA VAL E 1128 -18.70 -7.75 -75.90
C VAL E 1128 -19.21 -6.77 -74.86
N VAL E 1129 -18.95 -5.50 -75.04
CA VAL E 1129 -19.32 -4.56 -73.99
C VAL E 1129 -20.83 -4.46 -73.89
N ILE E 1130 -21.32 -4.58 -72.68
CA ILE E 1130 -22.75 -4.51 -72.42
C ILE E 1130 -23.23 -3.08 -72.39
N GLY E 1131 -24.27 -2.79 -73.15
CA GLY E 1131 -24.81 -1.44 -73.15
C GLY E 1131 -24.10 -0.45 -74.05
N ILE E 1132 -23.41 -0.93 -75.07
CA ILE E 1132 -22.70 -0.06 -75.98
C ILE E 1132 -23.72 0.65 -76.88
N VAL E 1133 -23.48 1.91 -77.22
CA VAL E 1133 -24.40 2.65 -78.09
C VAL E 1133 -23.72 2.91 -79.43
N ASN E 1134 -24.47 3.27 -80.50
CA ASN E 1134 -23.98 3.43 -81.89
C ASN E 1134 -23.65 4.89 -82.31
N ASN E 1135 -23.44 5.83 -81.38
CA ASN E 1135 -23.08 7.23 -81.71
C ASN E 1135 -21.77 7.29 -82.49
N THR E 1136 -21.67 8.07 -83.55
CA THR E 1136 -20.40 8.03 -84.25
C THR E 1136 -19.32 8.84 -83.58
N VAL E 1137 -18.08 8.52 -83.95
CA VAL E 1137 -16.89 9.18 -83.44
C VAL E 1137 -16.21 10.00 -84.51
N TYR E 1138 -15.98 11.26 -84.22
CA TYR E 1138 -15.38 12.13 -85.21
C TYR E 1138 -13.89 11.97 -85.42
N ASP E 1139 -13.49 11.84 -86.68
CA ASP E 1139 -12.10 11.70 -87.06
C ASP E 1139 -11.57 13.01 -87.64
N PRO E 1140 -10.72 13.76 -86.93
CA PRO E 1140 -10.24 15.09 -87.28
C PRO E 1140 -9.35 15.11 -88.49
N LEU E 1141 -8.88 13.96 -88.93
CA LEU E 1141 -8.00 13.93 -90.07
C LEU E 1141 -8.76 13.97 -91.37
N GLN E 1142 -9.96 13.43 -91.39
CA GLN E 1142 -10.64 13.36 -92.67
C GLN E 1142 -10.67 14.68 -93.43
N PRO E 1143 -11.10 15.83 -92.86
CA PRO E 1143 -11.17 17.08 -93.58
C PRO E 1143 -9.82 17.62 -94.02
N GLU E 1144 -8.74 17.18 -93.40
CA GLU E 1144 -7.45 17.68 -93.76
C GLU E 1144 -7.02 16.97 -95.03
N LEU E 1145 -7.44 15.72 -95.15
CA LEU E 1145 -7.14 14.91 -96.32
C LEU E 1145 -7.98 15.38 -97.48
N ASP E 1146 -9.20 15.83 -97.17
CA ASP E 1146 -10.13 16.32 -98.20
C ASP E 1146 -9.71 17.70 -98.76
N SER E 1147 -9.17 18.59 -97.89
CA SER E 1147 -8.69 19.94 -98.20
C SER E 1147 -7.35 19.82 -98.96
N GLN F 1 -25.93 -7.49 46.38
CA GLN F 1 -26.80 -7.92 47.46
C GLN F 1 -28.27 -7.81 47.01
N VAL F 2 -29.00 -8.93 47.07
CA VAL F 2 -30.41 -9.06 46.71
C VAL F 2 -31.29 -9.35 47.91
N GLN F 3 -32.32 -8.52 48.06
CA GLN F 3 -33.31 -8.68 49.11
C GLN F 3 -34.69 -8.64 48.49
N LEU F 4 -35.63 -9.40 49.05
CA LEU F 4 -36.98 -9.44 48.49
C LEU F 4 -38.05 -8.97 49.46
N VAL F 5 -38.78 -7.95 49.07
CA VAL F 5 -39.82 -7.41 49.95
C VAL F 5 -41.13 -8.16 49.73
N GLN F 6 -41.68 -8.68 50.82
CA GLN F 6 -42.89 -9.49 50.78
C GLN F 6 -44.09 -8.63 51.13
N SER F 7 -45.28 -9.09 50.74
CA SER F 7 -46.52 -8.41 51.12
C SER F 7 -46.86 -8.69 52.59
N GLY F 8 -47.71 -7.86 53.18
CA GLY F 8 -48.11 -8.09 54.57
C GLY F 8 -49.19 -9.16 54.68
N ALA F 9 -49.60 -9.44 55.91
CA ALA F 9 -50.59 -10.48 56.17
C ALA F 9 -51.98 -10.11 55.69
N GLU F 10 -52.76 -11.14 55.37
CA GLU F 10 -54.13 -10.97 54.89
C GLU F 10 -55.06 -12.10 55.33
N VAL F 11 -56.33 -11.74 55.59
CA VAL F 11 -57.35 -12.71 55.94
C VAL F 11 -58.38 -12.80 54.82
N LYS F 12 -58.54 -13.99 54.29
CA LYS F 12 -59.42 -14.26 53.19
C LYS F 12 -60.65 -15.05 53.60
N LYS F 13 -61.61 -15.11 52.70
CA LYS F 13 -62.83 -15.89 52.93
C LYS F 13 -62.85 -17.04 51.93
N PRO F 14 -63.48 -18.17 52.23
CA PRO F 14 -63.52 -19.30 51.35
C PRO F 14 -64.05 -18.92 49.98
N GLY F 15 -63.37 -19.43 48.96
CA GLY F 15 -63.67 -19.24 47.55
C GLY F 15 -62.91 -18.06 46.89
N SER F 16 -62.33 -17.19 47.70
CA SER F 16 -61.62 -16.01 47.20
C SER F 16 -60.20 -16.30 46.73
N SER F 17 -59.54 -15.28 46.16
CA SER F 17 -58.13 -15.47 45.78
C SER F 17 -57.25 -14.44 46.46
N VAL F 18 -56.00 -14.80 46.67
CA VAL F 18 -55.03 -13.91 47.28
C VAL F 18 -53.84 -13.72 46.38
N LYS F 19 -53.42 -12.47 46.21
CA LYS F 19 -52.28 -12.21 45.37
C LYS F 19 -51.17 -11.57 46.19
N VAL F 20 -50.00 -12.15 46.10
CA VAL F 20 -48.82 -11.71 46.81
C VAL F 20 -47.72 -11.25 45.86
N SER F 21 -47.17 -10.09 46.14
CA SER F 21 -46.09 -9.53 45.33
C SER F 21 -44.73 -9.89 45.93
N CYS F 22 -43.66 -9.77 45.13
CA CYS F 22 -42.27 -9.99 45.51
C CYS F 22 -41.40 -8.90 44.88
N LYS F 23 -41.02 -7.90 45.67
CA LYS F 23 -40.25 -6.81 45.07
C LYS F 23 -38.78 -7.04 45.17
N ALA F 24 -38.12 -7.12 44.02
CA ALA F 24 -36.71 -7.36 43.93
C ALA F 24 -35.91 -6.09 44.17
N SER F 25 -34.68 -6.30 44.58
CA SER F 25 -33.70 -5.26 44.78
C SER F 25 -32.41 -5.91 44.35
N GLY F 26 -31.40 -5.11 44.02
CA GLY F 26 -30.14 -5.71 43.55
C GLY F 26 -30.28 -6.02 42.05
N GLY F 27 -31.37 -5.54 41.47
CA GLY F 27 -31.70 -5.73 40.08
C GLY F 27 -31.78 -7.20 39.79
N THR F 28 -31.11 -7.59 38.71
CA THR F 28 -31.04 -8.98 38.31
C THR F 28 -32.42 -9.63 38.28
N PHE F 29 -33.44 -8.91 37.80
CA PHE F 29 -34.75 -9.52 37.74
C PHE F 29 -34.70 -10.47 36.54
N SER F 30 -34.27 -9.93 35.41
CA SER F 30 -34.05 -10.79 34.28
C SER F 30 -32.78 -11.50 34.68
N SER F 31 -32.60 -12.74 34.24
CA SER F 31 -31.42 -13.60 34.50
C SER F 31 -31.55 -14.37 35.80
N SER F 32 -32.59 -14.10 36.59
CA SER F 32 -32.77 -14.88 37.81
C SER F 32 -34.07 -15.63 37.77
N ALA F 33 -34.14 -16.71 38.53
CA ALA F 33 -35.38 -17.45 38.64
C ALA F 33 -36.05 -17.19 39.98
N ILE F 34 -37.34 -16.86 39.95
CA ILE F 34 -38.04 -16.61 41.20
C ILE F 34 -38.95 -17.78 41.54
N SER F 35 -38.81 -18.28 42.74
CA SER F 35 -39.63 -19.38 43.20
C SER F 35 -40.57 -18.95 44.28
N TRP F 36 -41.67 -19.67 44.42
CA TRP F 36 -42.60 -19.46 45.51
C TRP F 36 -42.84 -20.77 46.27
N VAL F 37 -42.85 -20.64 47.58
CA VAL F 37 -43.09 -21.72 48.53
C VAL F 37 -44.12 -21.29 49.56
N ARG F 38 -44.69 -22.25 50.28
CA ARG F 38 -45.59 -21.94 51.38
C ARG F 38 -45.39 -22.86 52.59
N GLN F 39 -45.50 -22.30 53.80
CA GLN F 39 -45.42 -23.14 55.00
C GLN F 39 -46.67 -23.08 55.85
N ALA F 40 -47.49 -24.12 55.78
CA ALA F 40 -48.72 -24.14 56.55
C ALA F 40 -48.30 -24.29 57.98
N PRO F 41 -48.99 -23.74 58.98
CA PRO F 41 -48.63 -23.90 60.36
C PRO F 41 -48.54 -25.39 60.68
N GLY F 42 -47.47 -25.77 61.36
CA GLY F 42 -47.24 -27.15 61.77
C GLY F 42 -46.58 -28.01 60.68
N GLN F 43 -46.39 -27.45 59.50
CA GLN F 43 -45.82 -28.18 58.38
C GLN F 43 -44.43 -27.71 58.00
N GLY F 44 -43.83 -28.40 57.02
CA GLY F 44 -42.53 -28.01 56.51
C GLY F 44 -42.79 -27.00 55.41
N LEU F 45 -41.74 -26.63 54.70
CA LEU F 45 -41.90 -25.62 53.68
C LEU F 45 -42.06 -26.31 52.32
N GLU F 46 -43.12 -25.97 51.58
CA GLU F 46 -43.42 -26.63 50.31
C GLU F 46 -43.37 -25.73 49.07
N TRP F 47 -42.67 -26.19 48.03
CA TRP F 47 -42.60 -25.43 46.77
C TRP F 47 -43.90 -25.51 46.00
N MET F 48 -44.38 -24.36 45.54
CA MET F 48 -45.62 -24.27 44.79
C MET F 48 -45.43 -24.14 43.30
N GLY F 49 -44.41 -23.38 42.94
CA GLY F 49 -44.17 -23.04 41.54
C GLY F 49 -43.13 -21.94 41.43
N GLY F 50 -42.88 -21.47 40.21
CA GLY F 50 -41.94 -20.37 39.96
C GLY F 50 -41.86 -19.96 38.49
N ILE F 51 -41.26 -18.80 38.27
CA ILE F 51 -41.15 -18.22 36.93
C ILE F 51 -39.79 -17.66 36.61
N ILE F 52 -39.41 -17.77 35.35
CA ILE F 52 -38.20 -17.12 34.92
C ILE F 52 -38.58 -16.03 33.93
N PRO F 53 -38.66 -14.74 34.37
CA PRO F 53 -39.12 -13.59 33.62
C PRO F 53 -38.46 -13.40 32.26
N ILE F 54 -37.17 -13.71 32.15
CA ILE F 54 -36.53 -13.50 30.85
C ILE F 54 -37.00 -14.51 29.82
N LEU F 55 -37.34 -15.71 30.28
CA LEU F 55 -37.78 -16.74 29.39
C LEU F 55 -39.30 -16.69 29.28
N ASP F 56 -39.95 -16.09 30.29
CA ASP F 56 -41.40 -16.03 30.44
C ASP F 56 -41.97 -17.43 30.52
N ILE F 57 -41.26 -18.27 31.26
CA ILE F 57 -41.69 -19.65 31.45
C ILE F 57 -42.06 -19.90 32.90
N THR F 58 -43.26 -20.43 33.10
CA THR F 58 -43.73 -20.70 34.45
C THR F 58 -43.93 -22.19 34.68
N ASN F 59 -43.41 -22.65 35.82
CA ASN F 59 -43.52 -24.04 36.23
C ASN F 59 -44.27 -24.17 37.55
N TYR F 60 -45.06 -25.23 37.68
CA TYR F 60 -45.85 -25.45 38.90
C TYR F 60 -45.68 -26.84 39.50
N ALA F 61 -45.91 -26.93 40.80
CA ALA F 61 -45.93 -28.20 41.53
C ALA F 61 -47.14 -28.99 41.07
N GLN F 62 -47.10 -30.32 41.13
CA GLN F 62 -48.25 -31.08 40.64
C GLN F 62 -49.57 -30.78 41.38
N LYS F 63 -49.48 -30.55 42.68
CA LYS F 63 -50.69 -30.28 43.46
C LYS F 63 -51.28 -28.92 43.13
N PHE F 64 -50.50 -28.09 42.45
CA PHE F 64 -50.90 -26.76 42.08
C PHE F 64 -51.08 -26.60 40.58
N GLN F 65 -51.39 -27.70 39.88
CA GLN F 65 -51.66 -27.60 38.44
C GLN F 65 -53.09 -27.13 38.28
N GLY F 66 -53.26 -25.84 38.54
CA GLY F 66 -54.53 -25.14 38.57
C GLY F 66 -54.62 -24.48 39.94
N ARG F 67 -55.38 -23.39 40.01
CA ARG F 67 -55.57 -22.56 41.22
C ARG F 67 -54.37 -21.63 41.47
N VAL F 68 -53.26 -21.82 40.77
CA VAL F 68 -52.12 -20.95 41.01
C VAL F 68 -51.63 -20.28 39.76
N THR F 69 -51.52 -18.97 39.83
CA THR F 69 -51.00 -18.18 38.74
C THR F 69 -49.71 -17.51 39.14
N ILE F 70 -48.66 -17.75 38.36
CA ILE F 70 -47.40 -17.08 38.64
C ILE F 70 -47.02 -16.28 37.43
N THR F 71 -46.77 -15.01 37.69
CA THR F 71 -46.41 -14.04 36.68
C THR F 71 -45.33 -13.11 37.16
N ALA F 72 -44.97 -12.16 36.32
CA ALA F 72 -43.95 -11.18 36.67
C ALA F 72 -44.13 -9.89 35.90
N ASP F 73 -43.71 -8.78 36.52
CA ASP F 73 -43.72 -7.49 35.84
C ASP F 73 -42.31 -6.91 35.86
N LYS F 74 -41.69 -6.99 34.71
CA LYS F 74 -40.32 -6.59 34.57
C LYS F 74 -40.10 -5.13 34.88
N SER F 75 -41.08 -4.27 34.58
CA SER F 75 -40.87 -2.84 34.71
C SER F 75 -40.75 -2.35 36.14
N THR F 76 -41.19 -3.18 37.09
CA THR F 76 -41.14 -2.82 38.49
C THR F 76 -40.28 -3.81 39.22
N SER F 77 -39.63 -4.70 38.45
CA SER F 77 -38.81 -5.76 39.00
C SER F 77 -39.55 -6.48 40.11
N THR F 78 -40.81 -6.82 39.85
CA THR F 78 -41.65 -7.46 40.84
C THR F 78 -42.27 -8.74 40.33
N ALA F 79 -42.19 -9.79 41.14
CA ALA F 79 -42.79 -11.06 40.76
C ALA F 79 -44.08 -11.24 41.53
N PHE F 80 -45.01 -12.00 40.95
CA PHE F 80 -46.27 -12.19 41.64
C PHE F 80 -46.79 -13.61 41.62
N MET F 81 -47.53 -13.94 42.67
CA MET F 81 -48.25 -15.21 42.72
C MET F 81 -49.66 -15.03 43.22
N GLU F 82 -50.60 -15.71 42.59
CA GLU F 82 -51.97 -15.68 43.07
C GLU F 82 -52.55 -17.07 43.25
N LEU F 83 -53.14 -17.30 44.42
CA LEU F 83 -53.78 -18.57 44.73
C LEU F 83 -55.30 -18.37 44.84
N SER F 84 -56.04 -19.11 44.03
CA SER F 84 -57.50 -19.00 43.97
C SER F 84 -58.22 -20.15 44.66
N SER F 85 -59.55 -19.98 44.79
CA SER F 85 -60.42 -20.99 45.40
C SER F 85 -59.91 -21.39 46.77
N LEU F 86 -59.66 -20.38 47.60
CA LEU F 86 -59.13 -20.55 48.93
C LEU F 86 -60.04 -21.24 49.93
N ARG F 87 -59.41 -22.01 50.80
CA ARG F 87 -60.00 -22.74 51.91
C ARG F 87 -59.09 -22.59 53.14
N SER F 88 -59.55 -22.92 54.34
CA SER F 88 -58.71 -22.75 55.54
C SER F 88 -57.40 -23.56 55.51
N GLU F 89 -57.36 -24.60 54.69
CA GLU F 89 -56.21 -25.48 54.50
C GLU F 89 -55.06 -24.74 53.81
N ASP F 90 -55.39 -23.59 53.21
CA ASP F 90 -54.44 -22.79 52.49
C ASP F 90 -53.69 -21.86 53.43
N THR F 91 -54.01 -21.87 54.73
CA THR F 91 -53.27 -20.97 55.59
C THR F 91 -51.82 -21.36 55.55
N ALA F 92 -50.97 -20.37 55.30
CA ALA F 92 -49.54 -20.57 55.24
C ALA F 92 -48.80 -19.27 55.22
N VAL F 93 -47.53 -19.34 55.54
CA VAL F 93 -46.71 -18.18 55.31
C VAL F 93 -46.10 -18.38 53.94
N TYR F 94 -46.32 -17.44 53.06
CA TYR F 94 -45.86 -17.53 51.70
C TYR F 94 -44.55 -16.79 51.53
N TYR F 95 -43.66 -17.40 50.78
CA TYR F 95 -42.37 -16.79 50.52
C TYR F 95 -41.98 -16.84 49.08
N CYS F 96 -41.28 -15.78 48.60
CA CYS F 96 -40.60 -15.81 47.32
C CYS F 96 -39.10 -15.91 47.62
N ALA F 97 -38.36 -16.48 46.67
CA ALA F 97 -36.92 -16.54 46.78
C ALA F 97 -36.22 -16.51 45.42
N LEU F 98 -35.04 -15.90 45.34
CA LEU F 98 -34.31 -15.89 44.07
C LEU F 98 -33.06 -16.67 43.99
N ARG F 99 -32.91 -17.35 42.86
CA ARG F 99 -31.70 -18.06 42.56
C ARG F 99 -31.17 -17.52 41.24
N ASN F 100 -30.16 -16.67 41.32
CA ASN F 100 -29.61 -15.98 40.17
C ASN F 100 -28.71 -16.86 39.33
N GLN F 101 -28.73 -16.71 38.02
CA GLN F 101 -27.75 -17.47 37.30
C GLN F 101 -26.47 -16.76 37.68
N TRP F 102 -25.36 -17.45 37.57
CA TRP F 102 -24.01 -16.96 37.90
C TRP F 102 -23.72 -17.12 39.38
N ASP F 103 -24.71 -17.51 40.17
CA ASP F 103 -24.56 -17.64 41.59
C ASP F 103 -25.04 -19.01 42.07
N LEU F 104 -24.92 -19.25 43.35
CA LEU F 104 -25.44 -20.45 43.99
C LEU F 104 -26.25 -20.12 45.25
N LEU F 105 -26.39 -18.83 45.54
CA LEU F 105 -27.12 -18.40 46.72
C LEU F 105 -28.58 -18.28 46.44
N VAL F 106 -29.39 -18.42 47.48
CA VAL F 106 -30.81 -18.17 47.35
C VAL F 106 -31.18 -17.05 48.28
N TYR F 107 -31.80 -16.04 47.73
CA TYR F 107 -32.18 -14.87 48.49
C TYR F 107 -33.63 -15.01 48.90
N TRP F 108 -33.87 -15.06 50.21
CA TRP F 108 -35.22 -15.26 50.77
C TRP F 108 -35.85 -14.03 51.38
N GLY F 109 -37.18 -13.94 51.27
CA GLY F 109 -37.93 -12.88 51.96
C GLY F 109 -38.27 -13.21 53.42
N GLN F 110 -39.07 -12.34 54.07
CA GLN F 110 -39.46 -12.47 55.48
C GLN F 110 -40.61 -13.45 55.74
N GLY F 111 -41.54 -13.49 54.78
CA GLY F 111 -42.75 -14.31 54.80
C GLY F 111 -44.06 -13.52 54.95
N THR F 112 -45.01 -13.83 54.08
CA THR F 112 -46.34 -13.22 54.04
C THR F 112 -47.39 -14.15 54.62
N LEU F 113 -48.04 -13.76 55.70
CA LEU F 113 -49.02 -14.70 56.27
C LEU F 113 -50.42 -14.53 55.77
N VAL F 114 -50.92 -15.59 55.16
CA VAL F 114 -52.26 -15.55 54.65
C VAL F 114 -53.07 -16.65 55.28
N THR F 115 -54.23 -16.26 55.79
CA THR F 115 -55.17 -17.22 56.35
C THR F 115 -56.47 -17.02 55.61
N VAL F 116 -57.47 -17.90 55.80
CA VAL F 116 -58.74 -17.84 55.07
C VAL F 116 -59.89 -17.92 56.07
N GLU G 1 -40.26 -37.42 41.94
CA GLU G 1 -39.02 -37.20 41.23
C GLU G 1 -37.85 -37.65 42.14
N ILE G 2 -37.26 -36.71 42.91
CA ILE G 2 -36.16 -36.93 43.85
C ILE G 2 -36.71 -36.82 45.24
N VAL G 3 -36.58 -37.89 46.00
CA VAL G 3 -37.10 -37.89 47.34
C VAL G 3 -36.00 -37.84 48.35
N LEU G 4 -36.07 -36.87 49.25
CA LEU G 4 -35.07 -36.70 50.27
C LEU G 4 -35.59 -37.05 51.66
N THR G 5 -34.99 -38.08 52.24
CA THR G 5 -35.41 -38.54 53.56
C THR G 5 -34.31 -38.39 54.60
N GLN G 6 -34.63 -37.72 55.68
CA GLN G 6 -33.66 -37.54 56.73
C GLN G 6 -33.81 -38.59 57.81
N SER G 7 -32.71 -38.84 58.48
CA SER G 7 -32.69 -39.81 59.55
C SER G 7 -31.69 -39.41 60.65
N PRO G 8 -32.06 -39.62 61.92
CA PRO G 8 -33.27 -40.18 62.53
C PRO G 8 -34.40 -39.18 62.44
N GLY G 9 -35.66 -39.60 62.64
CA GLY G 9 -36.75 -38.61 62.66
C GLY G 9 -36.57 -37.56 63.76
N THR G 10 -36.06 -38.01 64.89
CA THR G 10 -35.72 -37.13 66.01
C THR G 10 -34.32 -37.51 66.41
N LEU G 11 -33.45 -36.54 66.53
CA LEU G 11 -32.07 -36.80 66.88
C LEU G 11 -31.88 -36.38 68.32
N SER G 12 -31.24 -37.24 69.11
CA SER G 12 -30.99 -36.97 70.53
C SER G 12 -29.72 -36.15 70.76
N LEU G 13 -29.92 -34.99 71.33
CA LEU G 13 -28.87 -34.02 71.60
C LEU G 13 -28.37 -33.97 73.02
N SER G 14 -27.14 -33.47 73.15
CA SER G 14 -26.47 -33.21 74.41
C SER G 14 -25.45 -32.06 74.18
N PRO G 15 -25.56 -30.91 74.87
CA PRO G 15 -24.69 -29.75 74.68
C PRO G 15 -23.23 -30.09 74.82
N GLY G 16 -22.44 -29.56 73.90
CA GLY G 16 -21.01 -29.75 73.84
C GLY G 16 -20.60 -30.97 73.04
N GLU G 17 -21.56 -31.81 72.66
CA GLU G 17 -21.24 -33.03 71.92
C GLU G 17 -21.38 -32.85 70.44
N ARG G 18 -20.72 -33.72 69.70
CA ARG G 18 -20.80 -33.74 68.25
C ARG G 18 -22.05 -34.46 67.80
N ALA G 19 -22.65 -34.00 66.71
CA ALA G 19 -23.83 -34.69 66.20
C ALA G 19 -23.87 -34.68 64.68
N THR G 20 -24.35 -35.77 64.10
CA THR G 20 -24.49 -35.83 62.64
C THR G 20 -25.88 -36.30 62.23
N LEU G 21 -26.45 -35.55 61.30
CA LEU G 21 -27.75 -35.81 60.70
C LEU G 21 -27.57 -36.31 59.26
N SER G 22 -28.29 -37.35 58.85
CA SER G 22 -28.13 -37.79 57.47
C SER G 22 -29.37 -37.46 56.62
N CYS G 23 -29.17 -37.39 55.28
CA CYS G 23 -30.17 -37.18 54.24
C CYS G 23 -29.87 -38.09 53.05
N ARG G 24 -30.83 -38.93 52.73
CA ARG G 24 -30.67 -39.86 51.63
C ARG G 24 -31.59 -39.55 50.48
N ALA G 25 -31.01 -39.50 49.29
CA ALA G 25 -31.79 -39.29 48.08
C ALA G 25 -32.23 -40.64 47.52
N SER G 26 -33.44 -40.69 46.98
CA SER G 26 -33.92 -41.89 46.29
C SER G 26 -33.18 -42.20 45.00
N GLN G 27 -32.52 -41.19 44.45
CA GLN G 27 -31.72 -41.30 43.25
C GLN G 27 -30.55 -40.38 43.40
N SER G 28 -29.45 -40.68 42.72
CA SER G 28 -28.27 -39.84 42.87
C SER G 28 -28.52 -38.41 42.43
N VAL G 29 -27.92 -37.49 43.16
CA VAL G 29 -27.99 -36.08 42.84
C VAL G 29 -26.60 -35.47 42.82
N SER G 30 -26.46 -34.36 42.13
CA SER G 30 -25.22 -33.64 42.16
C SER G 30 -25.05 -33.05 43.54
N SER G 31 -23.84 -33.12 44.08
CA SER G 31 -23.59 -32.56 45.39
C SER G 31 -23.71 -31.07 45.40
N SER G 32 -23.44 -30.48 44.24
CA SER G 32 -23.46 -29.05 44.01
C SER G 32 -24.83 -28.43 44.19
N TYR G 33 -25.87 -29.23 44.17
CA TYR G 33 -27.20 -28.71 44.33
C TYR G 33 -27.86 -29.08 45.65
N LEU G 34 -27.09 -29.58 46.61
CA LEU G 34 -27.71 -29.91 47.90
C LEU G 34 -27.49 -28.80 48.92
N ALA G 35 -28.50 -28.52 49.72
CA ALA G 35 -28.33 -27.55 50.80
C ALA G 35 -28.99 -28.00 52.07
N TRP G 36 -28.41 -27.55 53.17
CA TRP G 36 -28.93 -27.84 54.50
C TRP G 36 -29.35 -26.57 55.21
N TYR G 37 -30.42 -26.69 55.99
CA TYR G 37 -31.02 -25.63 56.79
C TYR G 37 -31.27 -25.95 58.25
N GLN G 38 -31.24 -24.88 59.07
CA GLN G 38 -31.59 -24.87 60.48
C GLN G 38 -32.77 -23.93 60.71
N GLN G 39 -33.92 -24.44 61.13
CA GLN G 39 -35.08 -23.57 61.31
C GLN G 39 -35.56 -23.43 62.75
N LYS G 40 -35.64 -22.19 63.19
CA LYS G 40 -36.18 -21.87 64.50
C LYS G 40 -37.68 -21.76 64.24
N PRO G 41 -38.56 -22.29 65.06
CA PRO G 41 -39.99 -22.19 64.84
C PRO G 41 -40.42 -20.75 64.68
N GLY G 42 -41.25 -20.50 63.67
CA GLY G 42 -41.79 -19.18 63.39
C GLY G 42 -40.87 -18.29 62.55
N GLN G 43 -39.66 -18.76 62.26
CA GLN G 43 -38.70 -17.97 61.51
C GLN G 43 -38.45 -18.48 60.10
N ALA G 44 -37.94 -17.59 59.24
CA ALA G 44 -37.48 -18.06 57.95
C ALA G 44 -36.34 -19.00 58.28
N PRO G 45 -36.15 -20.10 57.55
CA PRO G 45 -35.12 -21.07 57.78
C PRO G 45 -33.75 -20.49 57.46
N ARG G 46 -32.72 -20.90 58.18
CA ARG G 46 -31.36 -20.47 57.90
C ARG G 46 -30.61 -21.44 57.03
N LEU G 47 -29.95 -20.94 56.01
CA LEU G 47 -29.17 -21.80 55.13
C LEU G 47 -27.80 -21.98 55.75
N LEU G 48 -27.45 -23.23 56.02
CA LEU G 48 -26.20 -23.59 56.64
C LEU G 48 -25.12 -24.03 55.65
N ILE G 49 -25.51 -24.89 54.68
CA ILE G 49 -24.56 -25.52 53.73
C ILE G 49 -24.92 -25.35 52.24
N TYR G 50 -23.94 -25.00 51.36
CA TYR G 50 -24.19 -24.89 49.92
C TYR G 50 -23.42 -25.88 49.04
N GLY G 51 -24.14 -26.76 48.37
CA GLY G 51 -23.50 -27.72 47.48
C GLY G 51 -22.84 -28.85 48.23
N ALA G 52 -23.43 -29.16 49.37
CA ALA G 52 -22.95 -30.16 50.30
C ALA G 52 -21.72 -29.74 51.09
N SER G 53 -21.15 -28.62 50.69
CA SER G 53 -20.02 -27.97 51.31
C SER G 53 -19.49 -26.70 51.94
N SER G 54 -19.70 -25.57 51.30
CA SER G 54 -19.30 -24.27 51.84
C SER G 54 -20.31 -24.02 52.93
N ARG G 55 -19.82 -23.61 54.10
CA ARG G 55 -20.79 -23.32 55.13
C ARG G 55 -21.11 -21.88 54.79
N ALA G 56 -22.34 -21.52 55.04
CA ALA G 56 -22.90 -20.24 54.73
C ALA G 56 -22.32 -19.10 55.49
N THR G 57 -22.35 -17.94 54.84
CA THR G 57 -21.89 -16.72 55.43
C THR G 57 -22.65 -16.49 56.72
N GLY G 58 -21.90 -16.17 57.77
CA GLY G 58 -22.46 -15.90 59.07
C GLY G 58 -22.49 -17.12 60.00
N ILE G 59 -22.17 -18.31 59.50
CA ILE G 59 -22.15 -19.48 60.36
C ILE G 59 -20.80 -19.51 61.07
N PRO G 60 -20.74 -19.54 62.41
CA PRO G 60 -19.52 -19.52 63.20
C PRO G 60 -18.83 -20.88 63.30
N ASP G 61 -18.50 -21.41 62.14
CA ASP G 61 -17.80 -22.67 61.97
C ASP G 61 -18.38 -23.85 62.73
N ARG G 62 -19.70 -23.95 62.80
CA ARG G 62 -20.30 -25.06 63.52
C ARG G 62 -20.64 -26.20 62.62
N PHE G 63 -20.97 -25.88 61.39
CA PHE G 63 -21.45 -26.90 60.49
C PHE G 63 -20.55 -27.23 59.34
N SER G 64 -20.55 -28.50 59.01
CA SER G 64 -19.83 -28.99 57.84
C SER G 64 -20.64 -30.04 57.12
N GLY G 65 -20.88 -29.79 55.84
CA GLY G 65 -21.66 -30.72 55.05
C GLY G 65 -20.76 -31.52 54.16
N SER G 66 -21.20 -32.72 53.82
CA SER G 66 -20.45 -33.57 52.90
C SER G 66 -21.33 -34.66 52.31
N GLY G 67 -20.85 -35.32 51.27
CA GLY G 67 -21.59 -36.45 50.71
C GLY G 67 -21.54 -36.52 49.19
N SER G 68 -22.08 -37.62 48.68
CA SER G 68 -22.07 -37.88 47.24
C SER G 68 -23.13 -38.87 46.76
N GLY G 69 -23.64 -38.67 45.56
CA GLY G 69 -24.59 -39.63 45.03
C GLY G 69 -25.88 -39.52 45.81
N THR G 70 -26.17 -40.54 46.60
CA THR G 70 -27.38 -40.54 47.38
C THR G 70 -27.19 -40.25 48.86
N ASP G 71 -25.97 -40.33 49.37
CA ASP G 71 -25.80 -40.21 50.81
C ASP G 71 -25.03 -39.00 51.28
N PHE G 72 -25.74 -38.11 51.96
CA PHE G 72 -25.19 -36.86 52.44
C PHE G 72 -25.42 -36.67 53.91
N THR G 73 -24.51 -35.96 54.56
CA THR G 73 -24.64 -35.65 55.96
C THR G 73 -24.35 -34.22 56.33
N LEU G 74 -24.83 -33.84 57.51
CA LEU G 74 -24.56 -32.57 58.14
C LEU G 74 -23.99 -32.77 59.52
N THR G 75 -22.80 -32.25 59.76
CA THR G 75 -22.18 -32.43 61.06
C THR G 75 -22.05 -31.13 61.84
N ILE G 76 -22.43 -31.21 63.11
CA ILE G 76 -22.31 -30.14 64.07
C ILE G 76 -21.07 -30.49 64.85
N SER G 77 -20.02 -29.66 64.78
CA SER G 77 -18.77 -30.08 65.40
C SER G 77 -18.87 -30.24 66.92
N ARG G 78 -19.65 -29.35 67.53
CA ARG G 78 -20.02 -29.34 68.93
C ARG G 78 -21.34 -28.61 68.99
N LEU G 79 -22.27 -29.14 69.73
CA LEU G 79 -23.58 -28.54 69.84
C LEU G 79 -23.69 -27.39 70.84
N GLU G 80 -24.32 -26.29 70.41
CA GLU G 80 -24.59 -25.18 71.32
C GLU G 80 -26.12 -25.08 71.51
N PRO G 81 -26.66 -24.47 72.59
CA PRO G 81 -28.09 -24.28 72.84
C PRO G 81 -28.87 -23.68 71.66
N GLU G 82 -28.21 -22.82 70.90
CA GLU G 82 -28.81 -22.17 69.74
C GLU G 82 -29.08 -23.13 68.58
N ASP G 83 -28.48 -24.32 68.63
CA ASP G 83 -28.59 -25.29 67.56
C ASP G 83 -29.74 -26.27 67.77
N PHE G 84 -30.55 -26.02 68.77
CA PHE G 84 -31.70 -26.87 68.98
C PHE G 84 -32.74 -26.29 68.02
N ALA G 85 -33.10 -27.10 67.03
CA ALA G 85 -33.91 -26.62 65.90
C ALA G 85 -34.42 -27.76 65.03
N VAL G 86 -35.29 -27.44 64.08
CA VAL G 86 -35.68 -28.44 63.11
C VAL G 86 -34.82 -28.25 61.87
N TYR G 87 -34.20 -29.31 61.43
CA TYR G 87 -33.30 -29.25 60.32
C TYR G 87 -33.84 -29.91 59.09
N TYR G 88 -33.43 -29.42 57.94
CA TYR G 88 -33.83 -30.08 56.71
C TYR G 88 -32.83 -29.91 55.57
N CYS G 89 -32.93 -30.81 54.56
CA CYS G 89 -32.15 -30.85 53.35
C CYS G 89 -33.06 -30.60 52.14
N GLN G 90 -32.49 -30.00 51.10
CA GLN G 90 -33.21 -29.78 49.85
C GLN G 90 -32.29 -29.86 48.66
N HIS G 91 -32.88 -30.23 47.53
CA HIS G 91 -32.16 -30.32 46.28
C HIS G 91 -32.65 -29.34 45.22
N TYR G 92 -31.72 -28.55 44.72
CA TYR G 92 -32.00 -27.53 43.72
C TYR G 92 -31.94 -28.13 42.33
N GLY G 93 -32.97 -28.87 41.98
CA GLY G 93 -33.02 -29.59 40.71
C GLY G 93 -33.01 -28.66 39.48
N SER G 94 -33.29 -27.37 39.73
CA SER G 94 -33.35 -26.22 38.78
C SER G 94 -34.67 -26.18 38.03
N SER G 95 -35.34 -27.32 38.00
CA SER G 95 -36.63 -27.54 37.43
C SER G 95 -37.60 -27.55 38.60
N LEU G 96 -37.62 -28.66 39.31
CA LEU G 96 -38.41 -28.80 40.52
C LEU G 96 -37.50 -28.90 41.72
N TRP G 97 -37.76 -28.10 42.74
CA TRP G 97 -36.97 -28.23 43.95
C TRP G 97 -37.64 -29.26 44.80
N THR G 98 -36.85 -30.07 45.47
CA THR G 98 -37.44 -31.05 46.37
C THR G 98 -36.93 -30.84 47.78
N PHE G 99 -37.85 -30.71 48.71
CA PHE G 99 -37.44 -30.51 50.09
C PHE G 99 -37.74 -31.80 50.81
N GLY G 100 -36.86 -32.23 51.70
CA GLY G 100 -37.10 -33.46 52.41
C GLY G 100 -37.89 -33.27 53.68
N GLN G 101 -38.10 -34.37 54.37
CA GLN G 101 -38.83 -34.30 55.63
C GLN G 101 -37.88 -33.67 56.63
N GLY G 102 -38.41 -32.93 57.60
CA GLY G 102 -37.55 -32.32 58.60
C GLY G 102 -37.21 -33.29 59.73
N THR G 103 -36.14 -32.96 60.45
CA THR G 103 -35.69 -33.72 61.61
C THR G 103 -35.58 -32.81 62.80
N LYS G 104 -36.10 -33.26 63.92
CA LYS G 104 -35.98 -32.42 65.10
C LYS G 104 -34.75 -32.77 65.89
N LEU G 105 -33.93 -31.77 66.17
CA LEU G 105 -32.73 -31.93 66.97
C LEU G 105 -33.01 -31.32 68.33
N GLU G 106 -33.16 -32.21 69.34
CA GLU G 106 -33.57 -31.90 70.73
C GLU G 106 -33.00 -32.91 71.76
N ILE G 107 -32.93 -32.56 73.07
CA ILE G 107 -32.46 -33.44 74.17
C ILE G 107 -33.24 -34.78 74.15
#